data_8RTF
#
_entry.id   8RTF
#
_cell.length_a   167.520
_cell.length_b   170.810
_cell.length_c   177.620
_cell.angle_alpha   90.00
_cell.angle_beta   90.00
_cell.angle_gamma   90.00
#
_symmetry.space_group_name_H-M   'P 21 21 2'
#
loop_
_entity.id
_entity.type
_entity.pdbx_description
1 polymer 'Pyruvate kinase'
2 polymer 'Camelid single-domain antibody 42 (sdAb42)'
3 non-polymer GLYCEROL
4 water water
#
loop_
_entity_poly.entity_id
_entity_poly.type
_entity_poly.pdbx_seq_one_letter_code
_entity_poly.pdbx_strand_id
1 'polypeptide(L)'
;MSQLQHNIGLSIFEPVAKHRANRIICTIGPSTQSVEALKGLMKSGMSVARMNFSHGSYEYHQTTINNVRAAAAELGLHIG
IALDTKGPEIRTGLFKDGEATYAPGDTVLVTTDPAFEKIGTKEKFYVDYPQLPNVVRPGGLIYVDDGVLTLRVLSKEDDC
TLKCHVNNHHRLTDRKGINLPGCEVDLPAVSEKDRKDLQFGVEQGVDMIFASFIRTADQVREVRAALGEKGKDTLIISKI
ENHQGVQNIDAIIEASDGIMVARGDLGVEIPAEKVVVAQMCIISKCNVAGKPVICATQMLESMTTNPRPTRAEVTDVANA
VFNGADCVMLSGETAKGKYPNEVVQYMVRICIEAQSATHDSVMFNSIKNLQKIPMSPEEAVCSSAVSSAFEVQAKAILVL
SNTGRSARLISKYRPNCPIICATTRLLTCRQLNVTRSVESVYYDVDAHGEDNDREKRVQLGVDWAKTKGYVSAGDVMVIV
HADHSVKGYPNQTRLVRVRENLYFQSGGHHHHHH
;
A,B,C,D,E,F
2 'polypeptide(L)'
;QVQLQESGGGLVQSGGSLKLSCAASGSNFSSGRTFSTDAIGWFRQAPGKEREFVGGISWNGGITDYVDSVKGRFTISRDN
AKNTVYLQMNSLQPEDTAVYYCAGRDSWYFSKVPDEYRYWGQGTQVTVSSAAAYPYDVPDYGSHHHHHH
;
G,H,I,J,K,L
#
loop_
_chem_comp.id
_chem_comp.type
_chem_comp.name
_chem_comp.formula
GOL non-polymer GLYCEROL 'C3 H8 O3'
#
# COMPACT_ATOMS: atom_id res chain seq x y z
N SER A 2 -10.35 -2.94 5.14
CA SER A 2 -9.08 -2.31 4.65
C SER A 2 -7.86 -3.26 4.50
N GLN A 3 -7.07 -3.06 3.44
CA GLN A 3 -5.82 -3.80 3.35
C GLN A 3 -5.07 -3.77 4.67
N LEU A 4 -4.93 -2.60 5.29
CA LEU A 4 -4.18 -2.54 6.56
C LEU A 4 -4.63 -3.63 7.55
N GLN A 5 -5.91 -3.62 7.93
CA GLN A 5 -6.47 -4.63 8.85
C GLN A 5 -6.19 -6.05 8.35
N HIS A 6 -6.44 -6.29 7.06
CA HIS A 6 -6.14 -7.59 6.50
C HIS A 6 -4.67 -7.97 6.73
N ASN A 7 -3.74 -7.07 6.37
CA ASN A 7 -2.30 -7.33 6.41
C ASN A 7 -1.88 -7.67 7.82
N ILE A 8 -2.37 -6.91 8.79
CA ILE A 8 -1.97 -7.18 10.16
C ILE A 8 -2.56 -8.49 10.64
N GLY A 9 -3.42 -9.10 9.84
CA GLY A 9 -3.99 -10.41 10.23
C GLY A 9 -3.34 -11.59 9.53
N LEU A 10 -2.41 -11.32 8.61
CA LEU A 10 -1.82 -12.41 7.80
C LEU A 10 -0.92 -13.30 8.66
N SER A 11 -0.84 -14.59 8.32
CA SER A 11 0.05 -15.53 9.05
C SER A 11 0.82 -16.36 8.03
N ILE A 12 2.14 -16.43 8.19
CA ILE A 12 2.95 -17.25 7.31
C ILE A 12 2.77 -18.73 7.63
N PHE A 13 2.10 -19.04 8.72
CA PHE A 13 2.13 -20.40 9.24
C PHE A 13 0.84 -21.15 8.98
N GLU A 14 -0.27 -20.44 8.67
CA GLU A 14 -1.55 -21.05 8.32
C GLU A 14 -1.61 -21.34 6.82
N PRO A 15 -1.87 -22.59 6.41
CA PRO A 15 -2.11 -22.85 4.98
C PRO A 15 -3.18 -21.92 4.45
N VAL A 16 -3.07 -21.61 3.16
CA VAL A 16 -4.07 -20.78 2.49
C VAL A 16 -5.12 -21.66 1.84
N ALA A 17 -6.24 -21.05 1.54
CA ALA A 17 -7.46 -21.77 1.23
C ALA A 17 -8.18 -21.22 0.01
N LYS A 18 -7.55 -20.33 -0.75
CA LYS A 18 -8.23 -19.72 -1.88
C LYS A 18 -8.18 -20.65 -3.12
N HIS A 19 -9.34 -20.81 -3.82
CA HIS A 19 -9.38 -21.33 -5.19
C HIS A 19 -8.81 -20.31 -6.18
N ARG A 20 -7.68 -20.63 -6.81
CA ARG A 20 -6.98 -19.69 -7.66
C ARG A 20 -7.80 -18.91 -8.70
N ALA A 21 -7.90 -17.58 -8.52
CA ALA A 21 -8.59 -16.75 -9.52
C ALA A 21 -7.71 -16.44 -10.75
N ASN A 22 -6.40 -16.19 -10.58
CA ASN A 22 -5.62 -15.72 -11.72
C ASN A 22 -5.21 -16.85 -12.68
N ARG A 23 -4.92 -16.45 -13.90
CA ARG A 23 -4.71 -17.35 -15.00
C ARG A 23 -3.29 -17.20 -15.50
N ILE A 24 -2.77 -18.26 -16.10
CA ILE A 24 -1.35 -18.37 -16.45
C ILE A 24 -1.24 -18.69 -17.92
N ILE A 25 -0.51 -17.89 -18.69
CA ILE A 25 -0.26 -18.17 -20.10
C ILE A 25 1.16 -18.71 -20.25
N CYS A 26 1.33 -19.77 -21.03
CA CYS A 26 2.64 -20.41 -21.17
C CYS A 26 3.07 -20.40 -22.64
N THR A 27 4.28 -19.88 -22.92
CA THR A 27 4.78 -19.91 -24.31
C THR A 27 5.27 -21.31 -24.59
N ILE A 28 5.02 -21.80 -25.80
CA ILE A 28 5.48 -23.13 -26.18
C ILE A 28 6.72 -23.01 -27.05
N GLY A 29 7.68 -23.93 -26.81
CA GLY A 29 8.87 -24.13 -27.60
C GLY A 29 9.59 -25.42 -27.26
N PRO A 30 10.89 -25.51 -27.65
CA PRO A 30 11.62 -26.77 -27.54
C PRO A 30 11.45 -27.56 -26.25
N SER A 31 11.28 -26.95 -25.10
CA SER A 31 11.15 -27.81 -23.92
C SER A 31 9.75 -28.36 -23.69
N THR A 32 8.70 -27.77 -24.32
CA THR A 32 7.30 -28.05 -23.98
C THR A 32 6.39 -28.36 -25.16
N GLN A 33 6.94 -28.69 -26.35
CA GLN A 33 6.09 -28.93 -27.51
C GLN A 33 5.58 -30.36 -27.62
N SER A 34 6.18 -31.29 -26.91
CA SER A 34 5.65 -32.65 -26.94
C SER A 34 4.33 -32.74 -26.16
N VAL A 35 3.49 -33.72 -26.54
CA VAL A 35 2.17 -33.83 -25.92
C VAL A 35 2.31 -34.14 -24.45
N GLU A 36 3.28 -34.96 -24.07
CA GLU A 36 3.44 -35.22 -22.64
C GLU A 36 3.79 -33.94 -21.89
N ALA A 37 4.69 -33.14 -22.45
CA ALA A 37 5.02 -31.84 -21.90
C ALA A 37 3.78 -30.96 -21.74
N LEU A 38 2.97 -30.87 -22.80
CA LEU A 38 1.82 -30.00 -22.72
C LEU A 38 0.85 -30.50 -21.66
N LYS A 39 0.75 -31.82 -21.50
CA LYS A 39 -0.14 -32.37 -20.48
C LYS A 39 0.33 -31.97 -19.08
N GLY A 40 1.65 -32.00 -18.85
CA GLY A 40 2.17 -31.60 -17.55
C GLY A 40 2.05 -30.10 -17.33
N LEU A 41 2.02 -29.35 -18.42
CA LEU A 41 1.87 -27.91 -18.30
C LEU A 41 0.44 -27.58 -17.95
N MET A 42 -0.51 -28.31 -18.58
CA MET A 42 -1.93 -28.17 -18.26
C MET A 42 -2.23 -28.64 -16.84
N LYS A 43 -1.72 -29.80 -16.44
CA LYS A 43 -1.90 -30.23 -15.07
C LYS A 43 -1.31 -29.20 -14.11
N SER A 44 -0.14 -28.67 -14.46
CA SER A 44 0.55 -27.75 -13.57
C SER A 44 0.24 -26.30 -13.90
N GLY A 45 -0.96 -26.01 -14.42
CA GLY A 45 -1.64 -24.72 -14.41
C GLY A 45 -1.90 -23.95 -15.70
N MET A 46 -1.61 -24.47 -16.87
CA MET A 46 -1.67 -23.61 -18.05
C MET A 46 -3.12 -23.44 -18.47
N SER A 47 -3.51 -22.20 -18.84
CA SER A 47 -4.83 -21.92 -19.40
C SER A 47 -4.80 -21.54 -20.88
N VAL A 48 -3.72 -20.89 -21.31
CA VAL A 48 -3.49 -20.53 -22.70
C VAL A 48 -2.08 -20.95 -23.10
N ALA A 49 -1.97 -21.52 -24.30
CA ALA A 49 -0.71 -21.82 -24.93
C ALA A 49 -0.40 -20.71 -25.94
N ARG A 50 0.73 -20.06 -25.73
CA ARG A 50 1.18 -18.97 -26.57
C ARG A 50 2.16 -19.48 -27.62
N MET A 51 1.81 -19.27 -28.89
CA MET A 51 2.64 -19.57 -30.04
C MET A 51 3.30 -18.27 -30.46
N ASN A 52 4.62 -18.19 -30.34
CA ASN A 52 5.38 -16.94 -30.54
C ASN A 52 5.89 -16.90 -31.98
N PHE A 53 5.19 -16.16 -32.83
CA PHE A 53 5.47 -16.29 -34.25
C PHE A 53 6.67 -15.47 -34.64
N SER A 54 7.40 -14.89 -33.71
CA SER A 54 8.55 -14.17 -34.22
C SER A 54 9.64 -15.14 -34.63
N HIS A 55 9.48 -16.42 -34.31
CA HIS A 55 10.31 -17.52 -34.83
C HIS A 55 9.43 -18.65 -35.33
N GLY A 56 10.04 -19.56 -36.09
CA GLY A 56 9.43 -20.83 -36.49
C GLY A 56 8.53 -20.75 -37.71
N SER A 57 8.36 -21.92 -38.35
CA SER A 57 7.62 -22.12 -39.59
C SER A 57 6.19 -22.56 -39.33
N TYR A 58 5.36 -22.47 -40.39
CA TYR A 58 3.98 -22.93 -40.21
C TYR A 58 3.95 -24.39 -39.80
N GLU A 59 5.00 -25.13 -40.10
CA GLU A 59 5.07 -26.53 -39.66
C GLU A 59 5.30 -26.61 -38.16
N TYR A 60 6.28 -25.86 -37.66
CA TYR A 60 6.50 -25.84 -36.22
C TYR A 60 5.22 -25.46 -35.45
N HIS A 61 4.49 -24.46 -35.96
CA HIS A 61 3.31 -24.01 -35.23
C HIS A 61 2.14 -24.94 -35.46
N GLN A 62 2.07 -25.59 -36.62
CA GLN A 62 1.03 -26.60 -36.76
C GLN A 62 1.25 -27.71 -35.75
N THR A 63 2.51 -28.09 -35.52
CA THR A 63 2.77 -29.11 -34.53
C THR A 63 2.24 -28.69 -33.19
N THR A 64 2.59 -27.48 -32.74
CA THR A 64 2.01 -26.98 -31.47
C THR A 64 0.46 -27.07 -31.47
N ILE A 65 -0.21 -26.55 -32.50
CA ILE A 65 -1.66 -26.52 -32.45
C ILE A 65 -2.24 -27.92 -32.27
N ASN A 66 -1.93 -28.82 -33.21
CA ASN A 66 -2.20 -30.25 -33.07
C ASN A 66 -1.91 -30.96 -31.76
N ASN A 67 -0.67 -30.80 -31.27
CA ASN A 67 -0.27 -31.32 -29.97
C ASN A 67 -1.08 -30.76 -28.79
N VAL A 68 -1.39 -29.44 -28.77
CA VAL A 68 -2.14 -28.94 -27.61
C VAL A 68 -3.59 -29.41 -27.67
N ARG A 69 -4.20 -29.34 -28.85
CA ARG A 69 -5.56 -29.86 -28.93
C ARG A 69 -5.61 -31.30 -28.45
N ALA A 70 -4.57 -32.07 -28.79
CA ALA A 70 -4.46 -33.46 -28.36
C ALA A 70 -4.30 -33.60 -26.84
N ALA A 71 -3.33 -32.91 -26.24
CA ALA A 71 -3.11 -33.06 -24.82
C ALA A 71 -4.37 -32.64 -24.05
N ALA A 72 -4.92 -31.47 -24.39
CA ALA A 72 -6.21 -31.05 -23.88
C ALA A 72 -7.25 -32.16 -23.95
N ALA A 73 -7.44 -32.73 -25.14
CA ALA A 73 -8.48 -33.76 -25.30
C ALA A 73 -8.28 -34.89 -24.30
N GLU A 74 -7.07 -35.44 -24.29
CA GLU A 74 -6.67 -36.47 -23.34
C GLU A 74 -7.09 -36.08 -21.93
N LEU A 75 -6.95 -34.80 -21.61
CA LEU A 75 -7.20 -34.37 -20.25
C LEU A 75 -8.61 -33.88 -20.05
N GLY A 76 -9.43 -33.81 -21.13
CA GLY A 76 -10.73 -33.16 -21.05
C GLY A 76 -10.66 -31.73 -20.56
N LEU A 77 -9.76 -30.90 -21.05
CA LEU A 77 -9.75 -29.48 -20.78
C LEU A 77 -10.08 -28.70 -22.05
N HIS A 78 -10.22 -27.40 -21.88
CA HIS A 78 -10.46 -26.47 -22.99
C HIS A 78 -9.38 -25.41 -22.86
N ILE A 79 -8.31 -25.54 -23.62
CA ILE A 79 -7.13 -24.70 -23.47
C ILE A 79 -7.16 -23.65 -24.58
N GLY A 80 -6.97 -22.38 -24.22
CA GLY A 80 -6.86 -21.37 -25.25
C GLY A 80 -5.57 -21.54 -26.02
N ILE A 81 -5.63 -21.26 -27.33
CA ILE A 81 -4.42 -21.07 -28.14
C ILE A 81 -4.29 -19.60 -28.56
N ALA A 82 -3.10 -19.04 -28.38
CA ALA A 82 -2.87 -17.63 -28.73
C ALA A 82 -1.76 -17.48 -29.77
N LEU A 83 -1.92 -16.56 -30.71
CA LEU A 83 -0.86 -16.29 -31.72
C LEU A 83 -0.25 -14.93 -31.42
N ASP A 84 1.03 -14.91 -31.02
CA ASP A 84 1.74 -13.63 -30.80
C ASP A 84 2.36 -13.22 -32.13
N THR A 85 1.98 -12.06 -32.67
CA THR A 85 2.46 -11.64 -34.00
C THR A 85 3.94 -11.26 -33.91
N LYS A 86 4.69 -11.47 -34.99
CA LYS A 86 6.11 -11.02 -35.01
C LYS A 86 6.07 -9.51 -34.88
N GLY A 87 5.40 -8.85 -35.81
CA GLY A 87 5.22 -7.39 -35.66
C GLY A 87 6.20 -6.56 -36.43
N PRO A 88 5.85 -5.31 -36.80
CA PRO A 88 6.78 -4.41 -37.46
C PRO A 88 7.99 -4.21 -36.55
N GLU A 89 9.20 -4.38 -37.07
CA GLU A 89 10.37 -4.29 -36.19
C GLU A 89 11.46 -4.22 -37.25
N ILE A 90 12.26 -3.17 -37.21
CA ILE A 90 13.57 -3.19 -37.91
C ILE A 90 14.35 -4.28 -37.18
N ARG A 91 14.59 -5.41 -37.83
CA ARG A 91 15.26 -6.52 -37.11
C ARG A 91 16.53 -6.92 -37.86
N THR A 92 17.29 -7.86 -37.31
CA THR A 92 18.56 -8.27 -37.93
C THR A 92 19.08 -9.52 -37.24
N GLY A 93 19.46 -10.55 -37.99
CA GLY A 93 20.06 -11.73 -37.32
C GLY A 93 20.63 -12.78 -38.24
N LEU A 94 20.69 -14.03 -37.75
CA LEU A 94 21.20 -15.18 -38.54
C LEU A 94 22.72 -15.04 -38.63
N PHE A 95 23.35 -14.37 -37.65
CA PHE A 95 24.82 -14.28 -37.55
C PHE A 95 25.60 -15.58 -37.79
N LYS A 96 26.54 -15.57 -38.74
CA LYS A 96 27.43 -16.71 -39.00
C LYS A 96 28.09 -17.18 -37.71
N ASP A 97 27.75 -18.40 -37.26
CA ASP A 97 28.06 -19.05 -35.98
C ASP A 97 27.13 -18.58 -34.86
N GLY A 98 26.06 -17.84 -35.20
CA GLY A 98 25.04 -17.43 -34.25
C GLY A 98 25.26 -16.09 -33.58
N GLU A 99 26.45 -15.49 -33.70
CA GLU A 99 26.90 -14.41 -32.81
C GLU A 99 27.91 -13.50 -33.50
N ALA A 100 28.06 -12.30 -32.94
CA ALA A 100 29.19 -11.43 -33.26
C ALA A 100 29.43 -10.47 -32.10
N THR A 101 30.69 -10.25 -31.76
CA THR A 101 31.07 -9.33 -30.68
C THR A 101 31.69 -8.06 -31.25
N TYR A 102 31.21 -6.90 -30.76
CA TYR A 102 31.64 -5.59 -31.24
C TYR A 102 32.30 -4.84 -30.10
N ALA A 103 33.45 -4.27 -30.39
CA ALA A 103 34.23 -3.43 -29.51
C ALA A 103 34.04 -1.95 -29.88
N PRO A 104 34.17 -1.06 -28.90
CA PRO A 104 34.17 0.39 -29.21
C PRO A 104 35.35 0.77 -30.09
N GLY A 105 35.13 1.77 -30.95
CA GLY A 105 36.10 2.19 -31.93
C GLY A 105 36.03 1.45 -33.26
N ASP A 106 35.46 0.24 -33.26
CA ASP A 106 35.36 -0.57 -34.47
C ASP A 106 34.45 0.09 -35.51
N THR A 107 34.62 -0.32 -36.77
CA THR A 107 33.75 0.08 -37.87
C THR A 107 33.06 -1.16 -38.42
N VAL A 108 31.76 -1.04 -38.72
CA VAL A 108 30.99 -2.17 -39.22
C VAL A 108 30.07 -1.75 -40.36
N LEU A 109 29.91 -2.66 -41.33
CA LEU A 109 29.01 -2.52 -42.47
C LEU A 109 27.59 -2.88 -42.02
N VAL A 110 26.63 -2.02 -42.35
CA VAL A 110 25.21 -2.24 -42.06
C VAL A 110 24.49 -2.26 -43.41
N THR A 111 24.01 -3.42 -43.84
CA THR A 111 23.53 -3.60 -45.21
C THR A 111 22.06 -3.99 -45.26
N THR A 112 21.41 -3.61 -46.36
CA THR A 112 20.06 -4.04 -46.67
C THR A 112 20.02 -4.96 -47.89
N ASP A 113 21.17 -5.62 -48.24
CA ASP A 113 21.33 -6.63 -49.30
C ASP A 113 20.97 -8.02 -48.74
N PRO A 114 20.01 -8.73 -49.32
CA PRO A 114 19.65 -10.06 -48.78
C PRO A 114 20.77 -11.10 -48.85
N ALA A 115 21.88 -10.83 -49.56
CA ALA A 115 22.95 -11.83 -49.67
C ALA A 115 23.67 -12.06 -48.34
N PHE A 116 23.68 -11.06 -47.47
CA PHE A 116 24.27 -11.17 -46.14
C PHE A 116 23.22 -11.40 -45.07
N GLU A 117 22.01 -11.84 -45.44
CA GLU A 117 20.90 -11.90 -44.48
C GLU A 117 21.17 -12.89 -43.35
N LYS A 118 21.99 -13.90 -43.61
CA LYS A 118 22.47 -14.82 -42.59
C LYS A 118 23.99 -14.81 -42.43
N ILE A 119 24.74 -14.37 -43.43
CA ILE A 119 26.20 -14.42 -43.28
C ILE A 119 26.53 -13.04 -42.73
N GLY A 120 26.08 -12.79 -41.50
CA GLY A 120 26.36 -11.56 -40.76
C GLY A 120 27.50 -11.70 -39.78
N THR A 121 28.60 -11.01 -40.05
CA THR A 121 29.85 -11.16 -39.34
C THR A 121 30.21 -9.86 -38.62
N LYS A 122 31.30 -9.90 -37.85
CA LYS A 122 31.72 -8.74 -37.06
C LYS A 122 32.08 -7.55 -37.94
N GLU A 123 31.98 -7.72 -39.25
CA GLU A 123 32.28 -6.66 -40.22
C GLU A 123 31.09 -6.28 -41.08
N LYS A 124 30.23 -7.22 -41.46
CA LYS A 124 29.07 -6.93 -42.30
C LYS A 124 27.87 -7.75 -41.84
N PHE A 125 26.77 -7.09 -41.50
CA PHE A 125 25.53 -7.76 -41.13
C PHE A 125 24.35 -7.05 -41.79
N TYR A 126 23.18 -7.69 -41.72
CA TYR A 126 21.98 -7.32 -42.46
C TYR A 126 20.91 -6.72 -41.57
N VAL A 127 20.25 -5.68 -42.07
CA VAL A 127 19.17 -5.00 -41.36
C VAL A 127 17.93 -5.01 -42.25
N ASP A 128 16.80 -5.43 -41.68
CA ASP A 128 15.65 -5.88 -42.44
C ASP A 128 14.91 -4.73 -43.15
N TYR A 129 14.90 -3.52 -42.58
CA TYR A 129 14.36 -2.29 -43.18
C TYR A 129 15.08 -1.94 -44.49
N PRO A 130 14.39 -1.88 -45.64
CA PRO A 130 15.08 -1.47 -46.89
C PRO A 130 15.29 0.03 -47.08
N GLN A 131 14.68 0.87 -46.24
CA GLN A 131 14.76 2.33 -46.37
C GLN A 131 15.75 2.94 -45.39
N LEU A 132 16.60 2.13 -44.76
CA LEU A 132 17.52 2.62 -43.73
C LEU A 132 18.55 3.59 -44.30
N PRO A 133 19.24 3.32 -45.42
CA PRO A 133 20.18 4.33 -45.95
C PRO A 133 19.52 5.67 -46.28
N ASN A 134 18.23 5.68 -46.62
CA ASN A 134 17.50 6.88 -46.99
C ASN A 134 16.89 7.62 -45.81
N VAL A 135 16.96 7.07 -44.59
CA VAL A 135 16.27 7.64 -43.45
C VAL A 135 17.25 8.03 -42.34
N VAL A 136 18.33 7.28 -42.18
CA VAL A 136 19.39 7.66 -41.26
C VAL A 136 20.53 8.27 -42.08
N ARG A 137 20.91 9.50 -41.71
CA ARG A 137 21.98 10.29 -42.28
C ARG A 137 23.24 10.17 -41.42
N PRO A 138 24.41 10.46 -41.96
CA PRO A 138 25.65 10.36 -41.17
C PRO A 138 25.58 11.20 -39.89
N GLY A 139 25.90 10.57 -38.76
CA GLY A 139 25.94 11.29 -37.50
C GLY A 139 24.96 10.76 -36.47
N GLY A 140 23.69 10.61 -36.87
CA GLY A 140 22.68 10.00 -36.01
C GLY A 140 23.03 8.55 -35.71
N LEU A 141 22.34 7.99 -34.71
CA LEU A 141 22.67 6.66 -34.23
C LEU A 141 21.62 5.62 -34.62
N ILE A 142 21.96 4.37 -34.33
CA ILE A 142 21.14 3.21 -34.57
C ILE A 142 21.22 2.37 -33.30
N TYR A 143 20.10 2.22 -32.60
CA TYR A 143 20.06 1.46 -31.36
C TYR A 143 19.76 0.01 -31.69
N VAL A 144 20.75 -0.85 -31.46
CA VAL A 144 20.71 -2.27 -31.75
C VAL A 144 20.58 -3.03 -30.44
N ASP A 145 19.59 -3.93 -30.38
CA ASP A 145 19.31 -4.83 -29.25
C ASP A 145 18.93 -4.09 -27.97
N ASP A 146 17.79 -3.37 -28.07
CA ASP A 146 17.11 -2.74 -26.93
C ASP A 146 17.96 -1.58 -26.38
N GLY A 147 18.41 -0.71 -27.29
CA GLY A 147 19.26 0.43 -26.92
C GLY A 147 20.57 0.10 -26.23
N VAL A 148 21.04 -1.14 -26.32
CA VAL A 148 22.26 -1.56 -25.63
C VAL A 148 23.51 -1.29 -26.48
N LEU A 149 23.40 -1.52 -27.79
CA LEU A 149 24.50 -1.36 -28.74
C LEU A 149 24.14 -0.22 -29.70
N THR A 150 24.74 0.94 -29.52
CA THR A 150 24.45 2.07 -30.39
C THR A 150 25.54 2.20 -31.44
N LEU A 151 25.15 2.55 -32.67
CA LEU A 151 26.11 2.78 -33.75
C LEU A 151 25.95 4.21 -34.26
N ARG A 152 27.07 4.84 -34.59
CA ARG A 152 27.10 6.19 -35.14
C ARG A 152 27.41 6.10 -36.63
N VAL A 153 26.50 6.61 -37.45
CA VAL A 153 26.69 6.56 -38.90
C VAL A 153 27.83 7.48 -39.29
N LEU A 154 28.73 6.98 -40.14
CA LEU A 154 29.80 7.78 -40.72
C LEU A 154 29.60 8.02 -42.20
N SER A 155 29.27 7.00 -42.98
CA SER A 155 29.05 7.30 -44.40
C SER A 155 28.03 6.34 -45.00
N LYS A 156 27.36 6.80 -46.06
CA LYS A 156 26.57 5.94 -46.93
C LYS A 156 27.54 5.27 -47.91
N GLU A 157 28.17 4.18 -47.43
CA GLU A 157 29.28 3.55 -48.16
C GLU A 157 28.87 3.13 -49.57
N ASP A 158 27.63 2.67 -49.74
CA ASP A 158 27.14 2.17 -51.03
C ASP A 158 25.65 2.51 -51.18
N ASP A 159 24.99 1.88 -52.15
CA ASP A 159 23.58 2.16 -52.40
C ASP A 159 22.72 1.77 -51.21
N CYS A 160 22.98 0.61 -50.62
CA CYS A 160 22.14 0.03 -49.56
C CYS A 160 22.96 -0.44 -48.36
N THR A 161 24.18 0.09 -48.19
CA THR A 161 25.04 -0.22 -47.05
C THR A 161 25.57 1.08 -46.46
N LEU A 162 25.90 1.03 -45.16
CA LEU A 162 26.44 2.18 -44.43
C LEU A 162 27.63 1.72 -43.59
N LYS A 163 28.63 2.59 -43.45
CA LYS A 163 29.78 2.33 -42.60
C LYS A 163 29.60 3.11 -41.29
N CYS A 164 29.62 2.39 -40.16
CA CYS A 164 29.26 2.93 -38.85
C CYS A 164 30.34 2.68 -37.79
N HIS A 165 30.27 3.49 -36.73
CA HIS A 165 31.24 3.57 -35.63
C HIS A 165 30.58 3.05 -34.36
N VAL A 166 31.17 2.01 -33.76
CA VAL A 166 30.57 1.31 -32.63
C VAL A 166 30.87 2.08 -31.34
N ASN A 167 29.82 2.41 -30.59
CA ASN A 167 29.99 3.13 -29.33
C ASN A 167 30.49 2.22 -28.21
N ASN A 168 29.69 1.22 -27.80
CA ASN A 168 30.02 0.35 -26.68
C ASN A 168 30.13 -1.11 -27.12
N HIS A 169 30.96 -1.88 -26.41
CA HIS A 169 31.06 -3.31 -26.68
C HIS A 169 29.69 -3.98 -26.48
N HIS A 170 29.48 -5.08 -27.19
CA HIS A 170 28.22 -5.81 -27.05
C HIS A 170 28.34 -7.14 -27.78
N ARG A 171 27.63 -8.14 -27.24
CA ARG A 171 27.50 -9.48 -27.84
C ARG A 171 26.14 -9.55 -28.52
N LEU A 172 26.13 -9.47 -29.85
CA LEU A 172 24.90 -9.45 -30.64
C LEU A 172 24.59 -10.86 -31.12
N THR A 173 23.47 -11.42 -30.65
CA THR A 173 22.95 -12.71 -31.09
C THR A 173 22.00 -12.52 -32.26
N ASP A 174 21.70 -13.62 -32.95
CA ASP A 174 20.84 -13.55 -34.12
C ASP A 174 19.48 -12.94 -33.77
N ARG A 175 18.98 -12.08 -34.67
CA ARG A 175 17.63 -11.51 -34.59
C ARG A 175 17.41 -10.63 -33.36
N LYS A 176 18.07 -9.47 -33.28
CA LYS A 176 17.87 -8.50 -32.19
C LYS A 176 17.27 -7.22 -32.74
N GLY A 177 16.39 -6.59 -31.97
CA GLY A 177 15.59 -5.49 -32.49
C GLY A 177 16.40 -4.21 -32.70
N ILE A 178 16.06 -3.49 -33.78
CA ILE A 178 16.67 -2.20 -34.10
C ILE A 178 15.66 -1.13 -33.72
N ASN A 179 16.14 -0.07 -33.04
CA ASN A 179 15.29 0.96 -32.48
C ASN A 179 15.90 2.32 -32.83
N LEU A 180 15.91 2.65 -34.13
CA LEU A 180 16.22 3.97 -34.71
C LEU A 180 15.65 5.15 -33.91
N PRO A 181 16.44 5.89 -33.10
CA PRO A 181 15.89 6.92 -32.21
C PRO A 181 15.05 8.00 -32.86
N GLY A 182 15.46 8.57 -33.99
CA GLY A 182 14.57 9.44 -34.72
C GLY A 182 13.38 8.67 -35.27
N CYS A 183 12.22 9.33 -35.28
CA CYS A 183 10.99 8.66 -35.73
C CYS A 183 10.85 9.20 -37.16
N GLU A 184 9.62 9.20 -37.70
CA GLU A 184 9.28 9.30 -39.13
C GLU A 184 9.54 7.99 -39.89
N VAL A 185 9.75 6.90 -39.13
CA VAL A 185 9.80 5.56 -39.70
C VAL A 185 8.41 5.13 -40.22
N ASP A 186 7.33 5.60 -39.58
CA ASP A 186 5.96 5.39 -40.07
C ASP A 186 5.60 3.90 -40.16
N LEU A 187 6.04 3.12 -39.16
CA LEU A 187 5.92 1.67 -39.23
C LEU A 187 4.45 1.25 -39.32
N PRO A 188 4.12 0.19 -40.08
CA PRO A 188 2.70 -0.20 -40.23
C PRO A 188 2.11 -0.90 -39.00
N ALA A 189 0.84 -1.29 -39.09
CA ALA A 189 0.28 -2.11 -38.03
C ALA A 189 0.60 -3.59 -38.21
N VAL A 190 0.81 -4.02 -39.44
CA VAL A 190 0.94 -5.42 -39.77
C VAL A 190 1.87 -5.61 -40.97
N SER A 191 3.07 -6.17 -40.71
CA SER A 191 3.96 -6.54 -41.80
C SER A 191 3.25 -7.47 -42.77
N GLU A 192 3.83 -7.68 -43.94
CA GLU A 192 3.24 -8.66 -44.85
C GLU A 192 3.34 -10.06 -44.23
N LYS A 193 4.41 -10.33 -43.50
CA LYS A 193 4.44 -11.65 -42.81
C LYS A 193 3.27 -11.66 -41.82
N ASP A 194 3.17 -10.60 -41.02
CA ASP A 194 2.11 -10.53 -39.99
C ASP A 194 0.79 -10.98 -40.61
N ARG A 195 0.36 -10.27 -41.65
CA ARG A 195 -0.92 -10.63 -42.33
C ARG A 195 -1.06 -12.12 -42.66
N LYS A 196 -0.17 -12.65 -43.48
CA LYS A 196 -0.16 -14.11 -43.78
C LYS A 196 -0.35 -14.90 -42.48
N ASP A 197 0.50 -14.65 -41.49
CA ASP A 197 0.41 -15.40 -40.22
C ASP A 197 -1.01 -15.30 -39.68
N LEU A 198 -1.62 -14.10 -39.71
CA LEU A 198 -2.96 -14.02 -39.15
C LEU A 198 -3.94 -14.90 -39.94
N GLN A 199 -3.78 -15.01 -41.28
CA GLN A 199 -4.70 -15.92 -41.99
C GLN A 199 -4.45 -17.36 -41.60
N PHE A 200 -3.17 -17.76 -41.50
CA PHE A 200 -2.89 -19.06 -40.94
C PHE A 200 -3.62 -19.28 -39.61
N GLY A 201 -3.58 -18.29 -38.72
CA GLY A 201 -4.24 -18.43 -37.44
C GLY A 201 -5.76 -18.58 -37.55
N VAL A 202 -6.38 -17.71 -38.35
CA VAL A 202 -7.83 -17.81 -38.50
C VAL A 202 -8.20 -19.17 -39.10
N GLU A 203 -7.31 -19.69 -39.94
CA GLU A 203 -7.56 -20.92 -40.69
C GLU A 203 -7.43 -22.14 -39.79
N GLN A 204 -6.53 -22.08 -38.83
CA GLN A 204 -6.34 -23.16 -37.87
C GLN A 204 -7.19 -23.02 -36.62
N GLY A 205 -7.90 -21.92 -36.44
CA GLY A 205 -8.80 -21.80 -35.32
C GLY A 205 -8.22 -21.27 -34.03
N VAL A 206 -7.21 -20.39 -34.10
CA VAL A 206 -6.71 -19.83 -32.84
C VAL A 206 -7.80 -18.99 -32.17
N ASP A 207 -7.66 -18.78 -30.86
CA ASP A 207 -8.69 -18.11 -30.09
C ASP A 207 -8.41 -16.64 -29.80
N MET A 208 -7.14 -16.24 -29.77
CA MET A 208 -6.81 -14.86 -29.52
C MET A 208 -5.51 -14.53 -30.22
N ILE A 209 -5.39 -13.29 -30.70
CA ILE A 209 -4.16 -12.74 -31.26
C ILE A 209 -3.52 -11.83 -30.23
N PHE A 210 -2.23 -12.03 -29.95
CA PHE A 210 -1.46 -11.03 -29.22
C PHE A 210 -0.81 -10.12 -30.23
N ALA A 211 -1.42 -8.98 -30.57
CA ALA A 211 -0.87 -8.18 -31.65
C ALA A 211 0.23 -7.31 -31.10
N SER A 212 1.36 -7.30 -31.79
CA SER A 212 2.58 -6.75 -31.24
C SER A 212 2.75 -5.30 -31.62
N PHE A 213 3.40 -4.54 -30.74
CA PHE A 213 3.83 -3.17 -31.03
C PHE A 213 2.67 -2.29 -31.46
N ILE A 214 1.58 -2.39 -30.70
CA ILE A 214 0.38 -1.60 -30.99
C ILE A 214 0.58 -0.20 -30.42
N ARG A 215 0.45 0.79 -31.28
CA ARG A 215 0.73 2.15 -30.87
C ARG A 215 -0.49 3.04 -30.84
N THR A 216 -1.42 2.90 -31.77
CA THR A 216 -2.62 3.71 -31.83
C THR A 216 -3.84 2.82 -31.92
N ALA A 217 -5.03 3.42 -31.79
CA ALA A 217 -6.24 2.61 -31.92
C ALA A 217 -6.54 2.21 -33.39
N ASP A 218 -6.26 3.11 -34.34
CA ASP A 218 -6.42 2.75 -35.76
C ASP A 218 -5.75 1.44 -36.08
N GLN A 219 -4.64 1.12 -35.41
CA GLN A 219 -3.90 -0.08 -35.79
C GLN A 219 -4.59 -1.33 -35.26
N VAL A 220 -5.14 -1.25 -34.05
CA VAL A 220 -6.00 -2.34 -33.59
C VAL A 220 -7.09 -2.59 -34.60
N ARG A 221 -7.67 -1.52 -35.16
CA ARG A 221 -8.69 -1.70 -36.21
C ARG A 221 -8.14 -2.41 -37.44
N GLU A 222 -6.90 -2.10 -37.83
CA GLU A 222 -6.27 -2.79 -38.95
C GLU A 222 -6.12 -4.28 -38.68
N VAL A 223 -5.70 -4.61 -37.45
CA VAL A 223 -5.61 -6.00 -37.04
C VAL A 223 -6.95 -6.68 -37.21
N ARG A 224 -8.00 -6.08 -36.66
CA ARG A 224 -9.36 -6.60 -36.84
C ARG A 224 -9.66 -6.86 -38.33
N ALA A 225 -9.48 -5.85 -39.16
CA ALA A 225 -9.68 -6.00 -40.61
C ALA A 225 -8.95 -7.21 -41.15
N ALA A 226 -7.67 -7.34 -40.82
CA ALA A 226 -6.88 -8.47 -41.29
C ALA A 226 -7.46 -9.83 -40.83
N LEU A 227 -8.06 -9.87 -39.65
CA LEU A 227 -8.62 -11.15 -39.21
C LEU A 227 -9.82 -11.57 -40.05
N GLY A 228 -10.48 -10.64 -40.75
CA GLY A 228 -11.57 -11.00 -41.65
C GLY A 228 -12.88 -11.38 -40.93
N GLU A 229 -13.84 -11.84 -41.74
CA GLU A 229 -15.08 -12.28 -41.14
C GLU A 229 -15.00 -13.73 -40.70
N LYS A 230 -14.16 -14.52 -41.38
CA LYS A 230 -13.96 -15.89 -40.92
C LYS A 230 -13.45 -15.91 -39.47
N GLY A 231 -12.85 -14.80 -39.01
CA GLY A 231 -12.46 -14.70 -37.63
C GLY A 231 -12.88 -13.40 -36.99
N LYS A 232 -14.12 -12.95 -37.23
CA LYS A 232 -14.67 -11.80 -36.50
C LYS A 232 -14.80 -12.07 -35.01
N ASP A 233 -14.68 -13.31 -34.56
CA ASP A 233 -14.93 -13.64 -33.18
C ASP A 233 -13.68 -13.92 -32.38
N THR A 234 -12.50 -13.77 -32.97
CA THR A 234 -11.28 -14.06 -32.22
C THR A 234 -10.83 -12.80 -31.47
N LEU A 235 -10.38 -12.99 -30.23
CA LEU A 235 -9.96 -11.88 -29.38
C LEU A 235 -8.68 -11.23 -29.92
N ILE A 236 -8.64 -9.90 -29.88
CA ILE A 236 -7.45 -9.13 -30.17
C ILE A 236 -6.95 -8.58 -28.85
N ILE A 237 -5.72 -8.94 -28.48
CA ILE A 237 -5.07 -8.51 -27.25
C ILE A 237 -3.92 -7.60 -27.68
N SER A 238 -4.08 -6.29 -27.45
CA SER A 238 -3.08 -5.34 -27.90
C SER A 238 -1.86 -5.44 -27.02
N LYS A 239 -0.69 -5.56 -27.65
CA LYS A 239 0.56 -5.62 -26.86
C LYS A 239 1.11 -4.20 -26.73
N ILE A 240 1.04 -3.63 -25.53
CA ILE A 240 1.53 -2.24 -25.34
C ILE A 240 3.03 -2.31 -25.05
N GLU A 241 3.85 -1.83 -25.99
CA GLU A 241 5.28 -1.97 -25.75
C GLU A 241 6.14 -0.77 -26.02
N ASN A 242 5.60 0.38 -26.43
CA ASN A 242 6.37 1.62 -26.48
C ASN A 242 5.57 2.74 -25.84
N HIS A 243 6.15 3.93 -25.87
CA HIS A 243 5.51 5.05 -25.22
C HIS A 243 4.26 5.50 -25.96
N GLN A 244 4.15 5.24 -27.27
CA GLN A 244 2.92 5.62 -27.94
C GLN A 244 1.73 4.85 -27.37
N GLY A 245 1.91 3.55 -27.13
CA GLY A 245 0.82 2.76 -26.61
C GLY A 245 0.38 3.19 -25.23
N VAL A 246 1.35 3.47 -24.35
CA VAL A 246 1.00 4.11 -23.09
C VAL A 246 0.21 5.37 -23.34
N GLN A 247 0.68 6.21 -24.26
CA GLN A 247 0.05 7.51 -24.46
C GLN A 247 -1.42 7.35 -24.83
N ASN A 248 -1.72 6.42 -25.74
CA ASN A 248 -3.07 6.22 -26.27
C ASN A 248 -3.79 5.06 -25.62
N ILE A 249 -3.42 4.71 -24.39
CA ILE A 249 -3.96 3.52 -23.78
C ILE A 249 -5.48 3.53 -23.75
N ASP A 250 -6.14 4.71 -23.60
CA ASP A 250 -7.59 4.73 -23.50
C ASP A 250 -8.27 4.36 -24.82
N ALA A 251 -7.82 4.96 -25.92
CA ALA A 251 -8.34 4.58 -27.22
C ALA A 251 -8.09 3.10 -27.49
N ILE A 252 -6.84 2.67 -27.26
CA ILE A 252 -6.47 1.30 -27.51
C ILE A 252 -7.36 0.37 -26.69
N ILE A 253 -7.54 0.67 -25.40
CA ILE A 253 -8.34 -0.23 -24.57
C ILE A 253 -9.73 -0.35 -25.16
N GLU A 254 -10.26 0.76 -25.64
CA GLU A 254 -11.61 0.66 -26.17
C GLU A 254 -11.63 -0.14 -27.49
N ALA A 255 -10.60 -0.05 -28.32
CA ALA A 255 -10.69 -0.82 -29.55
C ALA A 255 -10.25 -2.30 -29.41
N SER A 256 -9.64 -2.69 -28.28
CA SER A 256 -9.15 -4.05 -28.09
C SER A 256 -10.10 -4.92 -27.27
N ASP A 257 -9.90 -6.24 -27.36
CA ASP A 257 -10.55 -7.12 -26.40
C ASP A 257 -9.78 -7.25 -25.11
N GLY A 258 -8.48 -6.91 -25.06
CA GLY A 258 -7.65 -7.04 -23.87
C GLY A 258 -6.30 -6.38 -24.06
N ILE A 259 -5.55 -6.29 -22.96
CA ILE A 259 -4.25 -5.64 -23.01
C ILE A 259 -3.16 -6.58 -22.46
N MET A 260 -1.98 -6.48 -23.04
CA MET A 260 -0.77 -7.11 -22.50
C MET A 260 0.21 -6.01 -22.21
N VAL A 261 0.71 -5.95 -20.99
CA VAL A 261 1.76 -5.00 -20.63
C VAL A 261 3.13 -5.66 -20.81
N ALA A 262 3.86 -5.23 -21.83
CA ALA A 262 5.14 -5.85 -22.19
C ALA A 262 6.24 -5.05 -21.51
N ARG A 263 6.56 -5.44 -20.28
CA ARG A 263 7.28 -4.51 -19.43
C ARG A 263 8.71 -4.30 -19.91
N GLY A 264 9.35 -5.34 -20.44
CA GLY A 264 10.73 -5.20 -20.81
C GLY A 264 10.89 -4.40 -22.08
N ASP A 265 9.93 -4.50 -23.00
CA ASP A 265 9.97 -3.60 -24.14
C ASP A 265 9.75 -2.16 -23.68
N LEU A 266 8.76 -1.96 -22.79
CA LEU A 266 8.50 -0.63 -22.26
C LEU A 266 9.75 -0.07 -21.63
N GLY A 267 10.52 -0.95 -20.99
CA GLY A 267 11.71 -0.56 -20.28
C GLY A 267 12.79 0.01 -21.16
N VAL A 268 12.71 -0.20 -22.47
CA VAL A 268 13.85 0.36 -23.19
C VAL A 268 13.62 1.85 -23.42
N GLU A 269 12.38 2.29 -23.58
CA GLU A 269 12.13 3.70 -23.77
C GLU A 269 11.81 4.45 -22.47
N ILE A 270 11.34 3.75 -21.45
CA ILE A 270 10.92 4.46 -20.20
C ILE A 270 11.67 3.89 -19.00
N PRO A 271 12.04 4.70 -17.99
CA PRO A 271 12.82 4.24 -16.85
C PRO A 271 12.03 3.29 -15.97
N ALA A 272 12.76 2.43 -15.27
CA ALA A 272 12.10 1.34 -14.55
C ALA A 272 11.12 1.85 -13.50
N GLU A 273 11.52 2.87 -12.70
CA GLU A 273 10.59 3.43 -11.71
C GLU A 273 9.30 3.93 -12.37
N LYS A 274 9.40 4.47 -13.60
CA LYS A 274 8.22 4.80 -14.36
C LYS A 274 7.48 3.55 -14.84
N VAL A 275 8.18 2.52 -15.33
CA VAL A 275 7.46 1.38 -15.89
C VAL A 275 6.53 0.81 -14.84
N VAL A 276 7.01 0.78 -13.59
CA VAL A 276 6.16 0.41 -12.46
C VAL A 276 4.82 1.17 -12.49
N VAL A 277 4.88 2.51 -12.41
CA VAL A 277 3.69 3.36 -12.47
C VAL A 277 2.85 3.04 -13.69
N ALA A 278 3.51 2.93 -14.85
CA ALA A 278 2.75 2.68 -16.09
C ALA A 278 1.92 1.41 -15.96
N GLN A 279 2.51 0.37 -15.35
CA GLN A 279 1.77 -0.88 -15.18
C GLN A 279 0.56 -0.67 -14.28
N MET A 280 0.72 0.12 -13.21
CA MET A 280 -0.41 0.32 -12.30
C MET A 280 -1.56 0.99 -13.01
N CYS A 281 -1.23 1.97 -13.86
CA CYS A 281 -2.28 2.69 -14.59
C CYS A 281 -2.93 1.78 -15.62
N ILE A 282 -2.15 1.06 -16.41
CA ILE A 282 -2.73 0.26 -17.50
C ILE A 282 -3.58 -0.89 -16.96
N ILE A 283 -3.08 -1.60 -15.96
CA ILE A 283 -3.88 -2.66 -15.38
C ILE A 283 -5.18 -2.09 -14.81
N SER A 284 -5.10 -0.96 -14.10
CA SER A 284 -6.30 -0.48 -13.42
C SER A 284 -7.33 0.03 -14.42
N LYS A 285 -6.89 0.76 -15.44
CA LYS A 285 -7.80 1.10 -16.52
C LYS A 285 -8.47 -0.15 -17.08
N CYS A 286 -7.69 -1.22 -17.24
CA CYS A 286 -8.25 -2.45 -17.79
C CYS A 286 -9.29 -3.02 -16.86
N ASN A 287 -8.95 -3.14 -15.59
CA ASN A 287 -9.94 -3.49 -14.59
C ASN A 287 -11.24 -2.71 -14.80
N VAL A 288 -11.16 -1.38 -14.85
CA VAL A 288 -12.39 -0.63 -14.88
C VAL A 288 -13.16 -0.92 -16.16
N ALA A 289 -12.44 -1.14 -17.24
CA ALA A 289 -13.12 -1.44 -18.49
C ALA A 289 -13.68 -2.85 -18.53
N GLY A 290 -13.40 -3.67 -17.52
CA GLY A 290 -13.71 -5.10 -17.55
C GLY A 290 -13.17 -5.81 -18.77
N LYS A 291 -11.93 -5.50 -19.15
CA LYS A 291 -11.17 -6.20 -20.18
C LYS A 291 -10.01 -6.94 -19.54
N PRO A 292 -9.65 -8.12 -20.08
CA PRO A 292 -8.46 -8.83 -19.61
C PRO A 292 -7.17 -8.02 -19.80
N VAL A 293 -6.35 -8.01 -18.76
CA VAL A 293 -5.02 -7.47 -18.88
C VAL A 293 -4.03 -8.51 -18.37
N ILE A 294 -2.88 -8.62 -19.06
CA ILE A 294 -1.85 -9.64 -18.87
C ILE A 294 -0.50 -8.96 -18.67
N CYS A 295 0.24 -9.31 -17.60
CA CYS A 295 1.68 -9.00 -17.45
C CYS A 295 2.62 -9.99 -18.10
N ALA A 296 3.57 -9.51 -18.88
CA ALA A 296 4.37 -10.47 -19.66
C ALA A 296 5.86 -10.42 -19.38
N THR A 297 6.59 -9.68 -20.19
CA THR A 297 8.07 -9.69 -20.10
C THR A 297 8.65 -9.68 -18.70
N GLN A 298 9.71 -10.46 -18.49
CA GLN A 298 10.39 -10.53 -17.16
C GLN A 298 9.71 -11.01 -15.88
N MET A 299 9.29 -12.26 -15.84
CA MET A 299 8.47 -12.74 -14.70
C MET A 299 9.14 -13.59 -13.63
N LEU A 300 9.51 -14.82 -13.97
CA LEU A 300 10.48 -15.62 -13.19
C LEU A 300 11.60 -15.94 -14.18
N GLU A 301 12.16 -14.90 -14.79
CA GLU A 301 13.16 -15.03 -15.84
C GLU A 301 14.25 -16.02 -15.46
N SER A 302 14.86 -15.82 -14.30
CA SER A 302 15.98 -16.64 -13.92
C SER A 302 15.61 -18.09 -13.76
N MET A 303 14.35 -18.41 -13.68
CA MET A 303 14.05 -19.80 -13.49
C MET A 303 14.12 -20.57 -14.81
N THR A 304 14.46 -19.89 -15.92
CA THR A 304 14.77 -20.57 -17.18
C THR A 304 15.93 -21.54 -16.98
N THR A 305 16.90 -21.17 -16.16
CA THR A 305 18.04 -22.02 -15.91
C THR A 305 18.25 -22.38 -14.44
N ASN A 306 17.71 -21.64 -13.48
CA ASN A 306 17.88 -22.14 -12.13
C ASN A 306 16.60 -22.75 -11.56
N PRO A 307 16.73 -23.70 -10.62
CA PRO A 307 15.54 -24.38 -10.09
C PRO A 307 14.66 -23.51 -9.19
N ARG A 308 15.00 -22.24 -8.93
CA ARG A 308 14.18 -21.39 -8.05
C ARG A 308 14.45 -19.94 -8.43
N PRO A 309 13.45 -19.06 -8.38
CA PRO A 309 13.66 -17.67 -8.74
C PRO A 309 14.23 -16.87 -7.56
N THR A 310 14.57 -15.62 -7.85
CA THR A 310 14.92 -14.66 -6.82
C THR A 310 13.65 -14.13 -6.18
N ARG A 311 13.77 -13.84 -4.88
CA ARG A 311 12.71 -13.18 -4.13
C ARG A 311 12.22 -11.90 -4.81
N ALA A 312 13.15 -11.03 -5.21
CA ALA A 312 12.82 -9.93 -6.11
C ALA A 312 11.87 -10.31 -7.25
N GLU A 313 12.14 -11.40 -7.94
CA GLU A 313 11.26 -11.81 -9.04
C GLU A 313 9.90 -12.24 -8.51
N VAL A 314 9.90 -12.95 -7.39
CA VAL A 314 8.62 -13.41 -6.85
C VAL A 314 7.77 -12.21 -6.46
N THR A 315 8.37 -11.24 -5.78
CA THR A 315 7.60 -10.02 -5.43
C THR A 315 7.15 -9.36 -6.72
N ASP A 316 8.02 -9.33 -7.73
CA ASP A 316 7.57 -8.75 -8.99
C ASP A 316 6.24 -9.38 -9.46
N VAL A 317 6.15 -10.73 -9.46
CA VAL A 317 4.90 -11.40 -9.90
C VAL A 317 3.75 -11.02 -8.98
N ALA A 318 3.99 -11.13 -7.69
CA ALA A 318 2.97 -10.88 -6.70
C ALA A 318 2.44 -9.45 -6.83
N ASN A 319 3.33 -8.52 -7.14
CA ASN A 319 2.93 -7.16 -7.42
C ASN A 319 1.98 -7.12 -8.60
N ALA A 320 2.31 -7.81 -9.69
CA ALA A 320 1.39 -7.79 -10.82
C ALA A 320 0.02 -8.24 -10.37
N VAL A 321 -0.04 -9.25 -9.53
CA VAL A 321 -1.34 -9.73 -9.11
C VAL A 321 -2.02 -8.65 -8.27
N PHE A 322 -1.34 -8.22 -7.20
CA PHE A 322 -1.89 -7.20 -6.30
C PHE A 322 -2.37 -5.99 -7.07
N ASN A 323 -1.61 -5.58 -8.06
CA ASN A 323 -1.92 -4.45 -8.91
C ASN A 323 -3.19 -4.62 -9.67
N GLY A 324 -3.65 -5.85 -9.87
CA GLY A 324 -4.87 -6.08 -10.61
C GLY A 324 -4.81 -7.01 -11.80
N ALA A 325 -3.67 -7.60 -12.16
CA ALA A 325 -3.58 -8.35 -13.40
C ALA A 325 -4.50 -9.58 -13.44
N ASP A 326 -5.07 -9.87 -14.59
CA ASP A 326 -5.91 -11.09 -14.69
C ASP A 326 -4.99 -12.28 -14.92
N CYS A 327 -4.01 -12.14 -15.81
CA CYS A 327 -3.11 -13.25 -16.14
C CYS A 327 -1.64 -12.86 -16.03
N VAL A 328 -0.81 -13.85 -15.80
CA VAL A 328 0.63 -13.74 -15.91
C VAL A 328 1.11 -14.66 -17.02
N MET A 329 2.06 -14.17 -17.83
CA MET A 329 2.55 -14.98 -18.95
C MET A 329 4.02 -15.30 -18.78
N LEU A 330 4.35 -16.55 -19.06
CA LEU A 330 5.74 -16.97 -19.11
C LEU A 330 6.14 -17.04 -20.56
N SER A 331 7.41 -16.73 -20.81
CA SER A 331 7.91 -16.67 -22.19
C SER A 331 9.35 -17.18 -22.19
N GLY A 332 9.54 -18.50 -22.19
CA GLY A 332 10.91 -18.99 -22.25
C GLY A 332 11.37 -19.66 -21.01
N GLU A 333 10.93 -19.16 -19.86
CA GLU A 333 10.73 -20.06 -18.72
C GLU A 333 10.10 -21.38 -19.17
N THR A 334 9.08 -21.33 -20.04
CA THR A 334 8.46 -22.58 -20.47
C THR A 334 8.85 -22.97 -21.90
N ALA A 335 9.42 -22.07 -22.69
CA ALA A 335 9.77 -22.39 -24.08
C ALA A 335 11.10 -23.13 -24.17
N LYS A 336 12.13 -22.63 -23.49
CA LYS A 336 13.52 -23.14 -23.59
C LYS A 336 14.09 -23.54 -22.23
N GLY A 337 13.25 -23.77 -21.24
CA GLY A 337 13.68 -23.73 -19.85
C GLY A 337 13.85 -25.13 -19.31
N LYS A 338 14.73 -25.25 -18.32
CA LYS A 338 14.95 -26.59 -17.80
C LYS A 338 13.89 -26.99 -16.77
N TYR A 339 12.97 -26.06 -16.35
CA TYR A 339 12.01 -26.38 -15.29
C TYR A 339 10.60 -25.96 -15.64
N PRO A 340 10.10 -26.25 -16.86
CA PRO A 340 8.77 -25.72 -17.27
C PRO A 340 7.66 -25.95 -16.26
N ASN A 341 7.38 -27.21 -15.91
CA ASN A 341 6.30 -27.48 -14.94
C ASN A 341 6.53 -26.76 -13.63
N GLU A 342 7.75 -26.84 -13.12
CA GLU A 342 8.02 -26.27 -11.78
C GLU A 342 7.77 -24.77 -11.79
N VAL A 343 8.21 -24.08 -12.83
CA VAL A 343 7.91 -22.65 -12.91
C VAL A 343 6.41 -22.41 -12.99
N VAL A 344 5.66 -23.26 -13.70
CA VAL A 344 4.22 -23.01 -13.74
C VAL A 344 3.62 -23.17 -12.35
N GLN A 345 4.08 -24.18 -11.61
CA GLN A 345 3.53 -24.44 -10.28
C GLN A 345 3.90 -23.34 -9.30
N TYR A 346 5.07 -22.74 -9.50
CA TYR A 346 5.46 -21.58 -8.66
C TYR A 346 4.53 -20.44 -9.02
N MET A 347 4.25 -20.24 -10.31
CA MET A 347 3.29 -19.18 -10.59
C MET A 347 1.98 -19.44 -9.89
N VAL A 348 1.53 -20.70 -9.86
CA VAL A 348 0.29 -21.03 -9.17
C VAL A 348 0.37 -20.65 -7.70
N ARG A 349 1.45 -21.07 -7.04
CA ARG A 349 1.59 -20.72 -5.63
C ARG A 349 1.63 -19.18 -5.41
N ILE A 350 2.26 -18.43 -6.30
CA ILE A 350 2.37 -16.98 -6.10
C ILE A 350 0.98 -16.34 -6.24
N CYS A 351 0.27 -16.71 -7.30
CA CYS A 351 -1.08 -16.26 -7.50
C CYS A 351 -1.99 -16.53 -6.28
N ILE A 352 -1.97 -17.73 -5.73
CA ILE A 352 -2.85 -17.98 -4.61
C ILE A 352 -2.40 -17.18 -3.41
N GLU A 353 -1.10 -17.05 -3.18
CA GLU A 353 -0.66 -16.29 -2.00
C GLU A 353 -1.12 -14.84 -2.05
N ALA A 354 -0.87 -14.20 -3.20
CA ALA A 354 -1.29 -12.82 -3.35
C ALA A 354 -2.80 -12.74 -3.23
N GLN A 355 -3.50 -13.64 -3.91
CA GLN A 355 -4.97 -13.61 -3.82
C GLN A 355 -5.42 -13.72 -2.36
N SER A 356 -4.88 -14.68 -1.62
CA SER A 356 -5.18 -14.74 -0.21
C SER A 356 -4.72 -13.50 0.52
N ALA A 357 -3.82 -12.72 -0.02
CA ALA A 357 -3.26 -11.59 0.69
C ALA A 357 -4.01 -10.30 0.38
N THR A 358 -5.01 -10.39 -0.47
CA THR A 358 -5.76 -9.18 -0.86
C THR A 358 -7.12 -9.12 -0.17
N HIS A 359 -7.46 -7.98 0.41
CA HIS A 359 -8.79 -7.71 0.95
C HIS A 359 -9.84 -7.99 -0.13
N ASP A 360 -10.73 -8.94 0.12
CA ASP A 360 -11.67 -9.43 -0.92
C ASP A 360 -12.67 -8.39 -1.42
N SER A 361 -13.03 -7.44 -0.58
CA SER A 361 -14.06 -6.48 -0.90
C SER A 361 -13.56 -5.22 -1.59
N VAL A 362 -12.27 -4.87 -1.43
CA VAL A 362 -11.81 -3.55 -1.85
C VAL A 362 -12.07 -3.31 -3.32
N MET A 363 -11.69 -4.24 -4.19
CA MET A 363 -11.88 -3.98 -5.61
C MET A 363 -13.36 -3.85 -5.95
N PHE A 364 -14.19 -4.78 -5.47
CA PHE A 364 -15.64 -4.64 -5.66
C PHE A 364 -16.10 -3.23 -5.30
N ASN A 365 -15.77 -2.75 -4.09
CA ASN A 365 -16.27 -1.44 -3.68
C ASN A 365 -15.71 -0.32 -4.56
N SER A 366 -14.43 -0.41 -4.95
CA SER A 366 -13.81 0.60 -5.79
C SER A 366 -14.48 0.67 -7.16
N ILE A 367 -14.55 -0.47 -7.83
CA ILE A 367 -15.22 -0.55 -9.13
C ILE A 367 -16.64 -0.06 -9.03
N LYS A 368 -17.35 -0.43 -7.96
CA LYS A 368 -18.74 -0.04 -7.85
C LYS A 368 -18.87 1.47 -7.72
N ASN A 369 -18.04 2.10 -6.88
CA ASN A 369 -18.11 3.55 -6.73
C ASN A 369 -17.81 4.32 -8.02
N LEU A 370 -17.15 3.73 -9.01
CA LEU A 370 -16.97 4.56 -10.20
C LEU A 370 -18.14 4.44 -11.13
N GLN A 371 -19.08 3.57 -10.81
CA GLN A 371 -20.12 3.30 -11.77
C GLN A 371 -21.14 4.43 -11.75
N LYS A 372 -21.33 5.07 -12.90
CA LYS A 372 -22.32 6.12 -13.06
C LYS A 372 -23.72 5.56 -12.91
N ILE A 373 -24.59 6.41 -12.40
CA ILE A 373 -25.93 6.00 -12.05
C ILE A 373 -26.91 6.91 -12.77
N PRO A 374 -27.90 6.37 -13.50
CA PRO A 374 -28.39 4.97 -13.52
C PRO A 374 -27.55 3.91 -14.30
N MET A 375 -27.30 2.75 -13.72
CA MET A 375 -26.59 1.73 -14.46
C MET A 375 -27.53 1.07 -15.45
N SER A 376 -26.96 0.54 -16.52
CA SER A 376 -27.76 -0.23 -17.43
C SER A 376 -28.31 -1.43 -16.68
N PRO A 377 -29.38 -2.06 -17.19
CA PRO A 377 -29.78 -3.36 -16.63
C PRO A 377 -28.66 -4.38 -16.58
N GLU A 378 -27.94 -4.61 -17.70
CA GLU A 378 -26.92 -5.65 -17.77
C GLU A 378 -25.87 -5.44 -16.70
N GLU A 379 -25.38 -4.21 -16.65
CA GLU A 379 -24.37 -3.85 -15.67
C GLU A 379 -24.88 -4.12 -14.27
N ALA A 380 -26.12 -3.69 -13.99
CA ALA A 380 -26.70 -3.84 -12.67
C ALA A 380 -26.89 -5.30 -12.29
N VAL A 381 -27.33 -6.13 -13.23
CA VAL A 381 -27.44 -7.57 -12.98
C VAL A 381 -26.11 -8.13 -12.48
N CYS A 382 -25.00 -7.83 -13.18
CA CYS A 382 -23.73 -8.45 -12.77
C CYS A 382 -23.19 -7.84 -11.49
N SER A 383 -23.32 -6.53 -11.39
CA SER A 383 -22.87 -5.85 -10.15
C SER A 383 -23.59 -6.48 -8.97
N SER A 384 -24.92 -6.49 -9.00
CA SER A 384 -25.61 -6.96 -7.83
C SER A 384 -25.49 -8.45 -7.68
N ALA A 385 -25.12 -9.22 -8.72
CA ALA A 385 -24.83 -10.63 -8.48
C ALA A 385 -23.59 -10.80 -7.62
N VAL A 386 -22.54 -10.00 -7.87
CA VAL A 386 -21.35 -10.09 -7.00
C VAL A 386 -21.67 -9.57 -5.59
N SER A 387 -22.47 -8.53 -5.54
CA SER A 387 -22.87 -7.98 -4.26
C SER A 387 -23.69 -8.99 -3.44
N SER A 388 -24.63 -9.71 -4.09
CA SER A 388 -25.43 -10.72 -3.41
C SER A 388 -24.55 -11.84 -2.92
N ALA A 389 -23.55 -12.20 -3.73
CA ALA A 389 -22.55 -13.20 -3.38
C ALA A 389 -21.86 -12.86 -2.06
N PHE A 390 -21.19 -11.71 -2.03
CA PHE A 390 -20.60 -11.24 -0.76
C PHE A 390 -21.61 -11.28 0.39
N GLU A 391 -22.86 -10.90 0.13
CA GLU A 391 -23.78 -10.66 1.24
C GLU A 391 -24.28 -11.97 1.85
N VAL A 392 -24.54 -12.99 1.02
CA VAL A 392 -24.97 -14.31 1.52
C VAL A 392 -23.83 -15.27 1.71
N GLN A 393 -22.57 -14.83 1.54
CA GLN A 393 -21.39 -15.67 1.52
C GLN A 393 -21.63 -16.85 0.59
N ALA A 394 -21.92 -16.53 -0.67
CA ALA A 394 -21.99 -17.56 -1.67
C ALA A 394 -20.58 -18.15 -1.90
N LYS A 395 -20.55 -19.39 -2.39
CA LYS A 395 -19.33 -20.11 -2.63
C LYS A 395 -19.05 -20.27 -4.12
N ALA A 396 -19.99 -19.89 -4.97
CA ALA A 396 -19.77 -19.99 -6.39
C ALA A 396 -20.82 -19.12 -7.04
N ILE A 397 -20.46 -18.51 -8.16
CA ILE A 397 -21.43 -17.85 -9.02
C ILE A 397 -21.47 -18.69 -10.28
N LEU A 398 -22.66 -18.99 -10.73
CA LEU A 398 -22.80 -19.80 -11.93
C LEU A 398 -23.49 -18.89 -12.92
N VAL A 399 -22.82 -18.52 -14.02
CA VAL A 399 -23.44 -17.68 -15.04
C VAL A 399 -23.58 -18.50 -16.30
N LEU A 400 -24.78 -18.51 -16.87
CA LEU A 400 -25.01 -19.14 -18.17
C LEU A 400 -24.88 -18.04 -19.22
N SER A 401 -23.85 -18.14 -20.04
CA SER A 401 -23.54 -17.15 -21.06
C SER A 401 -23.06 -17.92 -22.27
N ASN A 402 -23.51 -17.54 -23.45
CA ASN A 402 -22.96 -18.27 -24.57
C ASN A 402 -21.82 -17.55 -25.27
N THR A 403 -21.72 -16.22 -25.14
CA THR A 403 -20.57 -15.51 -25.68
C THR A 403 -19.48 -15.31 -24.66
N GLY A 404 -19.81 -15.37 -23.38
CA GLY A 404 -18.86 -15.03 -22.36
C GLY A 404 -18.94 -13.60 -21.85
N ARG A 405 -19.67 -12.69 -22.52
CA ARG A 405 -19.81 -11.32 -21.98
C ARG A 405 -20.15 -11.31 -20.50
N SER A 406 -21.26 -11.95 -20.15
CA SER A 406 -21.72 -11.89 -18.75
C SER A 406 -20.61 -12.33 -17.79
N ALA A 407 -19.89 -13.40 -18.12
CA ALA A 407 -18.90 -13.88 -17.19
C ALA A 407 -17.80 -12.86 -17.05
N ARG A 408 -17.44 -12.16 -18.14
CA ARG A 408 -16.45 -11.09 -18.02
C ARG A 408 -16.95 -9.95 -17.13
N LEU A 409 -18.26 -9.62 -17.20
CA LEU A 409 -18.78 -8.48 -16.44
C LEU A 409 -18.82 -8.81 -14.94
N ILE A 410 -19.28 -10.02 -14.62
CA ILE A 410 -19.12 -10.53 -13.26
C ILE A 410 -17.65 -10.52 -12.82
N SER A 411 -16.71 -10.92 -13.69
CA SER A 411 -15.35 -10.98 -13.15
C SER A 411 -14.81 -9.58 -12.91
N LYS A 412 -15.26 -8.60 -13.70
CA LYS A 412 -14.90 -7.21 -13.44
C LYS A 412 -15.27 -6.82 -12.02
N TYR A 413 -16.46 -7.25 -11.53
CA TYR A 413 -16.79 -6.83 -10.16
C TYR A 413 -15.97 -7.56 -9.10
N ARG A 414 -15.24 -8.56 -9.47
CA ARG A 414 -14.19 -9.19 -8.67
C ARG A 414 -14.74 -9.81 -7.41
N PRO A 415 -15.59 -10.82 -7.55
CA PRO A 415 -16.12 -11.53 -6.38
C PRO A 415 -15.04 -12.30 -5.67
N ASN A 416 -15.35 -12.86 -4.51
CA ASN A 416 -14.41 -13.68 -3.78
C ASN A 416 -14.78 -15.14 -3.86
N CYS A 417 -15.34 -15.55 -5.00
CA CYS A 417 -15.61 -16.96 -5.26
C CYS A 417 -15.34 -17.31 -6.72
N PRO A 418 -15.22 -18.59 -7.04
CA PRO A 418 -15.14 -18.98 -8.44
C PRO A 418 -16.37 -18.54 -9.21
N ILE A 419 -16.17 -18.14 -10.44
CA ILE A 419 -17.28 -17.97 -11.39
C ILE A 419 -17.34 -19.18 -12.31
N ILE A 420 -18.49 -19.81 -12.45
CA ILE A 420 -18.60 -20.94 -13.36
C ILE A 420 -19.50 -20.54 -14.51
N CYS A 421 -18.98 -20.60 -15.72
CA CYS A 421 -19.75 -20.22 -16.89
C CYS A 421 -20.22 -21.46 -17.66
N ALA A 422 -21.55 -21.69 -17.71
CA ALA A 422 -22.04 -22.79 -18.55
C ALA A 422 -22.39 -22.23 -19.92
N THR A 423 -21.60 -22.62 -20.94
CA THR A 423 -21.76 -22.12 -22.29
C THR A 423 -22.03 -23.25 -23.24
N THR A 424 -22.67 -22.89 -24.34
CA THR A 424 -22.93 -23.82 -25.42
C THR A 424 -21.85 -23.81 -26.50
N ARG A 425 -20.84 -22.97 -26.38
CA ARG A 425 -19.83 -22.78 -27.42
C ARG A 425 -18.46 -23.11 -26.88
N LEU A 426 -17.73 -23.97 -27.58
CA LEU A 426 -16.39 -24.30 -27.13
C LEU A 426 -15.43 -23.10 -27.21
N LEU A 427 -15.54 -22.26 -28.27
CA LEU A 427 -14.69 -21.07 -28.38
C LEU A 427 -14.80 -20.20 -27.14
N THR A 428 -15.95 -20.22 -26.51
CA THR A 428 -16.14 -19.42 -25.32
C THR A 428 -15.40 -20.05 -24.16
N CYS A 429 -15.43 -21.38 -24.04
CA CYS A 429 -14.58 -22.04 -23.06
C CYS A 429 -13.12 -21.66 -23.28
N ARG A 430 -12.66 -21.80 -24.50
CA ARG A 430 -11.26 -21.54 -24.77
C ARG A 430 -10.88 -20.11 -24.42
N GLN A 431 -11.65 -19.12 -24.91
CA GLN A 431 -11.35 -17.71 -24.68
C GLN A 431 -11.57 -17.29 -23.23
N LEU A 432 -12.36 -18.02 -22.43
CA LEU A 432 -12.52 -17.52 -21.07
C LEU A 432 -11.27 -17.72 -20.21
N ASN A 433 -10.28 -18.44 -20.72
CA ASN A 433 -9.09 -18.73 -19.93
C ASN A 433 -8.27 -17.51 -19.57
N VAL A 434 -8.61 -16.34 -20.08
CA VAL A 434 -7.87 -15.17 -19.69
C VAL A 434 -8.69 -14.23 -18.82
N THR A 435 -9.80 -14.68 -18.25
CA THR A 435 -10.67 -13.83 -17.45
C THR A 435 -10.65 -14.38 -16.04
N ARG A 436 -10.33 -13.50 -15.06
CA ARG A 436 -10.08 -13.91 -13.67
C ARG A 436 -11.29 -14.61 -13.06
N SER A 437 -11.04 -15.61 -12.21
CA SER A 437 -12.05 -16.31 -11.44
C SER A 437 -12.89 -17.30 -12.29
N VAL A 438 -12.78 -17.31 -13.59
CA VAL A 438 -13.78 -17.98 -14.40
C VAL A 438 -13.33 -19.39 -14.76
N GLU A 439 -14.28 -20.32 -14.79
CA GLU A 439 -14.06 -21.66 -15.28
C GLU A 439 -15.24 -22.05 -16.13
N SER A 440 -15.05 -22.64 -17.30
CA SER A 440 -16.22 -22.87 -18.13
C SER A 440 -16.61 -24.32 -18.15
N VAL A 441 -17.83 -24.56 -18.61
CA VAL A 441 -18.45 -25.87 -18.61
C VAL A 441 -19.30 -25.96 -19.85
N TYR A 442 -19.05 -26.97 -20.68
CA TYR A 442 -19.59 -27.07 -22.04
C TYR A 442 -20.83 -27.94 -22.05
N TYR A 443 -21.89 -27.43 -22.67
CA TYR A 443 -23.13 -28.16 -22.84
C TYR A 443 -23.27 -28.43 -24.32
N ASP A 444 -22.98 -29.64 -24.78
CA ASP A 444 -23.13 -29.93 -26.20
C ASP A 444 -24.63 -30.09 -26.49
N VAL A 445 -25.25 -29.03 -27.02
CA VAL A 445 -26.69 -29.07 -27.26
C VAL A 445 -27.04 -30.24 -28.19
N ASP A 446 -26.28 -30.43 -29.26
CA ASP A 446 -26.57 -31.51 -30.22
C ASP A 446 -26.66 -32.88 -29.54
N ALA A 447 -25.68 -33.20 -28.70
CA ALA A 447 -25.61 -34.45 -27.96
C ALA A 447 -26.54 -34.50 -26.73
N HIS A 448 -27.36 -33.46 -26.47
CA HIS A 448 -28.32 -33.50 -25.37
C HIS A 448 -29.63 -32.78 -25.72
N GLY A 449 -30.39 -32.33 -24.73
CA GLY A 449 -31.57 -31.53 -25.05
C GLY A 449 -31.22 -30.16 -25.65
N GLU A 450 -32.18 -29.25 -25.69
CA GLU A 450 -31.84 -27.87 -26.01
C GLU A 450 -31.81 -26.98 -24.78
N ASP A 451 -32.45 -27.44 -23.69
CA ASP A 451 -32.34 -26.78 -22.39
C ASP A 451 -32.94 -25.39 -22.48
N ASN A 452 -34.15 -25.31 -23.06
CA ASN A 452 -34.85 -24.03 -23.05
C ASN A 452 -35.21 -23.62 -21.62
N ASP A 453 -35.49 -24.60 -20.76
CA ASP A 453 -35.79 -24.34 -19.34
C ASP A 453 -34.53 -24.18 -18.52
N ARG A 454 -33.38 -24.04 -19.19
CA ARG A 454 -32.07 -23.67 -18.63
C ARG A 454 -31.65 -24.60 -17.48
N GLU A 455 -32.30 -25.77 -17.32
CA GLU A 455 -32.20 -26.61 -16.12
C GLU A 455 -31.07 -27.64 -16.17
N LYS A 456 -30.83 -28.33 -17.30
CA LYS A 456 -29.67 -29.23 -17.32
C LYS A 456 -28.36 -28.45 -17.35
N ARG A 457 -28.36 -27.24 -17.93
CA ARG A 457 -27.16 -26.39 -17.89
C ARG A 457 -26.85 -25.92 -16.48
N VAL A 458 -27.89 -25.53 -15.73
CA VAL A 458 -27.70 -25.22 -14.32
C VAL A 458 -27.17 -26.44 -13.59
N GLN A 459 -27.71 -27.63 -13.87
CA GLN A 459 -27.19 -28.82 -13.22
C GLN A 459 -25.73 -29.05 -13.58
N LEU A 460 -25.39 -28.90 -14.84
CA LEU A 460 -24.02 -29.04 -15.27
C LEU A 460 -23.10 -28.15 -14.44
N GLY A 461 -23.53 -26.88 -14.21
CA GLY A 461 -22.77 -25.92 -13.42
C GLY A 461 -22.60 -26.34 -11.97
N VAL A 462 -23.71 -26.59 -11.32
CA VAL A 462 -23.70 -27.03 -9.92
C VAL A 462 -22.93 -28.34 -9.74
N ASP A 463 -23.11 -29.29 -10.66
CA ASP A 463 -22.34 -30.53 -10.67
C ASP A 463 -20.86 -30.24 -10.73
N TRP A 464 -20.44 -29.32 -11.62
CA TRP A 464 -19.04 -28.96 -11.66
C TRP A 464 -18.55 -28.40 -10.33
N ALA A 465 -19.33 -27.49 -9.73
CA ALA A 465 -18.88 -26.85 -8.48
C ALA A 465 -18.77 -27.87 -7.36
N LYS A 466 -19.72 -28.82 -7.31
CA LYS A 466 -19.71 -29.84 -6.26
C LYS A 466 -18.54 -30.80 -6.45
N THR A 467 -18.31 -31.26 -7.68
CA THR A 467 -17.15 -32.13 -7.84
C THR A 467 -15.81 -31.37 -7.75
N LYS A 468 -15.75 -30.06 -7.95
CA LYS A 468 -14.42 -29.42 -7.88
C LYS A 468 -14.14 -28.83 -6.48
N GLY A 469 -14.94 -29.18 -5.47
CA GLY A 469 -14.73 -28.72 -4.11
C GLY A 469 -15.21 -27.31 -3.80
N TYR A 470 -15.88 -26.64 -4.73
CA TYR A 470 -16.26 -25.26 -4.45
C TYR A 470 -17.40 -25.22 -3.44
N VAL A 471 -18.36 -26.11 -3.60
CA VAL A 471 -19.66 -25.99 -2.98
C VAL A 471 -20.06 -27.34 -2.41
N SER A 472 -20.89 -27.32 -1.37
CA SER A 472 -21.29 -28.55 -0.69
C SER A 472 -22.78 -28.37 -0.40
N ALA A 473 -23.42 -29.42 0.10
CA ALA A 473 -24.78 -29.46 0.64
C ALA A 473 -25.05 -28.36 1.67
N GLY A 474 -26.02 -27.46 1.39
CA GLY A 474 -26.31 -26.37 2.28
C GLY A 474 -25.58 -25.07 1.97
N ASP A 475 -24.55 -25.10 1.15
CA ASP A 475 -23.94 -23.87 0.69
C ASP A 475 -24.90 -23.10 -0.20
N VAL A 476 -24.71 -21.78 -0.29
CA VAL A 476 -25.50 -20.98 -1.21
C VAL A 476 -24.67 -20.69 -2.45
N MET A 477 -25.37 -20.59 -3.58
CA MET A 477 -24.72 -20.27 -4.86
C MET A 477 -25.56 -19.20 -5.55
N VAL A 478 -25.01 -18.51 -6.54
CA VAL A 478 -25.68 -17.40 -7.25
C VAL A 478 -25.74 -17.74 -8.74
N ILE A 479 -26.96 -17.84 -9.30
CA ILE A 479 -27.19 -18.22 -10.68
C ILE A 479 -27.60 -16.98 -11.45
N VAL A 480 -26.88 -16.65 -12.53
CA VAL A 480 -27.15 -15.49 -13.37
C VAL A 480 -27.34 -16.00 -14.78
N HIS A 481 -28.44 -15.61 -15.39
CA HIS A 481 -28.76 -16.15 -16.73
C HIS A 481 -29.70 -15.21 -17.44
N ALA A 482 -30.06 -15.57 -18.66
CA ALA A 482 -31.02 -14.76 -19.41
C ALA A 482 -32.43 -15.33 -19.30
N ASP A 483 -33.43 -14.44 -19.14
CA ASP A 483 -34.84 -14.82 -19.09
C ASP A 483 -35.37 -15.19 -20.47
N HIS A 484 -36.63 -15.64 -20.50
CA HIS A 484 -37.31 -16.04 -21.72
C HIS A 484 -37.33 -14.92 -22.77
N SER A 485 -37.27 -13.63 -22.33
CA SER A 485 -37.81 -12.46 -23.02
C SER A 485 -36.80 -11.31 -23.23
N VAL A 486 -35.51 -11.61 -23.17
CA VAL A 486 -34.48 -10.56 -23.40
C VAL A 486 -33.95 -10.72 -24.83
N LYS A 487 -33.86 -9.61 -25.58
CA LYS A 487 -33.26 -9.68 -26.94
C LYS A 487 -31.97 -10.48 -26.81
N GLY A 488 -31.14 -10.13 -25.83
CA GLY A 488 -29.88 -10.86 -25.56
C GLY A 488 -29.44 -10.49 -24.17
N TYR A 489 -28.29 -10.96 -23.70
CA TYR A 489 -27.76 -10.52 -22.37
C TYR A 489 -28.55 -11.34 -21.34
N PRO A 490 -27.93 -11.64 -20.18
CA PRO A 490 -28.61 -12.18 -18.98
C PRO A 490 -29.12 -11.04 -18.10
N ASN A 491 -30.38 -11.17 -17.68
CA ASN A 491 -31.08 -10.21 -16.85
C ASN A 491 -31.72 -10.87 -15.64
N GLN A 492 -31.64 -12.19 -15.52
CA GLN A 492 -32.22 -12.92 -14.40
C GLN A 492 -31.11 -13.33 -13.43
N THR A 493 -31.40 -13.36 -12.14
CA THR A 493 -30.52 -13.92 -11.12
C THR A 493 -31.36 -14.74 -10.13
N ARG A 494 -30.72 -15.75 -9.55
CA ARG A 494 -31.36 -16.72 -8.66
C ARG A 494 -30.41 -17.08 -7.54
N LEU A 495 -30.91 -17.17 -6.34
CA LEU A 495 -30.08 -17.53 -5.21
C LEU A 495 -30.49 -18.91 -4.74
N VAL A 496 -29.64 -19.92 -4.97
CA VAL A 496 -30.07 -21.30 -4.74
C VAL A 496 -29.20 -21.93 -3.67
N ARG A 497 -29.71 -22.99 -3.04
CA ARG A 497 -28.90 -23.73 -2.03
C ARG A 497 -28.64 -25.14 -2.56
N VAL A 498 -27.38 -25.59 -2.49
CA VAL A 498 -27.06 -26.92 -2.99
C VAL A 498 -27.75 -27.97 -2.12
N ARG A 499 -28.41 -28.90 -2.80
CA ARG A 499 -29.19 -29.94 -2.08
C ARG A 499 -28.42 -31.25 -2.10
N GLU A 500 -28.51 -32.02 -1.01
CA GLU A 500 -27.81 -33.32 -0.91
C GLU A 500 -28.36 -34.29 -1.92
N SER B 2 -10.15 6.30 -3.56
CA SER B 2 -9.63 4.88 -3.73
C SER B 2 -8.39 4.69 -4.60
N GLN B 3 -7.49 3.81 -4.16
CA GLN B 3 -6.34 3.47 -4.97
C GLN B 3 -6.70 3.16 -6.42
N LEU B 4 -7.75 2.38 -6.68
CA LEU B 4 -8.16 2.15 -8.07
C LEU B 4 -8.35 3.45 -8.86
N GLN B 5 -9.16 4.37 -8.34
CA GLN B 5 -9.37 5.65 -8.97
C GLN B 5 -8.06 6.43 -9.13
N HIS B 6 -7.21 6.39 -8.11
CA HIS B 6 -5.93 7.07 -8.26
C HIS B 6 -5.12 6.50 -9.44
N ASN B 7 -4.96 5.17 -9.48
CA ASN B 7 -4.23 4.53 -10.56
C ASN B 7 -4.75 4.96 -11.92
N ILE B 8 -6.08 4.92 -12.12
CA ILE B 8 -6.54 5.15 -13.49
C ILE B 8 -6.27 6.54 -13.98
N GLY B 9 -5.91 7.46 -13.10
CA GLY B 9 -5.54 8.75 -13.60
C GLY B 9 -4.08 9.11 -13.42
N LEU B 10 -3.21 8.12 -13.23
CA LEU B 10 -1.77 8.33 -13.24
C LEU B 10 -1.30 8.51 -14.68
N SER B 11 -0.26 9.33 -14.83
CA SER B 11 0.36 9.57 -16.15
C SER B 11 1.86 9.54 -15.99
N ILE B 12 2.50 8.82 -16.90
CA ILE B 12 3.94 8.62 -16.92
C ILE B 12 4.61 9.85 -17.46
N PHE B 13 3.84 10.77 -18.02
CA PHE B 13 4.40 11.95 -18.64
C PHE B 13 4.37 13.20 -17.76
N GLU B 14 3.63 13.21 -16.64
CA GLU B 14 3.62 14.42 -15.84
C GLU B 14 4.84 14.41 -14.92
N PRO B 15 5.61 15.49 -14.85
CA PRO B 15 6.64 15.58 -13.81
C PRO B 15 5.96 15.36 -12.48
N VAL B 16 6.58 14.62 -11.59
CA VAL B 16 5.96 14.38 -10.31
C VAL B 16 6.50 15.40 -9.33
N ALA B 17 5.61 15.89 -8.48
CA ALA B 17 5.93 16.92 -7.50
C ALA B 17 5.45 16.48 -6.13
N LYS B 18 6.37 15.96 -5.33
CA LYS B 18 6.11 15.55 -3.97
C LYS B 18 7.45 15.57 -3.26
N HIS B 19 7.42 15.95 -1.99
CA HIS B 19 8.60 16.01 -1.14
C HIS B 19 8.88 14.66 -0.52
N ARG B 20 10.05 14.10 -0.78
CA ARG B 20 10.30 12.72 -0.39
C ARG B 20 10.08 12.45 1.10
N ALA B 21 9.07 11.61 1.40
CA ALA B 21 8.71 11.23 2.77
C ALA B 21 9.47 10.01 3.29
N ASN B 22 10.03 9.21 2.39
CA ASN B 22 10.71 7.98 2.86
C ASN B 22 12.18 8.29 3.10
N ARG B 23 12.85 7.53 3.96
CA ARG B 23 14.21 7.77 4.40
C ARG B 23 15.15 6.63 3.96
N ILE B 24 16.37 6.97 3.52
CA ILE B 24 17.35 5.99 3.04
C ILE B 24 18.46 5.84 4.07
N ILE B 25 18.75 4.59 4.45
CA ILE B 25 19.89 4.23 5.27
C ILE B 25 21.00 3.67 4.37
N CYS B 26 22.24 4.12 4.60
CA CYS B 26 23.41 3.65 3.83
C CYS B 26 24.44 2.97 4.72
N THR B 27 24.89 1.81 4.29
CA THR B 27 25.99 1.14 4.97
C THR B 27 27.32 1.68 4.48
N ILE B 28 28.26 1.84 5.39
CA ILE B 28 29.54 2.44 5.06
C ILE B 28 30.62 1.37 5.00
N GLY B 29 31.42 1.42 3.94
CA GLY B 29 32.58 0.58 3.80
C GLY B 29 33.66 1.32 2.99
N PRO B 30 34.63 0.52 2.43
CA PRO B 30 35.69 1.06 1.55
C PRO B 30 35.28 2.13 0.55
N SER B 31 34.15 1.96 -0.14
CA SER B 31 33.79 2.94 -1.18
C SER B 31 33.32 4.29 -0.61
N THR B 32 33.03 4.37 0.70
CA THR B 32 32.34 5.56 1.21
C THR B 32 32.81 6.07 2.56
N GLN B 33 33.91 5.55 3.14
CA GLN B 33 34.31 6.06 4.46
C GLN B 33 34.97 7.45 4.39
N SER B 34 35.49 7.83 3.22
CA SER B 34 36.12 9.15 3.03
C SER B 34 35.15 10.24 3.48
N VAL B 35 35.66 11.32 4.05
CA VAL B 35 34.73 12.40 4.38
C VAL B 35 34.11 12.99 3.11
N GLU B 36 34.87 13.10 2.02
CA GLU B 36 34.27 13.64 0.78
C GLU B 36 33.14 12.73 0.30
N ALA B 37 33.39 11.43 0.28
CA ALA B 37 32.39 10.45 -0.17
C ALA B 37 31.16 10.47 0.73
N LEU B 38 31.37 10.62 2.02
CA LEU B 38 30.26 10.74 2.95
C LEU B 38 29.43 11.97 2.64
N LYS B 39 30.09 13.10 2.37
CA LYS B 39 29.35 14.29 1.97
C LYS B 39 28.50 13.99 0.73
N GLY B 40 29.05 13.20 -0.21
CA GLY B 40 28.31 12.91 -1.44
C GLY B 40 27.09 12.04 -1.21
N LEU B 41 27.24 11.02 -0.36
CA LEU B 41 26.08 10.25 0.08
C LEU B 41 25.00 11.18 0.66
N MET B 42 25.41 12.04 1.61
CA MET B 42 24.49 12.94 2.29
C MET B 42 23.75 13.84 1.31
N LYS B 43 24.47 14.48 0.38
CA LYS B 43 23.78 15.27 -0.62
C LYS B 43 22.86 14.40 -1.48
N SER B 44 23.22 13.13 -1.70
CA SER B 44 22.41 12.34 -2.62
C SER B 44 21.48 11.39 -1.84
N GLY B 45 21.02 11.83 -0.66
CA GLY B 45 19.80 11.54 0.03
C GLY B 45 19.95 10.71 1.28
N MET B 46 21.15 10.38 1.70
CA MET B 46 21.21 9.53 2.87
C MET B 46 20.86 10.29 4.14
N SER B 47 20.21 9.59 5.10
CA SER B 47 19.86 10.17 6.39
C SER B 47 20.44 9.44 7.59
N VAL B 48 20.83 8.18 7.45
CA VAL B 48 21.48 7.43 8.53
C VAL B 48 22.65 6.61 7.99
N ALA B 49 23.74 6.53 8.77
CA ALA B 49 24.95 5.78 8.41
C ALA B 49 25.00 4.50 9.23
N ARG B 50 25.07 3.37 8.54
CA ARG B 50 25.06 2.09 9.20
C ARG B 50 26.48 1.55 9.31
N MET B 51 26.82 1.08 10.51
CA MET B 51 28.09 0.46 10.80
C MET B 51 27.84 -1.01 11.00
N ASN B 52 28.53 -1.84 10.21
CA ASN B 52 28.33 -3.28 10.24
C ASN B 52 29.40 -3.87 11.14
N PHE B 53 29.02 -4.23 12.37
CA PHE B 53 30.05 -4.68 13.29
C PHE B 53 30.44 -6.15 13.07
N SER B 54 29.86 -6.81 12.07
CA SER B 54 30.38 -8.12 11.68
C SER B 54 31.78 -8.04 11.07
N HIS B 55 32.18 -6.90 10.52
CA HIS B 55 33.55 -6.77 10.07
C HIS B 55 34.08 -5.38 10.43
N GLY B 56 35.35 -5.30 10.77
CA GLY B 56 35.97 -4.02 11.04
C GLY B 56 36.39 -3.91 12.51
N SER B 57 37.46 -3.17 12.75
CA SER B 57 37.98 -3.00 14.09
C SER B 57 37.29 -1.84 14.80
N TYR B 58 37.51 -1.74 16.11
CA TYR B 58 37.02 -0.56 16.82
C TYR B 58 37.60 0.72 16.24
N GLU B 59 38.88 0.70 15.87
CA GLU B 59 39.48 1.88 15.24
C GLU B 59 38.78 2.19 13.92
N TYR B 60 38.45 1.16 13.14
CA TYR B 60 37.84 1.40 11.84
C TYR B 60 36.47 2.09 11.98
N HIS B 61 35.70 1.68 12.98
CA HIS B 61 34.41 2.33 13.05
C HIS B 61 34.54 3.67 13.72
N GLN B 62 35.43 3.82 14.70
CA GLN B 62 35.72 5.15 15.20
C GLN B 62 36.03 6.11 14.06
N THR B 63 36.78 5.63 13.06
CA THR B 63 37.02 6.43 11.86
C THR B 63 35.72 6.83 11.19
N THR B 64 34.82 5.85 10.97
CA THR B 64 33.56 6.19 10.29
C THR B 64 32.72 7.15 11.14
N ILE B 65 32.63 6.92 12.46
CA ILE B 65 31.89 7.86 13.31
C ILE B 65 32.45 9.27 13.18
N ASN B 66 33.77 9.45 13.32
CA ASN B 66 34.31 10.81 13.23
C ASN B 66 34.06 11.40 11.85
N ASN B 67 34.24 10.60 10.80
CA ASN B 67 34.07 11.10 9.44
C ASN B 67 32.62 11.48 9.15
N VAL B 68 31.65 10.67 9.57
CA VAL B 68 30.30 11.13 9.31
C VAL B 68 30.01 12.38 10.13
N ARG B 69 30.44 12.42 11.40
CA ARG B 69 30.17 13.62 12.19
C ARG B 69 30.74 14.85 11.50
N ALA B 70 31.94 14.71 10.92
CA ALA B 70 32.60 15.80 10.22
C ALA B 70 31.87 16.20 8.93
N ALA B 71 31.58 15.23 8.06
CA ALA B 71 30.91 15.60 6.82
C ALA B 71 29.52 16.20 7.09
N ALA B 72 28.78 15.60 8.03
CA ALA B 72 27.50 16.16 8.46
C ALA B 72 27.68 17.58 8.95
N ALA B 73 28.67 17.83 9.83
CA ALA B 73 28.88 19.18 10.34
C ALA B 73 29.08 20.17 9.21
N GLU B 74 29.87 19.78 8.20
CA GLU B 74 30.15 20.68 7.09
C GLU B 74 28.87 21.01 6.32
N LEU B 75 27.99 20.03 6.13
CA LEU B 75 26.77 20.32 5.38
C LEU B 75 25.63 20.94 6.22
N GLY B 76 25.81 21.01 7.55
CA GLY B 76 24.78 21.52 8.42
C GLY B 76 23.60 20.58 8.59
N LEU B 77 23.85 19.26 8.57
CA LEU B 77 22.79 18.28 8.66
C LEU B 77 22.97 17.41 9.89
N HIS B 78 21.86 16.86 10.37
CA HIS B 78 21.87 15.92 11.48
C HIS B 78 21.67 14.54 10.87
N ILE B 79 22.75 13.81 10.76
CA ILE B 79 22.72 12.47 10.23
C ILE B 79 22.78 11.54 11.42
N GLY B 80 21.93 10.51 11.40
CA GLY B 80 22.00 9.49 12.42
C GLY B 80 23.10 8.49 12.14
N ILE B 81 23.51 7.81 13.21
CA ILE B 81 24.51 6.75 13.14
C ILE B 81 23.93 5.53 13.82
N ALA B 82 24.03 4.38 13.15
CA ALA B 82 23.49 3.12 13.65
C ALA B 82 24.60 2.07 13.69
N LEU B 83 24.56 1.24 14.74
CA LEU B 83 25.55 0.20 14.97
C LEU B 83 24.84 -1.12 14.76
N ASP B 84 25.17 -1.81 13.68
CA ASP B 84 24.55 -3.10 13.37
C ASP B 84 25.33 -4.21 14.09
N THR B 85 24.67 -4.82 15.07
CA THR B 85 25.33 -5.83 15.91
C THR B 85 25.75 -7.04 15.08
N LYS B 86 26.73 -7.81 15.58
CA LYS B 86 27.21 -9.01 14.88
C LYS B 86 26.28 -10.20 15.06
N GLY B 87 25.73 -10.35 16.25
CA GLY B 87 24.76 -11.37 16.56
C GLY B 87 25.44 -12.69 16.80
N PRO B 88 24.72 -13.64 17.38
CA PRO B 88 25.27 -15.00 17.54
C PRO B 88 25.27 -15.76 16.22
N GLU B 89 26.28 -15.54 15.39
CA GLU B 89 26.17 -15.99 14.01
C GLU B 89 26.97 -17.27 13.91
N ILE B 90 27.44 -17.61 12.71
CA ILE B 90 28.08 -18.88 12.44
C ILE B 90 29.58 -18.64 12.62
N LEU B 187 20.51 -20.78 22.02
CA LEU B 187 21.48 -19.74 21.65
C LEU B 187 21.22 -18.39 22.34
N PRO B 188 22.30 -17.67 22.70
CA PRO B 188 22.16 -16.40 23.44
C PRO B 188 21.69 -15.25 22.53
N ALA B 189 21.51 -14.08 23.16
CA ALA B 189 21.03 -12.86 22.50
C ALA B 189 22.12 -11.83 22.33
N VAL B 190 22.96 -11.71 23.35
CA VAL B 190 24.02 -10.73 23.43
C VAL B 190 25.34 -11.49 23.51
N SER B 191 26.04 -11.62 22.37
CA SER B 191 27.36 -12.22 22.50
C SER B 191 28.27 -11.26 23.25
N GLU B 192 29.26 -11.83 23.94
CA GLU B 192 30.26 -11.03 24.64
C GLU B 192 30.84 -9.96 23.73
N LYS B 193 31.18 -10.33 22.49
CA LYS B 193 31.61 -9.33 21.53
C LYS B 193 30.55 -8.26 21.39
N ASP B 194 29.29 -8.66 21.15
CA ASP B 194 28.17 -7.72 21.13
C ASP B 194 28.16 -6.82 22.36
N ARG B 195 28.42 -7.38 23.53
CA ARG B 195 28.35 -6.50 24.72
C ARG B 195 29.39 -5.39 24.54
N LYS B 196 30.63 -5.76 24.25
CA LYS B 196 31.69 -4.75 24.15
C LYS B 196 31.43 -3.77 23.01
N ASP B 197 30.87 -4.25 21.90
CA ASP B 197 30.48 -3.39 20.78
C ASP B 197 29.38 -2.41 21.19
N LEU B 198 28.40 -2.89 21.93
CA LEU B 198 27.30 -2.04 22.36
C LEU B 198 27.80 -0.96 23.33
N GLN B 199 28.68 -1.30 24.27
CA GLN B 199 29.23 -0.23 25.12
C GLN B 199 30.09 0.74 24.32
N PHE B 200 30.87 0.26 23.34
CA PHE B 200 31.60 1.18 22.47
C PHE B 200 30.65 2.16 21.79
N GLY B 201 29.52 1.66 21.30
CA GLY B 201 28.56 2.53 20.64
C GLY B 201 27.96 3.51 21.61
N VAL B 202 27.65 3.06 22.83
CA VAL B 202 27.05 3.96 23.81
C VAL B 202 28.03 5.05 24.20
N GLU B 203 29.30 4.68 24.39
CA GLU B 203 30.30 5.68 24.79
C GLU B 203 30.60 6.64 23.65
N GLN B 204 30.52 6.18 22.42
CA GLN B 204 30.78 7.03 21.28
C GLN B 204 29.56 7.75 20.75
N GLY B 205 28.38 7.53 21.34
CA GLY B 205 27.20 8.31 21.00
C GLY B 205 26.40 7.90 19.79
N VAL B 206 26.36 6.60 19.46
CA VAL B 206 25.55 6.17 18.34
C VAL B 206 24.09 6.41 18.69
N ASP B 207 23.27 6.61 17.66
CA ASP B 207 21.86 6.90 17.85
C ASP B 207 20.97 5.67 17.98
N MET B 208 21.35 4.54 17.39
CA MET B 208 20.53 3.32 17.41
C MET B 208 21.36 2.07 17.20
N ILE B 209 20.77 0.98 17.68
CA ILE B 209 21.29 -0.36 17.55
C ILE B 209 20.37 -1.12 16.59
N PHE B 210 20.99 -1.90 15.72
CA PHE B 210 20.29 -2.83 14.86
C PHE B 210 20.58 -4.20 15.48
N ALA B 211 19.74 -4.60 16.42
CA ALA B 211 19.95 -5.84 17.15
C ALA B 211 19.74 -7.00 16.22
N SER B 212 20.74 -7.85 16.09
CA SER B 212 20.70 -8.94 15.13
C SER B 212 20.05 -10.18 15.70
N PHE B 213 19.48 -10.99 14.80
CA PHE B 213 18.84 -12.28 15.18
C PHE B 213 17.99 -12.12 16.42
N ILE B 214 16.93 -11.33 16.30
CA ILE B 214 16.05 -11.16 17.43
C ILE B 214 14.93 -12.18 17.29
N ARG B 215 14.70 -12.96 18.34
CA ARG B 215 13.71 -14.07 18.23
C ARG B 215 12.55 -13.89 19.21
N THR B 216 12.84 -13.50 20.45
CA THR B 216 11.83 -13.27 21.46
C THR B 216 11.91 -11.83 21.95
N ALA B 217 10.85 -11.36 22.62
CA ALA B 217 10.94 -10.03 23.19
C ALA B 217 11.93 -10.00 24.34
N ASP B 218 12.14 -11.16 24.99
CA ASP B 218 13.10 -11.20 26.09
C ASP B 218 14.49 -10.79 25.62
N GLN B 219 14.87 -11.19 24.42
CA GLN B 219 16.19 -10.86 23.93
C GLN B 219 16.35 -9.37 23.63
N VAL B 220 15.33 -8.72 23.07
CA VAL B 220 15.47 -7.28 22.88
C VAL B 220 15.59 -6.59 24.22
N ARG B 221 14.90 -7.09 25.25
CA ARG B 221 15.10 -6.47 26.57
C ARG B 221 16.49 -6.76 27.16
N GLU B 222 17.07 -7.92 26.86
CA GLU B 222 18.48 -8.11 27.23
C GLU B 222 19.36 -7.07 26.56
N VAL B 223 19.07 -6.74 25.30
CA VAL B 223 19.85 -5.70 24.62
C VAL B 223 19.69 -4.37 25.35
N ARG B 224 18.44 -3.98 25.64
CA ARG B 224 18.22 -2.73 26.38
C ARG B 224 18.97 -2.71 27.71
N ALA B 225 19.04 -3.86 28.38
CA ALA B 225 19.80 -3.95 29.62
C ALA B 225 21.26 -3.68 29.37
N ALA B 226 21.80 -4.32 28.32
CA ALA B 226 23.19 -4.13 27.95
C ALA B 226 23.49 -2.67 27.65
N LEU B 227 22.55 -1.94 27.04
CA LEU B 227 22.79 -0.54 26.71
C LEU B 227 23.00 0.29 27.95
N GLY B 228 22.34 -0.07 29.05
CA GLY B 228 22.47 0.65 30.31
C GLY B 228 21.86 2.04 30.32
N GLU B 229 22.09 2.72 31.45
CA GLU B 229 21.55 4.06 31.62
C GLU B 229 22.19 5.06 30.68
N LYS B 230 23.47 4.88 30.38
CA LYS B 230 24.11 5.77 29.41
C LYS B 230 23.50 5.62 28.01
N GLY B 231 22.83 4.49 27.74
CA GLY B 231 22.19 4.25 26.46
C GLY B 231 20.73 4.01 26.66
N LYS B 232 20.18 4.60 27.72
CA LYS B 232 18.77 4.40 28.02
C LYS B 232 17.92 4.89 26.88
N ASP B 233 18.37 5.94 26.19
CA ASP B 233 17.57 6.67 25.23
C ASP B 233 17.90 6.36 23.77
N THR B 234 18.72 5.36 23.52
CA THR B 234 19.06 5.01 22.15
C THR B 234 18.06 4.00 21.60
N LEU B 235 17.69 4.18 20.32
CA LEU B 235 16.73 3.29 19.65
C LEU B 235 17.28 1.88 19.53
N ILE B 236 16.47 0.90 19.92
CA ILE B 236 16.74 -0.50 19.64
C ILE B 236 15.88 -0.89 18.45
N ILE B 237 16.53 -1.13 17.31
CA ILE B 237 15.82 -1.58 16.12
C ILE B 237 16.08 -3.09 15.99
N SER B 238 15.02 -3.88 16.15
CA SER B 238 15.15 -5.33 16.18
C SER B 238 15.10 -5.87 14.76
N LYS B 239 16.13 -6.63 14.39
CA LYS B 239 16.22 -7.25 13.08
C LYS B 239 15.57 -8.63 13.08
N ILE B 240 14.49 -8.76 12.30
CA ILE B 240 13.75 -10.00 12.16
C ILE B 240 14.40 -10.79 11.02
N GLU B 241 15.08 -11.89 11.34
CA GLU B 241 15.77 -12.60 10.26
C GLU B 241 15.55 -14.12 10.28
N ASN B 242 14.49 -14.60 10.91
CA ASN B 242 14.19 -16.02 10.94
C ASN B 242 12.76 -16.23 11.44
N HIS B 243 12.33 -17.50 11.44
CA HIS B 243 10.93 -17.79 11.68
C HIS B 243 10.52 -17.44 13.11
N GLN B 244 11.35 -17.70 14.13
CA GLN B 244 10.91 -17.27 15.46
C GLN B 244 10.66 -15.78 15.48
N GLY B 245 11.41 -15.01 14.68
CA GLY B 245 11.19 -13.58 14.64
C GLY B 245 9.80 -13.21 14.16
N VAL B 246 9.36 -13.84 13.07
CA VAL B 246 8.03 -13.61 12.55
C VAL B 246 6.97 -14.15 13.52
N GLN B 247 7.20 -15.33 14.08
CA GLN B 247 6.21 -15.90 14.99
C GLN B 247 5.94 -14.98 16.17
N ASN B 248 6.99 -14.37 16.71
CA ASN B 248 6.88 -13.52 17.88
C ASN B 248 6.86 -12.06 17.54
N ILE B 249 6.46 -11.71 16.32
CA ILE B 249 6.60 -10.32 15.90
C ILE B 249 5.86 -9.36 16.83
N ASP B 250 4.76 -9.79 17.46
CA ASP B 250 4.01 -8.80 18.23
C ASP B 250 4.72 -8.43 19.52
N ALA B 251 5.22 -9.44 20.23
CA ALA B 251 5.97 -9.12 21.44
C ALA B 251 7.20 -8.29 21.08
N ILE B 252 7.92 -8.71 20.03
CA ILE B 252 9.14 -8.02 19.60
C ILE B 252 8.83 -6.56 19.26
N ILE B 253 7.66 -6.30 18.64
CA ILE B 253 7.32 -4.93 18.32
C ILE B 253 7.06 -4.11 19.59
N GLU B 254 6.30 -4.66 20.55
CA GLU B 254 6.07 -3.86 21.76
C GLU B 254 7.38 -3.55 22.47
N ALA B 255 8.35 -4.47 22.44
CA ALA B 255 9.58 -4.22 23.20
C ALA B 255 10.61 -3.39 22.44
N SER B 256 10.49 -3.30 21.14
CA SER B 256 11.50 -2.61 20.36
C SER B 256 11.06 -1.20 20.06
N ASP B 257 12.00 -0.40 19.58
CA ASP B 257 11.65 0.91 19.08
C ASP B 257 11.32 0.85 17.62
N GLY B 258 11.97 -0.07 16.91
CA GLY B 258 11.73 -0.25 15.49
C GLY B 258 11.99 -1.70 15.12
N ILE B 259 11.70 -2.04 13.86
CA ILE B 259 11.79 -3.41 13.36
C ILE B 259 12.48 -3.37 12.02
N MET B 260 13.35 -4.34 11.74
CA MET B 260 13.91 -4.37 10.41
C MET B 260 13.73 -5.73 9.76
N VAL B 261 13.14 -5.72 8.56
CA VAL B 261 12.86 -6.92 7.77
C VAL B 261 14.09 -7.24 6.91
N ALA B 262 14.81 -8.28 7.31
CA ALA B 262 15.96 -8.82 6.60
C ALA B 262 15.45 -9.90 5.65
N ARG B 263 15.07 -9.49 4.46
CA ARG B 263 14.29 -10.37 3.63
C ARG B 263 15.15 -11.48 3.07
N GLY B 264 16.43 -11.19 2.81
CA GLY B 264 17.37 -12.21 2.39
C GLY B 264 17.62 -13.23 3.49
N ASP B 265 17.87 -12.74 4.71
CA ASP B 265 17.98 -13.66 5.84
C ASP B 265 16.70 -14.49 6.01
N LEU B 266 15.51 -13.89 5.79
CA LEU B 266 14.28 -14.64 5.99
C LEU B 266 14.16 -15.70 4.92
N GLY B 267 14.61 -15.39 3.72
CA GLY B 267 14.45 -16.28 2.63
C GLY B 267 15.22 -17.58 2.76
N VAL B 268 16.03 -17.73 3.81
CA VAL B 268 16.78 -18.99 3.92
C VAL B 268 15.94 -20.06 4.59
N GLU B 269 15.09 -19.67 5.54
CA GLU B 269 14.24 -20.67 6.17
C GLU B 269 12.87 -20.78 5.51
N ILE B 270 12.32 -19.67 5.00
CA ILE B 270 10.92 -19.68 4.49
C ILE B 270 10.84 -19.35 3.00
N PRO B 271 9.90 -19.94 2.24
CA PRO B 271 9.82 -19.73 0.79
C PRO B 271 9.53 -18.27 0.43
N ALA B 272 9.92 -17.89 -0.79
CA ALA B 272 9.90 -16.49 -1.20
C ALA B 272 8.50 -15.87 -1.13
N GLU B 273 7.48 -16.56 -1.69
CA GLU B 273 6.10 -16.04 -1.61
C GLU B 273 5.73 -15.75 -0.15
N LYS B 274 6.11 -16.64 0.76
CA LYS B 274 5.94 -16.36 2.18
C LYS B 274 6.67 -15.11 2.65
N VAL B 275 7.90 -14.87 2.18
CA VAL B 275 8.61 -13.65 2.58
C VAL B 275 7.80 -12.42 2.15
N VAL B 276 7.21 -12.47 0.94
CA VAL B 276 6.37 -11.38 0.45
C VAL B 276 5.28 -11.05 1.48
N VAL B 277 4.54 -12.10 1.88
CA VAL B 277 3.45 -11.98 2.85
C VAL B 277 3.96 -11.54 4.23
N ALA B 278 5.07 -12.13 4.69
CA ALA B 278 5.67 -11.72 5.95
C ALA B 278 6.04 -10.24 5.97
N GLN B 279 6.61 -9.73 4.87
CA GLN B 279 6.96 -8.31 4.79
C GLN B 279 5.71 -7.42 4.97
N MET B 280 4.63 -7.74 4.21
CA MET B 280 3.40 -6.95 4.39
C MET B 280 2.90 -7.00 5.83
N CYS B 281 2.84 -8.20 6.41
CA CYS B 281 2.41 -8.34 7.80
C CYS B 281 3.22 -7.44 8.72
N ILE B 282 4.54 -7.48 8.63
CA ILE B 282 5.38 -6.87 9.65
C ILE B 282 5.40 -5.36 9.49
N ILE B 283 5.57 -4.90 8.24
CA ILE B 283 5.43 -3.48 7.96
C ILE B 283 4.12 -2.93 8.54
N SER B 284 2.99 -3.56 8.23
CA SER B 284 1.73 -2.96 8.67
C SER B 284 1.52 -3.09 10.18
N LYS B 285 1.96 -4.19 10.77
CA LYS B 285 1.88 -4.25 12.22
C LYS B 285 2.64 -3.07 12.82
N CYS B 286 3.80 -2.71 12.24
CA CYS B 286 4.57 -1.56 12.72
C CYS B 286 3.84 -0.25 12.45
N ASN B 287 3.29 -0.12 11.24
CA ASN B 287 2.51 1.04 10.88
C ASN B 287 1.45 1.32 11.91
N VAL B 288 0.70 0.29 12.29
CA VAL B 288 -0.31 0.49 13.31
C VAL B 288 0.36 0.87 14.62
N ALA B 289 1.40 0.13 15.00
CA ALA B 289 2.11 0.46 16.23
C ALA B 289 2.76 1.83 16.22
N GLY B 290 2.83 2.51 15.07
CA GLY B 290 3.48 3.80 15.06
C GLY B 290 4.98 3.77 15.29
N LYS B 291 5.65 2.68 14.97
CA LYS B 291 7.08 2.52 15.12
C LYS B 291 7.73 2.34 13.74
N PRO B 292 8.97 2.85 13.53
CA PRO B 292 9.64 2.75 12.21
C PRO B 292 9.93 1.32 11.78
N VAL B 293 9.77 1.06 10.49
CA VAL B 293 10.09 -0.23 9.94
C VAL B 293 11.00 -0.01 8.72
N ILE B 294 12.05 -0.83 8.60
CA ILE B 294 13.06 -0.71 7.56
C ILE B 294 13.15 -2.01 6.77
N CYS B 295 13.34 -1.92 5.44
CA CYS B 295 13.63 -3.05 4.56
C CYS B 295 15.11 -3.01 4.16
N ALA B 296 15.77 -4.19 4.14
CA ALA B 296 17.23 -4.31 4.36
C ALA B 296 18.03 -4.98 3.23
N THR B 297 17.76 -6.21 2.95
CA THR B 297 18.70 -6.92 2.12
C THR B 297 18.13 -6.88 0.71
N GLN B 298 18.85 -7.47 -0.24
CA GLN B 298 18.42 -7.57 -1.63
C GLN B 298 17.71 -6.31 -2.14
N MET B 299 18.39 -5.16 -2.06
CA MET B 299 17.67 -3.97 -2.54
C MET B 299 17.87 -3.49 -3.96
N LEU B 300 19.07 -3.01 -4.25
CA LEU B 300 19.50 -2.73 -5.61
C LEU B 300 20.84 -3.40 -5.85
N GLU B 301 20.93 -4.70 -5.48
CA GLU B 301 22.23 -5.35 -5.35
C GLU B 301 23.01 -5.34 -6.65
N SER B 302 22.32 -5.52 -7.77
CA SER B 302 23.02 -5.50 -9.06
C SER B 302 23.65 -4.13 -9.33
N MET B 303 23.09 -3.07 -8.75
CA MET B 303 23.74 -1.76 -8.97
C MET B 303 25.10 -1.72 -8.28
N THR B 304 25.42 -2.70 -7.41
CA THR B 304 26.79 -2.71 -6.87
C THR B 304 27.84 -2.66 -7.98
N THR B 305 27.59 -3.29 -9.13
CA THR B 305 28.61 -3.33 -10.20
C THR B 305 28.12 -2.85 -11.55
N ASN B 306 26.80 -2.72 -11.78
CA ASN B 306 26.31 -2.17 -13.04
C ASN B 306 25.74 -0.77 -12.85
N PRO B 307 25.77 0.10 -13.87
CA PRO B 307 25.30 1.49 -13.65
C PRO B 307 23.78 1.66 -13.54
N ARG B 308 22.97 0.61 -13.69
CA ARG B 308 21.52 0.70 -13.58
C ARG B 308 21.05 -0.65 -13.06
N PRO B 309 19.98 -0.72 -12.25
CA PRO B 309 19.49 -2.04 -11.81
C PRO B 309 18.45 -2.64 -12.73
N THR B 310 17.96 -3.80 -12.34
CA THR B 310 16.93 -4.44 -13.13
C THR B 310 15.55 -3.91 -12.73
N ARG B 311 14.61 -4.02 -13.66
CA ARG B 311 13.26 -3.55 -13.38
C ARG B 311 12.63 -4.31 -12.23
N ALA B 312 12.91 -5.60 -12.09
CA ALA B 312 12.37 -6.38 -10.97
C ALA B 312 12.86 -5.84 -9.65
N GLU B 313 14.15 -5.58 -9.53
CA GLU B 313 14.70 -4.92 -8.35
C GLU B 313 13.97 -3.62 -8.03
N VAL B 314 13.72 -2.81 -9.07
CA VAL B 314 13.11 -1.49 -8.84
C VAL B 314 11.71 -1.65 -8.30
N THR B 315 10.92 -2.56 -8.90
CA THR B 315 9.59 -2.75 -8.34
C THR B 315 9.68 -3.35 -6.95
N ASP B 316 10.70 -4.15 -6.66
CA ASP B 316 10.80 -4.63 -5.28
C ASP B 316 10.94 -3.46 -4.30
N VAL B 317 11.77 -2.47 -4.63
CA VAL B 317 11.90 -1.28 -3.76
C VAL B 317 10.58 -0.53 -3.69
N ALA B 318 9.94 -0.29 -4.85
CA ALA B 318 8.67 0.43 -4.89
C ALA B 318 7.64 -0.29 -4.07
N ASN B 319 7.69 -1.60 -4.10
CA ASN B 319 6.74 -2.39 -3.37
C ASN B 319 7.02 -2.36 -1.89
N ALA B 320 8.25 -2.13 -1.48
CA ALA B 320 8.41 -1.85 -0.08
C ALA B 320 7.72 -0.55 0.27
N VAL B 321 7.89 0.47 -0.56
CA VAL B 321 7.30 1.75 -0.21
C VAL B 321 5.78 1.66 -0.16
N PHE B 322 5.17 1.04 -1.15
CA PHE B 322 3.72 0.87 -1.14
C PHE B 322 3.29 0.07 0.08
N ASN B 323 4.06 -0.95 0.42
CA ASN B 323 3.69 -1.83 1.56
C ASN B 323 3.61 -1.01 2.86
N GLY B 324 4.24 0.16 2.90
CA GLY B 324 4.21 1.01 4.08
C GLY B 324 5.52 1.28 4.80
N ALA B 325 6.67 0.92 4.22
CA ALA B 325 7.89 0.97 5.01
C ALA B 325 8.36 2.41 5.17
N ASP B 326 8.90 2.72 6.35
CA ASP B 326 9.41 4.06 6.60
C ASP B 326 10.67 4.28 5.81
N CYS B 327 11.59 3.31 5.87
CA CYS B 327 12.92 3.41 5.34
C CYS B 327 13.31 2.18 4.54
N VAL B 328 14.15 2.42 3.55
CA VAL B 328 14.90 1.41 2.82
C VAL B 328 16.38 1.51 3.18
N MET B 329 17.07 0.37 3.17
CA MET B 329 18.49 0.33 3.55
C MET B 329 19.36 -0.29 2.47
N LEU B 330 20.44 0.39 2.11
CA LEU B 330 21.43 -0.15 1.20
C LEU B 330 22.51 -0.90 1.98
N SER B 331 23.07 -1.92 1.37
CA SER B 331 24.09 -2.69 2.06
C SER B 331 25.50 -2.76 1.44
N GLY B 332 25.71 -3.66 0.49
CA GLY B 332 26.91 -3.60 -0.33
C GLY B 332 26.90 -2.47 -1.35
N GLU B 333 25.71 -2.04 -1.75
CA GLU B 333 25.61 -0.98 -2.76
C GLU B 333 26.44 0.24 -2.37
N THR B 334 26.37 0.65 -1.12
CA THR B 334 27.12 1.82 -0.72
C THR B 334 28.44 1.51 -0.06
N ALA B 335 28.62 0.30 0.46
CA ALA B 335 29.88 -0.03 1.13
C ALA B 335 30.98 -0.46 0.16
N LYS B 336 30.73 -1.49 -0.66
CA LYS B 336 31.73 -2.00 -1.59
C LYS B 336 31.49 -1.52 -3.00
N GLY B 337 30.42 -0.76 -3.24
CA GLY B 337 29.89 -0.68 -4.58
C GLY B 337 30.63 0.32 -5.44
N LYS B 338 30.47 0.17 -6.75
CA LYS B 338 31.16 1.03 -7.69
C LYS B 338 30.40 2.33 -8.00
N TYR B 339 29.14 2.49 -7.53
CA TYR B 339 28.31 3.65 -7.85
C TYR B 339 27.51 4.13 -6.64
N PRO B 340 28.17 4.44 -5.53
CA PRO B 340 27.37 4.71 -4.32
C PRO B 340 26.43 5.88 -4.48
N ASN B 341 26.89 6.95 -5.12
CA ASN B 341 26.05 8.16 -5.26
C ASN B 341 24.87 7.94 -6.19
N GLU B 342 25.07 7.25 -7.31
CA GLU B 342 23.95 7.04 -8.23
C GLU B 342 22.89 6.12 -7.62
N VAL B 343 23.28 5.16 -6.78
CA VAL B 343 22.29 4.25 -6.21
C VAL B 343 21.48 4.96 -5.15
N VAL B 344 22.12 5.81 -4.34
CA VAL B 344 21.29 6.60 -3.41
C VAL B 344 20.31 7.47 -4.18
N GLN B 345 20.77 8.15 -5.24
CA GLN B 345 19.86 8.93 -6.06
C GLN B 345 18.75 8.08 -6.64
N TYR B 346 19.07 6.86 -7.10
CA TYR B 346 18.05 5.96 -7.60
C TYR B 346 17.01 5.67 -6.52
N MET B 347 17.46 5.39 -5.30
CA MET B 347 16.51 5.19 -4.24
C MET B 347 15.61 6.39 -4.08
N VAL B 348 16.16 7.60 -4.24
CA VAL B 348 15.35 8.80 -4.07
C VAL B 348 14.29 8.90 -5.16
N ARG B 349 14.68 8.66 -6.41
CA ARG B 349 13.66 8.69 -7.47
C ARG B 349 12.56 7.63 -7.26
N ILE B 350 12.92 6.42 -6.83
CA ILE B 350 11.90 5.39 -6.65
C ILE B 350 10.99 5.76 -5.52
N CYS B 351 11.57 6.18 -4.40
CA CYS B 351 10.75 6.61 -3.26
C CYS B 351 9.74 7.66 -3.69
N ILE B 352 10.21 8.68 -4.42
CA ILE B 352 9.27 9.73 -4.82
C ILE B 352 8.19 9.17 -5.75
N GLU B 353 8.55 8.32 -6.70
CA GLU B 353 7.54 7.88 -7.66
C GLU B 353 6.49 7.02 -6.99
N ALA B 354 6.92 6.09 -6.14
CA ALA B 354 5.99 5.30 -5.37
C ALA B 354 5.10 6.18 -4.49
N GLN B 355 5.71 7.15 -3.82
CA GLN B 355 4.95 8.05 -2.92
C GLN B 355 3.88 8.77 -3.74
N SER B 356 4.25 9.28 -4.90
CA SER B 356 3.29 9.97 -5.74
C SER B 356 2.25 9.03 -6.33
N ALA B 357 2.53 7.74 -6.38
CA ALA B 357 1.57 6.79 -6.91
C ALA B 357 0.63 6.24 -5.86
N THR B 358 1.02 6.29 -4.60
CA THR B 358 0.14 5.94 -3.51
C THR B 358 -0.96 6.99 -3.34
N HIS B 359 -2.13 6.53 -2.89
CA HIS B 359 -3.28 7.38 -2.65
C HIS B 359 -3.08 8.03 -1.29
N ASP B 360 -3.16 9.37 -1.23
CA ASP B 360 -2.77 10.11 -0.01
C ASP B 360 -3.60 9.84 1.25
N SER B 361 -4.87 9.45 1.12
CA SER B 361 -5.73 9.39 2.29
C SER B 361 -5.93 7.98 2.83
N VAL B 362 -5.69 6.92 2.02
CA VAL B 362 -6.00 5.55 2.44
C VAL B 362 -5.35 5.23 3.78
N MET B 363 -4.05 5.48 3.89
CA MET B 363 -3.37 5.17 5.15
C MET B 363 -4.06 5.83 6.33
N PHE B 364 -4.25 7.14 6.23
CA PHE B 364 -4.86 7.90 7.31
C PHE B 364 -6.20 7.30 7.71
N ASN B 365 -7.10 7.13 6.74
CA ASN B 365 -8.42 6.56 7.00
C ASN B 365 -8.33 5.19 7.65
N SER B 366 -7.39 4.35 7.18
CA SER B 366 -7.20 3.03 7.75
C SER B 366 -6.73 3.10 9.19
N ILE B 367 -5.70 3.88 9.43
CA ILE B 367 -5.18 3.95 10.78
C ILE B 367 -6.23 4.53 11.73
N LYS B 368 -6.90 5.60 11.31
CA LYS B 368 -7.90 6.24 12.16
C LYS B 368 -9.06 5.29 12.51
N ASN B 369 -9.66 4.65 11.51
CA ASN B 369 -10.77 3.74 11.77
C ASN B 369 -10.36 2.55 12.61
N LEU B 370 -9.08 2.30 12.78
CA LEU B 370 -8.68 1.23 13.66
C LEU B 370 -8.61 1.65 15.11
N GLN B 371 -8.93 2.92 15.43
CA GLN B 371 -8.77 3.47 16.77
C GLN B 371 -10.06 3.31 17.59
N LYS B 372 -9.94 3.32 18.92
CA LYS B 372 -11.10 3.05 19.77
C LYS B 372 -11.75 4.37 20.18
N ILE B 373 -13.03 4.29 20.50
CA ILE B 373 -13.93 5.42 20.28
C ILE B 373 -13.76 6.52 21.31
N PRO B 374 -13.47 6.24 22.58
CA PRO B 374 -12.87 7.34 23.35
C PRO B 374 -11.36 7.25 23.04
N MET B 375 -10.92 8.16 22.19
CA MET B 375 -9.51 8.34 21.93
C MET B 375 -8.86 9.07 23.09
N SER B 376 -7.60 8.85 23.25
CA SER B 376 -6.96 9.62 24.30
C SER B 376 -6.60 11.00 23.76
N PRO B 377 -6.57 12.02 24.62
CA PRO B 377 -6.24 13.37 24.14
C PRO B 377 -4.93 13.46 23.34
N GLU B 378 -3.85 12.77 23.74
CA GLU B 378 -2.65 12.77 22.90
C GLU B 378 -2.96 12.25 21.50
N GLU B 379 -3.48 11.02 21.41
CA GLU B 379 -3.76 10.45 20.10
C GLU B 379 -4.68 11.36 19.31
N ALA B 380 -5.67 11.95 19.99
CA ALA B 380 -6.65 12.80 19.33
C ALA B 380 -5.99 14.03 18.72
N VAL B 381 -5.15 14.73 19.48
CA VAL B 381 -4.49 15.91 18.92
C VAL B 381 -3.69 15.53 17.68
N CYS B 382 -2.99 14.39 17.73
CA CYS B 382 -2.15 14.00 16.59
C CYS B 382 -2.98 13.69 15.35
N SER B 383 -3.95 12.79 15.51
CA SER B 383 -4.77 12.44 14.35
C SER B 383 -5.43 13.66 13.81
N SER B 384 -6.02 14.49 14.68
CA SER B 384 -6.78 15.60 14.15
C SER B 384 -5.87 16.60 13.50
N ALA B 385 -4.61 16.73 13.93
CA ALA B 385 -3.70 17.60 13.18
C ALA B 385 -3.60 17.11 11.74
N VAL B 386 -3.29 15.82 11.55
CA VAL B 386 -3.17 15.31 10.19
C VAL B 386 -4.47 15.51 9.42
N SER B 387 -5.58 15.15 10.06
CA SER B 387 -6.90 15.37 9.50
C SER B 387 -7.09 16.83 9.05
N SER B 388 -6.80 17.80 9.96
CA SER B 388 -6.91 19.23 9.67
C SER B 388 -6.05 19.61 8.47
N ALA B 389 -4.83 19.04 8.41
CA ALA B 389 -3.92 19.26 7.29
C ALA B 389 -4.57 18.84 5.98
N PHE B 390 -5.19 17.66 5.97
CA PHE B 390 -5.90 17.25 4.75
C PHE B 390 -7.04 18.23 4.43
N GLU B 391 -7.89 18.53 5.41
CA GLU B 391 -9.08 19.35 5.15
C GLU B 391 -8.71 20.76 4.68
N VAL B 392 -7.58 21.28 5.16
CA VAL B 392 -7.17 22.62 4.73
C VAL B 392 -6.01 22.60 3.72
N GLN B 393 -5.55 21.41 3.27
CA GLN B 393 -4.47 21.29 2.26
C GLN B 393 -3.20 21.98 2.72
N ALA B 394 -2.89 21.87 4.00
CA ALA B 394 -1.68 22.46 4.51
C ALA B 394 -0.50 21.87 3.78
N LYS B 395 0.55 22.65 3.64
CA LYS B 395 1.77 22.19 3.01
C LYS B 395 2.83 21.87 4.06
N ALA B 396 2.49 21.98 5.34
CA ALA B 396 3.46 21.60 6.35
C ALA B 396 2.75 21.39 7.69
N ILE B 397 3.36 20.54 8.50
CA ILE B 397 2.97 20.32 9.88
C ILE B 397 4.23 20.53 10.69
N LEU B 398 4.21 21.54 11.54
CA LEU B 398 5.32 21.86 12.42
C LEU B 398 4.90 21.37 13.80
N VAL B 399 5.67 20.45 14.36
CA VAL B 399 5.41 19.89 15.67
C VAL B 399 6.62 20.23 16.56
N LEU B 400 6.33 20.62 17.81
CA LEU B 400 7.34 20.99 18.81
C LEU B 400 7.45 19.86 19.84
N SER B 401 8.25 18.84 19.52
CA SER B 401 8.57 17.75 20.45
C SER B 401 10.02 17.83 20.87
N ASN B 402 10.31 17.49 22.13
CA ASN B 402 11.70 17.38 22.50
C ASN B 402 12.21 15.97 22.35
N THR B 403 11.36 15.02 22.69
CA THR B 403 11.73 13.62 22.56
C THR B 403 11.36 13.08 21.21
N GLY B 404 10.57 13.83 20.43
CA GLY B 404 10.14 13.34 19.13
C GLY B 404 8.93 12.44 19.14
N ARG B 405 8.42 12.05 20.34
CA ARG B 405 7.21 11.23 20.45
C ARG B 405 6.09 11.73 19.55
N SER B 406 5.78 13.02 19.67
CA SER B 406 4.73 13.62 18.87
C SER B 406 4.98 13.43 17.39
N ALA B 407 6.24 13.61 16.95
CA ALA B 407 6.56 13.49 15.55
C ALA B 407 6.30 12.07 15.04
N ARG B 408 6.68 11.07 15.83
CA ARG B 408 6.34 9.70 15.49
C ARG B 408 4.83 9.50 15.42
N LEU B 409 4.09 10.07 16.37
CA LEU B 409 2.64 9.87 16.38
C LEU B 409 1.97 10.55 15.20
N ILE B 410 2.31 11.81 14.89
CA ILE B 410 1.80 12.44 13.67
C ILE B 410 2.18 11.58 12.45
N SER B 411 3.41 11.05 12.42
CA SER B 411 3.82 10.27 11.27
C SER B 411 2.97 9.03 11.10
N LYS B 412 2.61 8.39 12.22
CA LYS B 412 1.79 7.18 12.14
C LYS B 412 0.55 7.40 11.30
N TYR B 413 -0.06 8.59 11.37
CA TYR B 413 -1.25 8.92 10.57
C TYR B 413 -0.94 9.36 9.16
N ARG B 414 0.31 9.28 8.70
CA ARG B 414 0.70 9.44 7.29
C ARG B 414 0.03 10.61 6.59
N PRO B 415 0.42 11.83 6.90
CA PRO B 415 -0.17 12.98 6.22
C PRO B 415 0.47 13.19 4.86
N ASN B 416 -0.17 14.07 4.10
CA ASN B 416 0.16 14.46 2.73
C ASN B 416 1.43 15.30 2.55
N CYS B 417 1.97 15.90 3.61
CA CYS B 417 2.95 16.97 3.51
C CYS B 417 4.10 16.73 4.49
N PRO B 418 5.19 17.46 4.34
CA PRO B 418 6.30 17.28 5.29
C PRO B 418 5.90 17.64 6.71
N ILE B 419 6.54 16.93 7.66
CA ILE B 419 6.46 17.18 9.10
C ILE B 419 7.81 17.74 9.53
N ILE B 420 7.83 19.02 9.93
CA ILE B 420 8.99 19.66 10.50
C ILE B 420 8.94 19.53 12.01
N CYS B 421 9.95 18.93 12.61
CA CYS B 421 9.99 18.83 14.05
C CYS B 421 10.98 19.86 14.58
N ALA B 422 10.50 20.80 15.39
CA ALA B 422 11.39 21.75 16.03
C ALA B 422 11.76 21.18 17.39
N THR B 423 12.99 20.66 17.53
CA THR B 423 13.37 20.08 18.81
C THR B 423 14.59 20.80 19.38
N THR B 424 14.77 20.61 20.70
CA THR B 424 15.87 21.19 21.43
C THR B 424 16.94 20.17 21.81
N ARG B 425 16.67 18.88 21.63
CA ARG B 425 17.63 17.80 21.91
C ARG B 425 18.18 17.32 20.57
N LEU B 426 19.51 17.33 20.44
CA LEU B 426 20.12 17.02 19.14
C LEU B 426 19.99 15.54 18.78
N LEU B 427 20.02 14.66 19.79
CA LEU B 427 19.81 13.24 19.55
C LEU B 427 18.44 13.00 18.95
N THR B 428 17.47 13.85 19.26
CA THR B 428 16.18 13.69 18.59
C THR B 428 16.29 14.08 17.12
N CYS B 429 16.99 15.17 16.81
CA CYS B 429 17.26 15.46 15.41
C CYS B 429 17.80 14.24 14.72
N ARG B 430 18.71 13.52 15.38
CA ARG B 430 19.36 12.43 14.66
C ARG B 430 18.47 11.21 14.56
N GLN B 431 17.76 10.86 15.64
CA GLN B 431 16.89 9.68 15.64
C GLN B 431 15.68 9.86 14.73
N LEU B 432 15.24 11.11 14.52
CA LEU B 432 14.06 11.27 13.70
C LEU B 432 14.31 11.02 12.23
N ASN B 433 15.56 10.79 11.81
CA ASN B 433 15.83 10.56 10.41
C ASN B 433 15.29 9.24 9.96
N VAL B 434 14.71 8.47 10.88
CA VAL B 434 14.30 7.11 10.56
C VAL B 434 12.78 6.99 10.57
N THR B 435 12.10 8.13 10.69
CA THR B 435 10.61 8.15 10.67
C THR B 435 10.17 8.83 9.37
N ARG B 436 9.06 8.38 8.80
CA ARG B 436 8.65 8.88 7.50
C ARG B 436 8.06 10.29 7.58
N SER B 437 8.51 11.15 6.67
CA SER B 437 8.08 12.52 6.40
C SER B 437 8.63 13.56 7.40
N VAL B 438 9.43 13.14 8.33
CA VAL B 438 9.91 14.08 9.34
C VAL B 438 11.28 14.65 8.96
N GLU B 439 11.50 15.89 9.40
CA GLU B 439 12.66 16.72 9.08
C GLU B 439 12.85 17.59 10.30
N SER B 440 13.93 17.41 11.04
CA SER B 440 14.07 18.15 12.28
C SER B 440 14.84 19.44 12.07
N VAL B 441 14.41 20.48 12.75
CA VAL B 441 15.12 21.72 12.86
C VAL B 441 15.56 21.88 14.31
N TYR B 442 16.83 22.25 14.51
CA TYR B 442 17.41 22.34 15.85
C TYR B 442 17.41 23.77 16.39
N TYR B 443 16.98 23.91 17.65
CA TYR B 443 16.96 25.18 18.37
C TYR B 443 17.85 25.05 19.60
N ASP B 444 18.99 25.74 19.60
CA ASP B 444 19.92 25.66 20.72
C ASP B 444 19.37 26.47 21.89
N VAL B 445 18.86 25.78 22.93
CA VAL B 445 18.27 26.49 24.06
C VAL B 445 19.30 27.29 24.86
N ASP B 446 20.57 26.87 24.85
CA ASP B 446 21.61 27.64 25.55
C ASP B 446 22.07 28.83 24.72
N ALA B 447 22.45 28.57 23.47
CA ALA B 447 22.90 29.68 22.65
C ALA B 447 21.77 30.66 22.35
N HIS B 448 20.48 30.28 22.42
CA HIS B 448 19.52 31.36 22.12
C HIS B 448 18.57 31.37 23.31
N GLY B 449 17.95 32.52 23.54
CA GLY B 449 17.21 32.65 24.77
C GLY B 449 16.22 31.54 24.94
N GLU B 450 16.00 31.07 26.17
CA GLU B 450 15.01 30.02 26.38
C GLU B 450 13.68 30.42 25.75
N ASP B 451 13.17 29.58 24.84
CA ASP B 451 11.92 29.85 24.14
C ASP B 451 10.75 29.36 25.01
N ASN B 452 10.66 29.96 26.19
CA ASN B 452 9.58 29.67 27.11
C ASN B 452 8.21 29.95 26.48
N ASP B 453 8.12 30.98 25.65
CA ASP B 453 6.85 31.34 25.04
C ASP B 453 6.31 30.26 24.11
N ARG B 454 7.17 29.33 23.70
CA ARG B 454 7.15 28.47 22.52
C ARG B 454 7.11 29.06 21.11
N GLU B 455 7.42 30.37 20.98
CA GLU B 455 7.15 31.21 19.82
C GLU B 455 8.33 31.38 18.87
N LYS B 456 9.57 31.31 19.37
CA LYS B 456 10.72 31.43 18.47
C LYS B 456 10.98 30.11 17.74
N ARG B 457 10.84 28.98 18.45
CA ARG B 457 10.88 27.68 17.77
C ARG B 457 9.89 27.63 16.62
N VAL B 458 8.65 28.09 16.85
CA VAL B 458 7.66 28.10 15.77
C VAL B 458 8.19 28.86 14.57
N GLN B 459 8.64 30.09 14.80
CA GLN B 459 9.19 30.89 13.72
C GLN B 459 10.34 30.15 13.03
N LEU B 460 11.27 29.61 13.81
CA LEU B 460 12.35 28.81 13.24
C LEU B 460 11.80 27.78 12.25
N GLY B 461 10.79 27.04 12.69
CA GLY B 461 10.17 26.04 11.81
C GLY B 461 9.63 26.63 10.53
N VAL B 462 8.84 27.69 10.65
CA VAL B 462 8.25 28.33 9.47
C VAL B 462 9.35 28.80 8.52
N ASP B 463 10.42 29.38 9.05
CA ASP B 463 11.51 29.80 8.18
C ASP B 463 12.12 28.60 7.47
N TRP B 464 12.39 27.50 8.22
CA TRP B 464 12.88 26.30 7.57
C TRP B 464 11.98 25.88 6.42
N ALA B 465 10.67 25.72 6.70
CA ALA B 465 9.72 25.33 5.65
C ALA B 465 9.75 26.31 4.49
N LYS B 466 9.93 27.59 4.77
CA LYS B 466 9.96 28.58 3.69
C LYS B 466 11.14 28.31 2.77
N THR B 467 12.36 28.22 3.33
CA THR B 467 13.57 28.06 2.51
C THR B 467 13.62 26.71 1.78
N LYS B 468 13.39 25.60 2.50
CA LYS B 468 13.40 24.29 1.87
C LYS B 468 12.58 24.38 0.52
N GLY B 469 11.52 25.20 0.46
CA GLY B 469 10.58 25.22 -0.64
C GLY B 469 9.21 24.66 -0.38
N TYR B 470 8.91 24.23 0.85
CA TYR B 470 7.64 23.56 1.12
C TYR B 470 6.48 24.55 1.10
N VAL B 471 6.63 25.66 1.79
CA VAL B 471 5.54 26.59 2.08
C VAL B 471 5.88 27.95 1.51
N SER B 472 4.86 28.65 1.02
CA SER B 472 5.06 29.95 0.41
C SER B 472 4.00 30.89 0.97
N ALA B 473 4.35 32.16 1.07
CA ALA B 473 3.45 33.16 1.63
C ALA B 473 2.04 32.97 1.07
N GLY B 474 1.05 32.83 1.98
CA GLY B 474 -0.33 32.57 1.64
C GLY B 474 -0.79 31.16 1.99
N ASP B 475 0.15 30.20 2.08
CA ASP B 475 -0.14 28.82 2.39
C ASP B 475 -0.42 28.62 3.88
N VAL B 476 -1.23 27.60 4.20
CA VAL B 476 -1.54 27.23 5.56
C VAL B 476 -0.59 26.12 6.05
N MET B 477 -0.44 26.05 7.37
CA MET B 477 0.44 25.10 8.04
C MET B 477 -0.23 24.73 9.35
N VAL B 478 0.05 23.53 9.84
CA VAL B 478 -0.53 23.05 11.09
C VAL B 478 0.59 23.07 12.12
N ILE B 479 0.35 23.70 13.26
CA ILE B 479 1.34 23.89 14.30
C ILE B 479 0.83 23.06 15.48
N VAL B 480 1.70 22.27 16.08
CA VAL B 480 1.28 21.36 17.14
C VAL B 480 2.31 21.39 18.25
N HIS B 481 1.89 21.76 19.45
CA HIS B 481 2.86 21.83 20.54
C HIS B 481 2.16 21.60 21.87
N ALA B 482 2.83 22.01 22.96
CA ALA B 482 2.26 21.99 24.30
C ALA B 482 2.20 23.39 24.91
N ASP B 483 1.22 23.58 25.82
CA ASP B 483 0.87 24.85 26.45
C ASP B 483 1.71 25.13 27.68
N HIS B 484 1.60 26.38 28.16
CA HIS B 484 2.43 26.82 29.28
C HIS B 484 2.33 25.85 30.46
N SER B 485 1.14 25.26 30.68
CA SER B 485 0.95 24.23 31.70
C SER B 485 0.26 22.86 31.70
N VAL B 486 0.97 21.86 31.19
CA VAL B 486 0.45 20.54 30.83
C VAL B 486 1.64 19.68 31.31
N LYS B 487 1.61 18.36 31.11
CA LYS B 487 2.42 17.38 31.84
C LYS B 487 3.43 16.67 30.94
N GLY B 488 3.97 17.35 29.91
CA GLY B 488 5.08 16.85 29.10
C GLY B 488 4.70 16.11 27.83
N TYR B 489 3.75 16.64 27.06
CA TYR B 489 3.25 16.05 25.83
C TYR B 489 2.49 17.13 25.07
N PRO B 490 2.35 17.02 23.75
CA PRO B 490 1.64 18.08 23.01
C PRO B 490 0.14 17.96 23.22
N ASN B 491 -0.53 19.12 23.37
CA ASN B 491 -1.97 19.12 23.59
C ASN B 491 -2.69 20.26 22.86
N GLN B 492 -1.98 21.16 22.20
CA GLN B 492 -2.69 22.19 21.46
C GLN B 492 -2.21 22.26 20.02
N THR B 493 -3.06 22.83 19.18
CA THR B 493 -2.81 22.86 17.75
C THR B 493 -3.35 24.17 17.19
N ARG B 494 -2.51 24.83 16.39
CA ARG B 494 -2.76 26.12 15.77
C ARG B 494 -2.72 25.96 14.26
N LEU B 495 -3.48 26.77 13.55
CA LEU B 495 -3.53 26.76 12.08
C LEU B 495 -3.11 28.12 11.59
N VAL B 496 -2.04 28.18 10.81
CA VAL B 496 -1.33 29.43 10.51
C VAL B 496 -1.27 29.65 9.01
N ARG B 497 -1.50 30.88 8.59
CA ARG B 497 -1.28 31.28 7.21
C ARG B 497 0.07 31.99 7.13
N VAL B 498 0.99 31.45 6.31
CA VAL B 498 2.33 32.01 6.28
C VAL B 498 2.26 33.34 5.54
N ARG B 499 2.97 34.32 6.07
CA ARG B 499 2.91 35.68 5.55
C ARG B 499 4.31 36.06 5.08
N GLU B 500 4.37 37.07 4.20
CA GLU B 500 5.64 37.62 3.72
C GLU B 500 6.48 38.14 4.90
N ASN B 501 7.61 37.49 5.15
CA ASN B 501 8.50 37.89 6.23
C ASN B 501 9.95 37.50 5.92
N SER C 2 -28.14 12.40 2.22
CA SER C 2 -28.47 13.09 3.48
C SER C 2 -29.74 14.01 3.57
N GLN C 3 -30.57 13.84 4.61
CA GLN C 3 -31.77 14.68 4.73
C GLN C 3 -31.44 16.17 4.70
N LEU C 4 -30.40 16.62 5.41
CA LEU C 4 -29.98 18.01 5.30
C LEU C 4 -29.82 18.47 3.84
N GLN C 5 -28.97 17.76 3.11
CA GLN C 5 -28.75 18.02 1.72
C GLN C 5 -30.06 18.01 0.92
N HIS C 6 -30.94 17.04 1.20
CA HIS C 6 -32.26 17.04 0.57
C HIS C 6 -33.05 18.30 0.91
N ASN C 7 -33.11 18.65 2.21
CA ASN C 7 -33.93 19.74 2.72
C ASN C 7 -33.62 21.04 2.04
N ILE C 8 -32.32 21.35 1.94
CA ILE C 8 -31.94 22.64 1.39
C ILE C 8 -32.19 22.71 -0.09
N GLY C 9 -32.48 21.58 -0.73
CA GLY C 9 -32.87 21.62 -2.12
C GLY C 9 -34.34 21.64 -2.39
N LEU C 10 -35.18 21.65 -1.36
CA LEU C 10 -36.63 21.60 -1.55
C LEU C 10 -37.19 22.91 -2.08
N SER C 11 -38.22 22.82 -2.91
CA SER C 11 -38.92 24.00 -3.39
C SER C 11 -40.41 23.84 -3.21
N ILE C 12 -41.07 24.89 -2.68
CA ILE C 12 -42.53 24.91 -2.46
C ILE C 12 -43.28 25.13 -3.76
N PHE C 13 -42.62 25.66 -4.77
CA PHE C 13 -43.19 25.99 -6.07
C PHE C 13 -43.04 24.86 -7.09
N GLU C 14 -42.35 23.81 -6.73
CA GLU C 14 -42.29 22.77 -7.74
C GLU C 14 -43.44 21.78 -7.53
N PRO C 15 -44.12 21.32 -8.59
CA PRO C 15 -45.16 20.33 -8.40
C PRO C 15 -44.50 19.02 -8.01
N VAL C 16 -45.12 18.31 -7.11
CA VAL C 16 -44.53 17.04 -6.69
C VAL C 16 -44.95 15.96 -7.67
N ALA C 17 -44.08 14.98 -7.79
CA ALA C 17 -44.31 13.90 -8.72
C ALA C 17 -43.79 12.68 -7.97
N LYS C 18 -44.57 12.22 -7.04
CA LYS C 18 -44.32 10.98 -6.34
C LYS C 18 -45.61 10.20 -6.45
N HIS C 19 -45.55 8.90 -6.34
CA HIS C 19 -46.76 8.11 -6.26
C HIS C 19 -47.00 7.83 -4.79
N ARG C 20 -48.21 8.16 -4.32
CA ARG C 20 -48.51 8.01 -2.90
C ARG C 20 -48.21 6.60 -2.44
N ALA C 21 -47.35 6.46 -1.44
CA ALA C 21 -46.96 5.16 -0.92
C ALA C 21 -47.64 4.80 0.40
N ASN C 22 -47.86 5.77 1.30
CA ASN C 22 -48.60 5.42 2.51
C ASN C 22 -50.07 5.21 2.19
N ARG C 23 -50.72 4.54 3.11
CA ARG C 23 -52.07 4.05 2.89
C ARG C 23 -53.00 4.67 3.92
N ILE C 24 -54.28 4.83 3.54
CA ILE C 24 -55.27 5.50 4.39
C ILE C 24 -56.37 4.54 4.81
N ILE C 25 -56.59 4.44 6.11
CA ILE C 25 -57.73 3.70 6.67
C ILE C 25 -58.83 4.68 7.10
N CYS C 26 -60.05 4.43 6.64
CA CYS C 26 -61.21 5.25 7.02
C CYS C 26 -62.15 4.42 7.87
N THR C 27 -62.64 4.98 8.99
CA THR C 27 -63.71 4.28 9.71
C THR C 27 -65.07 4.66 9.11
N ILE C 28 -66.00 3.74 9.17
CA ILE C 28 -67.26 3.93 8.49
C ILE C 28 -68.33 4.24 9.54
N GLY C 29 -69.19 5.21 9.23
CA GLY C 29 -70.28 5.58 10.08
C GLY C 29 -71.39 6.29 9.34
N PRO C 30 -72.20 7.04 10.09
CA PRO C 30 -73.32 7.78 9.48
C PRO C 30 -73.00 8.60 8.23
N SER C 31 -71.84 9.27 8.10
CA SER C 31 -71.65 10.12 6.92
C SER C 31 -71.29 9.35 5.65
N THR C 32 -71.01 8.03 5.74
CA THR C 32 -70.28 7.31 4.69
C THR C 32 -70.74 5.87 4.46
N GLN C 33 -71.70 5.37 5.24
CA GLN C 33 -72.07 3.97 5.13
C GLN C 33 -72.82 3.66 3.84
N SER C 34 -73.38 4.67 3.19
CA SER C 34 -74.00 4.48 1.89
C SER C 34 -72.99 3.97 0.87
N VAL C 35 -73.45 3.10 -0.04
CA VAL C 35 -72.61 2.61 -1.13
C VAL C 35 -72.03 3.79 -1.94
N GLU C 36 -72.85 4.82 -2.24
CA GLU C 36 -72.32 5.97 -2.97
C GLU C 36 -71.26 6.70 -2.18
N ALA C 37 -71.50 6.88 -0.87
CA ALA C 37 -70.49 7.52 -0.05
C ALA C 37 -69.17 6.75 -0.09
N LEU C 38 -69.28 5.43 0.00
CA LEU C 38 -68.11 4.58 0.00
C LEU C 38 -67.36 4.69 -1.31
N LYS C 39 -68.07 4.68 -2.43
CA LYS C 39 -67.35 4.81 -3.69
C LYS C 39 -66.53 6.09 -3.69
N GLY C 40 -67.10 7.16 -3.15
CA GLY C 40 -66.37 8.42 -3.08
C GLY C 40 -65.16 8.37 -2.17
N LEU C 41 -65.26 7.68 -1.04
CA LEU C 41 -64.08 7.49 -0.21
C LEU C 41 -63.02 6.66 -0.90
N MET C 42 -63.43 5.62 -1.65
CA MET C 42 -62.48 4.79 -2.37
C MET C 42 -61.79 5.62 -3.46
N LYS C 43 -62.57 6.27 -4.35
CA LYS C 43 -61.96 7.21 -5.29
C LYS C 43 -61.04 8.19 -4.57
N SER C 44 -61.43 8.61 -3.35
CA SER C 44 -60.64 9.61 -2.65
C SER C 44 -59.36 9.06 -2.06
N GLY C 45 -59.23 7.73 -1.94
CA GLY C 45 -58.02 7.15 -1.46
C GLY C 45 -58.15 6.28 -0.23
N MET C 46 -59.31 5.69 0.05
CA MET C 46 -59.39 4.73 1.15
C MET C 46 -58.86 3.39 0.70
N SER C 47 -58.13 2.72 1.61
CA SER C 47 -57.61 1.39 1.38
C SER C 47 -58.19 0.36 2.31
N VAL C 48 -58.48 0.73 3.54
CA VAL C 48 -59.13 -0.16 4.46
C VAL C 48 -60.29 0.57 5.08
N ALA C 49 -61.42 -0.12 5.19
CA ALA C 49 -62.61 0.43 5.85
C ALA C 49 -62.64 -0.14 7.25
N ARG C 50 -62.67 0.74 8.25
CA ARG C 50 -62.67 0.32 9.65
C ARG C 50 -64.09 0.30 10.22
N MET C 51 -64.43 -0.77 10.96
CA MET C 51 -65.68 -0.87 11.71
C MET C 51 -65.36 -0.75 13.19
N ASN C 52 -65.85 0.31 13.83
CA ASN C 52 -65.68 0.42 15.28
C ASN C 52 -66.81 -0.38 15.89
N PHE C 53 -66.48 -1.56 16.37
CA PHE C 53 -67.43 -2.42 17.03
C PHE C 53 -67.74 -1.95 18.45
N SER C 54 -67.16 -0.81 18.86
CA SER C 54 -67.56 -0.16 20.11
C SER C 54 -69.05 0.22 20.14
N HIS C 55 -69.65 0.39 18.99
CA HIS C 55 -71.03 0.81 18.84
C HIS C 55 -71.55 0.07 17.63
N GLY C 56 -72.81 -0.31 17.65
CA GLY C 56 -73.39 -0.79 16.43
C GLY C 56 -73.81 -2.25 16.53
N SER C 57 -74.85 -2.58 15.78
CA SER C 57 -75.40 -3.92 15.75
C SER C 57 -74.81 -4.71 14.57
N TYR C 58 -74.88 -6.04 14.70
CA TYR C 58 -74.50 -6.90 13.60
C TYR C 58 -75.23 -6.53 12.34
N GLU C 59 -76.49 -6.11 12.44
CA GLU C 59 -77.21 -5.67 11.24
C GLU C 59 -76.53 -4.42 10.62
N TYR C 60 -76.12 -3.49 11.46
CA TYR C 60 -75.42 -2.29 10.95
C TYR C 60 -74.11 -2.69 10.29
N HIS C 61 -73.28 -3.45 11.02
CA HIS C 61 -71.98 -3.75 10.47
C HIS C 61 -72.09 -4.68 9.28
N GLN C 62 -73.08 -5.57 9.29
CA GLN C 62 -73.35 -6.35 8.09
C GLN C 62 -73.56 -5.43 6.91
N THR C 63 -74.38 -4.39 7.11
CA THR C 63 -74.64 -3.41 6.06
C THR C 63 -73.37 -2.72 5.60
N THR C 64 -72.51 -2.33 6.53
CA THR C 64 -71.25 -1.67 6.14
C THR C 64 -70.49 -2.65 5.26
N ILE C 65 -70.41 -3.90 5.70
CA ILE C 65 -69.61 -4.91 5.00
C ILE C 65 -70.14 -5.09 3.58
N ASN C 66 -71.46 -5.20 3.46
CA ASN C 66 -72.04 -5.50 2.16
C ASN C 66 -71.90 -4.33 1.22
N ASN C 67 -72.02 -3.13 1.76
CA ASN C 67 -71.90 -1.95 0.93
C ASN C 67 -70.46 -1.79 0.45
N VAL C 68 -69.46 -2.01 1.31
CA VAL C 68 -68.10 -1.76 0.82
C VAL C 68 -67.73 -2.78 -0.24
N ARG C 69 -68.14 -4.05 -0.07
CA ARG C 69 -67.92 -5.01 -1.15
C ARG C 69 -68.60 -4.57 -2.45
N ALA C 70 -69.84 -4.06 -2.38
CA ALA C 70 -70.53 -3.65 -3.62
C ALA C 70 -69.83 -2.47 -4.28
N ALA C 71 -69.40 -1.51 -3.46
CA ALA C 71 -68.73 -0.33 -3.99
C ALA C 71 -67.38 -0.72 -4.59
N ALA C 72 -66.61 -1.54 -3.88
CA ALA C 72 -65.36 -2.01 -4.45
C ALA C 72 -65.62 -2.72 -5.76
N ALA C 73 -66.60 -3.61 -5.78
CA ALA C 73 -66.86 -4.33 -7.00
C ALA C 73 -67.12 -3.37 -8.14
N GLU C 74 -67.89 -2.31 -7.89
CA GLU C 74 -68.13 -1.30 -8.91
C GLU C 74 -66.83 -0.65 -9.38
N LEU C 75 -65.97 -0.26 -8.45
CA LEU C 75 -64.77 0.41 -8.89
C LEU C 75 -63.68 -0.57 -9.29
N GLY C 76 -63.95 -1.87 -9.27
CA GLY C 76 -62.92 -2.82 -9.59
C GLY C 76 -61.78 -2.79 -8.60
N LEU C 77 -62.07 -2.52 -7.34
CA LEU C 77 -61.03 -2.45 -6.33
C LEU C 77 -61.10 -3.62 -5.36
N HIS C 78 -60.00 -3.78 -4.63
CA HIS C 78 -59.90 -4.71 -3.51
C HIS C 78 -59.65 -3.85 -2.28
N ILE C 79 -60.69 -3.68 -1.47
CA ILE C 79 -60.61 -2.90 -0.25
C ILE C 79 -60.59 -3.85 0.93
N GLY C 80 -59.65 -3.63 1.85
CA GLY C 80 -59.66 -4.39 3.07
C GLY C 80 -60.72 -3.90 4.05
N ILE C 81 -61.29 -4.86 4.78
CA ILE C 81 -62.22 -4.56 5.86
C ILE C 81 -61.56 -4.94 7.17
N ALA C 82 -61.58 -4.03 8.12
CA ALA C 82 -61.03 -4.28 9.44
C ALA C 82 -62.13 -4.24 10.49
N LEU C 83 -61.95 -5.03 11.53
CA LEU C 83 -62.86 -5.08 12.66
C LEU C 83 -62.08 -4.62 13.88
N ASP C 84 -62.42 -3.44 14.39
CA ASP C 84 -61.80 -2.88 15.60
C ASP C 84 -62.62 -3.32 16.83
N THR C 85 -62.02 -4.11 17.73
CA THR C 85 -62.78 -4.61 18.87
C THR C 85 -63.20 -3.50 19.83
N LYS C 86 -64.31 -3.72 20.56
CA LYS C 86 -64.67 -2.81 21.65
C LYS C 86 -63.71 -3.00 22.81
N GLY C 87 -63.38 -4.22 23.14
CA GLY C 87 -62.29 -4.39 24.06
C GLY C 87 -62.72 -4.34 25.50
N PRO C 88 -61.80 -4.64 26.38
CA PRO C 88 -62.10 -4.78 27.80
C PRO C 88 -61.96 -3.38 28.41
N GLU C 89 -63.02 -2.62 28.25
CA GLU C 89 -62.99 -1.20 28.55
C GLU C 89 -64.30 -0.87 29.23
N ILE C 90 -64.21 -0.30 30.43
CA ILE C 90 -65.39 0.09 31.19
C ILE C 90 -66.15 1.13 30.39
N ARG C 91 -67.46 0.96 30.26
CA ARG C 91 -68.27 1.92 29.51
C ARG C 91 -69.37 2.49 30.42
N THR C 92 -69.91 3.65 30.03
CA THR C 92 -70.84 4.39 30.89
C THR C 92 -72.33 4.39 30.49
N GLY C 93 -72.91 3.23 30.22
CA GLY C 93 -74.32 3.16 29.84
C GLY C 93 -74.71 4.16 28.76
N LEU C 94 -75.94 4.67 28.85
CA LEU C 94 -76.47 5.65 27.90
C LEU C 94 -77.27 6.65 28.70
N PHE C 95 -77.32 7.88 28.21
CA PHE C 95 -77.85 9.02 28.94
C PHE C 95 -79.05 9.59 28.22
N LYS C 96 -80.14 9.82 28.95
CA LYS C 96 -81.37 10.32 28.34
C LYS C 96 -81.27 11.79 27.94
N ASP C 97 -82.05 12.15 26.92
CA ASP C 97 -81.97 13.44 26.22
C ASP C 97 -80.58 13.68 25.64
N GLY C 98 -79.82 12.59 25.49
CA GLY C 98 -78.53 12.54 24.87
C GLY C 98 -77.36 12.99 25.71
N GLU C 99 -77.54 13.94 26.66
CA GLU C 99 -76.46 14.54 27.45
C GLU C 99 -76.89 14.80 28.90
N ALA C 100 -75.87 15.08 29.72
CA ALA C 100 -76.04 15.48 31.12
C ALA C 100 -74.74 16.07 31.66
N THR C 101 -74.84 17.21 32.35
CA THR C 101 -73.69 17.93 32.88
C THR C 101 -73.68 17.95 34.41
N TYR C 102 -72.47 18.07 34.98
CA TYR C 102 -72.23 18.05 36.43
C TYR C 102 -71.33 19.23 36.86
N ALA C 103 -71.56 19.73 38.10
CA ALA C 103 -70.79 20.82 38.75
C ALA C 103 -70.10 20.32 40.02
N PRO C 104 -68.88 20.78 40.37
CA PRO C 104 -68.21 20.21 41.53
C PRO C 104 -68.98 20.53 42.79
N GLY C 105 -69.00 19.56 43.70
CA GLY C 105 -69.82 19.70 44.87
C GLY C 105 -71.17 19.03 44.72
N ASP C 106 -71.51 18.55 43.52
CA ASP C 106 -72.70 17.72 43.41
C ASP C 106 -72.42 16.33 43.97
N THR C 107 -73.50 15.57 44.15
CA THR C 107 -73.41 14.17 44.51
C THR C 107 -74.16 13.40 43.45
N VAL C 108 -73.52 12.38 42.88
CA VAL C 108 -74.14 11.56 41.84
C VAL C 108 -73.93 10.09 42.16
N LEU C 109 -74.98 9.30 41.94
CA LEU C 109 -74.93 7.87 42.11
C LEU C 109 -74.37 7.20 40.86
N VAL C 110 -73.55 6.17 41.07
CA VAL C 110 -72.97 5.35 40.03
C VAL C 110 -73.38 3.92 40.35
N THR C 111 -74.35 3.40 39.61
CA THR C 111 -74.90 2.08 39.89
C THR C 111 -74.46 1.09 38.83
N THR C 112 -74.40 -0.17 39.24
CA THR C 112 -74.16 -1.29 38.35
C THR C 112 -75.38 -2.20 38.20
N ASP C 113 -76.54 -1.78 38.72
CA ASP C 113 -77.82 -2.45 38.50
C ASP C 113 -78.12 -2.35 37.00
N PRO C 114 -78.27 -3.50 36.28
CA PRO C 114 -78.35 -3.43 34.80
C PRO C 114 -79.46 -2.51 34.28
N ALA C 115 -80.40 -2.14 35.14
CA ALA C 115 -81.41 -1.15 34.81
C ALA C 115 -80.75 0.22 34.68
N PHE C 116 -81.53 1.21 34.25
CA PHE C 116 -81.07 2.59 34.06
C PHE C 116 -80.03 2.69 32.94
N GLU C 117 -79.73 1.58 32.24
CA GLU C 117 -78.69 1.57 31.18
C GLU C 117 -78.98 2.61 30.10
N LYS C 118 -80.25 2.86 29.79
CA LYS C 118 -80.64 3.87 28.81
C LYS C 118 -81.25 5.12 29.43
N ILE C 119 -81.61 5.09 30.72
CA ILE C 119 -82.21 6.27 31.36
C ILE C 119 -81.15 7.35 31.55
N GLY C 120 -80.10 7.06 32.33
CA GLY C 120 -79.01 7.96 32.68
C GLY C 120 -78.55 9.34 33.12
N THR C 121 -79.18 9.87 34.16
CA THR C 121 -79.58 11.21 34.60
C THR C 121 -78.40 11.87 35.30
N LYS C 122 -78.48 13.19 35.48
CA LYS C 122 -77.42 13.87 36.24
C LYS C 122 -77.25 13.24 37.65
N GLU C 123 -78.26 12.52 38.14
CA GLU C 123 -78.39 12.04 39.52
C GLU C 123 -77.89 10.60 39.73
N LYS C 124 -78.14 9.68 38.80
CA LYS C 124 -77.65 8.30 38.92
C LYS C 124 -77.49 7.70 37.54
N PHE C 125 -76.33 7.05 37.28
CA PHE C 125 -76.05 6.43 35.98
C PHE C 125 -75.34 5.09 36.12
N TYR C 126 -75.27 4.36 35.01
CA TYR C 126 -74.86 2.96 34.92
C TYR C 126 -73.43 2.87 34.41
N VAL C 127 -72.74 1.79 34.79
CA VAL C 127 -71.37 1.49 34.36
C VAL C 127 -71.24 0.01 34.02
N ASP C 128 -70.27 -0.27 33.15
CA ASP C 128 -70.06 -1.59 32.55
C ASP C 128 -69.59 -2.63 33.59
N TYR C 129 -68.65 -2.26 34.46
CA TYR C 129 -68.10 -3.21 35.44
C TYR C 129 -69.13 -3.56 36.52
N PRO C 130 -69.39 -4.85 36.77
CA PRO C 130 -70.38 -5.24 37.79
C PRO C 130 -69.86 -5.21 39.23
N GLN C 131 -68.61 -5.61 39.45
CA GLN C 131 -68.03 -5.61 40.80
C GLN C 131 -67.37 -4.28 41.14
N LEU C 132 -67.76 -3.20 40.45
CA LEU C 132 -67.34 -1.84 40.82
C LEU C 132 -67.68 -1.47 42.27
N PRO C 133 -68.87 -1.78 42.81
CA PRO C 133 -69.10 -1.50 44.23
C PRO C 133 -68.13 -2.21 45.17
N ASN C 134 -67.67 -3.44 44.82
CA ASN C 134 -66.78 -4.20 45.71
C ASN C 134 -65.30 -3.78 45.62
N VAL C 135 -64.85 -3.15 44.52
CA VAL C 135 -63.41 -2.86 44.34
C VAL C 135 -63.04 -1.44 44.75
N VAL C 136 -63.69 -0.43 44.16
CA VAL C 136 -63.41 0.95 44.52
C VAL C 136 -64.06 1.24 45.88
N ARG C 137 -63.22 1.54 46.86
CA ARG C 137 -63.55 1.82 48.24
C ARG C 137 -63.63 3.33 48.48
N PRO C 138 -64.20 3.77 49.61
CA PRO C 138 -64.34 5.22 49.86
C PRO C 138 -63.06 6.02 49.61
N GLY C 139 -63.23 7.23 49.08
CA GLY C 139 -62.10 8.04 48.70
C GLY C 139 -61.49 7.71 47.37
N GLY C 140 -61.81 6.55 46.78
CA GLY C 140 -61.19 6.17 45.54
C GLY C 140 -61.50 7.14 44.42
N LEU C 141 -60.56 7.26 43.48
CA LEU C 141 -60.66 8.24 42.42
C LEU C 141 -61.11 7.49 41.18
N ILE C 142 -62.27 7.87 40.63
CA ILE C 142 -62.83 7.24 39.44
C ILE C 142 -62.78 8.27 38.30
N TYR C 143 -62.00 7.98 37.26
CA TYR C 143 -61.83 8.96 36.16
C TYR C 143 -62.69 8.56 34.96
N VAL C 144 -63.54 9.49 34.51
CA VAL C 144 -64.49 9.16 33.40
C VAL C 144 -64.06 9.94 32.16
N ASP C 145 -64.78 9.78 31.05
CA ASP C 145 -64.33 10.23 29.70
C ASP C 145 -62.91 9.71 29.56
N ASP C 146 -61.94 10.61 29.35
CA ASP C 146 -60.53 10.17 29.22
C ASP C 146 -59.75 10.79 30.37
N GLY C 147 -60.19 10.55 31.60
CA GLY C 147 -59.54 11.17 32.77
C GLY C 147 -60.09 12.57 32.96
N VAL C 148 -60.70 13.14 31.93
CA VAL C 148 -61.26 14.51 32.01
C VAL C 148 -62.00 14.68 33.33
N LEU C 149 -63.01 13.84 33.58
CA LEU C 149 -63.76 13.93 34.84
C LEU C 149 -63.07 13.09 35.93
N THR C 150 -62.94 13.65 37.13
CA THR C 150 -62.58 12.85 38.31
C THR C 150 -63.74 12.86 39.32
N LEU C 151 -63.96 11.71 39.94
CA LEU C 151 -65.00 11.46 40.95
C LEU C 151 -64.35 10.87 42.20
N ARG C 152 -64.83 11.24 43.38
CA ARG C 152 -64.38 10.58 44.62
C ARG C 152 -65.49 9.75 45.26
N VAL C 153 -65.19 8.48 45.52
CA VAL C 153 -66.16 7.56 46.10
C VAL C 153 -66.33 7.89 47.57
N LEU C 154 -67.54 8.29 47.95
CA LEU C 154 -67.88 8.65 49.33
C LEU C 154 -68.67 7.56 50.05
N SER C 155 -69.77 7.11 49.46
CA SER C 155 -70.76 6.28 50.14
C SER C 155 -70.76 4.85 49.61
N LYS C 156 -71.24 3.94 50.46
CA LYS C 156 -71.39 2.52 50.15
C LYS C 156 -72.71 2.24 49.44
N GLU C 157 -73.82 2.77 49.95
CA GLU C 157 -75.19 2.63 49.39
C GLU C 157 -75.51 1.13 49.37
N ASP C 158 -76.13 0.64 48.29
CA ASP C 158 -76.61 -0.73 48.17
C ASP C 158 -75.51 -1.61 47.57
N ASP C 159 -75.84 -2.88 47.35
CA ASP C 159 -74.91 -3.77 46.65
C ASP C 159 -74.68 -3.33 45.21
N CYS C 160 -75.57 -2.48 44.68
CA CYS C 160 -75.58 -2.06 43.28
C CYS C 160 -75.05 -0.64 43.03
N THR C 161 -75.03 0.24 44.03
CA THR C 161 -74.88 1.68 43.78
C THR C 161 -73.86 2.29 44.72
N LEU C 162 -73.22 3.38 44.25
CA LEU C 162 -72.22 4.12 45.00
C LEU C 162 -72.51 5.62 44.89
N LYS C 163 -72.40 6.36 45.98
CA LYS C 163 -72.58 7.81 45.92
C LYS C 163 -71.21 8.48 45.86
N CYS C 164 -70.99 9.33 44.85
CA CYS C 164 -69.69 9.93 44.61
C CYS C 164 -69.79 11.44 44.45
N HIS C 165 -68.74 12.13 44.90
CA HIS C 165 -68.63 13.57 44.81
C HIS C 165 -67.95 13.93 43.50
N VAL C 166 -68.60 14.77 42.71
CA VAL C 166 -68.06 15.21 41.42
C VAL C 166 -67.07 16.37 41.62
N ASN C 167 -65.84 16.21 41.08
CA ASN C 167 -64.72 17.16 41.21
C ASN C 167 -64.35 17.78 39.86
N ASN C 168 -65.33 18.38 39.20
CA ASN C 168 -65.26 18.72 37.79
C ASN C 168 -65.46 20.19 37.46
N HIS C 169 -65.49 20.46 36.15
CA HIS C 169 -66.57 21.15 35.44
C HIS C 169 -66.57 20.58 34.02
N HIS C 170 -67.39 19.56 33.75
CA HIS C 170 -67.32 18.90 32.42
C HIS C 170 -68.66 18.26 32.06
N ARG C 171 -69.12 18.47 30.82
CA ARG C 171 -70.39 17.84 30.35
C ARG C 171 -70.04 16.48 29.73
N LEU C 172 -70.82 15.45 30.06
CA LEU C 172 -70.51 14.09 29.55
C LEU C 172 -71.23 13.96 28.21
N THR C 173 -70.72 13.09 27.33
CA THR C 173 -71.45 12.73 26.10
C THR C 173 -71.51 11.27 26.55
N ASP C 174 -72.07 10.39 25.72
CA ASP C 174 -72.84 9.15 25.98
C ASP C 174 -71.92 7.94 25.85
N ARG C 175 -72.30 6.83 26.47
CA ARG C 175 -71.50 5.59 26.42
C ARG C 175 -69.99 5.77 26.34
N LYS C 176 -69.51 6.71 27.19
CA LYS C 176 -68.07 6.96 27.28
C LYS C 176 -67.43 5.82 28.07
N GLY C 177 -66.10 5.82 28.09
CA GLY C 177 -65.35 4.73 28.69
C GLY C 177 -64.85 5.15 30.08
N ILE C 178 -64.62 4.32 31.10
CA ILE C 178 -63.88 4.85 32.28
C ILE C 178 -62.66 3.95 32.61
N ASN C 179 -61.56 4.72 32.80
CA ASN C 179 -60.23 4.12 33.07
C ASN C 179 -59.84 4.52 34.48
N LEU C 180 -60.23 3.74 35.46
CA LEU C 180 -60.00 3.92 36.89
C LEU C 180 -58.60 3.47 37.25
N PRO C 181 -57.80 4.33 37.89
CA PRO C 181 -56.40 3.97 38.16
C PRO C 181 -56.25 2.84 39.15
N GLY C 182 -57.20 2.68 40.07
CA GLY C 182 -57.12 1.65 41.07
C GLY C 182 -56.86 0.30 40.46
N CYS C 183 -56.18 -0.56 41.21
CA CYS C 183 -55.74 -1.84 40.66
C CYS C 183 -56.71 -2.77 41.39
N GLU C 184 -56.55 -4.09 41.21
CA GLU C 184 -57.48 -5.22 41.31
C GLU C 184 -58.57 -5.13 40.24
N VAL C 185 -58.14 -4.89 38.99
CA VAL C 185 -59.08 -4.73 37.88
C VAL C 185 -59.18 -6.08 37.15
N ASP C 186 -58.09 -6.87 37.17
CA ASP C 186 -58.04 -8.18 36.53
C ASP C 186 -58.60 -8.09 35.10
N LEU C 187 -57.92 -7.28 34.28
CA LEU C 187 -58.44 -6.92 32.96
C LEU C 187 -58.47 -8.15 32.07
N PRO C 188 -59.57 -8.43 31.38
CA PRO C 188 -59.58 -9.57 30.45
C PRO C 188 -58.78 -9.24 29.19
N ALA C 189 -58.64 -10.24 28.33
CA ALA C 189 -58.07 -9.95 27.02
C ALA C 189 -59.13 -9.82 25.95
N VAL C 190 -60.12 -10.70 26.01
CA VAL C 190 -61.21 -10.73 25.05
C VAL C 190 -62.47 -11.03 25.85
N SER C 191 -63.33 -10.03 25.97
CA SER C 191 -64.62 -10.17 26.64
C SER C 191 -65.52 -11.09 25.83
N GLU C 192 -66.59 -11.59 26.49
CA GLU C 192 -67.57 -12.40 25.77
C GLU C 192 -68.10 -11.66 24.54
N LYS C 193 -68.46 -10.38 24.71
CA LYS C 193 -68.82 -9.53 23.57
C LYS C 193 -67.71 -9.53 22.53
N ASP C 194 -66.47 -9.30 22.96
CA ASP C 194 -65.36 -9.40 22.03
C ASP C 194 -65.37 -10.70 21.23
N ARG C 195 -65.45 -11.84 21.94
CA ARG C 195 -65.39 -13.15 21.29
C ARG C 195 -66.47 -13.30 20.22
N LYS C 196 -67.72 -12.98 20.55
CA LYS C 196 -68.78 -13.16 19.55
C LYS C 196 -68.59 -12.20 18.37
N ASP C 197 -68.09 -10.99 18.66
CA ASP C 197 -67.80 -10.05 17.58
C ASP C 197 -66.70 -10.58 16.67
N LEU C 198 -65.71 -11.23 17.26
CA LEU C 198 -64.63 -11.81 16.45
C LEU C 198 -65.18 -12.88 15.52
N GLN C 199 -66.06 -13.76 16.02
CA GLN C 199 -66.63 -14.80 15.16
C GLN C 199 -67.41 -14.18 14.03
N PHE C 200 -68.24 -13.18 14.36
CA PHE C 200 -69.01 -12.52 13.33
C PHE C 200 -68.09 -12.06 12.21
N GLY C 201 -66.95 -11.48 12.59
CA GLY C 201 -65.99 -11.04 11.59
C GLY C 201 -65.46 -12.20 10.78
N VAL C 202 -65.08 -13.28 11.48
CA VAL C 202 -64.52 -14.43 10.78
C VAL C 202 -65.55 -15.03 9.86
N GLU C 203 -66.76 -15.15 10.32
CA GLU C 203 -67.79 -15.83 9.59
C GLU C 203 -68.19 -15.00 8.39
N GLN C 204 -68.06 -13.68 8.53
CA GLN C 204 -68.36 -12.76 7.46
C GLN C 204 -67.15 -12.41 6.62
N GLY C 205 -65.97 -12.87 7.01
CA GLY C 205 -64.79 -12.74 6.18
C GLY C 205 -64.00 -11.44 6.23
N VAL C 206 -63.87 -10.82 7.42
CA VAL C 206 -63.02 -9.64 7.52
C VAL C 206 -61.56 -10.03 7.22
N ASP C 207 -60.79 -9.02 6.81
CA ASP C 207 -59.39 -9.19 6.50
C ASP C 207 -58.47 -8.99 7.71
N MET C 208 -58.87 -8.20 8.72
CA MET C 208 -57.94 -7.90 9.81
C MET C 208 -58.68 -7.51 11.06
N ILE C 209 -58.03 -7.75 12.19
CA ILE C 209 -58.53 -7.36 13.51
C ILE C 209 -57.66 -6.23 14.04
N PHE C 210 -58.27 -5.12 14.37
CA PHE C 210 -57.58 -4.15 15.22
C PHE C 210 -57.92 -4.54 16.65
N ALA C 211 -57.00 -5.29 17.27
CA ALA C 211 -57.21 -5.75 18.63
C ALA C 211 -57.00 -4.60 19.63
N SER C 212 -58.01 -4.35 20.47
CA SER C 212 -57.98 -3.20 21.35
C SER C 212 -57.23 -3.49 22.64
N PHE C 213 -56.68 -2.44 23.24
CA PHE C 213 -56.07 -2.51 24.56
C PHE C 213 -55.16 -3.74 24.74
N ILE C 214 -54.18 -3.86 23.86
CA ILE C 214 -53.19 -4.93 23.96
C ILE C 214 -52.06 -4.52 24.91
N ARG C 215 -51.83 -5.33 25.94
CA ARG C 215 -50.89 -5.05 27.02
C ARG C 215 -49.71 -5.99 27.04
N THR C 216 -49.94 -7.28 26.81
CA THR C 216 -48.93 -8.34 26.84
C THR C 216 -48.97 -9.13 25.54
N ALA C 217 -47.93 -9.92 25.29
CA ALA C 217 -47.94 -10.79 24.12
C ALA C 217 -49.01 -11.88 24.28
N ASP C 218 -49.19 -12.40 25.50
CA ASP C 218 -50.14 -13.48 25.65
C ASP C 218 -51.54 -13.01 25.26
N GLN C 219 -51.83 -11.71 25.40
CA GLN C 219 -53.12 -11.24 24.92
C GLN C 219 -53.25 -11.45 23.41
N VAL C 220 -52.19 -11.14 22.67
CA VAL C 220 -52.28 -11.32 21.22
C VAL C 220 -52.51 -12.78 20.89
N ARG C 221 -51.92 -13.69 21.68
CA ARG C 221 -52.16 -15.12 21.39
C ARG C 221 -53.61 -15.51 21.70
N GLU C 222 -54.18 -14.98 22.79
CA GLU C 222 -55.59 -15.21 23.12
C GLU C 222 -56.48 -14.77 21.97
N VAL C 223 -56.16 -13.62 21.40
CA VAL C 223 -56.93 -13.15 20.25
C VAL C 223 -56.78 -14.11 19.09
N ARG C 224 -55.55 -14.54 18.81
CA ARG C 224 -55.36 -15.51 17.71
C ARG C 224 -56.26 -16.71 17.99
N ALA C 225 -56.13 -17.27 19.18
CA ALA C 225 -56.92 -18.44 19.51
C ALA C 225 -58.38 -18.17 19.22
N ALA C 226 -58.88 -17.01 19.66
CA ALA C 226 -60.30 -16.72 19.50
C ALA C 226 -60.74 -16.80 18.05
N LEU C 227 -59.85 -16.67 17.08
CA LEU C 227 -60.19 -16.87 15.69
C LEU C 227 -59.86 -18.33 15.36
N GLY C 228 -60.86 -19.12 14.99
CA GLY C 228 -60.61 -20.55 14.74
C GLY C 228 -59.98 -20.81 13.38
N GLU C 229 -59.80 -22.09 13.03
CA GLU C 229 -59.06 -22.40 11.80
C GLU C 229 -59.53 -21.52 10.65
N LYS C 230 -60.84 -21.19 10.65
CA LYS C 230 -61.41 -20.26 9.67
C LYS C 230 -60.68 -18.92 9.69
N GLY C 231 -60.17 -18.49 10.85
CA GLY C 231 -59.50 -17.21 10.97
C GLY C 231 -58.01 -17.22 11.23
N LYS C 232 -57.30 -18.22 10.68
CA LYS C 232 -55.86 -18.26 10.84
C LYS C 232 -55.14 -17.31 9.88
N ASP C 233 -55.78 -16.95 8.76
CA ASP C 233 -55.24 -16.04 7.77
C ASP C 233 -55.55 -14.58 8.05
N THR C 234 -56.28 -14.25 9.10
CA THR C 234 -56.65 -12.85 9.26
C THR C 234 -55.55 -12.17 10.07
N LEU C 235 -55.18 -10.95 9.68
CA LEU C 235 -54.10 -10.27 10.37
C LEU C 235 -54.62 -9.73 11.68
N ILE C 236 -53.78 -9.79 12.70
CA ILE C 236 -54.07 -9.12 13.94
C ILE C 236 -53.13 -7.92 14.06
N ILE C 237 -53.70 -6.75 14.25
CA ILE C 237 -52.91 -5.56 14.47
C ILE C 237 -53.20 -5.08 15.89
N SER C 238 -52.17 -5.18 16.73
CA SER C 238 -52.35 -4.91 18.15
C SER C 238 -52.38 -3.40 18.35
N LYS C 239 -53.46 -2.89 19.00
CA LYS C 239 -53.63 -1.47 19.31
C LYS C 239 -52.92 -1.17 20.63
N ILE C 240 -51.86 -0.38 20.56
CA ILE C 240 -51.07 -0.03 21.73
C ILE C 240 -51.68 1.23 22.28
N GLU C 241 -52.30 1.13 23.46
CA GLU C 241 -53.00 2.30 23.97
C GLU C 241 -52.86 2.50 25.47
N ASN C 242 -51.85 1.93 26.10
CA ASN C 242 -51.58 2.22 27.50
C ASN C 242 -50.10 2.03 27.73
N HIS C 243 -49.61 2.40 28.92
CA HIS C 243 -48.18 2.29 29.20
C HIS C 243 -47.69 0.85 29.06
N GLN C 244 -48.48 -0.13 29.51
CA GLN C 244 -48.05 -1.52 29.36
C GLN C 244 -47.82 -1.84 27.89
N GLY C 245 -48.65 -1.26 27.01
CA GLY C 245 -48.47 -1.50 25.60
C GLY C 245 -47.07 -1.15 25.13
N VAL C 246 -46.55 -0.03 25.60
CA VAL C 246 -45.17 0.39 25.21
C VAL C 246 -44.17 -0.49 25.96
N GLN C 247 -44.50 -0.87 27.18
CA GLN C 247 -43.60 -1.68 28.01
C GLN C 247 -43.21 -3.01 27.32
N ASN C 248 -44.16 -3.63 26.61
CA ASN C 248 -43.98 -4.96 26.06
C ASN C 248 -43.89 -4.95 24.54
N ILE C 249 -43.61 -3.79 23.96
CA ILE C 249 -43.79 -3.63 22.52
C ILE C 249 -42.97 -4.67 21.76
N ASP C 250 -41.86 -5.13 22.32
CA ASP C 250 -41.06 -6.08 21.56
C ASP C 250 -41.79 -7.42 21.41
N ALA C 251 -42.25 -8.00 22.54
CA ALA C 251 -43.05 -9.23 22.50
C ALA C 251 -44.30 -9.07 21.64
N ILE C 252 -45.00 -7.92 21.80
CA ILE C 252 -46.23 -7.71 21.06
C ILE C 252 -45.97 -7.58 19.57
N ILE C 253 -44.85 -6.96 19.19
CA ILE C 253 -44.53 -6.91 17.77
C ILE C 253 -44.27 -8.32 17.25
N GLU C 254 -43.49 -9.09 18.01
CA GLU C 254 -43.17 -10.44 17.57
C GLU C 254 -44.44 -11.24 17.37
N ALA C 255 -45.43 -11.07 18.26
CA ALA C 255 -46.62 -11.90 18.24
C ALA C 255 -47.67 -11.41 17.24
N SER C 256 -47.60 -10.16 16.83
CA SER C 256 -48.64 -9.56 16.01
C SER C 256 -48.26 -9.60 14.54
N ASP C 257 -49.24 -9.30 13.71
CA ASP C 257 -48.99 -9.05 12.31
C ASP C 257 -48.67 -7.59 12.03
N GLY C 258 -49.09 -6.68 12.93
CA GLY C 258 -48.92 -5.23 12.83
C GLY C 258 -49.29 -4.57 14.14
N ILE C 259 -48.99 -3.28 14.23
CA ILE C 259 -49.21 -2.46 15.44
C ILE C 259 -50.01 -1.23 15.07
N MET C 260 -50.90 -0.80 15.97
CA MET C 260 -51.57 0.52 15.80
C MET C 260 -51.26 1.38 17.01
N VAL C 261 -50.62 2.51 16.76
CA VAL C 261 -50.28 3.53 17.78
C VAL C 261 -51.49 4.43 17.95
N ALA C 262 -52.21 4.25 19.04
CA ALA C 262 -53.37 5.07 19.40
C ALA C 262 -52.90 6.21 20.31
N ARG C 263 -52.67 7.34 19.74
CA ARG C 263 -51.91 8.32 20.51
C ARG C 263 -52.77 9.05 21.54
N GLY C 264 -54.05 9.30 21.27
CA GLY C 264 -54.97 9.85 22.26
C GLY C 264 -55.09 8.97 23.48
N ASP C 265 -55.49 7.73 23.23
CA ASP C 265 -55.58 6.76 24.30
C ASP C 265 -54.26 6.75 25.07
N LEU C 266 -53.17 6.96 24.37
CA LEU C 266 -51.87 6.91 25.00
C LEU C 266 -51.65 8.15 25.85
N GLY C 267 -52.10 9.29 25.35
CA GLY C 267 -51.89 10.52 26.04
C GLY C 267 -52.62 10.60 27.35
N VAL C 268 -53.60 9.72 27.57
CA VAL C 268 -54.30 9.82 28.85
C VAL C 268 -53.42 9.30 29.99
N GLU C 269 -52.55 8.35 29.72
CA GLU C 269 -51.76 7.76 30.83
C GLU C 269 -50.35 8.34 30.86
N ILE C 270 -49.82 8.77 29.72
CA ILE C 270 -48.42 9.24 29.64
C ILE C 270 -48.36 10.69 29.14
N PRO C 271 -47.32 11.46 29.49
CA PRO C 271 -47.19 12.85 29.06
C PRO C 271 -46.98 12.99 27.55
N ALA C 272 -47.61 13.99 26.94
CA ALA C 272 -47.50 14.20 25.48
C ALA C 272 -46.05 14.05 25.02
N GLU C 273 -45.17 14.90 25.50
CA GLU C 273 -43.75 14.86 25.08
C GLU C 273 -43.32 13.41 24.90
N LYS C 274 -43.66 12.54 25.84
CA LYS C 274 -43.23 11.12 25.77
C LYS C 274 -44.00 10.39 24.68
N VAL C 275 -45.29 10.69 24.54
CA VAL C 275 -46.09 10.05 23.45
C VAL C 275 -45.34 10.28 22.14
N VAL C 276 -44.90 11.51 21.91
CA VAL C 276 -44.12 11.80 20.71
C VAL C 276 -42.99 10.77 20.56
N VAL C 277 -42.25 10.57 21.65
CA VAL C 277 -41.10 9.67 21.65
C VAL C 277 -41.54 8.22 21.48
N ALA C 278 -42.53 7.78 22.25
CA ALA C 278 -43.09 6.45 22.12
C ALA C 278 -43.52 6.18 20.67
N GLN C 279 -44.02 7.20 19.98
CA GLN C 279 -44.44 7.01 18.60
C GLN C 279 -43.23 6.75 17.71
N MET C 280 -42.16 7.51 17.89
CA MET C 280 -40.92 7.26 17.18
C MET C 280 -40.40 5.87 17.45
N CYS C 281 -40.33 5.50 18.72
CA CYS C 281 -39.87 4.19 19.12
C CYS C 281 -40.70 3.08 18.46
N ILE C 282 -42.03 3.10 18.67
CA ILE C 282 -42.90 2.04 18.17
C ILE C 282 -42.83 1.94 16.65
N ILE C 283 -43.07 3.07 15.97
CA ILE C 283 -43.00 3.04 14.51
C ILE C 283 -41.68 2.44 14.02
N SER C 284 -40.56 2.84 14.62
CA SER C 284 -39.30 2.41 14.07
C SER C 284 -39.08 0.91 14.29
N LYS C 285 -39.36 0.42 15.51
CA LYS C 285 -39.29 -1.00 15.77
C LYS C 285 -40.16 -1.78 14.79
N CYS C 286 -41.34 -1.24 14.44
CA CYS C 286 -42.16 -1.95 13.45
C CYS C 286 -41.48 -1.96 12.08
N ASN C 287 -40.89 -0.85 11.67
CA ASN C 287 -40.14 -0.81 10.39
C ASN C 287 -39.05 -1.89 10.35
N VAL C 288 -38.33 -2.04 11.45
CA VAL C 288 -37.22 -2.96 11.45
C VAL C 288 -37.74 -4.38 11.46
N ALA C 289 -38.90 -4.60 12.06
CA ALA C 289 -39.51 -5.92 12.02
C ALA C 289 -40.23 -6.20 10.70
N GLY C 290 -40.36 -5.24 9.81
CA GLY C 290 -41.09 -5.48 8.58
C GLY C 290 -42.57 -5.74 8.75
N LYS C 291 -43.22 -5.15 9.74
CA LYS C 291 -44.64 -5.27 9.98
C LYS C 291 -45.31 -3.91 9.91
N PRO C 292 -46.56 -3.82 9.43
CA PRO C 292 -47.20 -2.51 9.25
C PRO C 292 -47.47 -1.85 10.58
N VAL C 293 -47.34 -0.52 10.60
CA VAL C 293 -47.72 0.26 11.76
C VAL C 293 -48.59 1.42 11.30
N ILE C 294 -49.62 1.72 12.09
CA ILE C 294 -50.71 2.64 11.79
C ILE C 294 -50.76 3.70 12.88
N CYS C 295 -50.97 4.96 12.50
CA CYS C 295 -51.27 6.03 13.46
C CYS C 295 -52.73 6.43 13.38
N ALA C 296 -53.40 6.55 14.52
CA ALA C 296 -54.86 6.41 14.48
C ALA C 296 -55.71 7.54 15.06
N THR C 297 -55.37 8.01 16.25
CA THR C 297 -56.27 8.96 16.89
C THR C 297 -55.74 10.33 16.53
N GLN C 298 -56.50 11.35 16.89
CA GLN C 298 -56.06 12.75 16.81
C GLN C 298 -55.40 13.09 15.50
N MET C 299 -56.05 12.74 14.38
CA MET C 299 -55.43 13.05 13.09
C MET C 299 -55.71 14.34 12.30
N LEU C 300 -56.94 14.52 11.85
CA LEU C 300 -57.36 15.85 11.42
C LEU C 300 -58.72 16.12 12.03
N GLU C 301 -58.76 16.01 13.36
CA GLU C 301 -60.00 15.99 14.13
C GLU C 301 -60.86 17.24 13.90
N SER C 302 -60.22 18.42 13.82
CA SER C 302 -60.95 19.65 13.58
C SER C 302 -61.67 19.64 12.23
N MET C 303 -61.37 18.66 11.38
CA MET C 303 -61.99 18.67 10.02
C MET C 303 -63.33 17.94 10.08
N THR C 304 -63.67 17.31 11.21
CA THR C 304 -65.02 16.76 11.31
C THR C 304 -66.09 17.84 11.09
N THR C 305 -65.83 19.10 11.49
CA THR C 305 -66.77 20.18 11.30
C THR C 305 -66.25 21.41 10.56
N ASN C 306 -64.94 21.56 10.37
CA ASN C 306 -64.50 22.68 9.55
C ASN C 306 -63.88 22.17 8.27
N PRO C 307 -63.90 22.95 7.17
CA PRO C 307 -63.35 22.45 5.91
C PRO C 307 -61.85 22.58 5.78
N ARG C 308 -61.22 23.05 6.86
CA ARG C 308 -59.74 23.19 6.88
C ARG C 308 -59.23 22.66 8.20
N PRO C 309 -58.12 21.91 8.23
CA PRO C 309 -57.51 21.47 9.48
C PRO C 309 -56.59 22.59 9.96
N THR C 310 -56.10 22.45 11.18
CA THR C 310 -55.10 23.43 11.58
C THR C 310 -53.74 22.98 11.06
N ARG C 311 -52.83 23.97 10.97
CA ARG C 311 -51.47 23.68 10.53
C ARG C 311 -50.78 22.68 11.48
N ALA C 312 -50.92 22.84 12.81
CA ALA C 312 -50.33 21.86 13.72
C ALA C 312 -50.86 20.45 13.46
N GLU C 313 -52.16 20.34 13.17
CA GLU C 313 -52.73 19.03 12.82
C GLU C 313 -52.08 18.44 11.57
N VAL C 314 -51.94 19.25 10.52
CA VAL C 314 -51.25 18.83 9.31
C VAL C 314 -49.85 18.35 9.64
N THR C 315 -49.13 19.08 10.48
CA THR C 315 -47.73 18.70 10.79
C THR C 315 -47.73 17.40 11.58
N ASP C 316 -48.73 17.23 12.44
CA ASP C 316 -48.85 15.97 13.18
C ASP C 316 -48.90 14.80 12.20
N VAL C 317 -49.78 14.91 11.20
CA VAL C 317 -49.87 13.86 10.16
C VAL C 317 -48.53 13.68 9.45
N ALA C 318 -48.02 14.78 8.88
CA ALA C 318 -46.70 14.81 8.26
C ALA C 318 -45.62 14.18 9.14
N ASN C 319 -45.62 14.50 10.45
CA ASN C 319 -44.66 13.88 11.35
C ASN C 319 -44.82 12.36 11.39
N ALA C 320 -46.06 11.87 11.43
CA ALA C 320 -46.22 10.42 11.42
C ALA C 320 -45.57 9.82 10.16
N VAL C 321 -45.79 10.46 9.01
CA VAL C 321 -45.23 9.88 7.80
C VAL C 321 -43.72 9.92 7.84
N PHE C 322 -43.13 11.08 8.16
CA PHE C 322 -41.67 11.19 8.26
C PHE C 322 -41.11 10.16 9.21
N ASN C 323 -41.77 9.97 10.35
CA ASN C 323 -41.42 9.02 11.40
C ASN C 323 -41.25 7.61 10.93
N GLY C 324 -41.86 7.25 9.80
CA GLY C 324 -41.89 5.90 9.30
C GLY C 324 -43.24 5.16 9.26
N ALA C 325 -44.34 5.81 9.57
CA ALA C 325 -45.64 5.12 9.59
C ALA C 325 -46.03 4.55 8.22
N ASP C 326 -46.60 3.33 8.23
CA ASP C 326 -47.16 2.75 7.01
C ASP C 326 -48.48 3.40 6.63
N CYS C 327 -49.39 3.43 7.59
CA CYS C 327 -50.72 3.93 7.32
C CYS C 327 -51.05 5.00 8.34
N VAL C 328 -51.93 5.88 7.93
CA VAL C 328 -52.58 6.80 8.86
C VAL C 328 -54.09 6.48 8.83
N MET C 329 -54.76 6.68 9.96
CA MET C 329 -56.15 6.26 10.05
C MET C 329 -57.05 7.40 10.48
N LEU C 330 -58.12 7.62 9.73
CA LEU C 330 -59.10 8.63 10.12
C LEU C 330 -60.20 8.00 10.93
N SER C 331 -60.65 8.69 11.99
CA SER C 331 -61.78 8.28 12.85
C SER C 331 -63.22 8.79 12.89
N GLY C 332 -63.44 9.94 13.54
CA GLY C 332 -64.68 10.69 13.37
C GLY C 332 -64.77 11.45 12.05
N GLU C 333 -63.64 11.99 11.61
CA GLU C 333 -63.54 12.81 10.39
C GLU C 333 -64.27 12.17 9.21
N THR C 334 -64.24 10.85 9.15
CA THR C 334 -64.85 10.12 8.07
C THR C 334 -66.15 9.41 8.47
N ALA C 335 -66.33 9.08 9.76
CA ALA C 335 -67.52 8.41 10.24
C ALA C 335 -68.68 9.40 10.41
N LYS C 336 -68.48 10.45 11.19
CA LYS C 336 -69.59 11.39 11.50
C LYS C 336 -69.11 12.81 11.23
N GLY C 337 -68.71 13.11 10.00
CA GLY C 337 -68.11 14.40 9.72
C GLY C 337 -68.64 15.02 8.45
N LYS C 338 -68.59 16.35 8.39
CA LYS C 338 -69.19 17.07 7.28
C LYS C 338 -68.36 16.99 6.01
N TYR C 339 -67.08 16.56 6.08
CA TYR C 339 -66.16 16.65 4.94
C TYR C 339 -65.39 15.37 4.67
N PRO C 340 -66.08 14.23 4.53
CA PRO C 340 -65.35 12.95 4.43
C PRO C 340 -64.43 12.87 3.23
N ASN C 341 -64.94 13.15 2.03
CA ASN C 341 -64.07 13.06 0.85
C ASN C 341 -62.94 14.08 0.95
N GLU C 342 -63.25 15.29 1.40
CA GLU C 342 -62.25 16.34 1.52
C GLU C 342 -61.16 15.96 2.52
N VAL C 343 -61.52 15.40 3.67
CA VAL C 343 -60.44 15.08 4.59
C VAL C 343 -59.64 13.89 4.09
N VAL C 344 -60.25 12.93 3.39
CA VAL C 344 -59.40 11.87 2.84
C VAL C 344 -58.40 12.43 1.81
N GLN C 345 -58.86 13.36 0.96
CA GLN C 345 -57.99 13.98 -0.04
C GLN C 345 -56.88 14.80 0.60
N TYR C 346 -57.14 15.39 1.76
CA TYR C 346 -56.05 16.11 2.45
C TYR C 346 -55.03 15.07 2.90
N MET C 347 -55.50 13.97 3.48
CA MET C 347 -54.56 12.94 3.86
C MET C 347 -53.74 12.48 2.68
N VAL C 348 -54.38 12.35 1.52
CA VAL C 348 -53.62 11.97 0.33
C VAL C 348 -52.54 13.04 0.05
N ARG C 349 -52.91 14.32 0.12
CA ARG C 349 -51.96 15.39 -0.18
C ARG C 349 -50.80 15.45 0.81
N ILE C 350 -51.09 15.24 2.11
CA ILE C 350 -50.02 15.34 3.10
C ILE C 350 -49.05 14.21 2.90
N CYS C 351 -49.60 12.99 2.73
CA CYS C 351 -48.74 11.84 2.42
C CYS C 351 -47.79 12.13 1.26
N ILE C 352 -48.32 12.58 0.12
CA ILE C 352 -47.48 12.80 -1.04
C ILE C 352 -46.41 13.85 -0.73
N GLU C 353 -46.80 14.94 -0.07
CA GLU C 353 -45.86 16.00 0.23
C GLU C 353 -44.72 15.51 1.12
N ALA C 354 -45.08 14.85 2.22
CA ALA C 354 -44.06 14.36 3.16
C ALA C 354 -43.21 13.25 2.57
N GLN C 355 -43.80 12.36 1.78
CA GLN C 355 -42.99 11.29 1.14
C GLN C 355 -41.97 11.96 0.23
N SER C 356 -42.40 13.00 -0.46
CA SER C 356 -41.53 13.71 -1.38
C SER C 356 -40.48 14.54 -0.66
N ALA C 357 -40.72 14.98 0.57
CA ALA C 357 -39.69 15.67 1.34
C ALA C 357 -38.79 14.72 2.09
N THR C 358 -39.11 13.44 2.14
CA THR C 358 -38.21 12.50 2.75
C THR C 358 -37.07 12.19 1.78
N HIS C 359 -35.87 11.95 2.34
CA HIS C 359 -34.70 11.56 1.56
C HIS C 359 -34.90 10.11 1.10
N ASP C 360 -34.83 9.89 -0.23
CA ASP C 360 -35.22 8.60 -0.79
C ASP C 360 -34.53 7.41 -0.13
N SER C 361 -33.29 7.58 0.31
CA SER C 361 -32.41 6.44 0.53
C SER C 361 -32.10 6.15 1.99
N VAL C 362 -32.49 7.02 2.91
CA VAL C 362 -32.00 6.88 4.29
C VAL C 362 -32.51 5.57 4.90
N MET C 363 -33.81 5.27 4.75
CA MET C 363 -34.39 4.08 5.38
C MET C 363 -33.81 2.79 4.80
N PHE C 364 -33.71 2.72 3.48
CA PHE C 364 -33.05 1.56 2.90
C PHE C 364 -31.65 1.36 3.50
N ASN C 365 -30.85 2.43 3.59
CA ASN C 365 -29.54 2.23 4.16
C ASN C 365 -29.60 1.87 5.64
N SER C 366 -30.49 2.48 6.41
CA SER C 366 -30.44 2.20 7.84
C SER C 366 -30.86 0.79 8.14
N ILE C 367 -31.95 0.34 7.49
CA ILE C 367 -32.39 -1.04 7.65
C ILE C 367 -31.32 -2.02 7.19
N LYS C 368 -30.72 -1.78 6.00
CA LYS C 368 -29.71 -2.71 5.48
C LYS C 368 -28.53 -2.82 6.43
N ASN C 369 -28.08 -1.69 7.03
CA ASN C 369 -26.97 -1.78 7.98
C ASN C 369 -27.37 -2.41 9.29
N LEU C 370 -28.66 -2.58 9.55
CA LEU C 370 -28.92 -3.36 10.77
C LEU C 370 -28.75 -4.86 10.58
N GLN C 371 -28.64 -5.34 9.32
CA GLN C 371 -28.74 -6.76 8.95
C GLN C 371 -27.47 -7.54 9.26
N LYS C 372 -27.63 -8.66 9.97
CA LYS C 372 -26.45 -9.51 10.23
C LYS C 372 -26.03 -10.26 8.97
N ILE C 373 -24.72 -10.50 8.89
CA ILE C 373 -24.14 -10.77 7.59
C ILE C 373 -23.53 -12.10 7.97
N PRO C 374 -24.10 -13.24 7.58
CA PRO C 374 -24.52 -13.85 6.32
C PRO C 374 -26.04 -13.67 6.35
N MET C 375 -26.55 -13.01 5.36
CA MET C 375 -27.99 -12.83 5.23
C MET C 375 -28.59 -14.14 4.76
N SER C 376 -29.86 -14.34 5.07
CA SER C 376 -30.62 -15.42 4.46
C SER C 376 -30.79 -15.16 2.97
N PRO C 377 -30.94 -16.20 2.15
CA PRO C 377 -31.27 -15.95 0.73
C PRO C 377 -32.53 -15.13 0.55
N GLU C 378 -33.59 -15.43 1.30
CA GLU C 378 -34.83 -14.66 1.20
C GLU C 378 -34.56 -13.18 1.42
N GLU C 379 -33.85 -12.88 2.52
CA GLU C 379 -33.58 -11.49 2.85
C GLU C 379 -32.69 -10.87 1.79
N ALA C 380 -31.69 -11.61 1.34
CA ALA C 380 -30.80 -11.10 0.32
C ALA C 380 -31.56 -10.73 -0.94
N VAL C 381 -32.49 -11.59 -1.34
CA VAL C 381 -33.22 -11.36 -2.57
C VAL C 381 -34.04 -10.09 -2.48
N CYS C 382 -34.69 -9.86 -1.32
CA CYS C 382 -35.54 -8.67 -1.16
C CYS C 382 -34.75 -7.37 -1.06
N SER C 383 -33.75 -7.34 -0.19
CA SER C 383 -32.91 -6.16 -0.11
C SER C 383 -32.27 -5.87 -1.45
N SER C 384 -31.74 -6.90 -2.11
CA SER C 384 -31.03 -6.67 -3.36
CA SER C 384 -31.02 -6.68 -3.37
C SER C 384 -31.95 -6.17 -4.46
N ALA C 385 -33.22 -6.56 -4.41
CA ALA C 385 -34.13 -6.05 -5.43
C ALA C 385 -34.34 -4.55 -5.24
N VAL C 386 -34.45 -4.09 -3.98
CA VAL C 386 -34.59 -2.65 -3.74
C VAL C 386 -33.32 -1.88 -4.16
N SER C 387 -32.12 -2.38 -3.82
CA SER C 387 -30.90 -1.67 -4.25
C SER C 387 -30.74 -1.68 -5.76
N SER C 388 -31.17 -2.78 -6.41
CA SER C 388 -31.19 -2.82 -7.86
C SER C 388 -32.09 -1.75 -8.40
N ALA C 389 -33.27 -1.60 -7.81
CA ALA C 389 -34.21 -0.59 -8.28
C ALA C 389 -33.59 0.79 -8.18
N PHE C 390 -32.93 1.06 -7.06
CA PHE C 390 -32.24 2.34 -6.92
C PHE C 390 -31.14 2.53 -7.99
N GLU C 391 -30.34 1.49 -8.25
CA GLU C 391 -29.20 1.71 -9.15
C GLU C 391 -29.60 1.84 -10.61
N VAL C 392 -30.66 1.14 -11.02
CA VAL C 392 -31.14 1.28 -12.39
C VAL C 392 -32.20 2.37 -12.52
N GLN C 393 -32.54 3.05 -11.41
CA GLN C 393 -33.63 4.01 -11.37
C GLN C 393 -34.90 3.38 -11.94
N ALA C 394 -35.25 2.22 -11.38
CA ALA C 394 -36.49 1.53 -11.72
C ALA C 394 -37.74 2.34 -11.31
N LYS C 395 -38.76 2.24 -12.15
CA LYS C 395 -40.02 2.96 -11.87
C LYS C 395 -41.01 2.02 -11.19
N ALA C 396 -40.70 0.72 -11.13
CA ALA C 396 -41.60 -0.17 -10.40
C ALA C 396 -40.91 -1.47 -10.07
N ILE C 397 -41.22 -2.00 -8.92
CA ILE C 397 -40.90 -3.37 -8.57
C ILE C 397 -42.18 -4.20 -8.70
N LEU C 398 -42.10 -5.33 -9.38
CA LEU C 398 -43.27 -6.21 -9.54
C LEU C 398 -42.93 -7.50 -8.84
N VAL C 399 -43.58 -7.81 -7.74
CA VAL C 399 -43.33 -9.09 -7.08
C VAL C 399 -44.54 -10.02 -7.23
N LEU C 400 -44.26 -11.30 -7.48
CA LEU C 400 -45.27 -12.36 -7.59
C LEU C 400 -45.26 -13.15 -6.29
N SER C 401 -46.22 -12.86 -5.41
CA SER C 401 -46.30 -13.47 -4.09
C SER C 401 -47.72 -13.94 -3.78
N ASN C 402 -47.88 -15.19 -3.34
CA ASN C 402 -49.23 -15.66 -3.06
C ASN C 402 -49.71 -15.25 -1.67
N THR C 403 -48.89 -15.33 -0.65
CA THR C 403 -49.36 -14.87 0.64
C THR C 403 -49.02 -13.40 0.88
N GLY C 404 -48.09 -12.83 0.13
CA GLY C 404 -47.70 -11.45 0.38
C GLY C 404 -46.49 -11.26 1.30
N ARG C 405 -45.99 -12.32 1.91
CA ARG C 405 -44.81 -12.20 2.79
C ARG C 405 -43.71 -11.46 2.05
N SER C 406 -43.44 -11.86 0.81
CA SER C 406 -42.36 -11.21 0.03
C SER C 406 -42.66 -9.73 -0.11
N ALA C 407 -43.89 -9.38 -0.45
CA ALA C 407 -44.19 -7.97 -0.70
C ALA C 407 -43.94 -7.15 0.55
N ARG C 408 -44.24 -7.70 1.70
CA ARG C 408 -43.93 -6.97 2.90
C ARG C 408 -42.42 -6.88 3.10
N LEU C 409 -41.67 -7.93 2.79
CA LEU C 409 -40.23 -7.88 2.97
C LEU C 409 -39.56 -6.89 2.00
N ILE C 410 -40.07 -6.77 0.77
CA ILE C 410 -39.54 -5.76 -0.15
C ILE C 410 -39.89 -4.36 0.35
N SER C 411 -41.15 -4.14 0.78
CA SER C 411 -41.54 -2.86 1.34
C SER C 411 -40.69 -2.47 2.55
N LYS C 412 -40.32 -3.43 3.39
CA LYS C 412 -39.48 -3.12 4.54
C LYS C 412 -38.22 -2.36 4.15
N TYR C 413 -37.63 -2.70 3.00
CA TYR C 413 -36.44 -1.99 2.58
C TYR C 413 -36.76 -0.64 1.97
N ARG C 414 -38.01 -0.27 1.92
CA ARG C 414 -38.50 1.05 1.53
C ARG C 414 -37.92 1.59 0.24
N PRO C 415 -38.25 0.98 -0.89
CA PRO C 415 -37.85 1.53 -2.20
C PRO C 415 -38.46 2.87 -2.48
N ASN C 416 -38.11 3.49 -3.58
CA ASN C 416 -38.70 4.77 -3.89
C ASN C 416 -39.72 4.71 -5.01
N CYS C 417 -40.02 3.55 -5.55
CA CYS C 417 -41.02 3.39 -6.61
C CYS C 417 -42.22 2.54 -6.14
N PRO C 418 -43.28 2.46 -6.94
CA PRO C 418 -44.38 1.59 -6.53
C PRO C 418 -43.98 0.11 -6.55
N ILE C 419 -44.61 -0.66 -5.65
CA ILE C 419 -44.50 -2.11 -5.59
C ILE C 419 -45.83 -2.69 -6.05
N ILE C 420 -45.79 -3.52 -7.06
CA ILE C 420 -46.98 -4.20 -7.56
C ILE C 420 -46.86 -5.67 -7.19
N CYS C 421 -47.85 -6.18 -6.47
CA CYS C 421 -47.88 -7.59 -6.05
C CYS C 421 -48.97 -8.31 -6.85
N ALA C 422 -48.56 -9.27 -7.68
CA ALA C 422 -49.47 -10.14 -8.41
C ALA C 422 -49.69 -11.35 -7.53
N THR C 423 -50.97 -11.58 -7.15
CA THR C 423 -51.41 -12.70 -6.33
C THR C 423 -52.48 -13.48 -7.04
N THR C 424 -52.59 -14.71 -6.63
CA THR C 424 -53.73 -15.55 -6.90
C THR C 424 -54.78 -15.55 -5.78
N ARG C 425 -54.55 -14.84 -4.68
CA ARG C 425 -55.44 -14.81 -3.53
C ARG C 425 -56.02 -13.42 -3.32
N LEU C 426 -57.37 -13.32 -3.38
CA LEU C 426 -58.04 -12.04 -3.13
C LEU C 426 -57.89 -11.59 -1.68
N LEU C 427 -57.81 -12.54 -0.75
CA LEU C 427 -57.49 -12.20 0.61
C LEU C 427 -56.16 -11.47 0.67
N THR C 428 -55.18 -11.88 -0.16
CA THR C 428 -53.89 -11.19 -0.14
C THR C 428 -54.02 -9.80 -0.75
N CYS C 429 -54.76 -9.66 -1.86
CA CYS C 429 -54.99 -8.34 -2.45
C CYS C 429 -55.49 -7.41 -1.39
N ARG C 430 -56.48 -7.87 -0.59
CA ARG C 430 -57.11 -7.01 0.39
C ARG C 430 -56.19 -6.72 1.58
N GLN C 431 -55.46 -7.74 2.07
CA GLN C 431 -54.63 -7.55 3.26
C GLN C 431 -53.38 -6.74 2.98
N LEU C 432 -52.90 -6.74 1.75
CA LEU C 432 -51.73 -5.93 1.51
C LEU C 432 -52.06 -4.44 1.46
N ASN C 433 -53.34 -4.05 1.58
CA ASN C 433 -53.70 -2.64 1.59
C ASN C 433 -53.07 -1.85 2.72
N VAL C 434 -52.42 -2.51 3.67
CA VAL C 434 -51.96 -1.88 4.88
C VAL C 434 -50.44 -1.82 4.95
N THR C 435 -49.73 -2.15 3.85
CA THR C 435 -48.28 -1.99 3.75
C THR C 435 -47.92 -0.92 2.73
N ARG C 436 -46.84 -0.19 3.02
CA ARG C 436 -46.51 1.01 2.28
C ARG C 436 -46.03 0.64 0.88
N SER C 437 -46.50 1.39 -0.13
CA SER C 437 -46.05 1.32 -1.51
C SER C 437 -46.58 0.12 -2.31
N VAL C 438 -47.37 -0.78 -1.68
CA VAL C 438 -47.82 -1.97 -2.39
C VAL C 438 -49.21 -1.75 -2.98
N GLU C 439 -49.45 -2.45 -4.08
CA GLU C 439 -50.67 -2.39 -4.86
C GLU C 439 -50.91 -3.76 -5.46
N SER C 440 -52.07 -4.33 -5.23
CA SER C 440 -52.24 -5.69 -5.68
C SER C 440 -52.95 -5.80 -7.00
N VAL C 441 -52.54 -6.85 -7.72
CA VAL C 441 -53.19 -7.22 -9.00
C VAL C 441 -53.56 -8.70 -8.80
N TYR C 442 -54.78 -9.09 -9.13
CA TYR C 442 -55.28 -10.43 -8.89
C TYR C 442 -55.27 -11.24 -10.17
N TYR C 443 -54.79 -12.48 -10.07
CA TYR C 443 -54.79 -13.41 -11.18
C TYR C 443 -55.82 -14.50 -10.84
N ASP C 444 -56.86 -14.59 -11.65
CA ASP C 444 -57.88 -15.62 -11.43
C ASP C 444 -57.41 -16.93 -12.05
N VAL C 445 -56.79 -17.77 -11.23
CA VAL C 445 -56.32 -19.09 -11.73
C VAL C 445 -57.48 -19.74 -12.49
N ASP C 446 -58.64 -19.84 -11.86
CA ASP C 446 -59.79 -20.50 -12.48
C ASP C 446 -60.18 -19.87 -13.84
N ALA C 447 -60.14 -18.55 -13.94
CA ALA C 447 -60.60 -17.89 -15.16
C ALA C 447 -59.64 -18.11 -16.33
N HIS C 448 -58.33 -18.04 -16.10
CA HIS C 448 -57.31 -18.16 -17.13
C HIS C 448 -56.46 -19.42 -16.91
N GLY C 449 -55.19 -19.40 -17.34
CA GLY C 449 -54.38 -20.61 -17.32
C GLY C 449 -53.86 -20.96 -15.93
N GLU C 450 -52.78 -21.74 -15.89
CA GLU C 450 -52.13 -22.05 -14.63
C GLU C 450 -50.84 -21.26 -14.41
N ASP C 451 -50.42 -20.47 -15.40
CA ASP C 451 -49.22 -19.65 -15.32
C ASP C 451 -48.07 -20.32 -14.60
N ASN C 452 -47.87 -21.60 -14.88
CA ASN C 452 -46.72 -22.35 -14.38
C ASN C 452 -45.43 -21.60 -14.64
N ASP C 453 -45.27 -21.09 -15.87
CA ASP C 453 -44.11 -20.34 -16.34
C ASP C 453 -43.84 -19.07 -15.54
N ARG C 454 -44.86 -18.62 -14.79
CA ARG C 454 -45.04 -17.30 -14.17
C ARG C 454 -44.91 -16.18 -15.20
N GLU C 455 -45.79 -16.14 -16.19
CA GLU C 455 -45.61 -15.25 -17.34
C GLU C 455 -46.84 -14.39 -17.54
N LYS C 456 -48.01 -15.03 -17.48
CA LYS C 456 -49.26 -14.30 -17.57
C LYS C 456 -49.33 -13.27 -16.43
N ARG C 457 -49.00 -13.70 -15.20
CA ARG C 457 -48.97 -12.79 -14.05
C ARG C 457 -48.04 -11.59 -14.28
N VAL C 458 -46.79 -11.85 -14.65
CA VAL C 458 -45.85 -10.78 -14.98
C VAL C 458 -46.48 -9.82 -15.99
N GLN C 459 -47.13 -10.36 -17.01
CA GLN C 459 -47.82 -9.50 -17.98
C GLN C 459 -48.88 -8.69 -17.27
N LEU C 460 -49.73 -9.36 -16.49
CA LEU C 460 -50.73 -8.66 -15.70
C LEU C 460 -50.13 -7.49 -14.92
N GLY C 461 -48.96 -7.70 -14.31
CA GLY C 461 -48.32 -6.67 -13.50
C GLY C 461 -47.80 -5.52 -14.35
N VAL C 462 -47.01 -5.85 -15.37
CA VAL C 462 -46.49 -4.84 -16.29
C VAL C 462 -47.64 -4.06 -16.92
N ASP C 463 -48.62 -4.76 -17.51
CA ASP C 463 -49.84 -4.14 -18.01
C ASP C 463 -50.40 -3.15 -17.01
N TRP C 464 -50.55 -3.60 -15.78
CA TRP C 464 -51.16 -2.73 -14.76
C TRP C 464 -50.32 -1.46 -14.66
N ALA C 465 -49.02 -1.61 -14.39
CA ALA C 465 -48.20 -0.43 -14.17
C ALA C 465 -48.18 0.48 -15.39
N LYS C 466 -48.35 -0.09 -16.58
CA LYS C 466 -48.50 0.73 -17.78
C LYS C 466 -49.79 1.55 -17.68
N THR C 467 -50.95 0.90 -17.49
CA THR C 467 -52.19 1.66 -17.38
C THR C 467 -52.18 2.55 -16.14
N LYS C 468 -51.67 2.07 -15.05
CA LYS C 468 -51.67 2.90 -13.84
C LYS C 468 -50.98 4.28 -14.08
N GLY C 469 -50.11 4.48 -15.08
CA GLY C 469 -49.24 5.65 -15.17
C GLY C 469 -47.81 5.52 -14.61
N TYR C 470 -47.40 4.34 -14.10
CA TYR C 470 -46.10 4.15 -13.44
C TYR C 470 -44.96 4.01 -14.44
N VAL C 471 -45.17 3.27 -15.51
CA VAL C 471 -44.09 2.88 -16.40
C VAL C 471 -44.50 3.18 -17.82
N SER C 472 -43.48 3.43 -18.64
CA SER C 472 -43.72 3.64 -20.08
C SER C 472 -42.70 2.73 -20.75
N ALA C 473 -42.90 2.40 -22.02
CA ALA C 473 -41.89 1.76 -22.86
C ALA C 473 -40.52 2.43 -22.82
N GLY C 474 -39.50 1.67 -22.42
CA GLY C 474 -38.14 2.15 -22.22
C GLY C 474 -37.69 2.15 -20.78
N ASP C 475 -38.62 2.29 -19.83
CA ASP C 475 -38.31 2.30 -18.40
C ASP C 475 -37.95 0.90 -17.91
N VAL C 476 -37.31 0.84 -16.74
CA VAL C 476 -36.85 -0.43 -16.20
C VAL C 476 -37.69 -0.82 -14.98
N MET C 477 -37.97 -2.13 -14.89
CA MET C 477 -38.79 -2.70 -13.84
C MET C 477 -38.02 -3.85 -13.22
N VAL C 478 -38.20 -4.04 -11.93
CA VAL C 478 -37.55 -5.11 -11.19
C VAL C 478 -38.65 -6.09 -10.86
N ILE C 479 -38.44 -7.37 -11.19
CA ILE C 479 -39.44 -8.43 -11.02
C ILE C 479 -38.87 -9.51 -10.12
N VAL C 480 -39.56 -9.82 -9.04
CA VAL C 480 -39.11 -10.78 -8.03
C VAL C 480 -40.14 -11.91 -7.94
N HIS C 481 -39.66 -13.14 -8.03
CA HIS C 481 -40.60 -14.28 -8.01
C HIS C 481 -39.89 -15.56 -7.62
N ALA C 482 -40.64 -16.65 -7.59
CA ALA C 482 -40.07 -17.95 -7.28
C ALA C 482 -39.80 -18.76 -8.54
N ASP C 483 -38.73 -19.54 -8.49
CA ASP C 483 -38.43 -20.44 -9.58
C ASP C 483 -39.33 -21.68 -9.50
N HIS C 484 -39.36 -22.42 -10.62
CA HIS C 484 -40.23 -23.57 -10.82
C HIS C 484 -39.61 -24.88 -10.32
N SER C 485 -38.51 -24.81 -9.54
CA SER C 485 -37.91 -25.97 -8.88
C SER C 485 -38.18 -26.03 -7.37
N VAL C 486 -38.57 -24.93 -6.73
CA VAL C 486 -38.83 -24.86 -5.30
C VAL C 486 -40.18 -24.18 -5.09
N LYS C 487 -40.66 -24.20 -3.85
CA LYS C 487 -41.86 -23.47 -3.44
C LYS C 487 -41.59 -22.84 -2.06
N GLY C 488 -42.61 -22.22 -1.49
CA GLY C 488 -42.46 -21.53 -0.22
C GLY C 488 -42.15 -20.04 -0.20
N TYR C 489 -41.13 -19.58 -0.94
CA TYR C 489 -40.70 -18.17 -0.90
C TYR C 489 -39.95 -17.78 -2.19
N PRO C 490 -40.07 -16.51 -2.67
CA PRO C 490 -39.31 -16.10 -3.88
C PRO C 490 -37.79 -15.92 -3.70
N ASN C 491 -37.06 -16.46 -4.70
CA ASN C 491 -35.61 -16.50 -4.67
C ASN C 491 -35.02 -16.14 -6.02
N GLN C 492 -35.80 -15.55 -6.94
CA GLN C 492 -35.34 -15.30 -8.31
C GLN C 492 -35.69 -13.89 -8.70
N THR C 493 -34.81 -13.20 -9.44
CA THR C 493 -35.09 -11.77 -9.76
C THR C 493 -34.65 -11.40 -11.17
N ARG C 494 -35.42 -10.58 -11.87
CA ARG C 494 -35.04 -10.11 -13.21
C ARG C 494 -35.26 -8.62 -13.39
N LEU C 495 -34.48 -8.03 -14.28
CA LEU C 495 -34.50 -6.60 -14.58
C LEU C 495 -34.88 -6.45 -16.03
N VAL C 496 -36.02 -5.81 -16.27
CA VAL C 496 -36.66 -5.86 -17.57
C VAL C 496 -36.96 -4.45 -18.05
N ARG C 497 -36.81 -4.21 -19.35
CA ARG C 497 -37.13 -2.91 -19.91
C ARG C 497 -38.48 -2.98 -20.56
N VAL C 498 -39.37 -2.07 -20.20
CA VAL C 498 -40.75 -2.17 -20.68
C VAL C 498 -40.79 -1.90 -22.18
N ARG C 499 -41.48 -2.75 -22.92
CA ARG C 499 -41.55 -2.59 -24.39
C ARG C 499 -43.01 -2.39 -24.81
N GLU C 500 -43.25 -1.55 -25.81
CA GLU C 500 -44.63 -1.33 -26.33
C GLU C 500 -44.54 -0.58 -27.67
N SER D 2 -27.37 6.29 12.86
CA SER D 2 -28.67 6.03 12.21
C SER D 2 -29.80 6.42 13.15
N GLN D 3 -30.60 7.43 12.82
CA GLN D 3 -31.72 7.74 13.74
C GLN D 3 -32.55 6.47 13.94
N LEU D 4 -32.81 5.71 12.88
CA LEU D 4 -33.53 4.46 13.03
C LEU D 4 -33.03 3.66 14.22
N GLN D 5 -31.72 3.38 14.24
CA GLN D 5 -31.12 2.64 15.36
C GLN D 5 -31.38 3.32 16.70
N HIS D 6 -31.16 4.63 16.76
CA HIS D 6 -31.43 5.39 17.98
C HIS D 6 -32.88 5.23 18.41
N ASN D 7 -33.80 5.41 17.46
CA ASN D 7 -35.24 5.30 17.69
C ASN D 7 -35.56 3.99 18.33
N ILE D 8 -35.02 2.89 17.78
CA ILE D 8 -35.42 1.59 18.30
C ILE D 8 -34.77 1.33 19.65
N GLY D 9 -33.78 2.12 20.03
CA GLY D 9 -33.36 2.00 21.40
C GLY D 9 -33.97 3.00 22.36
N LEU D 10 -34.91 3.84 21.91
CA LEU D 10 -35.50 4.84 22.78
C LEU D 10 -36.40 4.22 23.82
N SER D 11 -36.37 4.76 25.04
CA SER D 11 -37.28 4.37 26.12
C SER D 11 -37.89 5.57 26.78
N ILE D 12 -39.22 5.58 26.92
CA ILE D 12 -39.86 6.70 27.61
C ILE D 12 -39.82 6.52 29.11
N PHE D 13 -39.40 5.36 29.60
CA PHE D 13 -39.37 5.12 31.05
C PHE D 13 -38.06 5.57 31.69
N GLU D 14 -37.08 5.95 30.88
CA GLU D 14 -35.82 6.37 31.48
C GLU D 14 -35.81 7.88 31.62
N PRO D 15 -35.23 8.40 32.71
CA PRO D 15 -35.07 9.86 32.80
C PRO D 15 -34.05 10.32 31.77
N VAL D 16 -34.30 11.55 31.28
CA VAL D 16 -33.46 12.22 30.28
C VAL D 16 -32.22 12.81 30.93
N ALA D 17 -31.18 12.99 30.13
CA ALA D 17 -29.87 13.34 30.65
C ALA D 17 -29.18 14.51 29.95
N LYS D 18 -29.52 14.82 28.70
CA LYS D 18 -28.93 15.96 28.00
C LYS D 18 -29.24 17.30 28.72
N HIS D 19 -28.38 18.30 28.41
CA HIS D 19 -28.53 19.69 28.83
C HIS D 19 -29.16 20.50 27.72
N ARG D 20 -30.23 21.20 28.05
CA ARG D 20 -31.01 21.94 27.07
C ARG D 20 -30.15 22.84 26.19
N ALA D 21 -30.24 22.58 24.88
CA ALA D 21 -29.47 23.28 23.86
C ALA D 21 -30.28 24.33 23.10
N ASN D 22 -31.57 24.06 22.94
CA ASN D 22 -32.42 24.99 22.17
C ASN D 22 -32.75 26.20 23.05
N ARG D 23 -33.09 27.33 22.44
CA ARG D 23 -33.31 28.58 23.15
C ARG D 23 -34.75 29.03 23.03
N ILE D 24 -35.23 29.75 24.05
CA ILE D 24 -36.64 30.14 24.16
C ILE D 24 -36.80 31.65 24.14
N ILE D 25 -37.55 32.16 23.17
CA ILE D 25 -37.89 33.59 23.14
C ILE D 25 -39.31 33.80 23.64
N CYS D 26 -39.49 34.76 24.57
CA CYS D 26 -40.80 35.10 25.12
C CYS D 26 -41.19 36.54 24.79
N THR D 27 -42.38 36.73 24.24
CA THR D 27 -42.88 38.09 24.06
C THR D 27 -43.56 38.60 25.33
N ILE D 28 -43.35 39.86 25.62
CA ILE D 28 -43.76 40.43 26.90
C ILE D 28 -45.04 41.24 26.72
N GLY D 29 -45.94 41.09 27.67
CA GLY D 29 -47.16 41.85 27.66
C GLY D 29 -47.72 41.99 29.05
N PRO D 30 -48.99 42.32 29.14
CA PRO D 30 -49.63 42.54 30.45
C PRO D 30 -49.34 41.47 31.50
N SER D 31 -49.32 40.19 31.13
CA SER D 31 -49.15 39.14 32.13
C SER D 31 -47.74 39.09 32.69
N THR D 32 -46.80 39.87 32.12
CA THR D 32 -45.38 39.60 32.27
C THR D 32 -44.45 40.81 32.33
N GLN D 33 -44.92 42.04 32.10
CA GLN D 33 -43.98 43.17 32.08
C GLN D 33 -43.45 43.49 33.46
N SER D 34 -44.16 43.02 34.49
CA SER D 34 -43.75 43.15 35.87
C SER D 34 -42.37 42.53 36.09
N VAL D 35 -41.54 43.22 36.88
CA VAL D 35 -40.17 42.74 37.12
C VAL D 35 -40.19 41.33 37.72
N GLU D 36 -41.03 41.10 38.74
CA GLU D 36 -41.12 39.77 39.32
C GLU D 36 -41.57 38.74 38.27
N ALA D 37 -42.51 39.13 37.39
CA ALA D 37 -42.93 38.22 36.34
C ALA D 37 -41.74 37.84 35.43
N LEU D 38 -40.92 38.83 35.07
CA LEU D 38 -39.75 38.57 34.25
C LEU D 38 -38.76 37.65 34.94
N LYS D 39 -38.50 37.88 36.23
CA LYS D 39 -37.65 36.94 36.96
C LYS D 39 -38.25 35.51 36.88
N GLY D 40 -39.58 35.38 36.97
CA GLY D 40 -40.18 34.07 36.84
C GLY D 40 -40.01 33.47 35.45
N LEU D 41 -40.17 34.31 34.41
CA LEU D 41 -39.97 33.88 33.04
C LEU D 41 -38.53 33.42 32.80
N MET D 42 -37.55 34.14 33.34
CA MET D 42 -36.15 33.74 33.20
C MET D 42 -35.86 32.44 33.93
N LYS D 43 -36.11 32.37 35.23
CA LYS D 43 -35.92 31.10 35.91
C LYS D 43 -36.56 29.98 35.10
N SER D 44 -37.72 30.25 34.51
CA SER D 44 -38.40 29.17 33.82
C SER D 44 -37.70 28.80 32.53
N GLY D 45 -36.81 29.64 32.03
CA GLY D 45 -36.06 29.31 30.84
C GLY D 45 -36.18 30.27 29.68
N MET D 46 -36.50 31.53 29.93
CA MET D 46 -36.48 32.53 28.87
C MET D 46 -35.04 32.93 28.65
N SER D 47 -34.68 33.14 27.40
CA SER D 47 -33.32 33.58 27.04
C SER D 47 -33.30 34.93 26.33
N VAL D 48 -34.32 35.27 25.56
CA VAL D 48 -34.49 36.58 24.93
C VAL D 48 -35.93 37.04 25.16
N ALA D 49 -36.09 38.32 25.46
CA ALA D 49 -37.40 38.92 25.66
C ALA D 49 -37.78 39.78 24.45
N ARG D 50 -38.93 39.48 23.84
CA ARG D 50 -39.40 40.18 22.64
C ARG D 50 -40.42 41.28 22.97
N MET D 51 -40.23 42.44 22.32
CA MET D 51 -41.18 43.57 22.36
C MET D 51 -41.93 43.61 21.05
N ASN D 52 -43.25 43.37 21.09
CA ASN D 52 -44.06 43.46 19.89
C ASN D 52 -44.45 44.92 19.70
N PHE D 53 -43.75 45.60 18.79
CA PHE D 53 -43.97 47.01 18.49
C PHE D 53 -45.20 47.25 17.65
N SER D 54 -45.90 46.20 17.26
CA SER D 54 -47.17 46.39 16.60
C SER D 54 -48.12 47.24 17.46
N HIS D 55 -47.90 47.29 18.77
CA HIS D 55 -48.73 48.02 19.73
C HIS D 55 -47.83 48.53 20.84
N GLY D 56 -48.20 49.66 21.40
CA GLY D 56 -47.53 50.12 22.60
C GLY D 56 -46.91 51.47 22.40
N SER D 57 -46.75 52.21 23.48
CA SER D 57 -46.15 53.53 23.42
C SER D 57 -44.66 53.38 23.70
N TYR D 58 -43.90 54.36 23.23
CA TYR D 58 -42.48 54.41 23.55
C TYR D 58 -42.26 54.33 25.05
N GLU D 59 -43.16 54.92 25.86
CA GLU D 59 -43.07 54.80 27.31
C GLU D 59 -43.30 53.35 27.74
N TYR D 60 -44.27 52.70 27.10
CA TYR D 60 -44.59 51.28 27.44
C TYR D 60 -43.34 50.42 27.27
N HIS D 61 -42.71 50.51 26.11
CA HIS D 61 -41.59 49.62 25.83
C HIS D 61 -40.35 50.00 26.63
N GLN D 62 -40.12 51.29 26.87
CA GLN D 62 -39.10 51.69 27.83
C GLN D 62 -39.29 50.97 29.15
N THR D 63 -40.55 50.85 29.59
CA THR D 63 -40.84 50.05 30.78
C THR D 63 -40.39 48.60 30.61
N THR D 64 -40.73 47.95 29.47
CA THR D 64 -40.30 46.54 29.39
C THR D 64 -38.78 46.46 29.46
N ILE D 65 -38.10 47.40 28.80
CA ILE D 65 -36.64 47.30 28.72
C ILE D 65 -36.03 47.37 30.11
N ASN D 66 -36.43 48.38 30.89
CA ASN D 66 -35.83 48.54 32.22
C ASN D 66 -36.23 47.43 33.17
N ASN D 67 -37.43 46.87 33.00
CA ASN D 67 -37.84 45.77 33.87
C ASN D 67 -37.06 44.49 33.58
N VAL D 68 -36.87 44.14 32.30
CA VAL D 68 -36.07 42.93 32.01
C VAL D 68 -34.62 43.17 32.42
N ARG D 69 -34.11 44.38 32.22
CA ARG D 69 -32.76 44.68 32.69
C ARG D 69 -32.64 44.45 34.20
N ALA D 70 -33.60 44.95 34.97
CA ALA D 70 -33.51 44.84 36.41
C ALA D 70 -33.69 43.40 36.87
N ALA D 71 -34.63 42.67 36.27
CA ALA D 71 -34.85 41.29 36.67
C ALA D 71 -33.60 40.44 36.40
N ALA D 72 -33.05 40.58 35.18
CA ALA D 72 -31.83 39.87 34.84
C ALA D 72 -30.73 40.21 35.82
N ALA D 73 -30.52 41.51 36.08
CA ALA D 73 -29.46 41.88 37.00
C ALA D 73 -29.63 41.17 38.34
N GLU D 74 -30.88 41.12 38.83
CA GLU D 74 -31.21 40.44 40.08
C GLU D 74 -30.78 38.98 40.06
N LEU D 75 -31.04 38.28 38.94
CA LEU D 75 -30.71 36.87 38.83
C LEU D 75 -29.30 36.64 38.31
N GLY D 76 -28.56 37.70 38.00
CA GLY D 76 -27.24 37.52 37.41
C GLY D 76 -27.23 36.90 36.01
N LEU D 77 -28.23 37.21 35.18
CA LEU D 77 -28.31 36.67 33.82
C LEU D 77 -28.07 37.76 32.78
N HIS D 78 -27.77 37.33 31.55
CA HIS D 78 -27.65 38.24 30.42
C HIS D 78 -28.70 37.87 29.40
N ILE D 79 -29.80 38.64 29.39
CA ILE D 79 -30.96 38.34 28.57
C ILE D 79 -30.96 39.25 27.35
N GLY D 80 -31.17 38.69 26.17
CA GLY D 80 -31.28 39.52 24.98
C GLY D 80 -32.66 40.16 24.92
N ILE D 81 -32.70 41.41 24.42
CA ILE D 81 -33.96 42.13 24.16
C ILE D 81 -34.11 42.28 22.65
N ALA D 82 -35.28 41.91 22.14
CA ALA D 82 -35.55 41.99 20.71
C ALA D 82 -36.64 43.02 20.46
N LEU D 83 -36.53 43.72 19.32
CA LEU D 83 -37.53 44.69 18.90
C LEU D 83 -38.16 44.17 17.62
N ASP D 84 -39.42 43.72 17.73
CA ASP D 84 -40.15 43.18 16.59
C ASP D 84 -40.97 44.30 15.99
N THR D 85 -40.57 44.75 14.80
CA THR D 85 -41.14 45.91 14.16
C THR D 85 -42.62 45.69 13.81
N LYS D 86 -43.35 46.81 13.66
CA LYS D 86 -44.70 46.73 13.13
C LYS D 86 -44.68 46.40 11.65
N GLY D 87 -43.80 47.03 10.89
CA GLY D 87 -43.60 46.65 9.52
C GLY D 87 -44.60 47.34 8.60
N PRO D 88 -44.32 47.33 7.30
CA PRO D 88 -45.11 48.13 6.35
C PRO D 88 -46.27 47.33 5.81
N GLU D 89 -47.33 47.16 6.57
CA GLU D 89 -48.32 46.19 6.12
C GLU D 89 -49.68 46.82 6.37
N ILE D 90 -50.52 46.85 5.34
CA ILE D 90 -51.80 47.52 5.45
C ILE D 90 -52.66 46.87 6.54
N ARG D 91 -53.14 47.70 7.47
CA ARG D 91 -53.98 47.34 8.59
C ARG D 91 -55.27 48.16 8.54
N THR D 92 -56.26 47.81 9.38
CA THR D 92 -57.54 48.51 9.25
C THR D 92 -58.06 49.66 10.09
N GLY D 93 -57.94 49.56 11.39
CA GLY D 93 -58.03 50.69 12.27
C GLY D 93 -58.68 50.28 13.57
N LEU D 94 -59.54 51.13 14.10
CA LEU D 94 -60.18 50.85 15.37
C LEU D 94 -61.68 50.96 15.19
N PHE D 95 -62.39 50.13 15.96
CA PHE D 95 -63.81 49.94 15.80
C PHE D 95 -64.32 50.62 17.06
N LYS D 96 -65.47 51.28 16.96
CA LYS D 96 -66.47 51.57 17.98
C LYS D 96 -66.69 50.19 18.61
N ASP D 97 -66.48 50.10 19.93
CA ASP D 97 -66.73 48.94 20.80
C ASP D 97 -65.67 47.85 20.71
N GLY D 98 -64.69 47.96 19.81
CA GLY D 98 -63.73 46.90 19.63
C GLY D 98 -64.07 45.87 18.59
N GLU D 99 -65.36 45.72 18.25
CA GLU D 99 -65.83 44.65 17.39
C GLU D 99 -66.81 45.22 16.37
N ALA D 100 -67.07 44.41 15.34
CA ALA D 100 -68.14 44.66 14.38
C ALA D 100 -68.27 43.41 13.52
N THR D 101 -69.50 43.00 13.26
CA THR D 101 -69.71 41.79 12.48
C THR D 101 -70.33 42.15 11.12
N TYR D 102 -70.00 41.33 10.10
CA TYR D 102 -70.47 41.54 8.73
C TYR D 102 -71.02 40.24 8.17
N ALA D 103 -72.10 40.38 7.40
CA ALA D 103 -72.82 39.27 6.80
C ALA D 103 -72.71 39.30 5.28
N PRO D 104 -72.70 38.14 4.64
CA PRO D 104 -72.63 38.12 3.17
C PRO D 104 -73.88 38.78 2.58
N GLY D 105 -73.69 39.55 1.52
CA GLY D 105 -74.79 40.28 0.93
C GLY D 105 -75.01 41.67 1.47
N ASP D 106 -74.35 42.02 2.58
CA ASP D 106 -74.30 43.40 3.07
C ASP D 106 -73.35 44.24 2.22
N THR D 107 -73.37 45.53 2.50
CA THR D 107 -72.46 46.49 1.88
C THR D 107 -71.73 47.24 2.98
N VAL D 108 -70.42 47.42 2.81
CA VAL D 108 -69.63 48.17 3.77
C VAL D 108 -68.81 49.22 3.04
N LEU D 109 -68.71 50.39 3.67
CA LEU D 109 -67.85 51.45 3.20
C LEU D 109 -66.45 51.21 3.75
N VAL D 110 -65.45 51.46 2.92
CA VAL D 110 -64.05 51.36 3.32
C VAL D 110 -63.39 52.68 2.97
N THR D 111 -63.14 53.52 3.97
CA THR D 111 -62.59 54.85 3.77
C THR D 111 -61.14 54.91 4.23
N THR D 112 -60.42 55.87 3.67
CA THR D 112 -59.09 56.22 4.16
C THR D 112 -59.05 57.61 4.80
N ASP D 113 -60.21 58.24 5.04
CA ASP D 113 -60.31 59.48 5.83
C ASP D 113 -59.95 59.24 7.29
N PRO D 114 -58.89 59.86 7.83
CA PRO D 114 -58.46 59.53 9.21
C PRO D 114 -59.51 59.79 10.32
N ALA D 115 -60.62 60.49 10.03
CA ALA D 115 -61.64 60.75 11.05
C ALA D 115 -62.32 59.47 11.54
N PHE D 116 -62.62 58.54 10.64
CA PHE D 116 -63.15 57.23 11.02
C PHE D 116 -62.08 56.30 11.56
N GLU D 117 -60.86 56.82 11.73
CA GLU D 117 -59.71 56.00 12.13
C GLU D 117 -59.98 55.18 13.39
N LYS D 118 -60.69 55.77 14.36
CA LYS D 118 -61.01 55.08 15.60
C LYS D 118 -62.48 54.67 15.73
N ILE D 119 -63.39 55.36 15.05
CA ILE D 119 -64.83 55.01 15.04
C ILE D 119 -65.08 54.12 13.83
N GLY D 120 -64.89 52.81 14.00
CA GLY D 120 -65.13 51.88 12.92
C GLY D 120 -66.39 51.07 13.19
N THR D 121 -67.35 51.09 12.25
CA THR D 121 -68.62 50.43 12.48
C THR D 121 -68.89 49.47 11.32
N LYS D 122 -69.85 48.56 11.53
CA LYS D 122 -70.23 47.54 10.54
C LYS D 122 -70.47 48.19 9.17
N GLU D 123 -70.78 49.49 9.15
CA GLU D 123 -71.24 50.26 8.00
C GLU D 123 -70.11 50.99 7.26
N LYS D 124 -69.14 51.57 7.99
CA LYS D 124 -67.99 52.26 7.38
C LYS D 124 -66.81 52.22 8.34
N PHE D 125 -65.63 51.84 7.84
CA PHE D 125 -64.41 51.77 8.66
C PHE D 125 -63.18 52.20 7.86
N TYR D 126 -62.09 52.44 8.58
CA TYR D 126 -60.88 53.08 8.07
C TYR D 126 -59.78 52.07 7.76
N VAL D 127 -58.90 52.45 6.82
CA VAL D 127 -57.72 51.67 6.42
C VAL D 127 -56.52 52.63 6.31
N ASP D 128 -55.33 52.15 6.69
CA ASP D 128 -54.18 53.06 6.78
C ASP D 128 -53.68 53.52 5.41
N TYR D 129 -53.58 52.60 4.44
CA TYR D 129 -53.07 52.97 3.09
C TYR D 129 -53.97 54.03 2.49
N PRO D 130 -53.47 55.26 2.21
CA PRO D 130 -54.38 56.34 1.79
C PRO D 130 -54.89 56.24 0.35
N GLN D 131 -54.09 55.67 -0.54
CA GLN D 131 -54.49 55.64 -1.97
C GLN D 131 -55.19 54.34 -2.32
N LEU D 132 -55.57 53.54 -1.31
CA LEU D 132 -56.31 52.32 -1.60
C LEU D 132 -57.42 52.55 -2.63
N PRO D 133 -58.21 53.63 -2.56
CA PRO D 133 -59.23 53.86 -3.61
C PRO D 133 -58.71 53.96 -5.04
N ASN D 134 -57.52 54.53 -5.25
CA ASN D 134 -57.03 54.66 -6.61
C ASN D 134 -56.37 53.39 -7.14
N VAL D 135 -56.08 52.43 -6.28
CA VAL D 135 -55.35 51.21 -6.64
C VAL D 135 -56.30 50.05 -6.96
N VAL D 136 -57.20 49.72 -6.03
CA VAL D 136 -58.18 48.65 -6.27
C VAL D 136 -59.29 49.22 -7.15
N ARG D 137 -59.47 48.62 -8.34
CA ARG D 137 -60.51 49.11 -9.29
C ARG D 137 -61.74 48.23 -9.20
N PRO D 138 -62.97 48.75 -9.43
CA PRO D 138 -64.20 47.97 -9.24
C PRO D 138 -64.09 46.51 -9.68
N GLY D 139 -64.75 45.64 -8.92
CA GLY D 139 -64.61 44.21 -9.06
C GLY D 139 -63.42 43.61 -8.32
N GLY D 140 -62.45 44.44 -7.93
CA GLY D 140 -61.28 43.95 -7.21
C GLY D 140 -61.62 43.43 -5.84
N LEU D 141 -60.74 42.55 -5.35
CA LEU D 141 -60.90 41.85 -4.07
C LEU D 141 -59.93 42.40 -3.01
N ILE D 142 -60.47 42.71 -1.82
CA ILE D 142 -59.70 43.13 -0.66
C ILE D 142 -59.79 42.03 0.41
N TYR D 143 -58.65 41.54 0.87
CA TYR D 143 -58.65 40.47 1.89
C TYR D 143 -58.34 41.08 3.25
N VAL D 144 -59.16 40.77 4.26
CA VAL D 144 -58.98 41.37 5.60
C VAL D 144 -58.59 40.28 6.60
N ASP D 145 -58.30 40.67 7.83
CA ASP D 145 -57.84 39.70 8.86
C ASP D 145 -56.70 38.89 8.24
N ASP D 146 -56.92 37.60 8.04
CA ASP D 146 -55.90 36.76 7.37
C ASP D 146 -56.57 36.08 6.18
N GLY D 147 -57.08 36.88 5.24
CA GLY D 147 -57.76 36.31 4.07
C GLY D 147 -59.07 35.65 4.48
N VAL D 148 -59.51 35.92 5.71
CA VAL D 148 -60.77 35.30 6.21
C VAL D 148 -61.95 36.11 5.66
N LEU D 149 -61.89 37.44 5.81
CA LEU D 149 -62.96 38.29 5.25
C LEU D 149 -62.55 38.76 3.85
N THR D 150 -63.41 38.57 2.86
CA THR D 150 -63.13 39.09 1.54
C THR D 150 -64.17 40.13 1.15
N LEU D 151 -63.74 41.15 0.39
CA LEU D 151 -64.61 42.21 -0.13
C LEU D 151 -64.46 42.33 -1.63
N ARG D 152 -65.60 42.55 -2.30
CA ARG D 152 -65.57 42.82 -3.75
C ARG D 152 -65.96 44.29 -3.89
N VAL D 153 -65.08 45.10 -4.45
CA VAL D 153 -65.35 46.53 -4.54
C VAL D 153 -66.42 46.72 -5.60
N LEU D 154 -67.50 47.40 -5.22
CA LEU D 154 -68.62 47.68 -6.11
C LEU D 154 -68.42 49.06 -6.75
N SER D 155 -68.22 50.10 -5.95
CA SER D 155 -68.06 51.43 -6.53
C SER D 155 -67.03 52.26 -5.77
N LYS D 156 -66.36 53.18 -6.48
CA LYS D 156 -65.51 54.17 -5.83
C LYS D 156 -66.44 55.35 -5.57
N GLU D 157 -67.10 55.33 -4.42
CA GLU D 157 -68.13 56.33 -4.14
C GLU D 157 -67.54 57.74 -3.97
N ASP D 158 -66.71 57.96 -2.93
CA ASP D 158 -66.13 59.28 -2.68
C ASP D 158 -64.68 59.35 -3.18
N ASP D 159 -64.05 60.50 -2.89
CA ASP D 159 -62.64 60.75 -3.19
C ASP D 159 -61.70 59.79 -2.45
N CYS D 160 -62.15 59.25 -1.32
CA CYS D 160 -61.29 58.41 -0.51
C CYS D 160 -62.10 57.44 0.33
N THR D 161 -63.19 56.89 -0.24
CA THR D 161 -63.85 55.70 0.29
C THR D 161 -64.40 54.84 -0.86
N LEU D 162 -64.58 53.54 -0.59
CA LEU D 162 -65.06 52.56 -1.56
C LEU D 162 -66.20 51.76 -0.98
N LYS D 163 -67.24 51.55 -1.78
CA LYS D 163 -68.40 50.74 -1.38
C LYS D 163 -68.17 49.32 -1.88
N CYS D 164 -68.18 48.35 -0.96
CA CYS D 164 -67.85 46.96 -1.24
C CYS D 164 -68.91 46.00 -0.72
N HIS D 165 -69.07 44.90 -1.44
CA HIS D 165 -69.98 43.82 -1.10
C HIS D 165 -69.22 42.78 -0.29
N VAL D 166 -69.72 42.48 0.90
CA VAL D 166 -69.11 41.47 1.77
C VAL D 166 -69.54 40.10 1.27
N ASN D 167 -68.58 39.19 1.08
CA ASN D 167 -68.89 37.90 0.44
C ASN D 167 -69.07 36.78 1.45
N ASN D 168 -68.35 36.82 2.55
CA ASN D 168 -68.50 35.81 3.58
C ASN D 168 -68.98 36.50 4.85
N HIS D 169 -69.06 35.73 5.92
CA HIS D 169 -69.59 36.18 7.21
C HIS D 169 -68.45 36.11 8.21
N HIS D 170 -68.24 37.21 8.94
CA HIS D 170 -67.05 37.24 9.78
C HIS D 170 -67.13 38.45 10.71
N ARG D 171 -66.61 38.28 11.94
CA ARG D 171 -66.64 39.31 12.97
C ARG D 171 -65.19 39.75 13.19
N LEU D 172 -64.94 41.04 13.03
CA LEU D 172 -63.59 41.56 13.13
C LEU D 172 -63.43 42.36 14.42
N THR D 173 -62.18 42.40 14.90
CA THR D 173 -61.80 43.11 16.11
C THR D 173 -60.60 43.77 15.46
N ASP D 174 -59.85 44.53 16.26
CA ASP D 174 -59.19 45.85 16.06
C ASP D 174 -57.85 45.76 15.33
N ARG D 175 -57.58 46.74 14.46
CA ARG D 175 -56.27 46.84 13.75
C ARG D 175 -55.84 45.52 13.12
N LYS D 176 -56.74 44.87 12.39
CA LYS D 176 -56.36 43.67 11.64
C LYS D 176 -55.74 44.06 10.31
N GLY D 177 -55.19 43.08 9.57
CA GLY D 177 -54.39 43.38 8.39
C GLY D 177 -55.16 43.26 7.08
N ILE D 178 -54.65 43.97 6.07
CA ILE D 178 -55.23 44.00 4.73
C ILE D 178 -54.25 43.40 3.73
N ASN D 179 -54.76 42.52 2.87
CA ASN D 179 -54.00 41.90 1.79
C ASN D 179 -54.73 42.26 0.50
N LEU D 180 -54.10 43.04 -0.37
CA LEU D 180 -54.68 43.31 -1.67
C LEU D 180 -54.07 42.32 -2.68
N PRO D 181 -54.85 41.38 -3.23
CA PRO D 181 -54.24 40.36 -4.08
C PRO D 181 -53.97 40.75 -5.51
N GLY D 182 -54.32 41.99 -5.88
CA GLY D 182 -54.00 42.57 -7.17
C GLY D 182 -52.53 42.73 -7.49
N CYS D 183 -51.65 42.34 -6.55
CA CYS D 183 -50.23 42.71 -6.55
C CYS D 183 -50.19 44.24 -6.58
N GLU D 184 -49.33 44.85 -7.39
CA GLU D 184 -49.17 46.31 -7.50
C GLU D 184 -49.39 47.06 -6.18
N VAL D 185 -48.80 46.59 -5.08
CA VAL D 185 -48.85 47.31 -3.82
C VAL D 185 -47.54 48.03 -3.50
N ASP D 186 -46.39 47.47 -3.89
CA ASP D 186 -45.07 48.09 -3.75
C ASP D 186 -44.86 48.71 -2.36
N LEU D 187 -44.86 47.82 -1.32
CA LEU D 187 -44.69 48.23 0.08
C LEU D 187 -43.22 48.55 0.37
N PRO D 188 -42.95 49.54 1.20
CA PRO D 188 -41.56 49.81 1.55
C PRO D 188 -41.00 48.66 2.37
N ALA D 189 -39.74 48.79 2.78
CA ALA D 189 -39.13 47.83 3.68
C ALA D 189 -39.33 48.21 5.13
N VAL D 190 -39.36 49.51 5.41
CA VAL D 190 -39.59 50.01 6.75
C VAL D 190 -40.48 51.24 6.59
N SER D 191 -41.60 51.23 7.29
CA SER D 191 -42.51 52.36 7.35
C SER D 191 -41.88 53.55 8.08
N GLU D 192 -42.44 54.73 7.87
CA GLU D 192 -41.97 55.87 8.64
C GLU D 192 -42.06 55.58 10.14
N LYS D 193 -43.20 55.03 10.57
CA LYS D 193 -43.29 54.61 11.97
C LYS D 193 -42.12 53.68 12.30
N ASP D 194 -41.90 52.65 11.46
CA ASP D 194 -40.79 51.72 11.59
C ASP D 194 -39.45 52.42 11.77
N ARG D 195 -39.12 53.35 10.87
CA ARG D 195 -37.83 54.04 10.95
C ARG D 195 -37.63 54.66 12.32
N LYS D 196 -38.66 55.38 12.83
CA LYS D 196 -38.52 56.02 14.16
C LYS D 196 -38.46 54.99 15.29
N ASP D 197 -39.18 53.87 15.16
CA ASP D 197 -39.01 52.81 16.16
C ASP D 197 -37.60 52.21 16.11
N LEU D 198 -37.04 52.07 14.90
CA LEU D 198 -35.70 51.53 14.80
C LEU D 198 -34.72 52.42 15.53
N GLN D 199 -34.87 53.75 15.34
CA GLN D 199 -34.02 54.69 16.06
C GLN D 199 -34.22 54.57 17.56
N PHE D 200 -35.47 54.48 18.02
CA PHE D 200 -35.71 54.27 19.46
C PHE D 200 -34.97 53.02 19.94
N GLY D 201 -35.03 51.95 19.15
CA GLY D 201 -34.33 50.74 19.54
C GLY D 201 -32.83 50.93 19.68
N VAL D 202 -32.16 51.54 18.69
CA VAL D 202 -30.74 51.79 18.92
C VAL D 202 -30.52 52.66 20.12
N GLU D 203 -31.35 53.66 20.33
CA GLU D 203 -31.04 54.59 21.38
C GLU D 203 -31.15 53.91 22.72
N GLN D 204 -32.02 52.90 22.86
CA GLN D 204 -32.10 52.16 24.12
C GLN D 204 -31.26 50.88 24.14
N GLY D 205 -30.59 50.52 23.05
CA GLY D 205 -29.66 49.43 23.16
C GLY D 205 -30.25 48.05 23.05
N VAL D 206 -31.22 47.86 22.15
CA VAL D 206 -31.74 46.52 21.92
C VAL D 206 -30.63 45.67 21.30
N ASP D 207 -30.74 44.35 21.50
CA ASP D 207 -29.75 43.42 20.98
C ASP D 207 -30.05 42.95 19.56
N MET D 208 -31.30 42.98 19.12
CA MET D 208 -31.60 42.40 17.84
C MET D 208 -32.91 42.96 17.34
N ILE D 209 -33.05 43.02 16.02
CA ILE D 209 -34.30 43.44 15.40
C ILE D 209 -34.92 42.25 14.69
N PHE D 210 -36.17 41.97 14.99
CA PHE D 210 -36.97 41.06 14.15
C PHE D 210 -37.63 41.95 13.09
N ALA D 211 -37.06 42.01 11.89
CA ALA D 211 -37.62 42.85 10.84
C ALA D 211 -38.82 42.19 10.22
N SER D 212 -39.90 42.94 10.04
CA SER D 212 -41.12 42.37 9.50
C SER D 212 -41.21 42.39 7.97
N PHE D 213 -41.98 41.43 7.46
CA PHE D 213 -42.43 41.32 6.08
C PHE D 213 -41.29 41.53 5.10
N ILE D 214 -40.21 40.81 5.38
CA ILE D 214 -39.01 40.87 4.57
C ILE D 214 -39.20 39.97 3.36
N ARG D 215 -39.12 40.56 2.19
CA ARG D 215 -39.43 39.90 0.92
C ARG D 215 -38.20 39.82 0.02
N THR D 216 -37.33 40.84 0.02
CA THR D 216 -36.13 40.81 -0.82
C THR D 216 -34.89 41.04 0.03
N ALA D 217 -33.73 40.74 -0.57
CA ALA D 217 -32.44 41.03 0.07
C ALA D 217 -32.21 42.53 0.21
N ASP D 218 -32.64 43.31 -0.77
CA ASP D 218 -32.44 44.75 -0.62
C ASP D 218 -33.24 45.30 0.54
N GLN D 219 -34.35 44.67 0.91
CA GLN D 219 -35.09 45.15 2.08
C GLN D 219 -34.31 44.94 3.37
N VAL D 220 -33.69 43.78 3.53
CA VAL D 220 -32.89 43.67 4.74
C VAL D 220 -31.72 44.64 4.70
N ARG D 221 -31.19 44.92 3.51
CA ARG D 221 -30.09 45.89 3.40
C ARG D 221 -30.55 47.29 3.81
N GLU D 222 -31.76 47.67 3.41
CA GLU D 222 -32.38 48.94 3.81
C GLU D 222 -32.51 49.03 5.32
N VAL D 223 -33.05 47.97 5.94
CA VAL D 223 -33.21 47.98 7.39
C VAL D 223 -31.86 48.20 8.05
N ARG D 224 -30.83 47.51 7.55
CA ARG D 224 -29.47 47.73 8.04
C ARG D 224 -29.11 49.21 7.97
N ALA D 225 -29.43 49.84 6.83
CA ALA D 225 -29.15 51.25 6.65
C ALA D 225 -29.80 52.07 7.76
N ALA D 226 -31.05 51.76 8.07
CA ALA D 226 -31.79 52.45 9.10
C ALA D 226 -31.12 52.43 10.48
N LEU D 227 -30.22 51.51 10.75
CA LEU D 227 -29.45 51.58 12.00
C LEU D 227 -28.12 52.24 11.68
N GLY D 228 -27.82 53.35 12.33
CA GLY D 228 -26.55 54.01 12.03
C GLY D 228 -25.35 53.19 12.50
N GLU D 229 -24.16 53.80 12.64
CA GLU D 229 -23.08 53.03 13.28
C GLU D 229 -23.43 52.73 14.74
N LYS D 230 -24.23 53.60 15.38
CA LYS D 230 -24.63 53.28 16.74
C LYS D 230 -25.23 51.89 16.81
N GLY D 231 -26.05 51.52 15.83
CA GLY D 231 -26.66 50.21 15.85
C GLY D 231 -26.28 49.20 14.81
N LYS D 232 -25.05 49.21 14.35
CA LYS D 232 -24.59 48.25 13.37
C LYS D 232 -24.15 46.93 13.97
N ASP D 233 -23.84 46.89 15.25
CA ASP D 233 -23.43 45.65 15.87
C ASP D 233 -24.63 44.82 16.29
N THR D 234 -25.83 45.29 16.05
CA THR D 234 -27.02 44.61 16.49
C THR D 234 -27.52 43.68 15.37
N LEU D 235 -28.06 42.52 15.75
CA LEU D 235 -28.49 41.52 14.79
C LEU D 235 -29.79 41.89 14.11
N ILE D 236 -29.90 41.55 12.82
CA ILE D 236 -31.14 41.68 12.06
C ILE D 236 -31.62 40.27 11.79
N ILE D 237 -32.82 39.97 12.23
CA ILE D 237 -33.42 38.65 12.01
C ILE D 237 -34.61 38.89 11.09
N SER D 238 -34.56 38.38 9.88
CA SER D 238 -35.62 38.63 8.91
C SER D 238 -36.79 37.70 9.17
N LYS D 239 -38.00 38.28 9.30
CA LYS D 239 -39.22 37.51 9.46
C LYS D 239 -39.71 37.13 8.06
N ILE D 240 -39.73 35.83 7.76
CA ILE D 240 -40.19 35.36 6.45
C ILE D 240 -41.67 35.03 6.58
N GLU D 241 -42.53 35.86 5.95
CA GLU D 241 -43.95 35.64 6.12
C GLU D 241 -44.77 35.77 4.83
N ASN D 242 -44.20 35.63 3.66
CA ASN D 242 -45.03 35.51 2.47
C ASN D 242 -44.24 34.72 1.43
N HIS D 243 -44.89 34.47 0.29
CA HIS D 243 -44.27 33.66 -0.74
C HIS D 243 -42.95 34.27 -1.27
N GLN D 244 -42.87 35.61 -1.41
CA GLN D 244 -41.60 36.19 -1.85
C GLN D 244 -40.49 35.93 -0.87
N GLY D 245 -40.80 35.96 0.44
CA GLY D 245 -39.78 35.67 1.42
C GLY D 245 -39.16 34.31 1.17
N VAL D 246 -40.01 33.31 0.88
CA VAL D 246 -39.49 31.98 0.62
C VAL D 246 -38.76 31.93 -0.74
N GLN D 247 -39.29 32.63 -1.76
CA GLN D 247 -38.66 32.59 -3.08
C GLN D 247 -37.25 33.10 -3.00
N ASN D 248 -37.05 34.14 -2.22
CA ASN D 248 -35.78 34.81 -2.17
C ASN D 248 -35.04 34.44 -0.92
N ILE D 249 -35.36 33.29 -0.34
CA ILE D 249 -34.80 32.99 0.97
C ILE D 249 -33.30 33.00 0.95
N ASP D 250 -32.66 32.56 -0.14
CA ASP D 250 -31.20 32.44 -0.16
C ASP D 250 -30.53 33.79 -0.05
N ALA D 251 -31.00 34.74 -0.86
CA ALA D 251 -30.56 36.11 -0.73
C ALA D 251 -30.77 36.63 0.68
N ILE D 252 -31.93 36.34 1.25
CA ILE D 252 -32.27 36.87 2.56
C ILE D 252 -31.39 36.27 3.66
N ILE D 253 -31.05 34.96 3.61
CA ILE D 253 -30.08 34.45 4.57
C ILE D 253 -28.75 35.16 4.40
N GLU D 254 -28.30 35.32 3.13
CA GLU D 254 -26.98 35.92 2.97
C GLU D 254 -26.94 37.31 3.58
N ALA D 255 -28.00 38.09 3.39
CA ALA D 255 -27.94 39.48 3.87
C ALA D 255 -28.28 39.62 5.34
N SER D 256 -28.95 38.66 5.95
CA SER D 256 -29.38 38.79 7.34
C SER D 256 -28.38 38.17 8.31
N ASP D 257 -28.60 38.42 9.60
CA ASP D 257 -27.91 37.68 10.65
C ASP D 257 -28.65 36.42 11.08
N GLY D 258 -29.96 36.36 10.80
CA GLY D 258 -30.80 35.26 11.22
C GLY D 258 -32.12 35.33 10.49
N ILE D 259 -32.93 34.30 10.70
CA ILE D 259 -34.20 34.16 10.01
C ILE D 259 -35.26 33.82 11.03
N MET D 260 -36.46 34.36 10.85
CA MET D 260 -37.62 33.97 11.65
C MET D 260 -38.72 33.43 10.74
N VAL D 261 -39.08 32.16 10.96
CA VAL D 261 -40.13 31.50 10.20
C VAL D 261 -41.46 31.80 10.87
N ALA D 262 -42.26 32.67 10.25
CA ALA D 262 -43.56 33.04 10.78
C ALA D 262 -44.59 32.09 10.18
N ARG D 263 -44.90 31.02 10.87
CA ARG D 263 -45.65 30.01 10.15
C ARG D 263 -47.11 30.43 9.94
N GLY D 264 -47.69 31.13 10.92
CA GLY D 264 -49.00 31.64 10.75
C GLY D 264 -49.10 32.50 9.52
N ASP D 265 -48.34 33.59 9.42
CA ASP D 265 -48.41 34.43 8.22
C ASP D 265 -48.11 33.64 6.95
N LEU D 266 -47.25 32.63 7.04
CA LEU D 266 -46.97 31.83 5.85
C LEU D 266 -48.24 31.10 5.41
N GLY D 267 -49.03 30.65 6.38
CA GLY D 267 -50.23 29.95 6.04
C GLY D 267 -51.26 30.78 5.32
N VAL D 268 -51.10 32.10 5.26
CA VAL D 268 -52.19 32.83 4.64
C VAL D 268 -52.16 32.63 3.14
N GLU D 269 -50.97 32.69 2.55
CA GLU D 269 -50.87 32.53 1.11
C GLU D 269 -50.60 31.09 0.71
N ILE D 270 -49.89 30.30 1.52
CA ILE D 270 -49.51 29.00 0.96
C ILE D 270 -50.16 27.90 1.82
N PRO D 271 -50.54 26.75 1.22
CA PRO D 271 -51.22 25.68 1.95
C PRO D 271 -50.40 25.03 3.05
N ALA D 272 -51.06 24.49 4.08
CA ALA D 272 -50.36 23.94 5.25
C ALA D 272 -49.32 22.89 4.85
N GLU D 273 -49.71 21.92 4.04
CA GLU D 273 -48.77 20.84 3.68
C GLU D 273 -47.45 21.48 3.24
N LYS D 274 -47.53 22.62 2.57
CA LYS D 274 -46.31 23.29 2.05
C LYS D 274 -45.62 24.06 3.17
N VAL D 275 -46.39 24.71 4.06
CA VAL D 275 -45.69 25.36 5.17
C VAL D 275 -44.77 24.37 5.85
N VAL D 276 -45.22 23.13 6.00
CA VAL D 276 -44.38 22.10 6.61
C VAL D 276 -43.07 21.97 5.84
N VAL D 277 -43.19 21.88 4.51
CA VAL D 277 -42.03 21.72 3.64
C VAL D 277 -41.18 22.97 3.68
N ALA D 278 -41.79 24.14 3.48
CA ALA D 278 -41.06 25.40 3.55
C ALA D 278 -40.31 25.57 4.87
N GLN D 279 -40.87 25.07 5.96
CA GLN D 279 -40.18 25.22 7.23
C GLN D 279 -38.92 24.38 7.26
N MET D 280 -39.01 23.12 6.79
CA MET D 280 -37.78 22.30 6.71
C MET D 280 -36.73 22.96 5.83
N CYS D 281 -37.16 23.45 4.66
CA CYS D 281 -36.26 24.12 3.73
C CYS D 281 -35.57 25.32 4.39
N ILE D 282 -36.35 26.23 4.99
CA ILE D 282 -35.73 27.42 5.56
C ILE D 282 -34.80 27.05 6.70
N ILE D 283 -35.29 26.26 7.67
CA ILE D 283 -34.44 25.86 8.81
C ILE D 283 -33.14 25.25 8.32
N SER D 284 -33.22 24.36 7.33
CA SER D 284 -32.00 23.66 6.99
C SER D 284 -31.04 24.56 6.24
N LYS D 285 -31.55 25.40 5.34
CA LYS D 285 -30.69 26.41 4.71
C LYS D 285 -29.99 27.28 5.74
N CYS D 286 -30.70 27.65 6.83
CA CYS D 286 -30.09 28.46 7.90
C CYS D 286 -29.02 27.68 8.64
N ASN D 287 -29.31 26.40 8.94
CA ASN D 287 -28.30 25.54 9.53
C ASN D 287 -27.05 25.53 8.70
N VAL D 288 -27.20 25.40 7.38
CA VAL D 288 -26.00 25.27 6.58
C VAL D 288 -25.29 26.61 6.53
N ALA D 289 -26.03 27.71 6.61
CA ALA D 289 -25.39 29.02 6.62
C ALA D 289 -24.76 29.33 7.97
N GLY D 290 -25.00 28.46 8.95
CA GLY D 290 -24.53 28.68 10.30
C GLY D 290 -25.19 29.86 10.97
N LYS D 291 -26.42 30.13 10.64
CA LYS D 291 -27.05 31.29 11.23
C LYS D 291 -28.24 30.88 12.08
N PRO D 292 -28.58 31.65 13.12
CA PRO D 292 -29.72 31.26 13.96
C PRO D 292 -31.04 31.33 13.19
N VAL D 293 -31.94 30.39 13.47
CA VAL D 293 -33.28 30.44 12.91
C VAL D 293 -34.27 30.21 14.01
N ILE D 294 -35.40 30.89 13.92
CA ILE D 294 -36.43 30.89 14.94
C ILE D 294 -37.73 30.45 14.31
N CYS D 295 -38.45 29.56 15.01
CA CYS D 295 -39.82 29.22 14.70
C CYS D 295 -40.77 29.96 15.60
N ALA D 296 -41.86 30.51 15.01
CA ALA D 296 -42.54 31.62 15.66
C ALA D 296 -44.03 31.43 15.92
N THR D 297 -44.80 30.90 14.97
CA THR D 297 -46.23 31.10 15.21
C THR D 297 -46.78 29.84 15.81
N GLN D 298 -48.04 29.91 16.24
CA GLN D 298 -48.83 28.73 16.59
C GLN D 298 -47.98 27.72 17.37
N MET D 299 -47.30 28.20 18.39
CA MET D 299 -46.46 27.28 19.12
C MET D 299 -47.14 26.38 20.14
N LEU D 300 -47.72 26.96 21.17
CA LEU D 300 -48.47 26.21 22.17
C LEU D 300 -49.65 27.08 22.50
N GLU D 301 -50.34 27.52 21.45
CA GLU D 301 -51.29 28.60 21.60
C GLU D 301 -52.42 28.25 22.57
N SER D 302 -52.91 26.98 22.58
CA SER D 302 -54.04 26.71 23.50
C SER D 302 -53.65 26.95 24.94
N MET D 303 -52.39 27.02 25.24
CA MET D 303 -52.03 27.12 26.63
C MET D 303 -51.98 28.58 27.04
N THR D 304 -52.46 29.47 26.17
CA THR D 304 -52.78 30.80 26.60
C THR D 304 -53.95 30.82 27.56
N THR D 305 -54.95 29.94 27.39
CA THR D 305 -56.04 29.89 28.36
C THR D 305 -56.26 28.52 29.00
N ASN D 306 -55.67 27.44 28.49
CA ASN D 306 -55.82 26.14 29.12
C ASN D 306 -54.53 25.79 29.81
N PRO D 307 -54.56 24.92 30.81
CA PRO D 307 -53.32 24.59 31.52
C PRO D 307 -52.47 23.49 30.89
N ARG D 308 -52.91 22.88 29.78
CA ARG D 308 -52.18 21.86 29.01
C ARG D 308 -52.39 22.12 27.52
N PRO D 309 -51.36 21.95 26.70
CA PRO D 309 -51.54 22.05 25.25
C PRO D 309 -52.03 20.73 24.69
N THR D 310 -52.43 20.77 23.43
CA THR D 310 -52.79 19.51 22.79
C THR D 310 -51.53 18.71 22.43
N ARG D 311 -51.71 17.40 22.24
CA ARG D 311 -50.58 16.60 21.81
C ARG D 311 -50.09 17.05 20.43
N ALA D 312 -50.99 17.34 19.49
CA ALA D 312 -50.55 17.80 18.18
C ALA D 312 -49.73 19.08 18.27
N GLU D 313 -50.07 20.00 19.16
CA GLU D 313 -49.25 21.20 19.36
C GLU D 313 -47.84 20.84 19.85
N VAL D 314 -47.77 19.95 20.82
CA VAL D 314 -46.48 19.45 21.29
C VAL D 314 -45.67 18.80 20.16
N THR D 315 -46.29 17.98 19.31
CA THR D 315 -45.42 17.38 18.32
C THR D 315 -45.03 18.43 17.29
N ASP D 316 -45.87 19.45 17.11
CA ASP D 316 -45.50 20.57 16.26
C ASP D 316 -44.22 21.23 16.76
N VAL D 317 -44.15 21.52 18.05
CA VAL D 317 -42.94 22.10 18.63
C VAL D 317 -41.76 21.15 18.51
N ALA D 318 -41.94 19.91 18.95
CA ALA D 318 -40.89 18.90 18.80
C ALA D 318 -40.38 18.82 17.37
N ASN D 319 -41.28 18.80 16.41
CA ASN D 319 -40.90 18.72 15.01
C ASN D 319 -40.07 19.92 14.62
N ALA D 320 -40.41 21.10 15.12
CA ALA D 320 -39.56 22.26 14.84
C ALA D 320 -38.14 22.03 15.34
N VAL D 321 -38.00 21.47 16.53
CA VAL D 321 -36.66 21.23 17.04
C VAL D 321 -35.95 20.17 16.18
N PHE D 322 -36.62 19.03 15.93
CA PHE D 322 -36.02 17.97 15.09
C PHE D 322 -35.60 18.52 13.74
N ASN D 323 -36.45 19.39 13.19
CA ASN D 323 -36.21 20.07 11.93
C ASN D 323 -34.86 20.77 11.90
N GLY D 324 -34.33 21.13 13.07
CA GLY D 324 -33.09 21.85 13.21
C GLY D 324 -33.18 23.29 13.73
N ALA D 325 -34.35 23.74 14.16
CA ALA D 325 -34.49 25.13 14.57
C ALA D 325 -33.61 25.43 15.78
N ASP D 326 -33.03 26.61 15.79
CA ASP D 326 -32.26 27.06 16.95
C ASP D 326 -33.16 27.38 18.12
N CYS D 327 -34.20 28.20 17.86
CA CYS D 327 -35.07 28.79 18.87
C CYS D 327 -36.54 28.60 18.57
N VAL D 328 -37.33 28.64 19.64
CA VAL D 328 -38.78 28.74 19.53
C VAL D 328 -39.25 30.00 20.25
N MET D 329 -40.35 30.59 19.77
CA MET D 329 -40.81 31.87 20.29
C MET D 329 -42.26 31.78 20.75
N LEU D 330 -42.53 32.20 21.99
CA LEU D 330 -43.92 32.26 22.48
C LEU D 330 -44.42 33.63 22.02
N SER D 331 -45.73 33.73 21.81
CA SER D 331 -46.43 35.01 21.62
C SER D 331 -47.45 35.56 22.62
N GLY D 332 -48.71 35.23 22.37
CA GLY D 332 -49.76 35.45 23.35
C GLY D 332 -49.59 34.60 24.60
N GLU D 333 -48.96 33.41 24.45
CA GLU D 333 -48.75 32.50 25.58
C GLU D 333 -48.08 33.19 26.76
N THR D 334 -47.08 34.02 26.49
CA THR D 334 -46.46 34.72 27.58
C THR D 334 -46.83 36.19 27.64
N ALA D 335 -47.29 36.78 26.53
CA ALA D 335 -47.64 38.19 26.54
C ALA D 335 -48.97 38.41 27.29
N LYS D 336 -50.05 37.79 26.83
CA LYS D 336 -51.37 38.03 27.42
C LYS D 336 -52.00 36.76 27.93
N GLY D 337 -51.25 35.90 28.59
CA GLY D 337 -51.67 34.52 28.80
C GLY D 337 -51.77 34.16 30.27
N LYS D 338 -52.69 33.23 30.55
CA LYS D 338 -52.97 32.88 31.93
C LYS D 338 -51.88 32.01 32.55
N TYR D 339 -51.05 31.37 31.72
CA TYR D 339 -50.13 30.34 32.18
C TYR D 339 -48.73 30.58 31.63
N PRO D 340 -48.10 31.74 31.94
CA PRO D 340 -46.81 32.05 31.31
C PRO D 340 -45.64 31.19 31.78
N ASN D 341 -45.42 31.08 33.08
CA ASN D 341 -44.27 30.30 33.53
C ASN D 341 -44.40 28.85 33.13
N GLU D 342 -45.61 28.30 33.26
CA GLU D 342 -45.83 26.90 32.91
C GLU D 342 -45.60 26.65 31.42
N VAL D 343 -45.98 27.59 30.55
CA VAL D 343 -45.77 27.35 29.13
C VAL D 343 -44.30 27.42 28.80
N VAL D 344 -43.54 28.31 29.47
CA VAL D 344 -42.11 28.31 29.18
C VAL D 344 -41.51 26.98 29.60
N GLN D 345 -41.85 26.51 30.79
CA GLN D 345 -41.29 25.24 31.25
C GLN D 345 -41.72 24.07 30.37
N TYR D 346 -42.96 24.10 29.91
CA TYR D 346 -43.35 23.02 28.97
C TYR D 346 -42.37 23.09 27.81
N MET D 347 -42.21 24.29 27.24
CA MET D 347 -41.35 24.34 26.08
C MET D 347 -39.94 23.83 26.41
N VAL D 348 -39.46 24.09 27.63
CA VAL D 348 -38.16 23.52 28.02
C VAL D 348 -38.20 21.99 27.98
N ARG D 349 -39.24 21.38 28.55
CA ARG D 349 -39.29 19.92 28.58
C ARG D 349 -39.35 19.36 27.17
N ILE D 350 -40.10 20.01 26.27
CA ILE D 350 -40.17 19.53 24.91
C ILE D 350 -38.82 19.67 24.23
N CYS D 351 -38.16 20.83 24.41
CA CYS D 351 -36.81 21.01 23.89
C CYS D 351 -35.88 19.87 24.29
N ILE D 352 -35.85 19.56 25.59
CA ILE D 352 -34.92 18.53 26.07
C ILE D 352 -35.31 17.16 25.52
N GLU D 353 -36.59 16.82 25.51
CA GLU D 353 -36.99 15.53 24.98
C GLU D 353 -36.58 15.40 23.52
N ALA D 354 -36.78 16.45 22.74
CA ALA D 354 -36.40 16.41 21.34
C ALA D 354 -34.88 16.33 21.18
N GLN D 355 -34.09 17.00 22.04
CA GLN D 355 -32.64 16.79 21.94
C GLN D 355 -32.32 15.32 22.09
N SER D 356 -32.73 14.74 23.20
CA SER D 356 -32.33 13.37 23.51
C SER D 356 -32.87 12.38 22.50
N ALA D 357 -33.94 12.69 21.80
CA ALA D 357 -34.40 11.77 20.78
C ALA D 357 -33.64 11.90 19.47
N THR D 358 -32.86 12.96 19.28
CA THR D 358 -32.06 13.09 18.07
C THR D 358 -30.77 12.29 18.19
N HIS D 359 -30.34 11.74 17.07
CA HIS D 359 -29.04 11.09 17.03
C HIS D 359 -27.95 12.16 17.10
N ASP D 360 -27.02 12.00 18.06
CA ASP D 360 -25.98 13.00 18.33
C ASP D 360 -25.18 13.42 17.09
N SER D 361 -24.91 12.48 16.18
CA SER D 361 -23.84 12.69 15.22
C SER D 361 -24.31 13.03 13.82
N VAL D 362 -25.62 12.88 13.54
CA VAL D 362 -26.14 12.98 12.17
C VAL D 362 -25.92 14.39 11.63
N MET D 363 -26.34 15.40 12.39
CA MET D 363 -26.24 16.77 11.85
C MET D 363 -24.77 17.13 11.68
N PHE D 364 -23.93 16.79 12.65
CA PHE D 364 -22.50 17.06 12.43
C PHE D 364 -21.98 16.47 11.10
N ASN D 365 -22.19 15.18 10.88
CA ASN D 365 -21.68 14.53 9.67
C ASN D 365 -22.28 15.15 8.41
N SER D 366 -23.54 15.54 8.47
CA SER D 366 -24.16 16.09 7.28
C SER D 366 -23.63 17.48 6.97
N ILE D 367 -23.47 18.33 8.00
CA ILE D 367 -22.86 19.64 7.78
C ILE D 367 -21.44 19.44 7.24
N LYS D 368 -20.67 18.53 7.85
CA LYS D 368 -19.30 18.39 7.37
C LYS D 368 -19.24 17.91 5.93
N ASN D 369 -20.09 16.94 5.57
CA ASN D 369 -20.04 16.50 4.18
C ASN D 369 -20.54 17.56 3.21
N LEU D 370 -21.15 18.66 3.66
CA LEU D 370 -21.44 19.68 2.65
C LEU D 370 -20.24 20.56 2.29
N GLN D 371 -19.21 20.68 3.15
CA GLN D 371 -18.16 21.69 2.92
C GLN D 371 -17.16 21.19 1.89
N LYS D 372 -16.92 21.99 0.83
CA LYS D 372 -15.90 21.62 -0.16
C LYS D 372 -14.50 21.93 0.36
N ILE D 373 -13.52 21.22 -0.18
CA ILE D 373 -12.13 21.24 0.30
C ILE D 373 -11.30 21.98 -0.74
N PRO D 374 -10.46 22.94 -0.35
CA PRO D 374 -10.11 23.26 1.04
C PRO D 374 -11.08 24.14 1.77
N MET D 375 -11.04 23.89 3.07
CA MET D 375 -11.72 24.70 4.06
C MET D 375 -10.89 25.94 4.34
N SER D 376 -11.56 27.00 4.73
CA SER D 376 -10.88 28.15 5.32
C SER D 376 -10.18 27.69 6.60
N PRO D 377 -9.07 28.32 6.97
CA PRO D 377 -8.50 27.99 8.29
C PRO D 377 -9.48 28.19 9.42
N GLU D 378 -10.25 29.27 9.42
CA GLU D 378 -11.24 29.51 10.48
C GLU D 378 -12.22 28.36 10.61
N GLU D 379 -12.84 27.97 9.50
CA GLU D 379 -13.80 26.90 9.56
C GLU D 379 -13.15 25.57 9.92
N ALA D 380 -11.95 25.32 9.41
CA ALA D 380 -11.31 24.06 9.76
C ALA D 380 -11.15 23.98 11.27
N VAL D 381 -10.75 25.07 11.90
CA VAL D 381 -10.55 25.03 13.35
C VAL D 381 -11.86 24.73 14.07
N CYS D 382 -12.96 25.37 13.65
CA CYS D 382 -14.21 25.14 14.37
C CYS D 382 -14.74 23.70 14.17
N SER D 383 -14.81 23.24 12.91
CA SER D 383 -15.24 21.88 12.64
C SER D 383 -14.32 20.85 13.31
N SER D 384 -13.01 20.99 13.14
CA SER D 384 -12.10 20.02 13.72
CA SER D 384 -12.11 20.02 13.71
C SER D 384 -12.24 19.98 15.23
N ALA D 385 -12.60 21.10 15.85
CA ALA D 385 -12.79 21.13 17.30
C ALA D 385 -14.05 20.36 17.71
N VAL D 386 -15.14 20.50 16.95
CA VAL D 386 -16.34 19.72 17.29
C VAL D 386 -16.08 18.22 17.13
N SER D 387 -15.44 17.83 16.03
CA SER D 387 -15.15 16.40 15.80
C SER D 387 -14.15 15.87 16.84
N SER D 388 -13.20 16.70 17.29
CA SER D 388 -12.39 16.29 18.43
C SER D 388 -13.31 15.98 19.60
N ALA D 389 -14.27 16.87 19.85
CA ALA D 389 -15.17 16.69 20.99
C ALA D 389 -15.87 15.34 20.95
N PHE D 390 -16.37 14.96 19.77
CA PHE D 390 -16.96 13.63 19.61
C PHE D 390 -15.95 12.52 19.88
N GLU D 391 -14.72 12.67 19.34
CA GLU D 391 -13.73 11.59 19.41
C GLU D 391 -13.18 11.37 20.82
N VAL D 392 -13.05 12.42 21.63
CA VAL D 392 -12.66 12.24 23.03
C VAL D 392 -13.87 12.19 23.97
N GLN D 393 -15.09 12.28 23.45
CA GLN D 393 -16.28 12.36 24.28
C GLN D 393 -16.17 13.50 25.30
N ALA D 394 -15.87 14.69 24.79
CA ALA D 394 -15.75 15.87 25.64
C ALA D 394 -17.10 16.24 26.26
N LYS D 395 -17.05 16.75 27.48
CA LYS D 395 -18.27 17.14 28.16
C LYS D 395 -18.64 18.60 27.93
N ALA D 396 -17.73 19.40 27.35
CA ALA D 396 -18.00 20.79 27.00
C ALA D 396 -16.92 21.33 26.06
N ILE D 397 -17.35 22.20 25.13
CA ILE D 397 -16.44 23.03 24.33
C ILE D 397 -16.42 24.45 24.89
N LEU D 398 -15.22 25.03 25.06
CA LEU D 398 -15.05 26.38 25.59
C LEU D 398 -14.32 27.26 24.59
N VAL D 399 -15.03 28.16 23.92
CA VAL D 399 -14.43 29.08 22.95
C VAL D 399 -14.36 30.51 23.51
N LEU D 400 -13.25 31.20 23.21
CA LEU D 400 -13.01 32.59 23.62
C LEU D 400 -13.23 33.48 22.41
N SER D 401 -14.39 34.12 22.36
CA SER D 401 -14.82 34.92 21.22
C SER D 401 -15.28 36.28 21.69
N ASN D 402 -14.72 37.33 21.12
CA ASN D 402 -15.23 38.62 21.55
C ASN D 402 -16.47 39.02 20.78
N THR D 403 -16.48 38.80 19.46
CA THR D 403 -17.66 39.16 18.68
C THR D 403 -18.67 38.04 18.65
N GLY D 404 -18.25 36.82 18.95
CA GLY D 404 -19.13 35.68 18.89
C GLY D 404 -19.09 34.90 17.60
N ARG D 405 -18.35 35.36 16.55
CA ARG D 405 -18.24 34.58 15.31
C ARG D 405 -18.04 33.09 15.59
N SER D 406 -17.01 32.80 16.39
CA SER D 406 -16.51 31.45 16.63
C SER D 406 -17.57 30.57 17.29
N ALA D 407 -18.33 31.15 18.21
CA ALA D 407 -19.32 30.36 18.93
C ALA D 407 -20.47 29.94 18.02
N ARG D 408 -20.83 30.82 17.08
CA ARG D 408 -21.83 30.48 16.09
C ARG D 408 -21.30 29.44 15.12
N LEU D 409 -20.03 29.52 14.78
CA LEU D 409 -19.47 28.53 13.88
C LEU D 409 -19.32 27.17 14.55
N ILE D 410 -19.01 27.11 15.84
CA ILE D 410 -19.03 25.81 16.53
C ILE D 410 -20.46 25.31 16.64
N SER D 411 -21.40 26.19 17.00
CA SER D 411 -22.79 25.76 17.01
C SER D 411 -23.21 25.21 15.65
N LYS D 412 -22.70 25.78 14.55
CA LYS D 412 -23.09 25.31 13.23
C LYS D 412 -22.89 23.81 13.08
N TYR D 413 -21.80 23.30 13.64
CA TYR D 413 -21.42 21.90 13.54
C TYR D 413 -22.12 21.01 14.54
N ARG D 414 -23.08 21.56 15.26
CA ARG D 414 -23.94 20.77 16.18
C ARG D 414 -23.16 19.75 17.02
N PRO D 415 -22.33 20.18 17.98
CA PRO D 415 -21.71 19.26 18.93
C PRO D 415 -22.73 18.61 19.83
N ASN D 416 -22.21 17.74 20.69
CA ASN D 416 -22.92 16.89 21.62
C ASN D 416 -23.10 17.51 22.98
N CYS D 417 -22.28 18.47 23.33
CA CYS D 417 -22.23 19.02 24.67
C CYS D 417 -22.44 20.53 24.68
N PRO D 418 -22.47 21.15 25.85
CA PRO D 418 -22.56 22.61 25.88
C PRO D 418 -21.33 23.30 25.31
N ILE D 419 -21.60 24.47 24.73
CA ILE D 419 -20.59 25.41 24.25
C ILE D 419 -20.66 26.60 25.21
N ILE D 420 -19.54 26.92 25.82
CA ILE D 420 -19.39 28.03 26.73
C ILE D 420 -18.56 29.09 26.03
N CYS D 421 -19.09 30.30 25.93
CA CYS D 421 -18.40 31.39 25.27
C CYS D 421 -17.88 32.36 26.30
N ALA D 422 -16.56 32.50 26.42
CA ALA D 422 -15.99 33.49 27.30
C ALA D 422 -15.76 34.75 26.47
N THR D 423 -16.55 35.80 26.76
CA THR D 423 -16.45 37.05 26.02
C THR D 423 -16.23 38.24 26.95
N THR D 424 -15.56 39.27 26.41
CA THR D 424 -15.37 40.56 27.05
C THR D 424 -16.39 41.61 26.63
N ARG D 425 -17.33 41.27 25.78
CA ARG D 425 -18.34 42.20 25.29
C ARG D 425 -19.70 41.73 25.81
N LEU D 426 -20.37 42.60 26.57
CA LEU D 426 -21.67 42.22 27.11
C LEU D 426 -22.70 42.03 26.01
N LEU D 427 -22.56 42.80 24.93
CA LEU D 427 -23.48 42.69 23.82
C LEU D 427 -23.46 41.29 23.23
N THR D 428 -22.29 40.66 23.17
CA THR D 428 -22.28 39.30 22.63
C THR D 428 -22.85 38.31 23.64
N CYS D 429 -22.64 38.53 24.95
CA CYS D 429 -23.38 37.71 25.92
C CYS D 429 -24.86 37.69 25.59
N ARG D 430 -25.44 38.87 25.33
CA ARG D 430 -26.88 38.89 25.11
C ARG D 430 -27.23 38.26 23.78
N GLN D 431 -26.47 38.60 22.74
CA GLN D 431 -26.84 38.14 21.40
C GLN D 431 -26.68 36.64 21.26
N LEU D 432 -25.75 36.04 21.99
CA LEU D 432 -25.55 34.61 21.84
C LEU D 432 -26.71 33.80 22.41
N ASN D 433 -27.70 34.46 23.04
CA ASN D 433 -28.85 33.73 23.53
C ASN D 433 -29.68 33.08 22.42
N VAL D 434 -29.44 33.38 21.15
CA VAL D 434 -30.27 32.79 20.12
C VAL D 434 -29.52 31.74 19.31
N THR D 435 -28.31 31.33 19.69
CA THR D 435 -27.69 30.24 18.95
C THR D 435 -27.58 29.02 19.87
N ARG D 436 -27.77 27.83 19.28
CA ARG D 436 -28.02 26.58 20.00
C ARG D 436 -26.79 26.10 20.74
N SER D 437 -26.97 25.64 21.98
CA SER D 437 -26.00 24.99 22.86
C SER D 437 -25.14 26.00 23.65
N VAL D 438 -25.14 27.27 23.26
CA VAL D 438 -24.20 28.23 23.80
C VAL D 438 -24.71 28.87 25.10
N GLU D 439 -23.75 29.20 25.94
CA GLU D 439 -23.98 29.84 27.23
C GLU D 439 -22.79 30.75 27.41
N SER D 440 -23.00 32.03 27.63
CA SER D 440 -21.87 32.94 27.71
C SER D 440 -21.42 33.13 29.16
N VAL D 441 -20.20 33.58 29.31
CA VAL D 441 -19.66 34.04 30.58
C VAL D 441 -18.90 35.31 30.27
N TYR D 442 -19.14 36.36 31.07
CA TYR D 442 -18.62 37.69 30.79
C TYR D 442 -17.33 37.90 31.55
N TYR D 443 -16.34 38.49 30.87
CA TYR D 443 -15.07 38.87 31.47
C TYR D 443 -14.90 40.38 31.37
N ASP D 444 -14.86 41.04 32.53
CA ASP D 444 -14.74 42.50 32.54
C ASP D 444 -13.26 42.87 32.47
N VAL D 445 -12.77 43.13 31.25
CA VAL D 445 -11.40 43.64 31.08
C VAL D 445 -11.14 44.86 31.98
N ASP D 446 -12.09 45.81 32.03
CA ASP D 446 -11.95 47.02 32.83
C ASP D 446 -11.69 46.71 34.31
N ALA D 447 -12.42 45.73 34.86
CA ALA D 447 -12.23 45.33 36.25
C ALA D 447 -10.92 44.56 36.42
N HIS D 448 -10.62 43.69 35.44
CA HIS D 448 -9.43 42.81 35.65
C HIS D 448 -8.30 43.14 34.68
N GLY D 449 -7.47 42.14 34.36
CA GLY D 449 -6.29 42.37 33.56
C GLY D 449 -6.62 42.50 32.09
N GLU D 450 -5.62 42.23 31.26
CA GLU D 450 -5.83 42.10 29.82
C GLU D 450 -5.87 40.63 29.42
N ASP D 451 -5.62 39.76 30.39
CA ASP D 451 -5.52 38.31 30.28
C ASP D 451 -4.81 37.86 29.01
N ASN D 452 -3.70 38.52 28.62
CA ASN D 452 -2.99 38.15 27.40
C ASN D 452 -2.75 36.64 27.31
N ASP D 453 -2.17 36.05 28.36
CA ASP D 453 -2.10 34.59 28.46
C ASP D 453 -3.60 34.66 28.78
N ARG D 454 -4.38 33.75 28.19
CA ARG D 454 -5.79 33.52 28.51
C ARG D 454 -6.10 32.62 29.71
N GLU D 455 -5.16 32.46 30.64
CA GLU D 455 -5.40 31.54 31.76
C GLU D 455 -6.59 31.96 32.63
N LYS D 456 -6.72 33.26 32.95
CA LYS D 456 -7.86 33.69 33.77
C LYS D 456 -9.21 33.41 33.09
N ARG D 457 -9.40 33.82 31.83
CA ARG D 457 -10.65 33.51 31.11
C ARG D 457 -10.88 32.01 31.02
N VAL D 458 -9.88 31.27 30.54
CA VAL D 458 -9.98 29.82 30.48
C VAL D 458 -10.46 29.27 31.82
N GLN D 459 -9.89 29.73 32.93
CA GLN D 459 -10.37 29.27 34.23
C GLN D 459 -11.84 29.65 34.44
N LEU D 460 -12.16 30.93 34.30
CA LEU D 460 -13.54 31.39 34.44
C LEU D 460 -14.52 30.43 33.76
N GLY D 461 -14.13 30.00 32.55
CA GLY D 461 -14.94 29.06 31.77
C GLY D 461 -14.98 27.65 32.34
N VAL D 462 -13.81 27.09 32.65
CA VAL D 462 -13.78 25.76 33.26
C VAL D 462 -14.58 25.76 34.54
N ASP D 463 -14.27 26.69 35.43
CA ASP D 463 -15.01 26.94 36.65
C ASP D 463 -16.49 26.92 36.38
N TRP D 464 -16.93 27.79 35.48
CA TRP D 464 -18.33 27.85 35.08
C TRP D 464 -18.91 26.47 34.78
N ALA D 465 -18.24 25.73 33.89
CA ALA D 465 -18.73 24.40 33.53
C ALA D 465 -18.68 23.42 34.70
N LYS D 466 -17.72 23.61 35.61
CA LYS D 466 -17.67 22.80 36.82
C LYS D 466 -18.92 23.03 37.66
N THR D 467 -19.19 24.32 37.99
CA THR D 467 -20.30 24.67 38.87
C THR D 467 -21.66 24.30 38.29
N LYS D 468 -21.87 24.50 36.98
CA LYS D 468 -23.15 24.11 36.36
C LYS D 468 -23.30 22.61 36.15
N GLY D 469 -22.42 21.78 36.71
CA GLY D 469 -22.52 20.34 36.62
C GLY D 469 -22.12 19.72 35.31
N TYR D 470 -21.63 20.51 34.35
CA TYR D 470 -21.35 19.97 33.03
C TYR D 470 -20.17 19.02 33.08
N VAL D 471 -19.12 19.42 33.78
CA VAL D 471 -17.86 18.72 33.75
C VAL D 471 -17.33 18.61 35.17
N SER D 472 -16.64 17.49 35.41
CA SER D 472 -16.04 17.23 36.73
C SER D 472 -14.64 16.62 36.56
N ALA D 473 -13.73 16.86 37.51
CA ALA D 473 -12.36 16.36 37.48
C ALA D 473 -12.25 14.96 36.86
N GLY D 474 -11.45 14.85 35.81
CA GLY D 474 -11.30 13.64 35.03
C GLY D 474 -11.90 13.75 33.64
N ASP D 475 -12.93 14.59 33.47
CA ASP D 475 -13.55 14.79 32.17
C ASP D 475 -12.63 15.61 31.25
N VAL D 476 -12.93 15.58 29.95
CA VAL D 476 -12.13 16.28 28.96
C VAL D 476 -12.91 17.43 28.33
N MET D 477 -12.22 18.55 28.09
CA MET D 477 -12.79 19.73 27.45
C MET D 477 -11.92 20.14 26.28
N VAL D 478 -12.58 20.78 25.32
CA VAL D 478 -11.98 21.34 24.13
C VAL D 478 -12.00 22.86 24.29
N ILE D 479 -10.85 23.51 24.06
CA ILE D 479 -10.72 24.95 24.24
C ILE D 479 -10.22 25.56 22.96
N VAL D 480 -10.93 26.57 22.47
CA VAL D 480 -10.66 27.23 21.21
C VAL D 480 -10.46 28.71 21.48
N HIS D 481 -9.42 29.29 20.89
CA HIS D 481 -9.15 30.73 21.08
C HIS D 481 -8.24 31.21 19.96
N ALA D 482 -7.74 32.45 20.11
CA ALA D 482 -6.76 33.06 19.21
C ALA D 482 -5.37 32.97 19.82
N ASP D 483 -4.35 32.78 18.98
CA ASP D 483 -2.99 32.69 19.50
C ASP D 483 -2.46 34.08 19.86
N HIS D 484 -1.34 34.12 20.60
CA HIS D 484 -0.75 35.37 21.04
C HIS D 484 0.14 35.99 19.98
N SER D 485 0.11 35.43 18.76
CA SER D 485 0.76 36.01 17.59
C SER D 485 -0.22 36.68 16.63
N VAL D 486 -1.52 36.35 16.71
CA VAL D 486 -2.56 36.92 15.86
C VAL D 486 -3.74 37.32 16.76
N LYS D 487 -4.70 38.07 16.19
CA LYS D 487 -5.98 38.38 16.84
C LYS D 487 -7.06 38.39 15.73
N GLY D 488 -8.28 38.77 16.08
CA GLY D 488 -9.39 38.75 15.11
C GLY D 488 -10.33 37.53 15.01
N TYR D 489 -9.78 36.32 14.98
CA TYR D 489 -10.53 35.05 14.83
C TYR D 489 -9.75 33.93 15.52
N PRO D 490 -10.43 32.99 16.20
CA PRO D 490 -9.71 31.86 16.78
C PRO D 490 -9.21 30.86 15.75
N ASN D 491 -7.96 30.44 15.94
CA ASN D 491 -7.22 29.58 15.04
C ASN D 491 -6.49 28.51 15.83
N GLN D 492 -6.77 28.37 17.12
CA GLN D 492 -5.99 27.50 17.95
C GLN D 492 -6.92 26.70 18.85
N THR D 493 -6.58 25.42 19.08
CA THR D 493 -7.39 24.54 19.91
C THR D 493 -6.47 23.74 20.84
N ARG D 494 -6.98 23.49 22.05
CA ARG D 494 -6.33 22.80 23.16
C ARG D 494 -7.27 21.72 23.66
N LEU D 495 -6.71 20.61 24.13
CA LEU D 495 -7.49 19.51 24.69
C LEU D 495 -7.05 19.28 26.13
N VAL D 496 -7.97 19.49 27.06
CA VAL D 496 -7.63 19.66 28.47
C VAL D 496 -8.40 18.68 29.33
N ARG D 497 -7.72 18.14 30.36
CA ARG D 497 -8.44 17.29 31.34
C ARG D 497 -8.70 18.19 32.54
N VAL D 498 -9.93 18.23 33.03
CA VAL D 498 -10.29 19.16 34.10
C VAL D 498 -9.66 18.71 35.41
N ARG D 499 -8.99 19.64 36.08
CA ARG D 499 -8.27 19.26 37.31
C ARG D 499 -9.02 19.81 38.54
N GLU D 500 -9.06 19.01 39.61
CA GLU D 500 -9.45 19.48 40.97
C GLU D 500 -8.89 18.51 42.01
N SER E 2 28.40 -56.95 -64.61
CA SER E 2 29.30 -57.40 -63.56
C SER E 2 30.04 -56.21 -63.00
N GLN E 3 30.37 -56.29 -61.71
CA GLN E 3 31.14 -55.23 -61.10
C GLN E 3 32.32 -54.82 -61.97
N LEU E 4 33.02 -55.81 -62.57
CA LEU E 4 34.11 -55.56 -63.51
C LEU E 4 33.68 -54.69 -64.69
N GLN E 5 32.66 -55.12 -65.43
CA GLN E 5 32.18 -54.34 -66.57
C GLN E 5 31.78 -52.93 -66.13
N HIS E 6 31.09 -52.84 -64.99
CA HIS E 6 30.66 -51.57 -64.45
C HIS E 6 31.83 -50.62 -64.32
N ASN E 7 32.87 -51.01 -63.54
CA ASN E 7 34.03 -50.12 -63.36
C ASN E 7 34.63 -49.75 -64.69
N ILE E 8 34.81 -50.73 -65.59
CA ILE E 8 35.51 -50.47 -66.85
C ILE E 8 34.74 -49.44 -67.69
N GLY E 9 33.47 -49.21 -67.36
CA GLY E 9 32.78 -48.10 -68.02
C GLY E 9 32.41 -46.92 -67.14
N LEU E 10 33.06 -46.75 -66.00
CA LEU E 10 32.81 -45.58 -65.16
C LEU E 10 33.42 -44.32 -65.76
N SER E 11 32.86 -43.17 -65.38
CA SER E 11 33.40 -41.89 -65.83
C SER E 11 33.52 -40.85 -64.71
N ILE E 12 34.65 -40.14 -64.67
CA ILE E 12 34.89 -39.13 -63.66
C ILE E 12 34.24 -37.80 -64.01
N PHE E 13 33.93 -37.58 -65.28
CA PHE E 13 33.41 -36.30 -65.76
C PHE E 13 31.92 -36.29 -66.02
N GLU E 14 31.21 -37.32 -65.62
CA GLU E 14 29.79 -37.34 -65.95
C GLU E 14 29.00 -37.06 -64.70
N PRO E 15 28.01 -36.15 -64.78
CA PRO E 15 27.09 -35.94 -63.66
C PRO E 15 26.46 -37.25 -63.23
N VAL E 16 26.37 -37.43 -61.91
CA VAL E 16 25.81 -38.61 -61.30
C VAL E 16 24.38 -38.31 -60.91
N ALA E 17 23.46 -39.16 -61.34
CA ALA E 17 22.04 -39.08 -60.98
C ALA E 17 21.68 -40.35 -60.22
N LYS E 18 21.67 -40.27 -58.90
CA LYS E 18 21.25 -41.43 -58.12
C LYS E 18 20.82 -40.55 -56.92
N HIS E 19 19.50 -40.56 -56.62
CA HIS E 19 18.86 -40.23 -55.35
C HIS E 19 19.70 -40.97 -54.32
N ARG E 20 20.17 -40.29 -53.28
CA ARG E 20 21.02 -40.94 -52.30
C ARG E 20 20.37 -42.01 -51.43
N ALA E 21 21.12 -43.00 -50.99
CA ALA E 21 20.48 -44.10 -50.28
C ALA E 21 21.16 -44.57 -49.00
N ASN E 22 22.41 -44.17 -48.79
CA ASN E 22 23.06 -44.55 -47.57
C ASN E 22 22.73 -43.47 -46.55
N ARG E 23 22.76 -43.85 -45.29
CA ARG E 23 22.21 -43.04 -44.22
C ARG E 23 23.33 -42.60 -43.27
N ILE E 24 23.26 -41.34 -42.84
CA ILE E 24 24.29 -40.71 -42.00
C ILE E 24 23.80 -40.51 -40.56
N ILE E 25 24.54 -41.06 -39.61
CA ILE E 25 24.34 -40.84 -38.18
C ILE E 25 25.38 -39.83 -37.71
N CYS E 26 24.95 -38.81 -36.96
CA CYS E 26 25.85 -37.82 -36.36
C CYS E 26 25.70 -37.87 -34.84
N THR E 27 26.83 -37.94 -34.15
CA THR E 27 26.81 -37.83 -32.71
C THR E 27 26.85 -36.36 -32.29
N ILE E 28 26.04 -36.03 -31.31
CA ILE E 28 25.77 -34.64 -30.97
C ILE E 28 26.65 -34.25 -29.79
N GLY E 29 27.29 -33.08 -29.90
CA GLY E 29 28.08 -32.51 -28.84
C GLY E 29 28.05 -30.97 -28.78
N PRO E 30 29.06 -30.39 -28.06
CA PRO E 30 29.19 -28.92 -27.93
C PRO E 30 28.97 -28.04 -29.16
N SER E 31 29.44 -28.45 -30.31
CA SER E 31 29.31 -27.63 -31.51
C SER E 31 27.95 -27.78 -32.20
N THR E 32 27.08 -28.71 -31.73
CA THR E 32 25.86 -29.03 -32.46
C THR E 32 24.62 -29.23 -31.59
N GLN E 33 24.64 -28.86 -30.29
CA GLN E 33 23.44 -29.07 -29.49
C GLN E 33 22.38 -28.02 -29.76
N SER E 34 22.78 -26.89 -30.30
CA SER E 34 21.85 -25.80 -30.53
C SER E 34 20.82 -26.19 -31.58
N VAL E 35 19.59 -25.66 -31.43
CA VAL E 35 18.54 -25.92 -32.40
C VAL E 35 18.99 -25.46 -33.77
N GLU E 36 19.65 -24.32 -33.85
CA GLU E 36 20.12 -23.86 -35.15
C GLU E 36 21.12 -24.84 -35.75
N ALA E 37 22.09 -25.29 -34.93
CA ALA E 37 23.08 -26.25 -35.41
C ALA E 37 22.42 -27.55 -35.85
N LEU E 38 21.43 -27.98 -35.09
CA LEU E 38 20.67 -29.16 -35.44
C LEU E 38 19.92 -28.97 -36.75
N LYS E 39 19.29 -27.82 -36.95
CA LYS E 39 18.59 -27.58 -38.20
C LYS E 39 19.56 -27.69 -39.36
N GLY E 40 20.77 -27.17 -39.15
CA GLY E 40 21.77 -27.23 -40.22
C GLY E 40 22.21 -28.65 -40.52
N LEU E 41 22.56 -29.40 -39.48
CA LEU E 41 22.92 -30.82 -39.62
C LEU E 41 21.82 -31.61 -40.33
N MET E 42 20.59 -31.53 -39.80
CA MET E 42 19.48 -32.29 -40.36
C MET E 42 19.26 -31.94 -41.83
N LYS E 43 19.26 -30.64 -42.16
CA LYS E 43 19.13 -30.26 -43.55
C LYS E 43 20.27 -30.85 -44.38
N SER E 44 21.44 -31.00 -43.78
CA SER E 44 22.60 -31.46 -44.55
C SER E 44 22.86 -32.94 -44.37
N GLY E 45 21.82 -33.73 -44.12
CA GLY E 45 21.79 -35.14 -44.42
C GLY E 45 21.93 -35.99 -43.17
N MET E 46 21.65 -35.42 -42.00
CA MET E 46 21.56 -36.25 -40.80
C MET E 46 20.25 -37.01 -40.84
N SER E 47 20.28 -38.24 -40.34
CA SER E 47 19.00 -38.95 -40.29
C SER E 47 18.77 -39.49 -38.89
N VAL E 48 19.86 -39.70 -38.13
CA VAL E 48 19.80 -40.14 -36.76
C VAL E 48 20.83 -39.34 -35.97
N ALA E 49 20.46 -38.99 -34.74
CA ALA E 49 21.32 -38.23 -33.85
C ALA E 49 21.79 -39.10 -32.69
N ARG E 50 23.11 -39.17 -32.48
CA ARG E 50 23.66 -39.99 -31.41
C ARG E 50 24.05 -39.16 -30.20
N MET E 51 23.64 -39.66 -29.03
CA MET E 51 24.05 -39.21 -27.71
C MET E 51 24.93 -40.27 -27.05
N ASN E 52 26.14 -39.87 -26.69
CA ASN E 52 27.10 -40.79 -26.02
C ASN E 52 27.01 -40.58 -24.53
N PHE E 53 26.42 -41.53 -23.82
CA PHE E 53 26.27 -41.40 -22.39
C PHE E 53 27.55 -41.72 -21.62
N SER E 54 28.67 -41.97 -22.30
CA SER E 54 29.92 -42.08 -21.57
C SER E 54 30.26 -40.76 -20.88
N HIS E 55 29.72 -39.64 -21.38
CA HIS E 55 29.90 -38.35 -20.77
C HIS E 55 28.59 -37.59 -20.81
N GLY E 56 28.34 -36.81 -19.77
CA GLY E 56 27.20 -35.92 -19.78
C GLY E 56 26.11 -36.31 -18.80
N SER E 57 25.47 -35.29 -18.25
CA SER E 57 24.40 -35.53 -17.29
C SER E 57 23.07 -35.79 -18.02
N TYR E 58 22.14 -36.40 -17.28
CA TYR E 58 20.79 -36.58 -17.81
C TYR E 58 20.19 -35.24 -18.23
N GLU E 59 20.51 -34.16 -17.51
CA GLU E 59 20.03 -32.85 -17.94
C GLU E 59 20.65 -32.46 -19.30
N TYR E 60 21.95 -32.73 -19.48
CA TYR E 60 22.64 -32.35 -20.71
C TYR E 60 22.07 -33.04 -21.93
N HIS E 61 21.71 -34.31 -21.80
CA HIS E 61 21.16 -35.03 -22.94
C HIS E 61 19.68 -34.79 -23.13
N GLN E 62 18.97 -34.49 -22.03
CA GLN E 62 17.61 -33.99 -22.17
C GLN E 62 17.58 -32.82 -23.13
N THR E 63 18.53 -31.90 -22.97
CA THR E 63 18.63 -30.78 -23.90
C THR E 63 18.74 -31.26 -25.34
N THR E 64 19.61 -32.23 -25.60
CA THR E 64 19.78 -32.64 -26.99
C THR E 64 18.50 -33.23 -27.54
N ILE E 65 17.87 -34.11 -26.78
CA ILE E 65 16.63 -34.76 -27.21
C ILE E 65 15.63 -33.68 -27.59
N ASN E 66 15.45 -32.70 -26.71
CA ASN E 66 14.50 -31.65 -27.00
C ASN E 66 14.89 -30.89 -28.25
N ASN E 67 16.17 -30.56 -28.39
CA ASN E 67 16.61 -29.75 -29.52
C ASN E 67 16.52 -30.49 -30.86
N VAL E 68 16.82 -31.80 -30.92
CA VAL E 68 16.60 -32.44 -32.19
C VAL E 68 15.11 -32.49 -32.49
N ARG E 69 14.28 -32.78 -31.47
CA ARG E 69 12.84 -32.81 -31.74
C ARG E 69 12.35 -31.44 -32.22
N ALA E 70 12.95 -30.38 -31.68
CA ALA E 70 12.56 -29.03 -32.07
C ALA E 70 12.90 -28.77 -33.52
N ALA E 71 14.14 -29.06 -33.88
CA ALA E 71 14.59 -28.79 -35.23
C ALA E 71 13.86 -29.65 -36.24
N ALA E 72 13.61 -30.92 -35.90
CA ALA E 72 12.80 -31.80 -36.73
C ALA E 72 11.40 -31.26 -36.92
N ALA E 73 10.74 -30.91 -35.80
CA ALA E 73 9.41 -30.36 -35.88
C ALA E 73 9.40 -29.14 -36.79
N GLU E 74 10.44 -28.30 -36.69
CA GLU E 74 10.50 -27.09 -37.50
C GLU E 74 10.61 -27.42 -38.99
N LEU E 75 11.47 -28.34 -39.36
CA LEU E 75 11.60 -28.59 -40.78
C LEU E 75 10.62 -29.62 -41.30
N GLY E 76 9.83 -30.26 -40.44
CA GLY E 76 8.94 -31.29 -40.95
C GLY E 76 9.63 -32.61 -41.23
N LEU E 77 10.57 -33.02 -40.39
CA LEU E 77 11.28 -34.26 -40.58
C LEU E 77 11.16 -35.24 -39.41
N HIS E 78 11.39 -36.51 -39.73
CA HIS E 78 11.51 -37.61 -38.79
C HIS E 78 12.98 -37.94 -38.59
N ILE E 79 13.58 -37.48 -37.50
CA ILE E 79 14.95 -37.81 -37.16
C ILE E 79 14.96 -38.87 -36.07
N GLY E 80 15.79 -39.89 -36.23
CA GLY E 80 15.91 -40.85 -35.15
C GLY E 80 16.78 -40.31 -34.03
N ILE E 81 16.65 -40.89 -32.84
CA ILE E 81 17.49 -40.52 -31.72
C ILE E 81 18.07 -41.80 -31.12
N ALA E 82 19.39 -41.81 -30.92
CA ALA E 82 20.07 -43.02 -30.46
C ALA E 82 20.82 -42.74 -29.16
N LEU E 83 20.72 -43.69 -28.25
CA LEU E 83 21.36 -43.61 -26.93
C LEU E 83 22.44 -44.69 -26.89
N ASP E 84 23.70 -44.23 -26.97
CA ASP E 84 24.90 -45.08 -26.92
C ASP E 84 25.30 -45.27 -25.46
N THR E 85 25.11 -46.48 -24.92
CA THR E 85 25.44 -46.82 -23.53
C THR E 85 26.92 -46.56 -23.17
N LYS E 86 27.18 -46.39 -21.86
CA LYS E 86 28.57 -46.32 -21.38
C LYS E 86 29.23 -47.70 -21.35
N GLY E 87 28.46 -48.72 -20.94
CA GLY E 87 28.90 -50.09 -20.98
C GLY E 87 29.85 -50.43 -19.86
N PRO E 88 30.11 -51.73 -19.69
CA PRO E 88 31.12 -52.15 -18.72
C PRO E 88 32.51 -51.77 -19.21
N GLU E 89 32.92 -50.53 -18.97
CA GLU E 89 34.14 -49.99 -19.60
C GLU E 89 35.37 -50.15 -18.69
N ALA E 189 27.84 -57.22 -18.46
CA ALA E 189 27.28 -56.54 -19.63
C ALA E 189 26.44 -55.30 -19.28
N VAL E 190 25.57 -55.44 -18.27
CA VAL E 190 24.61 -54.39 -17.94
C VAL E 190 24.93 -53.81 -16.55
N SER E 191 25.79 -52.78 -16.53
CA SER E 191 26.16 -52.11 -15.27
C SER E 191 25.04 -51.21 -14.75
N GLU E 192 25.08 -50.94 -13.45
CA GLU E 192 24.11 -50.06 -12.80
C GLU E 192 23.98 -48.71 -13.52
N LYS E 193 25.12 -48.08 -13.87
CA LYS E 193 25.10 -46.82 -14.60
C LYS E 193 24.38 -46.95 -15.94
N ASP E 194 24.83 -47.88 -16.78
CA ASP E 194 24.14 -48.15 -18.05
C ASP E 194 22.67 -48.40 -17.85
N ARG E 195 22.35 -49.21 -16.84
CA ARG E 195 20.93 -49.60 -16.63
C ARG E 195 20.11 -48.33 -16.42
N LYS E 196 20.46 -47.54 -15.42
CA LYS E 196 19.66 -46.35 -15.18
C LYS E 196 19.61 -45.48 -16.44
N ASP E 197 20.71 -45.45 -17.21
CA ASP E 197 20.69 -44.73 -18.49
C ASP E 197 19.63 -45.29 -19.43
N LEU E 198 19.50 -46.61 -19.45
CA LEU E 198 18.49 -47.19 -20.31
C LEU E 198 17.11 -46.80 -19.81
N GLN E 199 16.92 -46.76 -18.48
CA GLN E 199 15.62 -46.30 -17.99
C GLN E 199 15.31 -44.92 -18.54
N PHE E 200 16.28 -44.01 -18.44
CA PHE E 200 16.13 -42.66 -18.94
C PHE E 200 15.79 -42.63 -20.43
N GLY E 201 16.50 -43.44 -21.23
CA GLY E 201 16.29 -43.41 -22.67
C GLY E 201 14.95 -43.99 -23.11
N VAL E 202 14.56 -45.13 -22.53
CA VAL E 202 13.28 -45.71 -22.94
C VAL E 202 12.17 -44.75 -22.55
N GLU E 203 12.34 -44.12 -21.41
CA GLU E 203 11.34 -43.26 -20.83
C GLU E 203 11.27 -41.93 -21.56
N GLN E 204 12.38 -41.50 -22.16
CA GLN E 204 12.42 -40.28 -22.92
C GLN E 204 12.13 -40.51 -24.40
N GLY E 205 11.95 -41.76 -24.81
CA GLY E 205 11.55 -42.05 -26.17
C GLY E 205 12.66 -42.17 -27.19
N VAL E 206 13.85 -42.64 -26.80
CA VAL E 206 14.86 -42.86 -27.82
C VAL E 206 14.43 -44.00 -28.73
N ASP E 207 14.83 -43.91 -29.98
CA ASP E 207 14.44 -44.89 -31.00
C ASP E 207 15.36 -46.12 -31.04
N MET E 208 16.59 -46.03 -30.52
CA MET E 208 17.51 -47.16 -30.53
C MET E 208 18.58 -46.99 -29.48
N ILE E 209 19.13 -48.11 -29.06
CA ILE E 209 20.24 -48.13 -28.12
C ILE E 209 21.46 -48.55 -28.91
N PHE E 210 22.62 -47.98 -28.60
CA PHE E 210 23.89 -48.49 -29.17
C PHE E 210 24.57 -49.28 -28.05
N ALA E 211 24.21 -50.57 -27.95
CA ALA E 211 24.58 -51.36 -26.78
C ALA E 211 26.06 -51.67 -26.81
N SER E 212 26.76 -51.23 -25.77
CA SER E 212 28.22 -51.25 -25.76
C SER E 212 28.81 -52.57 -25.27
N PHE E 213 29.93 -52.95 -25.88
CA PHE E 213 30.72 -54.12 -25.51
C PHE E 213 29.85 -55.36 -25.42
N ILE E 214 29.37 -55.78 -26.56
CA ILE E 214 28.60 -57.01 -26.61
C ILE E 214 29.58 -58.13 -26.95
N ARG E 215 29.49 -59.20 -26.19
CA ARG E 215 30.37 -60.35 -26.29
C ARG E 215 29.61 -61.62 -26.60
N THR E 216 28.47 -61.84 -25.94
CA THR E 216 27.59 -62.99 -26.14
C THR E 216 26.15 -62.55 -26.46
N ALA E 217 25.35 -63.51 -26.96
CA ALA E 217 23.94 -63.25 -27.20
C ALA E 217 23.16 -63.10 -25.89
N ASP E 218 23.63 -63.74 -24.84
CA ASP E 218 22.99 -63.60 -23.54
C ASP E 218 23.07 -62.18 -23.02
N GLN E 219 24.16 -61.48 -23.31
CA GLN E 219 24.28 -60.11 -22.85
C GLN E 219 23.35 -59.16 -23.60
N VAL E 220 23.22 -59.36 -24.91
CA VAL E 220 22.28 -58.54 -25.66
C VAL E 220 20.86 -58.79 -25.18
N ARG E 221 20.54 -60.04 -24.81
CA ARG E 221 19.21 -60.28 -24.26
C ARG E 221 19.05 -59.66 -22.86
N GLU E 222 20.13 -59.59 -22.08
CA GLU E 222 20.10 -58.80 -20.84
C GLU E 222 19.76 -57.32 -21.14
N VAL E 223 20.31 -56.77 -22.22
CA VAL E 223 20.01 -55.38 -22.57
C VAL E 223 18.51 -55.17 -22.75
N ARG E 224 17.89 -56.15 -23.43
CA ARG E 224 16.44 -56.06 -23.68
C ARG E 224 15.70 -56.26 -22.35
N ALA E 225 16.18 -57.18 -21.51
CA ALA E 225 15.51 -57.27 -20.23
C ALA E 225 15.45 -55.88 -19.61
N ALA E 226 16.57 -55.14 -19.60
CA ALA E 226 16.60 -53.81 -18.96
C ALA E 226 15.57 -52.86 -19.57
N LEU E 227 15.43 -52.83 -20.89
CA LEU E 227 14.37 -52.05 -21.51
C LEU E 227 13.07 -52.73 -21.13
N GLY E 228 12.31 -52.08 -20.23
CA GLY E 228 11.05 -52.58 -19.72
C GLY E 228 10.01 -52.85 -20.78
N GLU E 229 8.90 -53.43 -20.38
CA GLU E 229 8.01 -53.82 -21.46
C GLU E 229 7.65 -52.58 -22.30
N LYS E 230 7.85 -51.39 -21.73
CA LYS E 230 7.80 -50.10 -22.43
C LYS E 230 8.94 -49.93 -23.43
N GLY E 231 10.02 -50.70 -23.35
CA GLY E 231 11.09 -50.57 -24.31
C GLY E 231 11.22 -51.81 -25.16
N LYS E 232 10.09 -52.49 -25.31
CA LYS E 232 10.04 -53.76 -26.04
C LYS E 232 10.32 -53.56 -27.51
N ASP E 233 9.86 -52.44 -28.09
CA ASP E 233 10.04 -52.13 -29.51
C ASP E 233 11.22 -51.21 -29.78
N THR E 234 12.17 -51.12 -28.87
CA THR E 234 13.30 -50.26 -29.14
C THR E 234 14.38 -51.05 -29.86
N LEU E 235 15.02 -50.43 -30.84
CA LEU E 235 16.10 -51.11 -31.53
C LEU E 235 17.27 -51.34 -30.58
N ILE E 236 17.72 -52.60 -30.47
CA ILE E 236 19.03 -52.89 -29.87
C ILE E 236 20.04 -53.14 -30.98
N ILE E 237 20.95 -52.21 -31.15
CA ILE E 237 22.02 -52.32 -32.12
C ILE E 237 23.26 -52.70 -31.33
N SER E 238 23.81 -53.87 -31.64
CA SER E 238 24.92 -54.43 -30.87
C SER E 238 26.23 -53.88 -31.39
N LYS E 239 27.03 -53.36 -30.45
CA LYS E 239 28.38 -52.83 -30.69
C LYS E 239 29.41 -53.94 -30.46
N ILE E 240 29.97 -54.44 -31.54
CA ILE E 240 31.03 -55.44 -31.45
C ILE E 240 32.31 -54.63 -31.35
N GLU E 241 32.96 -54.65 -30.18
CA GLU E 241 34.18 -53.85 -30.01
C GLU E 241 35.30 -54.63 -29.33
N ASN E 242 35.34 -55.96 -29.54
CA ASN E 242 36.34 -56.83 -28.92
C ASN E 242 36.33 -58.16 -29.66
N HIS E 243 37.25 -59.04 -29.29
CA HIS E 243 37.37 -60.29 -30.03
C HIS E 243 36.16 -61.20 -29.78
N GLN E 244 35.70 -61.31 -28.52
CA GLN E 244 34.60 -62.22 -28.19
C GLN E 244 33.37 -61.91 -29.04
N GLY E 245 33.13 -60.63 -29.35
CA GLY E 245 32.03 -60.27 -30.23
C GLY E 245 32.20 -60.84 -31.62
N VAL E 246 33.39 -60.66 -32.20
CA VAL E 246 33.65 -61.23 -33.52
C VAL E 246 33.47 -62.75 -33.50
N GLN E 247 33.86 -63.39 -32.38
CA GLN E 247 33.74 -64.84 -32.23
C GLN E 247 32.30 -65.28 -32.17
N ASN E 248 31.47 -64.57 -31.43
CA ASN E 248 30.09 -64.99 -31.26
C ASN E 248 29.14 -64.22 -32.15
N ILE E 249 29.67 -63.62 -33.25
CA ILE E 249 28.88 -62.74 -34.13
C ILE E 249 27.59 -63.40 -34.64
N ASP E 250 27.64 -64.70 -34.89
CA ASP E 250 26.43 -65.33 -35.47
C ASP E 250 25.31 -65.22 -34.44
N ALA E 251 25.52 -65.76 -33.24
CA ALA E 251 24.52 -65.68 -32.19
C ALA E 251 24.08 -64.24 -31.92
N ILE E 252 25.05 -63.33 -31.85
CA ILE E 252 24.78 -61.93 -31.54
C ILE E 252 23.87 -61.31 -32.61
N ILE E 253 24.13 -61.61 -33.88
CA ILE E 253 23.21 -61.07 -34.93
C ILE E 253 21.83 -61.68 -34.70
N GLU E 254 21.76 -63.00 -34.52
CA GLU E 254 20.44 -63.61 -34.36
C GLU E 254 19.63 -62.93 -33.25
N ALA E 255 20.28 -62.55 -32.14
CA ALA E 255 19.58 -61.91 -31.05
C ALA E 255 19.44 -60.39 -31.20
N SER E 256 20.17 -59.75 -32.09
CA SER E 256 20.16 -58.29 -32.16
C SER E 256 19.24 -57.80 -33.27
N ASP E 257 19.02 -56.47 -33.27
CA ASP E 257 18.30 -55.80 -34.35
C ASP E 257 19.23 -55.23 -35.41
N GLY E 258 20.41 -54.78 -35.03
CA GLY E 258 21.36 -54.21 -35.96
C GLY E 258 22.74 -54.45 -35.36
N ILE E 259 23.77 -53.99 -36.09
CA ILE E 259 25.15 -54.19 -35.66
C ILE E 259 25.96 -52.93 -35.90
N MET E 260 26.88 -52.60 -34.98
CA MET E 260 27.85 -51.53 -35.21
C MET E 260 29.29 -52.06 -35.13
N VAL E 261 30.08 -51.87 -36.19
CA VAL E 261 31.47 -52.30 -36.18
C VAL E 261 32.24 -51.16 -35.51
N ALA E 262 32.60 -51.38 -34.24
CA ALA E 262 33.32 -50.36 -33.50
C ALA E 262 34.79 -50.63 -33.78
N ARG E 263 35.18 -50.10 -34.91
CA ARG E 263 36.38 -50.51 -35.61
C ARG E 263 37.67 -49.99 -34.94
N GLY E 264 37.63 -48.82 -34.30
CA GLY E 264 38.72 -48.34 -33.48
C GLY E 264 38.86 -49.20 -32.24
N ASP E 265 37.76 -49.28 -31.49
CA ASP E 265 37.70 -50.14 -30.32
C ASP E 265 38.11 -51.58 -30.68
N LEU E 266 37.92 -51.97 -31.94
CA LEU E 266 38.31 -53.31 -32.41
C LEU E 266 39.80 -53.39 -32.73
N GLY E 267 40.35 -52.39 -33.41
CA GLY E 267 41.75 -52.36 -33.82
C GLY E 267 42.72 -52.30 -32.65
N VAL E 268 42.17 -52.21 -31.44
CA VAL E 268 42.98 -52.25 -30.22
C VAL E 268 43.25 -53.67 -29.73
N GLU E 269 42.27 -54.59 -29.84
CA GLU E 269 42.46 -55.94 -29.29
C GLU E 269 43.02 -56.90 -30.32
N ILE E 270 42.65 -56.71 -31.57
CA ILE E 270 43.01 -57.60 -32.68
C ILE E 270 43.77 -56.75 -33.68
N PRO E 271 44.66 -57.37 -34.53
CA PRO E 271 45.59 -56.56 -35.32
C PRO E 271 44.95 -55.46 -36.13
N ALA E 272 45.25 -54.21 -35.74
CA ALA E 272 44.64 -53.06 -36.41
C ALA E 272 44.81 -53.23 -37.91
N GLU E 273 45.73 -54.09 -38.27
CA GLU E 273 45.85 -54.32 -39.71
C GLU E 273 44.61 -55.08 -40.18
N LYS E 274 44.25 -56.21 -39.57
CA LYS E 274 43.18 -57.10 -40.11
C LYS E 274 41.73 -56.74 -39.76
N VAL E 275 41.45 -55.68 -39.01
CA VAL E 275 40.07 -55.28 -38.79
C VAL E 275 39.32 -55.25 -40.11
N VAL E 276 40.02 -54.92 -41.21
CA VAL E 276 39.45 -54.94 -42.54
C VAL E 276 38.62 -56.21 -42.73
N VAL E 277 39.24 -57.38 -42.41
CA VAL E 277 38.58 -58.64 -42.73
C VAL E 277 37.26 -58.75 -41.97
N ALA E 278 37.30 -58.43 -40.66
CA ALA E 278 36.07 -58.51 -39.88
C ALA E 278 35.00 -57.61 -40.47
N GLN E 279 35.34 -56.36 -40.83
CA GLN E 279 34.32 -55.47 -41.35
C GLN E 279 33.62 -56.07 -42.56
N MET E 280 34.39 -56.53 -43.57
CA MET E 280 33.70 -57.05 -44.76
C MET E 280 32.89 -58.29 -44.38
N CYS E 281 33.46 -59.12 -43.52
CA CYS E 281 32.76 -60.29 -43.00
C CYS E 281 31.40 -59.91 -42.38
N ILE E 282 31.40 -58.87 -41.54
CA ILE E 282 30.28 -58.60 -40.63
C ILE E 282 29.17 -57.87 -41.37
N ILE E 283 29.56 -56.81 -42.08
CA ILE E 283 28.69 -56.06 -42.98
C ILE E 283 27.88 -56.99 -43.83
N SER E 284 28.56 -57.82 -44.63
CA SER E 284 27.84 -58.66 -45.54
C SER E 284 27.08 -59.72 -44.77
N LYS E 285 27.66 -60.22 -43.70
CA LYS E 285 26.87 -61.18 -42.88
C LYS E 285 25.52 -60.54 -42.55
N CYS E 286 25.52 -59.28 -42.12
CA CYS E 286 24.26 -58.59 -41.81
C CYS E 286 23.40 -58.38 -43.06
N ASN E 287 24.00 -57.99 -44.19
CA ASN E 287 23.21 -57.83 -45.42
C ASN E 287 22.32 -59.03 -45.66
N VAL E 288 22.86 -60.25 -45.57
CA VAL E 288 22.01 -61.42 -45.78
C VAL E 288 21.02 -61.58 -44.63
N ALA E 289 21.45 -61.28 -43.40
CA ALA E 289 20.55 -61.34 -42.22
C ALA E 289 19.38 -60.36 -42.26
N GLY E 290 19.34 -59.46 -43.24
CA GLY E 290 18.30 -58.45 -43.35
C GLY E 290 18.29 -57.39 -42.25
N LYS E 291 19.41 -57.21 -41.55
CA LYS E 291 19.55 -56.32 -40.42
C LYS E 291 20.55 -55.20 -40.74
N PRO E 292 20.26 -53.96 -40.31
CA PRO E 292 21.13 -52.84 -40.65
C PRO E 292 22.48 -52.92 -39.98
N VAL E 293 23.49 -52.50 -40.71
CA VAL E 293 24.82 -52.46 -40.14
C VAL E 293 25.40 -51.06 -40.32
N ILE E 294 26.06 -50.57 -39.27
CA ILE E 294 26.63 -49.23 -39.23
C ILE E 294 28.12 -49.36 -38.99
N CYS E 295 28.91 -48.62 -39.78
CA CYS E 295 30.35 -48.50 -39.63
C CYS E 295 30.60 -47.26 -38.81
N ALA E 296 31.54 -47.32 -37.88
CA ALA E 296 31.42 -46.44 -36.72
C ALA E 296 32.58 -45.46 -36.54
N THR E 297 33.81 -45.91 -36.35
CA THR E 297 34.76 -44.90 -35.90
C THR E 297 35.75 -44.51 -37.01
N GLN E 298 36.51 -43.47 -36.73
CA GLN E 298 37.56 -42.92 -37.61
C GLN E 298 37.12 -42.84 -39.06
N MET E 299 36.09 -42.04 -39.26
CA MET E 299 35.53 -41.82 -40.57
C MET E 299 36.20 -40.66 -41.31
N LEU E 300 35.89 -39.43 -40.95
CA LEU E 300 36.53 -38.29 -41.58
C LEU E 300 37.30 -37.48 -40.52
N GLU E 301 38.00 -38.20 -39.65
CA GLU E 301 38.50 -37.65 -38.41
C GLU E 301 39.40 -36.44 -38.62
N SER E 302 40.22 -36.44 -39.67
CA SER E 302 41.02 -35.23 -39.84
C SER E 302 40.12 -34.02 -40.03
N MET E 303 38.93 -34.21 -40.60
CA MET E 303 38.06 -33.06 -40.75
C MET E 303 37.55 -32.47 -39.43
N THR E 304 37.85 -33.07 -38.27
CA THR E 304 37.46 -32.44 -37.01
C THR E 304 38.10 -31.05 -36.86
N THR E 305 39.31 -30.85 -37.37
CA THR E 305 39.98 -29.54 -37.30
C THR E 305 40.43 -28.98 -38.65
N ASN E 306 40.52 -29.81 -39.72
CA ASN E 306 40.81 -29.17 -41.01
C ASN E 306 39.57 -29.23 -41.91
N PRO E 307 39.39 -28.27 -42.82
CA PRO E 307 38.17 -28.24 -43.65
C PRO E 307 38.10 -29.34 -44.70
N ARG E 308 39.12 -30.19 -44.79
CA ARG E 308 39.23 -31.19 -45.83
C ARG E 308 39.77 -32.46 -45.19
N PRO E 309 39.25 -33.60 -45.59
CA PRO E 309 39.79 -34.87 -45.14
C PRO E 309 40.90 -35.32 -46.08
N THR E 310 41.57 -36.40 -45.68
CA THR E 310 42.59 -36.98 -46.54
C THR E 310 41.95 -37.99 -47.48
N ARG E 311 42.64 -38.31 -48.57
CA ARG E 311 42.05 -39.26 -49.55
C ARG E 311 41.85 -40.59 -48.84
N ALA E 312 42.88 -41.06 -48.14
CA ALA E 312 42.74 -42.40 -47.52
C ALA E 312 41.47 -42.51 -46.68
N GLU E 313 41.20 -41.53 -45.80
CA GLU E 313 39.93 -41.50 -45.05
C GLU E 313 38.73 -41.66 -45.98
N VAL E 314 38.72 -40.93 -47.10
CA VAL E 314 37.59 -40.98 -48.01
C VAL E 314 37.43 -42.38 -48.58
N THR E 315 38.53 -42.99 -48.98
CA THR E 315 38.41 -44.40 -49.46
C THR E 315 37.84 -45.23 -48.32
N ASP E 316 38.30 -44.97 -47.10
CA ASP E 316 37.85 -45.74 -45.95
C ASP E 316 36.33 -45.76 -45.90
N VAL E 317 35.73 -44.57 -45.95
CA VAL E 317 34.27 -44.44 -45.96
C VAL E 317 33.66 -45.08 -47.20
N ALA E 318 34.26 -44.83 -48.38
CA ALA E 318 33.70 -45.41 -49.59
C ALA E 318 33.69 -46.92 -49.50
N ASN E 319 34.78 -47.49 -48.97
CA ASN E 319 34.96 -48.94 -48.90
C ASN E 319 34.04 -49.57 -47.87
N ALA E 320 33.57 -48.77 -46.89
CA ALA E 320 32.46 -49.19 -46.02
C ALA E 320 31.13 -49.25 -46.77
N VAL E 321 30.83 -48.23 -47.59
CA VAL E 321 29.59 -48.27 -48.39
C VAL E 321 29.61 -49.47 -49.34
N PHE E 322 30.77 -49.67 -49.98
CA PHE E 322 30.99 -50.76 -50.93
C PHE E 322 30.89 -52.12 -50.25
N ASN E 323 31.52 -52.27 -49.09
CA ASN E 323 31.39 -53.52 -48.34
C ASN E 323 29.94 -53.84 -48.00
N GLY E 324 29.03 -52.85 -48.10
CA GLY E 324 27.60 -53.06 -47.98
C GLY E 324 26.90 -52.43 -46.79
N ALA E 325 27.55 -51.53 -46.06
CA ALA E 325 26.98 -51.04 -44.82
C ALA E 325 25.88 -50.03 -45.08
N ASP E 326 24.84 -50.07 -44.25
CA ASP E 326 23.70 -49.18 -44.40
C ASP E 326 24.11 -47.74 -44.12
N CYS E 327 24.81 -47.54 -42.99
CA CYS E 327 25.06 -46.22 -42.44
C CYS E 327 26.52 -46.06 -42.07
N VAL E 328 26.96 -44.83 -42.26
CA VAL E 328 28.24 -44.34 -41.77
C VAL E 328 27.91 -43.35 -40.66
N MET E 329 28.70 -43.34 -39.60
CA MET E 329 28.40 -42.56 -38.40
C MET E 329 29.54 -41.59 -38.06
N LEU E 330 29.19 -40.33 -37.76
CA LEU E 330 30.22 -39.37 -37.40
C LEU E 330 30.39 -39.32 -35.88
N SER E 331 31.61 -39.03 -35.42
CA SER E 331 31.85 -39.06 -33.97
C SER E 331 32.22 -37.84 -33.13
N GLY E 332 33.48 -37.45 -33.07
CA GLY E 332 33.90 -36.09 -32.75
C GLY E 332 33.72 -35.14 -33.92
N GLU E 333 33.63 -35.68 -35.14
CA GLU E 333 33.55 -34.87 -36.34
C GLU E 333 32.48 -33.82 -36.22
N THR E 334 31.30 -34.21 -35.68
CA THR E 334 30.15 -33.33 -35.43
C THR E 334 29.97 -32.90 -33.95
N ALA E 335 30.40 -33.72 -32.98
CA ALA E 335 30.24 -33.43 -31.55
C ALA E 335 31.25 -32.41 -31.04
N LYS E 336 32.54 -32.60 -31.34
CA LYS E 336 33.61 -31.70 -30.94
C LYS E 336 34.00 -30.72 -32.06
N GLY E 337 33.44 -30.86 -33.25
CA GLY E 337 34.12 -30.42 -34.45
C GLY E 337 33.96 -28.95 -34.80
N LYS E 338 34.86 -28.50 -35.68
CA LYS E 338 34.86 -27.13 -36.18
C LYS E 338 34.11 -27.00 -37.50
N TYR E 339 33.74 -28.10 -38.13
CA TYR E 339 33.07 -28.05 -39.44
C TYR E 339 31.98 -29.12 -39.54
N PRO E 340 31.00 -29.14 -38.63
CA PRO E 340 30.05 -30.27 -38.66
C PRO E 340 29.14 -30.31 -39.87
N ASN E 341 28.66 -29.15 -40.36
CA ASN E 341 27.75 -29.18 -41.52
C ASN E 341 28.52 -29.64 -42.78
N GLU E 342 29.76 -29.13 -42.95
CA GLU E 342 30.54 -29.45 -44.13
C GLU E 342 31.00 -30.90 -44.15
N VAL E 343 31.34 -31.46 -42.99
CA VAL E 343 31.75 -32.86 -42.99
C VAL E 343 30.52 -33.77 -43.18
N VAL E 344 29.35 -33.43 -42.62
CA VAL E 344 28.15 -34.23 -42.93
C VAL E 344 27.86 -34.21 -44.43
N GLN E 345 27.87 -33.02 -45.01
CA GLN E 345 27.66 -32.83 -46.44
C GLN E 345 28.73 -33.59 -47.30
N TYR E 346 29.99 -33.58 -46.86
CA TYR E 346 31.02 -34.39 -47.50
C TYR E 346 30.66 -35.87 -47.48
N MET E 347 30.23 -36.36 -46.33
CA MET E 347 29.78 -37.74 -46.22
C MET E 347 28.66 -38.02 -47.20
N VAL E 348 27.84 -37.02 -47.49
CA VAL E 348 26.76 -37.23 -48.45
C VAL E 348 27.32 -37.46 -49.86
N ARG E 349 28.24 -36.59 -50.30
CA ARG E 349 28.85 -36.78 -51.65
C ARG E 349 29.58 -38.11 -51.78
N ILE E 350 30.30 -38.53 -50.72
CA ILE E 350 30.99 -39.84 -50.76
C ILE E 350 29.97 -40.96 -50.95
N CYS E 351 28.90 -40.95 -50.12
CA CYS E 351 27.86 -41.97 -50.23
C CYS E 351 27.29 -42.04 -51.65
N ILE E 352 26.92 -40.87 -52.23
CA ILE E 352 26.29 -40.85 -53.56
C ILE E 352 27.23 -41.45 -54.59
N GLU E 353 28.51 -41.10 -54.52
CA GLU E 353 29.43 -41.60 -55.57
C GLU E 353 29.58 -43.11 -55.39
N ALA E 354 29.95 -43.52 -54.19
CA ALA E 354 30.09 -44.97 -53.94
C ALA E 354 28.87 -45.74 -54.43
N GLN E 355 27.65 -45.21 -54.19
CA GLN E 355 26.44 -45.87 -54.67
C GLN E 355 26.44 -45.95 -56.18
N SER E 356 26.80 -44.87 -56.87
CA SER E 356 26.76 -44.89 -58.36
C SER E 356 27.85 -45.83 -58.86
N ALA E 357 28.88 -46.03 -58.04
CA ALA E 357 30.00 -46.90 -58.36
C ALA E 357 29.71 -48.36 -58.01
N THR E 358 28.74 -48.63 -57.10
CA THR E 358 28.29 -50.01 -56.96
C THR E 358 27.46 -50.38 -58.16
N HIS E 359 27.48 -51.66 -58.47
CA HIS E 359 26.77 -52.22 -59.59
C HIS E 359 25.36 -52.51 -59.08
N ASP E 360 24.38 -51.84 -59.68
CA ASP E 360 22.98 -51.98 -59.25
C ASP E 360 22.07 -53.15 -58.88
N SER E 361 22.29 -54.32 -59.48
CA SER E 361 22.36 -55.77 -59.15
C SER E 361 23.12 -57.06 -58.86
N VAL E 362 24.39 -56.96 -58.49
CA VAL E 362 25.17 -58.01 -57.78
C VAL E 362 24.74 -58.47 -56.39
N MET E 363 24.26 -57.55 -55.56
CA MET E 363 23.68 -57.92 -54.24
C MET E 363 22.41 -58.75 -54.43
N PHE E 364 21.38 -58.16 -55.03
CA PHE E 364 20.11 -58.89 -55.24
C PHE E 364 20.33 -60.33 -55.68
N ASN E 365 21.01 -60.47 -56.80
CA ASN E 365 21.33 -61.83 -57.32
C ASN E 365 21.97 -62.64 -56.20
N SER E 366 23.06 -62.12 -55.63
CA SER E 366 23.78 -62.87 -54.58
C SER E 366 22.84 -63.21 -53.43
N ILE E 367 22.01 -62.24 -53.02
CA ILE E 367 21.13 -62.46 -51.84
C ILE E 367 20.16 -63.61 -52.13
N LYS E 368 19.34 -63.44 -53.16
CA LYS E 368 18.35 -64.49 -53.51
C LYS E 368 19.09 -65.82 -53.56
N ASN E 369 20.23 -65.82 -54.24
CA ASN E 369 21.01 -67.07 -54.39
C ASN E 369 21.29 -67.65 -53.00
N LEU E 370 21.44 -66.82 -51.97
CA LEU E 370 21.65 -67.43 -50.68
C LEU E 370 20.36 -68.00 -50.02
N GLN E 371 19.21 -68.07 -50.69
CA GLN E 371 17.98 -68.48 -49.99
C GLN E 371 17.68 -69.98 -50.14
N LYS E 372 16.80 -70.47 -49.27
CA LYS E 372 16.41 -71.88 -49.35
C LYS E 372 15.60 -72.10 -50.62
N ILE E 373 15.60 -73.36 -51.11
CA ILE E 373 15.13 -73.66 -52.47
C ILE E 373 13.72 -73.12 -52.65
N PRO E 374 12.68 -73.45 -51.75
CA PRO E 374 11.48 -72.59 -51.65
C PRO E 374 11.57 -71.51 -50.58
N MET E 375 11.62 -70.24 -50.96
CA MET E 375 11.55 -69.22 -49.93
C MET E 375 10.14 -69.13 -49.37
N SER E 376 10.05 -68.66 -48.12
CA SER E 376 8.75 -68.49 -47.48
C SER E 376 8.01 -67.33 -48.14
N PRO E 377 6.67 -67.28 -48.04
CA PRO E 377 5.91 -66.24 -48.77
C PRO E 377 6.35 -64.82 -48.46
N GLU E 378 6.64 -64.49 -47.21
CA GLU E 378 7.21 -63.19 -46.89
C GLU E 378 8.38 -62.84 -47.81
N GLU E 379 9.41 -63.69 -47.71
CA GLU E 379 10.65 -63.54 -48.45
C GLU E 379 10.39 -63.44 -49.95
N ALA E 380 9.49 -64.29 -50.44
CA ALA E 380 9.20 -64.35 -51.86
C ALA E 380 8.60 -63.05 -52.37
N VAL E 381 7.60 -62.53 -51.66
CA VAL E 381 6.96 -61.31 -52.12
C VAL E 381 7.93 -60.15 -52.13
N CYS E 382 8.77 -60.04 -51.10
CA CYS E 382 9.76 -58.95 -51.11
C CYS E 382 10.75 -59.08 -52.26
N SER E 383 11.38 -60.27 -52.40
CA SER E 383 12.36 -60.41 -53.46
C SER E 383 11.71 -60.10 -54.80
N SER E 384 10.51 -60.66 -55.04
CA SER E 384 9.85 -60.50 -56.33
C SER E 384 9.45 -59.05 -56.55
N ALA E 385 9.16 -58.32 -55.47
CA ALA E 385 8.94 -56.89 -55.58
C ALA E 385 10.17 -56.22 -56.16
N VAL E 386 11.35 -56.56 -55.62
CA VAL E 386 12.59 -56.01 -56.15
C VAL E 386 12.88 -56.49 -57.59
N SER E 387 12.75 -57.81 -57.85
CA SER E 387 12.91 -58.31 -59.21
C SER E 387 12.05 -57.51 -60.18
N SER E 388 10.76 -57.35 -59.86
CA SER E 388 9.82 -56.61 -60.70
C SER E 388 10.25 -55.15 -60.87
N ALA E 389 10.72 -54.52 -59.79
CA ALA E 389 11.20 -53.15 -59.89
C ALA E 389 12.29 -53.05 -60.96
N PHE E 390 13.25 -53.97 -60.91
CA PHE E 390 14.31 -53.96 -61.92
C PHE E 390 13.74 -54.21 -63.30
N GLU E 391 12.91 -55.27 -63.41
CA GLU E 391 12.40 -55.74 -64.69
C GLU E 391 11.55 -54.69 -65.38
N VAL E 392 10.84 -53.88 -64.62
CA VAL E 392 10.06 -52.78 -65.19
C VAL E 392 10.79 -51.45 -65.07
N GLN E 393 11.97 -51.43 -64.46
CA GLN E 393 12.74 -50.20 -64.31
C GLN E 393 11.96 -49.14 -63.52
N ALA E 394 11.25 -49.59 -62.49
CA ALA E 394 10.47 -48.70 -61.62
C ALA E 394 11.35 -47.66 -60.97
N LYS E 395 10.75 -46.49 -60.64
CA LYS E 395 11.50 -45.42 -59.98
C LYS E 395 11.19 -45.32 -58.50
N ALA E 396 10.31 -46.15 -57.98
CA ALA E 396 10.09 -46.11 -56.56
C ALA E 396 9.34 -47.37 -56.18
N ILE E 397 9.55 -47.76 -54.94
CA ILE E 397 8.84 -48.86 -54.33
C ILE E 397 8.18 -48.30 -53.10
N LEU E 398 6.86 -48.37 -53.05
CA LEU E 398 6.07 -47.92 -51.93
C LEU E 398 5.62 -49.15 -51.18
N VAL E 399 6.03 -49.29 -49.93
CA VAL E 399 5.60 -50.37 -49.05
C VAL E 399 4.80 -49.78 -47.89
N LEU E 400 3.72 -50.48 -47.52
CA LEU E 400 2.80 -50.10 -46.43
C LEU E 400 3.08 -51.05 -45.27
N SER E 401 4.06 -50.70 -44.47
CA SER E 401 4.41 -51.49 -43.31
C SER E 401 4.09 -50.65 -42.09
N ASN E 402 3.63 -51.27 -41.03
CA ASN E 402 3.50 -50.51 -39.79
C ASN E 402 4.71 -50.71 -38.93
N THR E 403 5.31 -51.89 -38.98
CA THR E 403 6.50 -52.09 -38.20
C THR E 403 7.77 -51.72 -38.96
N GLY E 404 7.70 -51.58 -40.29
CA GLY E 404 8.88 -51.33 -41.08
C GLY E 404 9.63 -52.59 -41.46
N ARG E 405 9.23 -53.75 -40.90
CA ARG E 405 9.80 -55.06 -41.21
C ARG E 405 9.90 -55.32 -42.72
N SER E 406 8.77 -55.17 -43.41
CA SER E 406 8.74 -55.29 -44.86
C SER E 406 9.75 -54.35 -45.51
N ALA E 407 9.86 -53.13 -45.01
CA ALA E 407 10.79 -52.17 -45.59
C ALA E 407 12.23 -52.65 -45.44
N ARG E 408 12.56 -53.19 -44.26
CA ARG E 408 13.89 -53.74 -44.07
C ARG E 408 14.17 -54.84 -45.09
N LEU E 409 13.19 -55.76 -45.30
CA LEU E 409 13.38 -56.85 -46.27
C LEU E 409 13.48 -56.35 -47.69
N ILE E 410 12.66 -55.39 -48.11
CA ILE E 410 12.83 -54.86 -49.46
C ILE E 410 14.23 -54.30 -49.57
N SER E 411 14.68 -53.59 -48.54
CA SER E 411 16.00 -52.97 -48.60
C SER E 411 17.11 -54.02 -48.74
N LYS E 412 16.99 -55.15 -48.02
CA LYS E 412 18.01 -56.19 -48.06
C LYS E 412 18.28 -56.62 -49.47
N TYR E 413 17.26 -56.62 -50.32
CA TYR E 413 17.46 -56.99 -51.72
C TYR E 413 18.01 -55.84 -52.55
N ARG E 414 18.48 -54.76 -51.94
CA ARG E 414 19.18 -53.68 -52.61
C ARG E 414 18.63 -53.13 -53.92
N PRO E 415 17.43 -52.51 -53.90
CA PRO E 415 16.81 -52.07 -55.16
C PRO E 415 17.63 -50.97 -55.82
N ASN E 416 17.22 -50.51 -56.99
CA ASN E 416 17.89 -49.41 -57.68
C ASN E 416 17.07 -48.11 -57.62
N CYS E 417 16.29 -47.92 -56.57
CA CYS E 417 15.35 -46.80 -56.52
C CYS E 417 14.99 -46.54 -55.08
N PRO E 418 14.34 -45.40 -54.79
CA PRO E 418 13.89 -45.11 -53.42
C PRO E 418 12.87 -46.11 -52.91
N ILE E 419 12.89 -46.30 -51.59
CA ILE E 419 11.90 -47.10 -50.90
C ILE E 419 11.10 -46.16 -50.01
N ILE E 420 9.89 -45.83 -50.42
CA ILE E 420 8.97 -45.01 -49.64
C ILE E 420 8.15 -45.92 -48.75
N CYS E 421 8.22 -45.72 -47.46
CA CYS E 421 7.44 -46.49 -46.52
C CYS E 421 6.27 -45.66 -46.00
N ALA E 422 5.04 -46.10 -46.25
CA ALA E 422 3.87 -45.46 -45.66
C ALA E 422 3.54 -46.17 -44.37
N THR E 423 3.90 -45.59 -43.24
CA THR E 423 3.64 -46.27 -41.98
C THR E 423 2.68 -45.45 -41.11
N THR E 424 2.14 -46.09 -40.12
CA THR E 424 1.27 -45.37 -39.21
C THR E 424 1.89 -45.20 -37.86
N ARG E 425 3.02 -45.82 -37.58
CA ARG E 425 3.70 -45.60 -36.31
C ARG E 425 4.86 -44.65 -36.54
N LEU E 426 4.89 -43.57 -35.75
CA LEU E 426 5.94 -42.58 -35.92
C LEU E 426 7.27 -43.17 -35.52
N LEU E 427 7.26 -44.02 -34.50
CA LEU E 427 8.51 -44.71 -34.10
C LEU E 427 9.06 -45.33 -35.37
N THR E 428 8.19 -45.99 -36.11
CA THR E 428 8.69 -46.66 -37.30
C THR E 428 9.30 -45.66 -38.29
N CYS E 429 8.64 -44.51 -38.49
CA CYS E 429 9.21 -43.42 -39.31
C CYS E 429 10.64 -43.13 -38.89
N ARG E 430 10.87 -43.09 -37.60
CA ARG E 430 12.16 -42.70 -37.08
C ARG E 430 13.17 -43.84 -37.13
N GLN E 431 12.73 -45.08 -36.85
CA GLN E 431 13.64 -46.22 -36.85
C GLN E 431 14.12 -46.58 -38.25
N LEU E 432 13.31 -46.27 -39.28
CA LEU E 432 13.73 -46.66 -40.63
C LEU E 432 14.89 -45.81 -41.19
N ASN E 433 15.36 -44.83 -40.43
CA ASN E 433 16.43 -43.97 -40.92
C ASN E 433 17.79 -44.69 -40.99
N VAL E 434 17.92 -45.92 -40.53
CA VAL E 434 19.19 -46.62 -40.55
C VAL E 434 19.16 -47.82 -41.51
N THR E 435 18.13 -47.95 -42.32
CA THR E 435 18.13 -48.96 -43.35
C THR E 435 18.20 -48.25 -44.71
N ARG E 436 18.94 -48.87 -45.62
CA ARG E 436 19.27 -48.18 -46.88
C ARG E 436 18.11 -47.94 -47.84
N SER E 437 18.06 -46.73 -48.36
CA SER E 437 17.13 -46.38 -49.47
C SER E 437 15.67 -46.15 -48.99
N VAL E 438 15.40 -46.13 -47.71
CA VAL E 438 14.05 -45.92 -47.21
C VAL E 438 13.81 -44.48 -46.75
N GLU E 439 12.55 -44.07 -46.93
CA GLU E 439 12.10 -42.69 -46.73
C GLU E 439 10.67 -42.82 -46.26
N SER E 440 10.38 -42.40 -45.04
CA SER E 440 9.07 -42.68 -44.47
C SER E 440 8.11 -41.51 -44.62
N VAL E 441 6.89 -41.86 -44.92
CA VAL E 441 5.76 -40.96 -44.86
C VAL E 441 4.77 -41.49 -43.82
N TYR E 442 4.26 -40.58 -43.00
CA TYR E 442 3.40 -40.90 -41.87
C TYR E 442 1.90 -40.83 -42.19
N TYR E 443 1.13 -41.78 -41.66
CA TYR E 443 -0.32 -41.77 -41.84
C TYR E 443 -1.04 -41.69 -40.47
N ASP E 444 -1.64 -40.53 -40.18
CA ASP E 444 -2.35 -40.26 -38.93
C ASP E 444 -3.75 -40.84 -38.98
N VAL E 445 -3.94 -41.99 -38.33
CA VAL E 445 -5.25 -42.61 -38.29
C VAL E 445 -6.20 -41.81 -37.42
N ASP E 446 -5.69 -41.09 -36.43
CA ASP E 446 -6.61 -40.30 -35.63
C ASP E 446 -7.15 -39.13 -36.45
N ALA E 447 -6.26 -38.35 -37.05
CA ALA E 447 -6.66 -37.19 -37.84
C ALA E 447 -7.34 -37.56 -39.16
N HIS E 448 -7.10 -38.75 -39.67
CA HIS E 448 -7.68 -39.07 -40.97
C HIS E 448 -8.44 -40.38 -40.82
N GLY E 449 -8.87 -40.97 -41.92
CA GLY E 449 -9.75 -42.11 -41.80
C GLY E 449 -9.05 -43.34 -41.27
N GLU E 450 -9.86 -44.24 -40.69
CA GLU E 450 -9.37 -45.53 -40.21
C GLU E 450 -8.60 -46.24 -41.32
N ASP E 451 -8.74 -45.77 -42.57
CA ASP E 451 -8.13 -46.31 -43.80
C ASP E 451 -8.04 -47.82 -43.78
N ASN E 452 -9.23 -48.38 -43.75
CA ASN E 452 -9.46 -49.82 -43.80
C ASN E 452 -8.90 -50.42 -45.10
N ASP E 453 -9.27 -49.85 -46.26
CA ASP E 453 -8.71 -50.30 -47.54
C ASP E 453 -7.44 -49.51 -47.77
N ARG E 454 -6.42 -50.17 -48.26
CA ARG E 454 -5.12 -49.53 -48.32
C ARG E 454 -5.24 -48.64 -49.57
N GLU E 455 -5.90 -47.47 -49.53
CA GLU E 455 -5.83 -46.58 -50.68
C GLU E 455 -5.42 -45.16 -50.39
N LYS E 456 -5.66 -44.65 -49.18
CA LYS E 456 -5.23 -43.29 -48.86
C LYS E 456 -3.73 -43.24 -48.58
N ARG E 457 -3.25 -44.21 -47.82
CA ARG E 457 -1.82 -44.39 -47.64
C ARG E 457 -1.11 -44.51 -48.99
N VAL E 458 -1.69 -45.27 -49.91
CA VAL E 458 -1.09 -45.36 -51.24
C VAL E 458 -0.95 -43.99 -51.87
N GLN E 459 -2.03 -43.20 -51.86
CA GLN E 459 -1.94 -41.83 -52.40
C GLN E 459 -0.85 -41.03 -51.69
N LEU E 460 -0.85 -41.03 -50.36
CA LEU E 460 0.20 -40.35 -49.61
C LEU E 460 1.58 -40.69 -50.17
N GLY E 461 1.84 -41.99 -50.35
CA GLY E 461 3.13 -42.41 -50.91
C GLY E 461 3.40 -41.88 -52.32
N VAL E 462 2.45 -42.09 -53.24
CA VAL E 462 2.65 -41.63 -54.62
C VAL E 462 2.85 -40.11 -54.67
N ASP E 463 2.03 -39.33 -53.94
CA ASP E 463 2.25 -37.87 -53.94
C ASP E 463 3.61 -37.54 -53.39
N TRP E 464 4.02 -38.20 -52.30
CA TRP E 464 5.36 -37.90 -51.79
C TRP E 464 6.37 -38.11 -52.90
N ALA E 465 6.37 -39.30 -53.49
CA ALA E 465 7.33 -39.64 -54.53
C ALA E 465 7.28 -38.64 -55.68
N LYS E 466 6.09 -38.22 -56.08
CA LYS E 466 5.95 -37.23 -57.14
C LYS E 466 6.56 -35.88 -56.71
N THR E 467 6.15 -35.36 -55.55
CA THR E 467 6.58 -34.03 -55.11
C THR E 467 8.07 -34.00 -54.77
N LYS E 468 8.59 -35.03 -54.10
CA LYS E 468 10.03 -35.12 -53.80
C LYS E 468 10.86 -34.97 -55.07
N GLY E 469 10.30 -35.34 -56.23
CA GLY E 469 11.03 -35.45 -57.49
C GLY E 469 11.37 -36.85 -58.01
N TYR E 470 10.99 -37.92 -57.29
CA TYR E 470 11.36 -39.25 -57.74
C TYR E 470 10.54 -39.67 -58.95
N VAL E 471 9.23 -39.41 -58.92
CA VAL E 471 8.30 -39.96 -59.91
C VAL E 471 7.62 -38.84 -60.66
N SER E 472 7.37 -39.09 -61.94
CA SER E 472 6.79 -38.15 -62.86
C SER E 472 5.68 -38.86 -63.61
N ALA E 473 4.67 -38.10 -64.04
CA ALA E 473 3.50 -38.66 -64.74
C ALA E 473 3.89 -39.62 -65.87
N GLY E 474 3.36 -40.86 -65.80
CA GLY E 474 3.62 -41.87 -66.80
C GLY E 474 4.55 -42.98 -66.34
N ASP E 475 5.37 -42.72 -65.34
CA ASP E 475 6.35 -43.69 -64.84
C ASP E 475 5.66 -44.78 -63.99
N VAL E 476 6.31 -45.92 -63.90
CA VAL E 476 5.78 -47.05 -63.15
C VAL E 476 6.33 -46.99 -61.73
N MET E 477 5.63 -47.63 -60.80
CA MET E 477 5.98 -47.71 -59.39
C MET E 477 5.50 -49.05 -58.86
N VAL E 478 6.19 -49.57 -57.85
CA VAL E 478 5.82 -50.88 -57.30
C VAL E 478 5.32 -50.70 -55.86
N ILE E 479 4.17 -51.29 -55.56
CA ILE E 479 3.47 -51.12 -54.29
C ILE E 479 3.38 -52.49 -53.59
N VAL E 480 3.67 -52.52 -52.30
CA VAL E 480 3.66 -53.73 -51.49
C VAL E 480 2.89 -53.46 -50.20
N HIS E 481 1.94 -54.31 -49.90
CA HIS E 481 0.98 -54.04 -48.84
C HIS E 481 0.42 -55.36 -48.35
N ALA E 482 -0.67 -55.31 -47.58
CA ALA E 482 -1.38 -56.52 -47.13
C ALA E 482 -2.83 -56.53 -47.57
N GLY E 488 -1.25 -58.74 -40.01
CA GLY E 488 -0.04 -59.39 -39.51
C GLY E 488 1.23 -59.06 -40.27
N TYR E 489 1.23 -59.24 -41.58
CA TYR E 489 2.41 -59.02 -42.40
C TYR E 489 1.99 -58.86 -43.86
N PRO E 490 2.73 -58.08 -44.67
CA PRO E 490 2.32 -57.89 -46.07
C PRO E 490 2.82 -59.03 -46.96
N ASN E 491 1.94 -59.31 -47.96
CA ASN E 491 2.17 -60.32 -49.02
C ASN E 491 1.17 -60.05 -50.16
N GLN E 492 1.38 -59.05 -51.04
CA GLN E 492 0.50 -58.67 -52.12
C GLN E 492 1.34 -57.60 -52.81
N THR E 493 1.20 -57.43 -54.11
CA THR E 493 2.09 -56.51 -54.80
C THR E 493 1.41 -55.95 -56.06
N ARG E 494 1.43 -54.64 -56.23
CA ARG E 494 0.73 -53.97 -57.33
C ARG E 494 1.71 -53.13 -58.12
N LEU E 495 1.47 -53.02 -59.42
CA LEU E 495 2.30 -52.22 -60.32
C LEU E 495 1.45 -51.14 -60.95
N VAL E 496 1.81 -49.87 -60.71
CA VAL E 496 0.94 -48.77 -61.07
C VAL E 496 1.69 -47.73 -61.89
N ARG E 497 1.04 -47.23 -62.93
CA ARG E 497 1.54 -46.11 -63.70
C ARG E 497 0.92 -44.83 -63.16
N VAL E 498 1.79 -43.87 -62.87
CA VAL E 498 1.38 -42.64 -62.20
C VAL E 498 0.62 -41.73 -63.17
N ARG E 499 -0.37 -41.02 -62.64
CA ARG E 499 -1.27 -40.15 -63.41
C ARG E 499 -1.13 -38.72 -62.89
N GLU E 500 -0.95 -37.76 -63.80
CA GLU E 500 -0.68 -36.36 -63.41
C GLU E 500 -1.65 -35.77 -62.35
N SER F 2 87.75 9.98 10.28
CA SER F 2 88.73 10.64 11.15
C SER F 2 88.60 10.20 12.60
N GLN F 3 87.91 9.09 12.85
CA GLN F 3 88.04 8.51 14.18
C GLN F 3 89.51 8.44 14.56
N LEU F 4 90.39 8.16 13.58
CA LEU F 4 91.83 8.20 13.77
C LEU F 4 92.34 9.53 14.34
N GLN F 5 92.03 10.67 13.69
CA GLN F 5 92.46 11.97 14.18
C GLN F 5 91.93 12.25 15.58
N HIS F 6 90.67 11.84 15.81
CA HIS F 6 90.06 11.89 17.14
C HIS F 6 90.93 11.16 18.17
N ASN F 7 91.28 9.91 17.85
CA ASN F 7 92.12 9.11 18.73
C ASN F 7 93.46 9.76 19.00
N ILE F 8 94.11 10.30 17.97
CA ILE F 8 95.42 10.92 18.20
C ILE F 8 95.27 12.15 19.08
N GLY F 9 94.04 12.66 19.22
CA GLY F 9 93.88 13.73 20.19
C GLY F 9 93.16 13.37 21.49
N LEU F 10 93.08 12.09 21.85
CA LEU F 10 92.55 11.71 23.14
C LEU F 10 93.60 11.90 24.24
N SER F 11 93.13 12.19 25.45
CA SER F 11 93.95 12.31 26.64
C SER F 11 93.19 11.71 27.82
N ILE F 12 93.89 10.99 28.70
CA ILE F 12 93.22 10.41 29.86
C ILE F 12 93.12 11.40 31.00
N PHE F 13 94.01 12.40 31.00
CA PHE F 13 94.08 13.35 32.14
C PHE F 13 93.13 14.52 31.95
N GLU F 14 92.21 14.41 30.99
CA GLU F 14 91.23 15.48 30.74
C GLU F 14 89.84 14.99 31.14
N PRO F 15 89.04 15.79 31.86
CA PRO F 15 87.69 15.40 32.21
C PRO F 15 86.86 15.24 30.94
N VAL F 16 85.98 14.24 30.92
CA VAL F 16 85.11 14.01 29.73
C VAL F 16 83.73 14.65 29.73
N ALA F 17 82.85 14.24 30.64
CA ALA F 17 81.54 14.90 30.87
C ALA F 17 80.40 15.31 29.93
N LYS F 18 79.95 14.41 29.06
CA LYS F 18 79.43 14.63 27.69
C LYS F 18 78.02 14.04 27.61
N HIS F 19 77.23 14.14 28.68
CA HIS F 19 75.77 13.86 28.61
C HIS F 19 75.10 12.56 28.18
N ARG F 20 75.24 11.51 28.98
CA ARG F 20 75.11 10.09 28.56
C ARG F 20 73.92 9.74 27.68
N ALA F 21 74.19 9.15 26.52
CA ALA F 21 73.15 8.85 25.56
C ALA F 21 72.75 7.38 25.60
N ASN F 22 73.55 6.55 26.22
CA ASN F 22 73.26 5.14 26.30
C ASN F 22 72.57 4.84 27.61
N ARG F 23 71.65 3.88 27.58
CA ARG F 23 70.79 3.62 28.72
C ARG F 23 71.13 2.28 29.30
N ILE F 24 71.00 2.19 30.60
CA ILE F 24 71.32 0.99 31.34
C ILE F 24 70.02 0.32 31.76
N ILE F 25 69.87 -0.92 31.34
CA ILE F 25 68.82 -1.78 31.86
C ILE F 25 69.44 -2.57 33.00
N CYS F 26 68.75 -2.64 34.11
CA CYS F 26 69.23 -3.41 35.22
C CYS F 26 68.22 -4.49 35.48
N THR F 27 68.70 -5.73 35.65
CA THR F 27 67.82 -6.85 36.02
C THR F 27 67.56 -6.76 37.52
N ILE F 28 66.30 -6.97 37.93
CA ILE F 28 65.89 -6.81 39.32
C ILE F 28 65.78 -8.21 39.96
N GLY F 29 66.39 -8.37 41.12
CA GLY F 29 66.21 -9.60 41.84
C GLY F 29 66.28 -9.34 43.32
N PRO F 30 66.45 -10.39 44.10
CA PRO F 30 66.56 -10.26 45.57
C PRO F 30 67.43 -9.12 46.10
N SER F 31 68.42 -8.70 45.33
CA SER F 31 69.37 -7.67 45.86
C SER F 31 68.89 -6.26 45.56
N THR F 32 67.77 -6.11 44.86
CA THR F 32 67.33 -4.78 44.46
C THR F 32 65.80 -4.62 44.39
N GLN F 33 65.01 -5.57 44.89
CA GLN F 33 63.56 -5.45 44.81
C GLN F 33 63.01 -4.46 45.82
N SER F 34 63.79 -4.14 46.87
CA SER F 34 63.32 -3.21 47.88
C SER F 34 63.21 -1.80 47.28
N VAL F 35 62.22 -1.03 47.75
CA VAL F 35 62.04 0.32 47.21
C VAL F 35 63.32 1.12 47.42
N GLU F 36 64.01 0.91 48.56
CA GLU F 36 65.24 1.64 48.84
C GLU F 36 66.31 1.33 47.80
N ALA F 37 66.55 0.03 47.56
CA ALA F 37 67.53 -0.42 46.58
C ALA F 37 67.14 -0.04 45.14
N LEU F 38 65.84 -0.12 44.81
CA LEU F 38 65.40 0.31 43.50
C LEU F 38 65.66 1.80 43.31
N LYS F 39 65.39 2.62 44.35
CA LYS F 39 65.71 4.04 44.31
C LYS F 39 67.21 4.25 44.10
N GLY F 40 68.05 3.42 44.72
CA GLY F 40 69.51 3.53 44.51
C GLY F 40 69.93 3.18 43.10
N LEU F 41 69.36 2.12 42.53
CA LEU F 41 69.54 1.78 41.13
C LEU F 41 69.20 2.96 40.20
N MET F 42 67.99 3.53 40.37
CA MET F 42 67.58 4.64 39.52
C MET F 42 68.55 5.83 39.66
N LYS F 43 68.88 6.20 40.92
CA LYS F 43 69.80 7.32 41.12
C LYS F 43 71.15 7.07 40.44
N SER F 44 71.59 5.82 40.38
CA SER F 44 72.91 5.57 39.82
C SER F 44 72.80 4.98 38.41
N GLY F 45 71.80 5.37 37.62
CA GLY F 45 71.72 5.49 36.18
C GLY F 45 70.78 4.54 35.44
N MET F 46 70.07 3.67 36.19
CA MET F 46 69.15 2.73 35.59
C MET F 46 67.94 3.45 34.98
N SER F 47 67.47 2.93 33.83
CA SER F 47 66.34 3.52 33.08
C SER F 47 65.25 2.48 32.76
N VAL F 48 65.60 1.20 32.72
CA VAL F 48 64.67 0.13 32.49
C VAL F 48 64.94 -0.96 33.49
N ALA F 49 63.87 -1.54 34.01
CA ALA F 49 63.89 -2.60 35.00
C ALA F 49 63.52 -3.91 34.31
N ARG F 50 64.35 -4.91 34.44
CA ARG F 50 64.03 -6.18 33.80
C ARG F 50 63.44 -7.08 34.87
N MET F 51 62.38 -7.78 34.49
CA MET F 51 61.80 -8.85 35.29
C MET F 51 62.09 -10.14 34.54
N ASN F 52 62.83 -11.05 35.17
CA ASN F 52 63.21 -12.29 34.49
C ASN F 52 62.17 -13.34 34.87
N PHE F 53 61.26 -13.60 33.92
CA PHE F 53 60.08 -14.44 34.12
C PHE F 53 60.40 -15.93 34.00
N SER F 54 61.64 -16.33 33.82
CA SER F 54 61.94 -17.74 33.99
C SER F 54 61.84 -18.18 35.46
N HIS F 55 61.94 -17.25 36.43
CA HIS F 55 61.78 -17.54 37.87
C HIS F 55 60.92 -16.46 38.52
N GLY F 56 60.09 -16.86 39.49
CA GLY F 56 59.28 -15.93 40.28
C GLY F 56 57.78 -16.04 40.10
N SER F 57 56.99 -15.75 41.13
CA SER F 57 55.55 -15.81 40.93
C SER F 57 55.02 -14.47 40.39
N TYR F 58 53.76 -14.48 39.97
CA TYR F 58 53.16 -13.20 39.53
C TYR F 58 53.13 -12.30 40.76
N GLU F 59 52.93 -12.87 41.94
CA GLU F 59 52.97 -12.04 43.14
C GLU F 59 54.34 -11.41 43.32
N TYR F 60 55.38 -12.21 43.11
CA TYR F 60 56.76 -11.75 43.31
C TYR F 60 57.10 -10.61 42.35
N HIS F 61 56.57 -10.67 41.14
CA HIS F 61 56.81 -9.64 40.15
C HIS F 61 55.91 -8.46 40.32
N GLN F 62 54.69 -8.69 40.83
CA GLN F 62 53.89 -7.56 41.24
C GLN F 62 54.63 -6.71 42.26
N THR F 63 55.34 -7.38 43.19
CA THR F 63 56.13 -6.64 44.16
C THR F 63 57.11 -5.71 43.45
N THR F 64 57.88 -6.24 42.49
CA THR F 64 58.83 -5.39 41.80
C THR F 64 58.10 -4.34 40.94
N ILE F 65 56.99 -4.69 40.27
CA ILE F 65 56.27 -3.71 39.47
C ILE F 65 55.87 -2.53 40.35
N ASN F 66 55.24 -2.82 41.48
CA ASN F 66 54.78 -1.76 42.39
C ASN F 66 55.95 -0.95 42.97
N ASN F 67 57.03 -1.64 43.36
CA ASN F 67 58.20 -1.00 44.01
C ASN F 67 58.93 -0.06 43.05
N VAL F 68 59.06 -0.42 41.78
CA VAL F 68 59.64 0.51 40.83
C VAL F 68 58.71 1.69 40.61
N ARG F 69 57.40 1.45 40.48
CA ARG F 69 56.50 2.58 40.35
C ARG F 69 56.59 3.52 41.57
N ALA F 70 56.79 2.95 42.77
CA ALA F 70 56.95 3.71 44.00
C ALA F 70 58.25 4.53 43.99
N ALA F 71 59.39 3.88 43.72
CA ALA F 71 60.70 4.55 43.67
C ALA F 71 60.78 5.61 42.57
N ALA F 72 60.17 5.34 41.40
CA ALA F 72 60.01 6.34 40.36
C ALA F 72 59.17 7.54 40.84
N ALA F 73 57.99 7.27 41.42
CA ALA F 73 57.17 8.36 41.93
C ALA F 73 57.92 9.19 42.97
N GLU F 74 58.72 8.52 43.81
CA GLU F 74 59.47 9.22 44.87
C GLU F 74 60.54 10.11 44.24
N LEU F 75 61.29 9.59 43.29
CA LEU F 75 62.37 10.40 42.72
C LEU F 75 61.91 11.30 41.58
N GLY F 76 60.69 11.14 41.08
CA GLY F 76 60.20 11.96 39.99
C GLY F 76 60.66 11.59 38.60
N LEU F 77 60.83 10.29 38.31
CA LEU F 77 61.33 9.79 37.03
C LEU F 77 60.31 8.88 36.33
N HIS F 78 60.39 8.81 35.01
CA HIS F 78 59.61 7.86 34.22
C HIS F 78 60.55 6.73 33.86
N ILE F 79 60.49 5.64 34.64
CA ILE F 79 61.34 4.46 34.42
C ILE F 79 60.52 3.33 33.78
N GLY F 80 61.13 2.68 32.75
CA GLY F 80 60.47 1.57 32.07
C GLY F 80 60.54 0.26 32.84
N ILE F 81 59.60 -0.62 32.50
CA ILE F 81 59.53 -1.95 33.07
C ILE F 81 59.48 -2.92 31.91
N ALA F 82 60.32 -3.95 31.97
CA ALA F 82 60.54 -4.90 30.88
C ALA F 82 60.20 -6.29 31.37
N LEU F 83 59.50 -7.03 30.52
CA LEU F 83 59.03 -8.36 30.84
C LEU F 83 59.81 -9.37 30.02
N ASP F 84 60.71 -10.09 30.68
CA ASP F 84 61.55 -11.12 30.07
C ASP F 84 60.79 -12.45 30.10
N THR F 85 60.25 -12.86 28.96
CA THR F 85 59.56 -14.13 28.75
C THR F 85 60.47 -15.33 29.05
N LYS F 86 59.86 -16.45 29.49
CA LYS F 86 60.59 -17.69 29.70
C LYS F 86 60.88 -18.41 28.39
N GLY F 87 59.92 -18.42 27.45
CA GLY F 87 60.11 -18.99 26.13
C GLY F 87 60.01 -20.51 26.11
N PRO F 88 59.95 -21.09 24.92
CA PRO F 88 59.97 -22.56 24.82
C PRO F 88 61.35 -23.12 25.18
N GLU F 89 61.66 -23.21 26.47
CA GLU F 89 63.03 -23.47 26.90
C GLU F 89 63.31 -24.97 27.12
N ALA F 189 57.18 -20.65 19.63
CA ALA F 189 57.72 -19.56 20.47
C ALA F 189 56.86 -19.32 21.74
N VAL F 190 55.55 -19.47 21.61
CA VAL F 190 54.62 -19.05 22.67
C VAL F 190 54.01 -20.24 23.42
N SER F 191 54.68 -20.65 24.52
CA SER F 191 54.20 -21.71 25.41
C SER F 191 53.00 -21.23 26.22
N GLU F 192 52.15 -22.16 26.66
CA GLU F 192 50.99 -21.76 27.44
C GLU F 192 51.37 -20.82 28.58
N LYS F 193 52.49 -21.13 29.24
CA LYS F 193 53.06 -20.26 30.28
C LYS F 193 53.34 -18.87 29.72
N ASP F 194 53.97 -18.79 28.56
CA ASP F 194 54.13 -17.48 27.91
C ASP F 194 52.76 -16.76 27.72
N ARG F 195 51.71 -17.45 27.23
CA ARG F 195 50.45 -16.71 26.94
C ARG F 195 49.92 -16.06 28.22
N LYS F 196 49.89 -16.82 29.32
CA LYS F 196 49.43 -16.24 30.59
C LYS F 196 50.38 -15.18 31.15
N ASP F 197 51.72 -15.35 30.99
CA ASP F 197 52.71 -14.34 31.44
C ASP F 197 52.59 -13.01 30.66
N LEU F 198 52.42 -13.07 29.33
CA LEU F 198 52.22 -11.86 28.53
C LEU F 198 50.87 -11.21 28.85
N GLN F 199 49.82 -12.01 29.12
CA GLN F 199 48.57 -11.41 29.61
C GLN F 199 48.81 -10.66 30.92
N PHE F 200 49.60 -11.25 31.82
CA PHE F 200 49.96 -10.58 33.07
C PHE F 200 50.65 -9.24 32.83
N GLY F 201 51.59 -9.18 31.88
CA GLY F 201 52.30 -7.94 31.61
C GLY F 201 51.43 -6.85 30.98
N VAL F 202 50.62 -7.21 29.98
CA VAL F 202 49.70 -6.23 29.42
C VAL F 202 48.72 -5.81 30.50
N GLU F 203 48.40 -6.73 31.41
CA GLU F 203 47.46 -6.42 32.48
C GLU F 203 48.06 -5.43 33.48
N GLN F 204 49.32 -5.61 33.81
CA GLN F 204 49.97 -4.76 34.78
C GLN F 204 50.63 -3.57 34.18
N GLY F 205 50.55 -3.43 32.86
CA GLY F 205 51.04 -2.23 32.19
C GLY F 205 52.52 -2.18 31.88
N VAL F 206 53.15 -3.34 31.60
CA VAL F 206 54.58 -3.31 31.29
C VAL F 206 54.77 -2.54 30.00
N ASP F 207 55.93 -1.89 29.88
CA ASP F 207 56.24 -1.06 28.71
C ASP F 207 56.85 -1.85 27.57
N MET F 208 57.38 -3.04 27.85
CA MET F 208 57.93 -3.83 26.76
C MET F 208 58.04 -5.30 27.18
N ILE F 209 58.16 -6.13 26.12
CA ILE F 209 58.42 -7.56 26.19
C ILE F 209 59.81 -7.76 25.62
N PHE F 210 60.59 -8.67 26.22
CA PHE F 210 61.85 -9.18 25.66
C PHE F 210 61.58 -10.62 25.21
N ALA F 211 61.10 -10.81 23.99
CA ALA F 211 60.66 -12.15 23.59
C ALA F 211 61.85 -13.12 23.47
N SER F 212 61.81 -14.21 24.23
CA SER F 212 62.92 -15.16 24.33
C SER F 212 62.87 -16.20 23.19
N PHE F 213 64.06 -16.62 22.75
CA PHE F 213 64.22 -17.51 21.59
C PHE F 213 63.68 -17.11 20.21
N ILE F 214 64.08 -15.93 19.75
CA ILE F 214 63.53 -15.47 18.48
C ILE F 214 64.34 -16.10 17.36
N ARG F 215 63.63 -16.72 16.41
CA ARG F 215 64.18 -17.42 15.25
C ARG F 215 63.65 -16.87 13.94
N THR F 216 62.34 -16.63 13.85
CA THR F 216 61.73 -16.11 12.62
C THR F 216 60.84 -14.90 12.93
N ALA F 217 60.44 -14.21 11.85
CA ALA F 217 59.47 -13.13 11.94
C ALA F 217 58.05 -13.66 12.19
N ASP F 218 57.77 -14.92 11.82
CA ASP F 218 56.46 -15.48 12.13
C ASP F 218 56.24 -15.43 13.63
N GLN F 219 57.30 -15.68 14.41
CA GLN F 219 57.16 -15.69 15.87
C GLN F 219 56.95 -14.29 16.44
N VAL F 220 57.68 -13.27 15.97
CA VAL F 220 57.42 -11.95 16.52
C VAL F 220 56.01 -11.54 16.19
N ARG F 221 55.49 -11.99 15.04
CA ARG F 221 54.08 -11.71 14.71
C ARG F 221 53.12 -12.50 15.61
N GLU F 222 53.48 -13.73 16.01
CA GLU F 222 52.71 -14.48 17.02
C GLU F 222 52.74 -13.79 18.39
N VAL F 223 53.88 -13.23 18.79
CA VAL F 223 53.98 -12.48 20.06
C VAL F 223 53.07 -11.23 20.01
N ARG F 224 53.18 -10.45 18.93
CA ARG F 224 52.27 -9.31 18.76
C ARG F 224 50.81 -9.77 18.85
N ALA F 225 50.51 -10.96 18.32
CA ALA F 225 49.16 -11.51 18.40
C ALA F 225 48.72 -11.73 19.84
N ALA F 226 49.60 -12.34 20.65
CA ALA F 226 49.26 -12.62 22.06
C ALA F 226 48.97 -11.34 22.86
N LEU F 227 49.77 -10.28 22.65
CA LEU F 227 49.54 -8.98 23.26
C LEU F 227 48.22 -8.92 22.52
N GLY F 228 47.13 -8.64 23.25
CA GLY F 228 45.82 -8.21 22.79
C GLY F 228 45.69 -6.80 22.24
N GLU F 229 44.44 -6.37 22.03
CA GLU F 229 44.24 -5.02 21.53
C GLU F 229 44.63 -3.99 22.59
N LYS F 230 44.53 -4.38 23.87
CA LYS F 230 44.93 -3.49 24.96
C LYS F 230 46.43 -3.24 25.01
N GLY F 231 47.24 -4.13 24.42
CA GLY F 231 48.69 -3.99 24.46
C GLY F 231 49.42 -3.88 23.12
N LYS F 232 48.84 -3.24 22.11
CA LYS F 232 49.42 -3.29 20.78
C LYS F 232 50.80 -2.66 20.74
N ASP F 233 50.96 -1.40 21.18
CA ASP F 233 52.34 -0.90 21.30
C ASP F 233 52.74 -0.66 22.75
N THR F 234 52.96 -1.78 23.42
CA THR F 234 54.21 -2.02 24.14
C THR F 234 55.25 -2.55 23.12
N LEU F 235 56.49 -2.11 23.27
CA LEU F 235 57.57 -2.51 22.37
C LEU F 235 57.87 -4.00 22.48
N ILE F 236 57.90 -4.71 21.36
CA ILE F 236 58.39 -6.10 21.36
C ILE F 236 59.88 -6.05 20.96
N ILE F 237 60.77 -6.35 21.91
CA ILE F 237 62.21 -6.42 21.70
C ILE F 237 62.60 -7.90 21.64
N SER F 238 63.08 -8.35 20.49
CA SER F 238 63.38 -9.77 20.29
C SER F 238 64.80 -10.12 20.73
N LYS F 239 64.90 -11.16 21.56
CA LYS F 239 66.16 -11.71 22.07
C LYS F 239 66.69 -12.65 20.97
N ILE F 240 67.80 -12.26 20.33
CA ILE F 240 68.49 -13.10 19.35
C ILE F 240 69.56 -13.90 20.08
N GLU F 241 69.36 -15.20 20.22
CA GLU F 241 70.28 -15.95 21.06
C GLU F 241 70.71 -17.29 20.45
N ASN F 242 70.67 -17.45 19.13
CA ASN F 242 70.92 -18.77 18.56
C ASN F 242 71.17 -18.63 17.07
N HIS F 243 71.45 -19.76 16.42
CA HIS F 243 71.86 -19.69 14.98
C HIS F 243 70.70 -19.23 14.09
N GLN F 244 69.51 -19.81 14.25
CA GLN F 244 68.45 -19.48 13.28
C GLN F 244 68.07 -18.03 13.49
N GLY F 245 68.28 -17.53 14.72
CA GLY F 245 67.96 -16.16 15.06
C GLY F 245 68.76 -15.17 14.26
N VAL F 246 70.10 -15.36 14.21
CA VAL F 246 71.02 -14.52 13.42
C VAL F 246 70.78 -14.68 11.92
N GLN F 247 70.56 -15.93 11.46
CA GLN F 247 70.38 -16.13 10.03
C GLN F 247 69.17 -15.33 9.49
N ASN F 248 68.09 -15.27 10.23
CA ASN F 248 66.93 -14.56 9.73
C ASN F 248 66.80 -13.16 10.31
N ILE F 249 67.91 -12.54 10.75
CA ILE F 249 67.82 -11.25 11.43
C ILE F 249 67.06 -10.21 10.63
N ASP F 250 67.05 -10.31 9.30
CA ASP F 250 66.46 -9.25 8.49
C ASP F 250 64.93 -9.29 8.52
N ALA F 251 64.32 -10.47 8.46
CA ALA F 251 62.88 -10.56 8.73
C ALA F 251 62.59 -10.13 10.17
N ILE F 252 63.38 -10.66 11.12
CA ILE F 252 63.22 -10.43 12.56
C ILE F 252 63.26 -8.94 12.92
N ILE F 253 64.16 -8.19 12.26
CA ILE F 253 64.49 -6.81 12.58
C ILE F 253 63.36 -5.86 12.17
N GLU F 254 62.84 -6.06 10.97
CA GLU F 254 61.71 -5.26 10.53
C GLU F 254 60.47 -5.64 11.34
N ALA F 255 60.31 -6.93 11.68
CA ALA F 255 59.10 -7.38 12.36
C ALA F 255 59.10 -7.10 13.87
N SER F 256 60.25 -6.74 14.45
CA SER F 256 60.38 -6.39 15.87
C SER F 256 60.35 -4.86 16.04
N ASP F 257 60.31 -4.41 17.32
CA ASP F 257 60.51 -2.99 17.64
C ASP F 257 61.97 -2.64 17.98
N GLY F 258 62.72 -3.59 18.54
CA GLY F 258 64.10 -3.39 18.90
C GLY F 258 64.69 -4.78 18.89
N ILE F 259 66.01 -4.87 19.12
CA ILE F 259 66.69 -6.16 19.06
C ILE F 259 67.65 -6.30 20.23
N MET F 260 67.70 -7.49 20.82
CA MET F 260 68.65 -7.77 21.88
C MET F 260 69.62 -8.86 21.47
N VAL F 261 70.91 -8.57 21.58
CA VAL F 261 71.95 -9.53 21.31
C VAL F 261 72.24 -10.22 22.64
N ALA F 262 71.70 -11.42 22.84
CA ALA F 262 71.96 -12.17 24.08
C ALA F 262 73.10 -13.16 23.85
N ARG F 263 74.32 -12.66 23.99
CA ARG F 263 75.51 -13.37 23.52
C ARG F 263 75.93 -14.57 24.36
N GLY F 264 75.50 -14.67 25.62
CA GLY F 264 75.84 -15.87 26.34
C GLY F 264 75.22 -17.01 25.58
N ASP F 265 73.89 -17.04 25.48
CA ASP F 265 73.20 -18.09 24.74
C ASP F 265 73.67 -18.17 23.29
N LEU F 266 74.11 -17.05 22.74
CA LEU F 266 74.53 -17.03 21.36
C LEU F 266 75.83 -17.79 21.20
N GLY F 267 76.77 -17.59 22.14
CA GLY F 267 78.11 -18.16 22.15
C GLY F 267 78.21 -19.65 22.41
N VAL F 268 77.10 -20.32 22.70
CA VAL F 268 77.09 -21.78 22.85
C VAL F 268 76.88 -22.48 21.50
N GLU F 269 76.19 -21.86 20.54
CA GLU F 269 76.02 -22.48 19.22
C GLU F 269 77.08 -22.03 18.21
N ILE F 270 77.61 -20.81 18.33
CA ILE F 270 78.56 -20.25 17.37
C ILE F 270 79.86 -19.93 18.11
N PRO F 271 81.05 -20.10 17.45
CA PRO F 271 82.32 -19.78 18.09
C PRO F 271 82.40 -18.33 18.57
N ALA F 272 82.98 -18.12 19.75
CA ALA F 272 83.13 -16.76 20.30
C ALA F 272 83.49 -15.70 19.26
N GLU F 273 84.58 -15.94 18.52
CA GLU F 273 84.98 -15.01 17.45
C GLU F 273 83.85 -14.57 16.50
N LYS F 274 83.16 -15.53 15.90
CA LYS F 274 82.04 -15.18 14.99
C LYS F 274 80.94 -14.45 15.78
N VAL F 275 80.78 -14.77 17.06
CA VAL F 275 79.79 -14.00 17.88
C VAL F 275 80.24 -12.54 17.85
N VAL F 276 81.46 -12.30 18.31
CA VAL F 276 82.01 -10.92 18.33
C VAL F 276 81.61 -10.15 17.08
N VAL F 277 81.75 -10.77 15.91
CA VAL F 277 81.40 -10.05 14.65
C VAL F 277 79.88 -10.09 14.45
N ALA F 278 79.21 -11.16 14.87
CA ALA F 278 77.74 -11.15 14.74
C ALA F 278 77.15 -9.98 15.52
N GLN F 279 77.59 -9.80 16.78
CA GLN F 279 77.18 -8.66 17.61
C GLN F 279 77.47 -7.33 16.90
N MET F 280 78.68 -7.18 16.37
CA MET F 280 79.02 -5.97 15.62
C MET F 280 78.06 -5.74 14.46
N CYS F 281 77.88 -6.81 13.67
CA CYS F 281 77.04 -6.83 12.46
C CYS F 281 75.64 -6.32 12.76
N ILE F 282 75.03 -6.86 13.80
CA ILE F 282 73.61 -6.68 14.06
C ILE F 282 73.33 -5.44 14.90
N ILE F 283 74.18 -5.13 15.89
CA ILE F 283 74.13 -3.80 16.50
C ILE F 283 73.99 -2.81 15.35
N SER F 284 74.84 -2.93 14.30
CA SER F 284 74.76 -1.97 13.17
C SER F 284 73.50 -2.14 12.30
N LYS F 285 73.09 -3.39 12.03
CA LYS F 285 71.87 -3.62 11.27
C LYS F 285 70.68 -2.90 11.90
N CYS F 286 70.60 -2.89 13.24
CA CYS F 286 69.56 -2.15 13.96
C CYS F 286 69.82 -0.65 13.94
N ASN F 287 71.08 -0.25 14.10
CA ASN F 287 71.44 1.16 14.01
C ASN F 287 70.82 1.78 12.78
N VAL F 288 70.89 1.08 11.64
CA VAL F 288 70.40 1.65 10.38
C VAL F 288 68.88 1.80 10.43
N ALA F 289 68.16 0.81 10.96
CA ALA F 289 66.70 0.89 11.05
C ALA F 289 66.19 2.00 11.96
N GLY F 290 67.05 2.68 12.73
CA GLY F 290 66.57 3.67 13.69
C GLY F 290 65.81 3.04 14.84
N LYS F 291 66.07 1.74 15.12
CA LYS F 291 65.55 0.82 16.12
C LYS F 291 66.58 0.51 17.16
N PRO F 292 66.12 0.48 18.40
CA PRO F 292 66.99 0.18 19.52
C PRO F 292 67.63 -1.21 19.43
N VAL F 293 68.88 -1.30 19.88
CA VAL F 293 69.61 -2.54 20.00
C VAL F 293 70.10 -2.54 21.43
N ILE F 294 70.01 -3.69 22.09
CA ILE F 294 70.40 -3.86 23.49
C ILE F 294 71.41 -4.99 23.59
N CYS F 295 72.57 -4.69 24.20
CA CYS F 295 73.56 -5.77 24.48
C CYS F 295 73.04 -6.43 25.73
N ALA F 296 73.40 -7.68 26.00
CA ALA F 296 72.67 -8.33 27.10
C ALA F 296 73.53 -9.17 28.04
N THR F 297 74.28 -10.16 27.56
CA THR F 297 74.77 -11.11 28.55
C THR F 297 76.21 -10.79 28.94
N GLN F 298 76.71 -11.56 29.91
CA GLN F 298 78.10 -11.46 30.34
C GLN F 298 78.76 -10.10 30.54
N MET F 299 78.09 -9.16 31.20
CA MET F 299 78.56 -7.78 31.13
C MET F 299 79.61 -7.18 32.08
N LEU F 300 79.37 -7.17 33.36
CA LEU F 300 80.42 -6.97 34.35
C LEU F 300 80.29 -8.10 35.38
N GLU F 301 80.11 -9.32 34.86
CA GLU F 301 79.63 -10.43 35.68
C GLU F 301 80.55 -10.68 36.88
N SER F 302 81.88 -10.47 36.73
CA SER F 302 82.78 -10.63 37.87
C SER F 302 82.44 -9.63 38.98
N MET F 303 81.93 -8.45 38.63
CA MET F 303 81.41 -7.51 39.64
C MET F 303 80.15 -8.01 40.33
N THR F 304 79.57 -9.13 39.89
CA THR F 304 78.54 -9.80 40.67
C THR F 304 79.08 -10.20 42.04
N THR F 305 80.38 -10.54 42.09
CA THR F 305 81.01 -11.10 43.28
C THR F 305 82.22 -10.33 43.80
N ASN F 306 82.91 -9.53 42.97
CA ASN F 306 84.07 -8.71 43.37
C ASN F 306 83.72 -7.22 43.33
N PRO F 307 84.40 -6.37 44.12
CA PRO F 307 84.09 -4.92 44.08
C PRO F 307 84.56 -4.22 42.83
N ARG F 308 85.26 -4.92 41.93
CA ARG F 308 85.90 -4.40 40.73
C ARG F 308 85.74 -5.43 39.62
N PRO F 309 85.58 -4.96 38.41
CA PRO F 309 85.63 -5.87 37.24
C PRO F 309 87.03 -6.04 36.65
N THR F 310 87.22 -6.90 35.63
CA THR F 310 88.44 -7.09 34.85
C THR F 310 88.43 -6.12 33.66
N ARG F 311 89.60 -5.79 33.12
CA ARG F 311 89.53 -4.95 31.92
C ARG F 311 89.06 -5.69 30.67
N ALA F 312 89.20 -7.01 30.59
CA ALA F 312 88.54 -7.69 29.48
C ALA F 312 87.03 -7.37 29.47
N GLU F 313 86.36 -7.47 30.62
CA GLU F 313 84.96 -7.04 30.74
C GLU F 313 84.73 -5.56 30.40
N VAL F 314 85.57 -4.66 30.95
CA VAL F 314 85.36 -3.21 30.75
C VAL F 314 85.47 -2.83 29.29
N THR F 315 86.54 -3.33 28.57
CA THR F 315 86.68 -3.10 27.13
C THR F 315 85.60 -3.83 26.35
N ASP F 316 85.03 -4.90 26.91
CA ASP F 316 83.86 -5.56 26.34
C ASP F 316 82.62 -4.64 26.30
N VAL F 317 82.25 -4.08 27.45
CA VAL F 317 81.13 -3.13 27.53
C VAL F 317 81.43 -1.93 26.62
N ALA F 318 82.70 -1.49 26.65
CA ALA F 318 83.15 -0.41 25.79
C ALA F 318 82.94 -0.77 24.32
N ASN F 319 83.20 -2.03 23.93
CA ASN F 319 83.06 -2.45 22.54
C ASN F 319 81.59 -2.58 22.15
N ALA F 320 80.71 -2.82 23.11
CA ALA F 320 79.28 -2.67 22.80
C ALA F 320 78.88 -1.21 22.52
N VAL F 321 79.32 -0.25 23.35
CA VAL F 321 78.98 1.15 23.08
C VAL F 321 79.53 1.58 21.73
N PHE F 322 80.76 1.18 21.42
CA PHE F 322 81.38 1.54 20.15
C PHE F 322 80.64 0.94 18.95
N ASN F 323 80.34 -0.35 18.96
CA ASN F 323 79.65 -1.01 17.85
C ASN F 323 78.35 -0.34 17.46
N GLY F 324 77.82 0.55 18.28
CA GLY F 324 76.60 1.28 18.02
C GLY F 324 75.39 1.01 18.98
N ALA F 325 75.59 0.32 20.11
CA ALA F 325 74.48 -0.20 20.90
C ALA F 325 73.75 0.84 21.73
N ASP F 326 72.44 0.75 21.71
CA ASP F 326 71.59 1.69 22.41
C ASP F 326 71.71 1.52 23.91
N CYS F 327 71.66 0.29 24.38
CA CYS F 327 71.64 0.01 25.81
C CYS F 327 72.64 -1.08 26.13
N VAL F 328 73.16 -1.03 27.35
CA VAL F 328 73.91 -2.11 28.00
C VAL F 328 73.00 -2.64 29.12
N MET F 329 73.03 -3.97 29.33
CA MET F 329 72.11 -4.59 30.30
C MET F 329 72.89 -5.45 31.30
N LEU F 330 72.62 -5.25 32.59
CA LEU F 330 73.15 -6.10 33.65
C LEU F 330 72.14 -7.18 33.98
N SER F 331 72.66 -8.36 34.37
CA SER F 331 71.82 -9.52 34.64
C SER F 331 71.82 -10.11 36.04
N GLY F 332 72.77 -10.98 36.41
CA GLY F 332 73.00 -11.27 37.83
C GLY F 332 73.66 -10.15 38.62
N GLU F 333 74.33 -9.21 37.92
CA GLU F 333 75.10 -8.14 38.54
C GLU F 333 74.32 -7.37 39.60
N THR F 334 73.08 -6.98 39.26
CA THR F 334 72.20 -6.24 40.15
C THR F 334 71.13 -7.11 40.82
N ALA F 335 70.77 -8.27 40.24
CA ALA F 335 69.75 -9.12 40.86
C ALA F 335 70.31 -9.98 41.98
N LYS F 336 71.40 -10.71 41.72
CA LYS F 336 72.07 -11.57 42.69
C LYS F 336 73.32 -10.94 43.26
N GLY F 337 73.72 -9.75 42.76
CA GLY F 337 75.08 -9.28 42.92
C GLY F 337 75.30 -8.62 44.27
N LYS F 338 76.58 -8.47 44.64
CA LYS F 338 76.91 -7.89 45.96
C LYS F 338 77.16 -6.37 45.93
N TYR F 339 77.26 -5.73 44.75
CA TYR F 339 77.54 -4.28 44.66
C TYR F 339 76.68 -3.64 43.58
N PRO F 340 75.35 -3.76 43.68
CA PRO F 340 74.50 -3.35 42.52
C PRO F 340 74.64 -1.87 42.13
N ASN F 341 74.73 -0.96 43.12
CA ASN F 341 74.83 0.47 42.85
C ASN F 341 76.18 0.83 42.22
N GLU F 342 77.27 0.21 42.70
CA GLU F 342 78.59 0.47 42.14
C GLU F 342 78.77 -0.09 40.74
N VAL F 343 78.10 -1.19 40.39
CA VAL F 343 78.23 -1.71 39.03
C VAL F 343 77.42 -0.87 38.03
N VAL F 344 76.20 -0.43 38.39
CA VAL F 344 75.50 0.49 37.48
C VAL F 344 76.29 1.82 37.34
N GLN F 345 76.86 2.31 38.46
CA GLN F 345 77.70 3.51 38.38
C GLN F 345 78.91 3.30 37.47
N TYR F 346 79.60 2.13 37.58
CA TYR F 346 80.70 1.78 36.68
C TYR F 346 80.26 1.78 35.21
N MET F 347 79.09 1.20 34.93
CA MET F 347 78.56 1.23 33.57
C MET F 347 78.37 2.65 33.07
N VAL F 348 77.95 3.57 33.95
CA VAL F 348 77.74 4.98 33.59
C VAL F 348 79.08 5.62 33.19
N ARG F 349 80.12 5.40 34.01
CA ARG F 349 81.46 5.86 33.67
C ARG F 349 81.95 5.26 32.34
N ILE F 350 81.68 3.96 32.12
CA ILE F 350 82.13 3.30 30.89
C ILE F 350 81.44 3.89 29.66
N CYS F 351 80.10 3.98 29.72
CA CYS F 351 79.32 4.54 28.62
C CYS F 351 79.82 5.94 28.26
N ILE F 352 80.08 6.79 29.26
CA ILE F 352 80.51 8.16 28.98
C ILE F 352 81.86 8.18 28.26
N GLU F 353 82.82 7.35 28.69
CA GLU F 353 84.15 7.38 28.03
C GLU F 353 84.10 6.81 26.61
N ALA F 354 83.42 5.69 26.44
CA ALA F 354 83.22 5.17 25.08
C ALA F 354 82.53 6.19 24.17
N GLN F 355 81.49 6.90 24.68
CA GLN F 355 80.80 7.89 23.85
C GLN F 355 81.70 9.07 23.53
N SER F 356 82.46 9.55 24.50
CA SER F 356 83.31 10.69 24.20
C SER F 356 84.44 10.32 23.25
N ALA F 357 84.78 9.02 23.14
CA ALA F 357 85.82 8.56 22.21
C ALA F 357 85.33 8.21 20.81
N THR F 358 84.00 8.04 20.58
CA THR F 358 83.46 8.00 19.21
C THR F 358 83.57 9.40 18.57
N HIS F 359 83.59 9.44 17.24
CA HIS F 359 84.00 10.65 16.54
C HIS F 359 82.94 11.77 16.47
N ASP F 360 81.70 11.48 16.86
CA ASP F 360 80.53 12.39 16.82
C ASP F 360 79.89 12.92 15.55
N SER F 361 80.46 12.54 14.41
CA SER F 361 79.83 12.72 13.10
C SER F 361 79.87 11.46 12.24
N VAL F 362 80.71 10.47 12.59
CA VAL F 362 80.86 9.27 11.76
C VAL F 362 79.50 8.61 11.55
N MET F 363 78.82 8.23 12.63
CA MET F 363 77.57 7.49 12.47
C MET F 363 76.60 8.24 11.57
N PHE F 364 76.37 9.51 11.88
CA PHE F 364 75.43 10.34 11.13
C PHE F 364 75.74 10.39 9.62
N ASN F 365 76.98 10.82 9.27
CA ASN F 365 77.37 10.91 7.85
C ASN F 365 77.21 9.56 7.17
N SER F 366 77.52 8.49 7.90
CA SER F 366 77.40 7.18 7.30
C SER F 366 75.94 6.91 6.93
N ILE F 367 75.03 7.06 7.89
CA ILE F 367 73.65 6.71 7.61
C ILE F 367 73.03 7.62 6.56
N LYS F 368 73.35 8.92 6.58
CA LYS F 368 72.89 9.77 5.50
C LYS F 368 73.28 9.19 4.13
N ASN F 369 74.59 8.88 3.95
CA ASN F 369 75.03 8.28 2.68
C ASN F 369 74.53 6.85 2.50
N LEU F 370 74.16 6.18 3.57
CA LEU F 370 73.68 4.80 3.55
C LEU F 370 72.22 4.71 3.22
N GLN F 371 71.70 5.83 2.72
CA GLN F 371 70.25 5.87 2.42
C GLN F 371 69.99 5.28 1.04
N LYS F 372 68.72 5.12 0.68
CA LYS F 372 68.39 4.65 -0.68
C LYS F 372 67.27 5.40 -1.41
N ILE F 373 67.44 5.67 -2.71
CA ILE F 373 66.79 6.77 -3.50
C ILE F 373 66.05 6.26 -4.75
N PRO F 374 64.71 6.35 -4.84
CA PRO F 374 64.01 7.63 -4.98
C PRO F 374 63.85 7.19 -3.52
N MET F 375 63.65 8.15 -2.61
CA MET F 375 63.43 7.84 -1.17
C MET F 375 62.09 8.51 -0.90
N SER F 376 61.62 8.45 0.35
CA SER F 376 60.24 8.85 0.74
C SER F 376 60.37 10.02 1.71
N PRO F 377 59.28 10.65 2.19
CA PRO F 377 59.41 11.86 3.02
C PRO F 377 59.84 11.73 4.49
N GLU F 378 59.89 12.85 5.22
CA GLU F 378 60.20 12.84 6.68
C GLU F 378 61.67 12.59 7.02
N GLU F 379 62.24 11.49 6.54
CA GLU F 379 63.66 11.19 6.86
C GLU F 379 64.41 12.52 6.74
N ALA F 380 64.09 13.32 5.71
CA ALA F 380 64.85 14.52 5.47
C ALA F 380 64.86 15.44 6.66
N VAL F 381 63.67 15.71 7.24
CA VAL F 381 63.55 16.66 8.35
C VAL F 381 64.38 16.18 9.56
N CYS F 382 64.39 14.87 9.81
CA CYS F 382 65.25 14.34 10.86
C CYS F 382 66.73 14.53 10.54
N SER F 383 67.18 14.09 9.34
CA SER F 383 68.60 14.21 9.00
C SER F 383 69.05 15.65 9.08
N SER F 384 68.22 16.58 8.57
CA SER F 384 68.54 17.99 8.59
C SER F 384 68.59 18.54 9.99
N ALA F 385 67.78 18.00 10.90
CA ALA F 385 67.87 18.44 12.29
C ALA F 385 69.21 18.07 12.89
N VAL F 386 69.60 16.81 12.77
CA VAL F 386 70.89 16.38 13.34
C VAL F 386 72.02 17.19 12.69
N SER F 387 71.95 17.31 11.38
CA SER F 387 72.85 18.18 10.66
C SER F 387 72.93 19.54 11.29
N SER F 388 71.77 20.20 11.39
CA SER F 388 71.65 21.54 11.95
C SER F 388 72.25 21.65 13.35
N ALA F 389 72.04 20.62 14.19
CA ALA F 389 72.68 20.61 15.50
C ALA F 389 74.20 20.72 15.36
N PHE F 390 74.84 19.87 14.56
CA PHE F 390 76.32 19.99 14.48
C PHE F 390 76.74 21.31 13.99
N GLU F 391 76.25 21.56 12.75
CA GLU F 391 76.41 22.79 11.99
C GLU F 391 76.36 24.11 12.79
N VAL F 392 75.28 24.26 13.57
CA VAL F 392 75.00 25.44 14.33
C VAL F 392 75.53 25.34 15.69
N GLN F 393 76.31 24.30 16.08
CA GLN F 393 76.80 24.16 17.53
C GLN F 393 75.55 24.04 18.49
N ALA F 394 74.53 23.29 18.07
CA ALA F 394 73.37 23.17 18.91
C ALA F 394 73.72 22.41 20.18
N LYS F 395 73.03 22.76 21.24
CA LYS F 395 73.33 22.28 22.58
C LYS F 395 72.37 21.17 23.02
N ALA F 396 71.31 20.88 22.25
CA ALA F 396 70.25 19.88 22.40
C ALA F 396 69.36 19.88 21.15
N ILE F 397 68.58 18.79 20.93
CA ILE F 397 67.43 18.80 19.99
C ILE F 397 66.14 18.42 20.75
N LEU F 398 65.12 19.29 20.69
CA LEU F 398 63.80 19.07 21.29
C LEU F 398 62.79 18.66 20.21
N VAL F 399 62.15 17.49 20.39
CA VAL F 399 61.12 16.99 19.47
C VAL F 399 59.79 16.84 20.20
N LEU F 400 58.69 17.17 19.52
CA LEU F 400 57.35 17.03 20.09
C LEU F 400 56.62 15.90 19.39
N SER F 401 56.99 14.68 19.73
CA SER F 401 56.31 13.50 19.22
C SER F 401 55.45 12.92 20.34
N ASN F 402 54.29 12.40 19.98
CA ASN F 402 53.48 11.71 20.97
C ASN F 402 53.71 10.21 20.96
N THR F 403 53.99 9.64 19.79
CA THR F 403 54.29 8.24 19.58
C THR F 403 55.79 7.89 19.70
N GLY F 404 56.67 8.88 19.76
CA GLY F 404 58.07 8.57 19.92
C GLY F 404 58.78 8.14 18.66
N ARG F 405 58.05 7.80 17.58
CA ARG F 405 58.70 7.49 16.30
C ARG F 405 59.76 8.54 15.96
N SER F 406 59.41 9.83 16.10
CA SER F 406 60.35 10.93 15.85
C SER F 406 61.66 10.81 16.64
N ALA F 407 61.57 10.48 17.94
CA ALA F 407 62.78 10.33 18.77
C ALA F 407 63.66 9.22 18.23
N ARG F 408 63.03 8.14 17.79
CA ARG F 408 63.70 7.07 17.09
C ARG F 408 64.40 7.51 15.80
N LEU F 409 63.74 8.28 14.94
CA LEU F 409 64.42 8.71 13.73
C LEU F 409 65.57 9.68 14.02
N ILE F 410 65.35 10.69 14.89
CA ILE F 410 66.42 11.63 15.26
C ILE F 410 67.61 10.88 15.88
N SER F 411 67.33 9.94 16.79
CA SER F 411 68.39 9.19 17.44
C SER F 411 69.19 8.36 16.43
N LYS F 412 68.50 7.77 15.45
CA LYS F 412 69.22 6.91 14.48
C LYS F 412 70.38 7.75 13.93
N TYR F 413 70.14 9.03 13.74
CA TYR F 413 71.12 9.93 13.20
C TYR F 413 72.17 10.37 14.23
N ARG F 414 72.16 9.79 15.43
CA ARG F 414 73.25 9.91 16.40
C ARG F 414 73.84 11.31 16.46
N PRO F 415 73.14 12.30 17.02
CA PRO F 415 73.70 13.64 17.11
C PRO F 415 74.64 13.82 18.29
N ASN F 416 75.20 15.01 18.43
CA ASN F 416 76.19 15.26 19.51
C ASN F 416 75.51 15.72 20.80
N CYS F 417 74.24 16.16 20.73
CA CYS F 417 73.57 16.69 21.90
C CYS F 417 72.43 15.78 22.31
N PRO F 418 71.88 15.99 23.52
CA PRO F 418 70.70 15.22 23.94
C PRO F 418 69.48 15.52 23.10
N ILE F 419 68.60 14.53 23.00
CA ILE F 419 67.30 14.67 22.36
C ILE F 419 66.26 14.70 23.47
N ILE F 420 65.69 15.87 23.74
CA ILE F 420 64.58 16.00 24.71
C ILE F 420 63.26 15.85 23.96
N CYS F 421 62.50 14.83 24.32
CA CYS F 421 61.19 14.55 23.74
C CYS F 421 60.14 15.10 24.70
N ALA F 422 59.36 16.12 24.26
CA ALA F 422 58.25 16.70 25.03
C ALA F 422 56.96 16.01 24.58
N THR F 423 56.42 15.08 25.41
CA THR F 423 55.29 14.23 25.07
C THR F 423 54.07 14.39 26.01
N THR F 424 52.91 13.88 25.55
CA THR F 424 51.70 13.81 26.36
C THR F 424 51.34 12.39 26.80
N ARG F 425 52.01 11.36 26.26
CA ARG F 425 51.76 9.97 26.63
C ARG F 425 52.86 9.49 27.56
N LEU F 426 52.46 8.91 28.71
CA LEU F 426 53.40 8.44 29.73
C LEU F 426 54.13 7.16 29.31
N LEU F 427 53.41 6.25 28.64
CA LEU F 427 54.03 5.07 28.05
C LEU F 427 55.11 5.47 27.04
N THR F 428 54.98 6.67 26.45
CA THR F 428 56.00 7.16 25.53
C THR F 428 57.30 7.55 26.25
N CYS F 429 57.19 8.32 27.35
CA CYS F 429 58.33 8.62 28.20
C CYS F 429 59.03 7.34 28.68
N ARG F 430 58.26 6.29 29.00
CA ARG F 430 58.87 5.09 29.56
C ARG F 430 59.52 4.19 28.48
N GLN F 431 58.86 4.04 27.31
CA GLN F 431 59.38 3.24 26.21
C GLN F 431 60.59 3.91 25.56
N LEU F 432 60.66 5.24 25.62
CA LEU F 432 61.75 5.99 24.99
C LEU F 432 63.05 5.87 25.76
N ASN F 433 63.03 5.20 26.91
CA ASN F 433 64.18 4.96 27.76
C ASN F 433 65.16 3.93 27.21
N VAL F 434 64.87 3.31 26.06
CA VAL F 434 65.74 2.35 25.42
C VAL F 434 66.23 2.85 24.07
N THR F 435 65.95 4.09 23.69
CA THR F 435 66.45 4.64 22.43
C THR F 435 67.47 5.72 22.76
N ARG F 436 68.55 5.75 21.97
CA ARG F 436 69.77 6.45 22.36
C ARG F 436 69.60 7.97 22.36
N SER F 437 70.13 8.63 23.39
CA SER F 437 70.27 10.08 23.54
C SER F 437 68.98 10.78 24.04
N VAL F 438 67.80 10.05 24.20
CA VAL F 438 66.47 10.64 24.45
C VAL F 438 66.17 10.84 25.93
N GLU F 439 65.36 11.86 26.18
CA GLU F 439 65.22 12.48 27.50
C GLU F 439 63.81 13.06 27.61
N SER F 440 62.94 12.50 28.44
CA SER F 440 61.49 12.79 28.32
C SER F 440 60.94 13.84 29.29
N VAL F 441 60.10 14.69 28.68
CA VAL F 441 59.29 15.66 29.47
C VAL F 441 57.84 15.23 29.26
N TYR F 442 57.09 15.05 30.35
CA TYR F 442 55.69 14.71 30.30
C TYR F 442 54.89 15.99 30.36
N TYR F 443 53.91 16.11 29.49
CA TYR F 443 53.04 17.29 29.50
C TYR F 443 51.61 16.88 29.84
N ASP F 444 51.15 17.26 31.02
CA ASP F 444 49.80 16.86 31.41
C ASP F 444 48.78 17.70 30.66
N VAL F 445 48.28 17.16 29.54
CA VAL F 445 47.34 17.89 28.69
C VAL F 445 46.00 18.04 29.39
N ASP F 446 45.68 17.10 30.25
CA ASP F 446 44.42 17.18 31.00
C ASP F 446 44.53 18.25 32.08
N ALA F 447 45.59 18.24 32.87
CA ALA F 447 45.77 19.23 33.93
C ALA F 447 45.93 20.65 33.37
N HIS F 448 46.33 20.81 32.10
CA HIS F 448 46.70 22.15 31.58
C HIS F 448 46.06 21.94 30.23
N GLY F 449 46.23 22.88 29.30
CA GLY F 449 45.42 23.39 28.22
C GLY F 449 45.35 22.34 27.13
N GLU F 450 44.26 22.37 26.34
CA GLU F 450 44.16 21.45 25.21
C GLU F 450 45.39 21.49 24.33
N ASP F 451 46.15 22.58 24.41
CA ASP F 451 47.36 22.81 23.61
C ASP F 451 47.15 22.40 22.15
N ASN F 452 46.19 23.06 21.52
CA ASN F 452 46.08 23.04 20.07
C ASN F 452 47.31 23.74 19.47
N ASP F 453 47.77 24.78 20.17
CA ASP F 453 48.92 25.61 19.87
C ASP F 453 50.16 24.96 20.45
N ARG F 454 50.87 24.20 19.63
CA ARG F 454 51.98 23.42 20.13
C ARG F 454 53.04 24.51 20.34
N GLU F 455 52.92 25.25 21.45
CA GLU F 455 53.91 26.17 21.98
C GLU F 455 54.17 26.00 23.48
N LYS F 456 53.21 25.43 24.22
CA LYS F 456 53.42 25.18 25.64
C LYS F 456 54.26 23.92 25.88
N ARG F 457 54.02 22.85 25.10
CA ARG F 457 54.92 21.69 25.14
C ARG F 457 56.36 22.15 24.93
N VAL F 458 56.58 23.08 23.98
CA VAL F 458 57.88 23.73 23.77
C VAL F 458 58.40 24.40 25.04
N GLN F 459 57.54 25.17 25.72
CA GLN F 459 57.97 25.80 26.97
C GLN F 459 58.50 24.75 27.94
N LEU F 460 57.72 23.67 28.12
CA LEU F 460 58.14 22.53 28.93
C LEU F 460 59.52 21.96 28.56
N GLY F 461 59.72 21.61 27.28
CA GLY F 461 61.03 21.08 26.85
C GLY F 461 62.19 22.05 27.09
N VAL F 462 62.02 23.32 26.70
CA VAL F 462 63.06 24.33 26.90
C VAL F 462 63.42 24.47 28.39
N ASP F 463 62.40 24.42 29.28
CA ASP F 463 62.70 24.39 30.72
C ASP F 463 63.56 23.17 31.07
N TRP F 464 63.34 22.05 30.40
CA TRP F 464 64.23 20.90 30.70
C TRP F 464 65.67 21.28 30.35
N ALA F 465 65.89 21.66 29.09
CA ALA F 465 67.27 21.90 28.65
C ALA F 465 67.96 22.96 29.50
N LYS F 466 67.25 24.05 29.84
CA LYS F 466 67.85 25.08 30.67
C LYS F 466 68.16 24.55 32.08
N THR F 467 67.14 24.04 32.79
CA THR F 467 67.35 23.66 34.18
C THR F 467 68.26 22.41 34.31
N LYS F 468 68.05 21.39 33.45
CA LYS F 468 68.95 20.20 33.56
C LYS F 468 70.43 20.58 33.52
N GLY F 469 70.83 21.70 32.91
CA GLY F 469 72.21 22.01 32.60
C GLY F 469 72.66 21.85 31.16
N TYR F 470 71.76 21.50 30.23
CA TYR F 470 72.17 21.34 28.83
C TYR F 470 72.38 22.70 28.17
N VAL F 471 71.49 23.63 28.41
CA VAL F 471 71.41 24.88 27.67
C VAL F 471 71.53 26.09 28.60
N SER F 472 72.18 27.14 28.10
CA SER F 472 72.40 28.36 28.86
C SER F 472 71.99 29.55 27.98
N ALA F 473 71.53 30.63 28.63
CA ALA F 473 71.08 31.82 27.91
C ALA F 473 72.09 32.21 26.84
N GLY F 474 71.60 32.36 25.61
CA GLY F 474 72.41 32.65 24.44
C GLY F 474 72.58 31.46 23.51
N ASP F 475 72.41 30.24 24.03
CA ASP F 475 72.60 28.99 23.31
C ASP F 475 71.47 28.69 22.33
N VAL F 476 71.83 27.96 21.25
CA VAL F 476 70.88 27.56 20.22
C VAL F 476 70.35 26.16 20.56
N MET F 477 69.17 25.86 20.03
CA MET F 477 68.56 24.54 20.11
C MET F 477 67.71 24.35 18.87
N VAL F 478 67.53 23.11 18.47
CA VAL F 478 66.74 22.75 17.28
C VAL F 478 65.49 21.96 17.69
N ILE F 479 64.33 22.40 17.18
CA ILE F 479 62.97 21.97 17.55
C ILE F 479 62.28 21.27 16.38
N VAL F 480 61.60 20.14 16.61
CA VAL F 480 60.81 19.49 15.48
C VAL F 480 59.45 18.96 15.91
N HIS F 481 58.37 19.42 15.29
CA HIS F 481 57.04 19.10 15.80
C HIS F 481 56.36 19.02 14.36
N ALA F 482 55.02 18.98 14.19
CA ALA F 482 54.41 19.10 12.86
C ALA F 482 53.52 20.34 12.82
N ASP F 483 53.44 21.04 11.67
CA ASP F 483 52.63 22.27 11.65
C ASP F 483 51.15 22.11 12.00
N HIS F 484 50.45 23.22 12.23
CA HIS F 484 49.08 23.17 12.75
C HIS F 484 47.99 23.05 11.70
N SER F 485 48.36 22.74 10.44
CA SER F 485 47.42 22.37 9.38
C SER F 485 47.43 20.87 9.06
N VAL F 486 48.36 20.09 9.62
CA VAL F 486 48.39 18.63 9.53
C VAL F 486 48.44 18.06 10.96
N LYS F 487 48.43 16.73 11.04
CA LYS F 487 48.85 16.03 12.24
C LYS F 487 49.43 14.70 11.72
N GLY F 488 49.88 13.82 12.63
CA GLY F 488 50.46 12.58 12.18
C GLY F 488 51.91 12.26 11.91
N TYR F 489 52.78 13.27 11.89
CA TYR F 489 54.22 13.10 11.95
C TYR F 489 54.86 14.49 11.80
N PRO F 490 56.13 14.66 12.22
CA PRO F 490 56.76 15.99 12.22
C PRO F 490 57.26 16.47 10.87
N ASN F 491 57.25 17.80 10.73
CA ASN F 491 57.72 18.55 9.57
C ASN F 491 58.45 19.84 9.96
N GLN F 492 58.14 20.43 11.12
CA GLN F 492 58.83 21.61 11.60
C GLN F 492 60.31 21.37 11.74
N THR F 493 61.05 22.45 11.65
CA THR F 493 62.31 22.58 12.35
C THR F 493 62.38 24.04 12.76
N ARG F 494 62.60 24.30 14.05
CA ARG F 494 62.70 25.66 14.52
C ARG F 494 64.07 25.82 15.13
N LEU F 495 64.77 26.90 14.79
CA LEU F 495 66.12 27.11 15.30
C LEU F 495 66.10 28.37 16.15
N VAL F 496 66.24 28.21 17.46
CA VAL F 496 66.10 29.35 18.36
C VAL F 496 67.23 29.38 19.36
N ARG F 497 67.74 30.57 19.63
CA ARG F 497 68.71 30.81 20.70
C ARG F 497 67.93 31.18 21.95
N VAL F 498 68.21 30.47 23.05
CA VAL F 498 67.30 30.48 24.19
C VAL F 498 67.19 31.85 24.83
N ARG F 499 65.97 32.19 25.26
CA ARG F 499 65.60 33.49 25.82
C ARG F 499 65.06 33.36 27.25
N GLN G 1 -3.45 -35.92 -3.12
CA GLN G 1 -2.73 -35.24 -4.16
C GLN G 1 -1.29 -35.76 -4.20
N VAL G 2 -0.46 -35.35 -3.26
CA VAL G 2 0.82 -36.03 -3.12
C VAL G 2 0.60 -37.32 -2.36
N GLN G 3 1.27 -38.40 -2.77
CA GLN G 3 1.23 -39.68 -2.08
C GLN G 3 2.63 -39.98 -1.58
N LEU G 4 2.69 -40.62 -0.40
CA LEU G 4 3.90 -41.02 0.31
C LEU G 4 3.93 -42.53 0.34
N GLN G 5 5.14 -43.10 0.31
CA GLN G 5 5.35 -44.55 0.18
C GLN G 5 6.42 -44.92 1.20
N GLU G 6 6.06 -45.72 2.20
CA GLU G 6 7.08 -45.98 3.21
C GLU G 6 7.85 -47.25 2.92
N SER G 7 9.01 -47.34 3.57
CA SER G 7 9.83 -48.53 3.47
C SER G 7 10.75 -48.51 4.67
N GLY G 8 11.13 -49.73 5.11
CA GLY G 8 12.17 -49.88 6.09
C GLY G 8 11.87 -50.39 7.50
N GLY G 9 10.67 -50.82 7.80
CA GLY G 9 10.45 -51.35 9.14
C GLY G 9 11.06 -52.72 9.38
N GLY G 10 10.94 -53.16 10.63
CA GLY G 10 11.37 -54.52 10.94
C GLY G 10 11.56 -54.75 12.43
N LEU G 11 12.39 -55.74 12.71
CA LEU G 11 12.83 -56.15 14.03
C LEU G 11 14.27 -55.70 14.21
N VAL G 12 14.65 -55.23 15.41
CA VAL G 12 16.05 -54.89 15.65
C VAL G 12 16.46 -55.12 17.09
N GLN G 13 17.78 -55.16 17.30
CA GLN G 13 18.25 -55.48 18.63
C GLN G 13 18.35 -54.20 19.42
N SER G 14 18.06 -54.32 20.70
CA SER G 14 18.22 -53.19 21.60
C SER G 14 19.60 -52.58 21.38
N GLY G 15 19.61 -51.28 21.11
CA GLY G 15 20.83 -50.56 20.81
C GLY G 15 21.19 -50.50 19.34
N GLY G 16 20.50 -51.24 18.48
CA GLY G 16 20.79 -51.23 17.06
C GLY G 16 20.28 -49.98 16.41
N SER G 17 20.08 -50.02 15.09
CA SER G 17 19.67 -48.82 14.36
C SER G 17 19.00 -49.23 13.06
N LEU G 18 18.02 -48.43 12.64
CA LEU G 18 17.32 -48.62 11.37
C LEU G 18 17.21 -47.30 10.63
N LYS G 19 16.89 -47.38 9.34
CA LYS G 19 16.67 -46.18 8.52
C LYS G 19 15.33 -46.34 7.83
N LEU G 20 14.36 -45.50 8.24
CA LEU G 20 13.03 -45.42 7.62
C LEU G 20 13.10 -44.46 6.45
N SER G 21 12.41 -44.79 5.40
CA SER G 21 12.44 -44.03 4.17
C SER G 21 11.02 -43.81 3.72
N CYS G 22 10.77 -42.66 3.14
CA CYS G 22 9.45 -42.32 2.63
C CYS G 22 9.67 -41.67 1.27
N ALA G 23 9.03 -42.19 0.24
CA ALA G 23 9.20 -41.66 -1.11
C ALA G 23 7.90 -41.06 -1.61
N ALA G 24 7.99 -39.93 -2.31
CA ALA G 24 6.83 -39.10 -2.65
C ALA G 24 6.63 -39.01 -4.15
N SER G 25 5.40 -39.22 -4.58
CA SER G 25 4.95 -38.99 -5.93
C SER G 25 3.79 -37.99 -5.96
N GLY G 26 3.58 -37.37 -7.11
CA GLY G 26 2.32 -36.70 -7.34
C GLY G 26 2.32 -35.26 -6.96
N SER G 27 1.18 -34.61 -7.19
CA SER G 27 1.05 -33.23 -6.75
C SER G 27 -0.40 -32.88 -6.43
N ASN G 28 -0.55 -31.83 -5.61
CA ASN G 28 -1.81 -31.12 -5.47
C ASN G 28 -1.80 -30.03 -6.52
N PHE G 29 -2.20 -30.41 -7.73
CA PHE G 29 -2.12 -29.44 -8.81
C PHE G 29 -2.92 -28.19 -8.54
N SER G 30 -4.01 -28.29 -7.78
CA SER G 30 -4.86 -27.13 -7.47
C SER G 30 -4.08 -26.04 -6.81
N SER G 31 -3.20 -26.42 -5.89
CA SER G 31 -2.42 -25.51 -5.09
C SER G 31 -1.05 -25.28 -5.70
N GLY G 32 -0.61 -26.18 -6.56
CA GLY G 32 0.77 -26.12 -6.96
C GLY G 32 1.76 -26.64 -5.95
N ARG G 33 1.37 -27.53 -5.05
CA ARG G 33 2.27 -28.05 -4.05
C ARG G 33 2.79 -29.40 -4.47
N THR G 34 4.05 -29.68 -4.13
CA THR G 34 4.71 -30.97 -4.33
C THR G 34 5.50 -31.28 -3.08
N PHE G 35 5.95 -32.51 -2.97
CA PHE G 35 6.85 -32.89 -1.89
C PHE G 35 7.93 -31.86 -1.55
N SER G 36 8.49 -31.22 -2.59
CA SER G 36 9.59 -30.27 -2.39
C SER G 36 9.14 -28.97 -1.77
N THR G 37 7.83 -28.62 -1.87
CA THR G 37 7.19 -27.48 -1.22
C THR G 37 6.72 -27.77 0.18
N ASP G 38 6.49 -29.02 0.52
CA ASP G 38 5.79 -29.39 1.75
C ASP G 38 6.71 -29.84 2.86
N ALA G 39 6.43 -29.36 4.05
CA ALA G 39 7.11 -29.86 5.23
C ALA G 39 6.64 -31.27 5.50
N ILE G 40 7.47 -32.03 6.20
CA ILE G 40 7.20 -33.44 6.46
C ILE G 40 7.28 -33.70 7.96
N GLY G 41 6.33 -34.45 8.48
CA GLY G 41 6.41 -34.91 9.85
C GLY G 41 6.60 -36.40 9.89
N TRP G 42 7.16 -36.89 11.00
CA TRP G 42 7.19 -38.31 11.36
C TRP G 42 6.47 -38.48 12.68
N PHE G 43 5.54 -39.42 12.71
CA PHE G 43 4.73 -39.71 13.88
C PHE G 43 4.82 -41.19 14.19
N ARG G 44 4.58 -41.55 15.45
CA ARG G 44 4.48 -42.97 15.78
C ARG G 44 3.26 -43.22 16.64
N GLN G 45 2.71 -44.42 16.48
CA GLN G 45 1.54 -44.90 17.22
C GLN G 45 1.97 -46.21 17.84
N ALA G 46 2.15 -46.20 19.13
CA ALA G 46 2.52 -47.40 19.84
C ALA G 46 1.27 -48.25 20.07
N PRO G 47 1.43 -49.53 20.37
CA PRO G 47 0.28 -50.43 20.49
C PRO G 47 -0.83 -49.92 21.46
N GLY G 48 -2.08 -49.82 20.98
CA GLY G 48 -3.23 -49.46 21.81
C GLY G 48 -3.51 -47.97 21.95
N LYS G 49 -2.75 -47.11 21.29
CA LYS G 49 -2.57 -45.69 21.62
C LYS G 49 -3.10 -44.81 20.49
N GLU G 50 -3.16 -43.47 20.67
CA GLU G 50 -2.90 -42.63 19.51
C GLU G 50 -1.49 -42.35 19.14
N ARG G 51 -1.46 -41.56 18.09
CA ARG G 51 -0.35 -41.36 17.20
C ARG G 51 0.39 -40.03 17.50
N GLU G 52 1.66 -40.14 17.90
CA GLU G 52 2.37 -39.01 18.51
C GLU G 52 3.50 -38.44 17.66
N PHE G 53 3.75 -37.15 17.84
CA PHE G 53 4.83 -36.52 17.09
C PHE G 53 6.21 -37.10 17.47
N VAL G 54 7.01 -37.38 16.47
CA VAL G 54 8.39 -37.80 16.67
C VAL G 54 9.34 -36.72 16.23
N GLY G 55 9.11 -36.17 15.04
CA GLY G 55 10.03 -35.19 14.52
C GLY G 55 9.47 -34.58 13.26
N GLY G 56 10.05 -33.45 12.88
CA GLY G 56 9.55 -32.76 11.70
C GLY G 56 10.64 -31.95 11.03
N ILE G 57 10.42 -31.73 9.75
CA ILE G 57 11.38 -31.05 8.90
C ILE G 57 10.65 -30.13 7.93
N SER G 58 11.13 -28.89 7.84
CA SER G 58 10.56 -27.88 6.95
C SER G 58 10.87 -28.24 5.49
N TRP G 59 10.27 -27.46 4.60
CA TRP G 59 10.22 -27.80 3.19
C TRP G 59 11.60 -28.07 2.61
N ASN G 60 12.55 -27.18 2.91
CA ASN G 60 13.86 -27.21 2.30
C ASN G 60 14.91 -27.77 3.24
N GLY G 61 14.48 -28.40 4.33
CA GLY G 61 15.39 -28.97 5.31
C GLY G 61 16.01 -28.02 6.30
N GLY G 62 15.70 -26.73 6.24
CA GLY G 62 16.40 -25.78 7.08
C GLY G 62 15.98 -25.73 8.52
N ILE G 63 14.87 -26.38 8.88
CA ILE G 63 14.41 -26.41 10.27
C ILE G 63 14.00 -27.84 10.59
N THR G 64 14.44 -28.35 11.73
CA THR G 64 13.93 -29.63 12.20
C THR G 64 13.60 -29.52 13.67
N ASP G 65 12.76 -30.43 14.14
CA ASP G 65 12.45 -30.49 15.55
C ASP G 65 12.24 -31.96 15.95
N TYR G 66 12.48 -32.27 17.22
CA TYR G 66 12.36 -33.63 17.71
C TYR G 66 11.68 -33.64 19.08
N VAL G 67 10.93 -34.72 19.36
CA VAL G 67 10.52 -34.93 20.74
C VAL G 67 11.74 -35.31 21.57
N ASP G 68 11.70 -34.95 22.84
CA ASP G 68 12.86 -35.16 23.69
C ASP G 68 13.23 -36.62 23.75
N SER G 69 12.24 -37.52 23.70
CA SER G 69 12.52 -38.95 23.82
C SER G 69 13.55 -39.42 22.80
N VAL G 70 13.65 -38.75 21.66
CA VAL G 70 14.46 -39.27 20.57
C VAL G 70 15.59 -38.34 20.22
N LYS G 71 15.70 -37.18 20.87
CA LYS G 71 16.76 -36.24 20.57
C LYS G 71 18.09 -36.90 20.87
N GLY G 72 19.04 -36.69 19.98
CA GLY G 72 20.31 -37.34 20.09
C GLY G 72 20.33 -38.75 19.57
N ARG G 73 19.17 -39.38 19.38
CA ARG G 73 19.11 -40.69 18.75
C ARG G 73 18.55 -40.65 17.33
N PHE G 74 17.56 -39.78 17.05
CA PHE G 74 16.92 -39.78 15.74
C PHE G 74 17.32 -38.56 14.94
N THR G 75 17.33 -38.71 13.62
CA THR G 75 17.76 -37.67 12.69
C THR G 75 16.84 -37.69 11.48
N ILE G 76 16.15 -36.58 11.23
CA ILE G 76 15.30 -36.46 10.05
C ILE G 76 16.02 -35.62 9.02
N SER G 77 16.07 -36.13 7.79
CA SER G 77 16.70 -35.38 6.73
C SER G 77 15.93 -35.63 5.46
N ARG G 78 16.25 -34.90 4.42
CA ARG G 78 15.42 -35.07 3.25
C ARG G 78 16.26 -34.75 2.02
N ASP G 79 15.95 -35.42 0.89
CA ASP G 79 16.61 -35.13 -0.38
C ASP G 79 15.49 -34.74 -1.34
N ASN G 80 15.42 -33.45 -1.68
CA ASN G 80 14.29 -33.04 -2.50
C ASN G 80 14.46 -33.50 -3.92
N ALA G 81 15.70 -33.74 -4.37
CA ALA G 81 15.96 -34.21 -5.73
C ALA G 81 15.47 -35.64 -5.91
N LYS G 82 15.56 -36.41 -4.85
CA LYS G 82 15.06 -37.78 -4.91
C LYS G 82 13.67 -37.97 -4.33
N ASN G 83 13.01 -36.87 -4.00
CA ASN G 83 11.68 -36.88 -3.43
C ASN G 83 11.61 -37.85 -2.25
N THR G 84 12.51 -37.71 -1.28
CA THR G 84 12.54 -38.72 -0.25
C THR G 84 12.79 -38.08 1.10
N VAL G 85 12.12 -38.58 2.13
CA VAL G 85 12.38 -38.19 3.50
C VAL G 85 12.95 -39.40 4.23
N TYR G 86 13.85 -39.13 5.17
CA TYR G 86 14.52 -40.18 5.91
C TYR G 86 14.35 -39.95 7.40
N LEU G 87 14.25 -41.05 8.15
CA LEU G 87 14.23 -41.00 9.63
C LEU G 87 15.27 -42.01 10.13
N GLN G 88 16.48 -41.55 10.49
CA GLN G 88 17.56 -42.41 10.95
C GLN G 88 17.49 -42.60 12.45
N MET G 89 17.39 -43.86 12.89
CA MET G 89 17.11 -44.20 14.27
C MET G 89 18.29 -44.98 14.83
N ASN G 90 18.96 -44.42 15.82
CA ASN G 90 20.10 -45.04 16.46
C ASN G 90 19.84 -45.27 17.93
N SER G 91 20.63 -46.16 18.52
CA SER G 91 20.42 -46.59 19.89
C SER G 91 18.94 -46.85 20.18
N LEU G 92 18.34 -47.72 19.36
CA LEU G 92 16.92 -48.00 19.54
C LEU G 92 16.72 -48.79 20.81
N GLN G 93 15.65 -48.46 21.53
CA GLN G 93 15.29 -49.12 22.77
C GLN G 93 13.88 -49.69 22.68
N PRO G 94 13.52 -50.64 23.55
CA PRO G 94 12.16 -51.21 23.50
C PRO G 94 11.04 -50.18 23.52
N GLU G 95 11.25 -49.00 24.08
CA GLU G 95 10.17 -48.04 24.14
C GLU G 95 9.85 -47.41 22.78
N ASP G 96 10.73 -47.58 21.78
CA ASP G 96 10.49 -47.14 20.42
C ASP G 96 9.70 -48.15 19.59
N THR G 97 9.30 -49.25 20.16
CA THR G 97 8.48 -50.19 19.42
C THR G 97 7.13 -49.55 19.15
N ALA G 98 6.76 -49.44 17.87
CA ALA G 98 5.50 -48.83 17.48
C ALA G 98 5.36 -48.91 15.98
N VAL G 99 4.25 -48.48 15.43
CA VAL G 99 4.18 -48.30 13.99
C VAL G 99 4.48 -46.83 13.67
N TYR G 100 5.27 -46.59 12.61
CA TYR G 100 5.82 -45.28 12.29
C TYR G 100 5.26 -44.80 10.97
N TYR G 101 4.81 -43.55 10.92
CA TYR G 101 4.28 -42.91 9.71
C TYR G 101 5.05 -41.65 9.35
N CYS G 102 5.20 -41.38 8.06
CA CYS G 102 5.51 -40.04 7.56
C CYS G 102 4.23 -39.39 7.06
N ALA G 103 4.19 -38.08 7.16
CA ALA G 103 3.01 -37.36 6.70
C ALA G 103 3.42 -36.01 6.17
N GLY G 104 2.67 -35.52 5.20
CA GLY G 104 2.98 -34.25 4.58
C GLY G 104 1.92 -33.20 4.77
N ARG G 105 2.40 -32.01 5.13
CA ARG G 105 1.49 -30.88 5.38
C ARG G 105 1.59 -29.90 4.22
N ASP G 106 0.49 -29.28 3.86
CA ASP G 106 0.50 -28.23 2.82
C ASP G 106 0.95 -26.89 3.41
N SER G 107 2.15 -26.89 3.97
CA SER G 107 2.72 -25.71 4.58
C SER G 107 4.22 -25.87 4.47
N TRP G 108 4.95 -24.76 4.38
CA TRP G 108 6.39 -24.93 4.42
C TRP G 108 6.86 -25.36 5.80
N TYR G 109 6.05 -25.16 6.83
CA TYR G 109 6.43 -25.46 8.21
C TYR G 109 5.67 -26.69 8.71
N PHE G 110 6.31 -27.45 9.60
CA PHE G 110 5.76 -28.69 10.11
C PHE G 110 4.89 -28.42 11.34
N SER G 111 4.13 -29.43 11.75
CA SER G 111 3.33 -29.39 12.97
C SER G 111 3.60 -30.64 13.81
N LYS G 112 3.29 -30.56 15.10
CA LYS G 112 3.21 -31.78 15.90
C LYS G 112 1.76 -32.33 15.99
N VAL G 113 0.80 -31.70 15.34
CA VAL G 113 -0.60 -32.11 15.44
C VAL G 113 -0.96 -32.99 14.25
N PRO G 114 -1.34 -34.25 14.47
CA PRO G 114 -1.68 -35.11 13.34
C PRO G 114 -2.80 -34.58 12.45
N ASP G 115 -3.83 -33.95 13.00
CA ASP G 115 -4.93 -33.54 12.14
C ASP G 115 -4.52 -32.45 11.14
N GLU G 116 -3.39 -31.76 11.39
CA GLU G 116 -2.88 -30.70 10.53
C GLU G 116 -2.07 -31.22 9.34
N TYR G 117 -1.93 -32.51 9.16
CA TYR G 117 -1.25 -33.05 8.00
C TYR G 117 -2.26 -33.49 6.96
N ARG G 118 -1.87 -33.42 5.69
CA ARG G 118 -2.76 -33.66 4.57
C ARG G 118 -2.61 -35.02 3.93
N TYR G 119 -1.44 -35.64 3.93
CA TYR G 119 -1.28 -36.93 3.29
C TYR G 119 -0.34 -37.80 4.12
N TRP G 120 -0.60 -39.12 4.12
CA TRP G 120 0.14 -40.04 4.98
C TRP G 120 0.72 -41.21 4.20
N GLY G 121 1.77 -41.82 4.81
CA GLY G 121 2.35 -43.08 4.34
C GLY G 121 1.55 -44.22 4.94
N GLN G 122 1.86 -45.53 4.70
CA GLN G 122 0.67 -46.22 5.15
C GLN G 122 1.04 -46.83 6.51
N GLY G 123 2.29 -46.61 6.94
CA GLY G 123 2.83 -47.04 8.21
C GLY G 123 3.62 -48.33 8.29
N THR G 124 4.72 -48.34 9.03
CA THR G 124 5.56 -49.53 9.08
C THR G 124 5.89 -49.94 10.52
N GLN G 125 5.95 -51.26 10.79
CA GLN G 125 6.15 -51.75 12.15
C GLN G 125 7.61 -51.73 12.56
N VAL G 126 7.93 -51.12 13.71
CA VAL G 126 9.29 -51.16 14.25
C VAL G 126 9.24 -51.81 15.62
N THR G 127 9.98 -52.90 15.77
CA THR G 127 9.96 -53.63 17.03
C THR G 127 11.40 -53.77 17.51
N VAL G 128 11.67 -53.29 18.71
CA VAL G 128 12.99 -53.39 19.30
C VAL G 128 12.93 -54.44 20.39
N SER G 129 13.56 -55.58 20.15
CA SER G 129 13.64 -56.62 21.18
C SER G 129 15.07 -56.64 21.70
N SER G 130 15.23 -56.81 23.02
CA SER G 130 16.57 -56.77 23.61
C SER G 130 17.26 -58.13 23.55
N GLN H 1 20.10 24.11 -10.41
CA GLN H 1 20.28 22.78 -9.83
C GLN H 1 20.91 21.98 -11.03
N VAL H 2 20.28 21.39 -12.03
CA VAL H 2 21.07 21.09 -13.23
C VAL H 2 21.11 22.41 -14.01
N GLN H 3 22.28 22.79 -14.53
CA GLN H 3 22.45 24.01 -15.30
C GLN H 3 22.96 23.69 -16.68
N LEU H 4 22.56 24.51 -17.65
CA LEU H 4 22.95 24.33 -19.04
C LEU H 4 23.63 25.56 -19.60
N GLN H 5 24.56 25.30 -20.52
CA GLN H 5 25.25 26.36 -21.21
C GLN H 5 25.45 25.99 -22.67
N GLU H 6 24.85 26.77 -23.57
CA GLU H 6 24.91 26.52 -24.99
C GLU H 6 26.16 27.12 -25.58
N SER H 7 26.51 26.66 -26.77
CA SER H 7 27.68 27.14 -27.48
C SER H 7 27.57 26.69 -28.93
N GLY H 8 28.26 27.45 -29.78
CA GLY H 8 28.41 27.11 -31.18
C GLY H 8 27.67 27.99 -32.16
N GLY H 9 26.95 29.00 -31.68
CA GLY H 9 26.25 29.88 -32.60
C GLY H 9 27.20 30.82 -33.30
N GLY H 10 26.66 31.44 -34.35
CA GLY H 10 27.42 32.35 -35.17
C GLY H 10 26.74 32.56 -36.51
N LEU H 11 27.55 32.96 -37.49
CA LEU H 11 27.08 33.35 -38.81
C LEU H 11 27.34 32.24 -39.83
N VAL H 12 26.34 31.98 -40.67
CA VAL H 12 26.54 31.05 -41.78
C VAL H 12 25.51 31.31 -42.88
N GLN H 13 25.71 30.66 -44.01
CA GLN H 13 24.89 30.95 -45.15
C GLN H 13 23.99 29.82 -45.61
N SER H 14 22.84 30.20 -46.20
CA SER H 14 21.80 29.32 -46.74
C SER H 14 22.40 28.11 -47.46
N GLY H 15 22.01 26.92 -47.00
CA GLY H 15 22.58 25.69 -47.47
C GLY H 15 23.75 25.18 -46.63
N GLY H 16 24.22 25.96 -45.64
CA GLY H 16 25.27 25.55 -44.74
C GLY H 16 24.78 24.64 -43.63
N SER H 17 25.54 24.60 -42.53
CA SER H 17 25.26 23.73 -41.38
C SER H 17 26.00 24.27 -40.16
N LEU H 18 25.41 24.08 -38.97
CA LEU H 18 26.10 24.32 -37.69
C LEU H 18 25.76 23.23 -36.69
N LYS H 19 26.54 23.21 -35.61
CA LYS H 19 26.34 22.24 -34.53
C LYS H 19 26.32 22.97 -33.19
N LEU H 20 25.16 23.08 -32.59
CA LEU H 20 25.07 23.64 -31.25
C LEU H 20 25.26 22.54 -30.23
N SER H 21 25.99 22.88 -29.17
CA SER H 21 26.27 21.97 -28.07
C SER H 21 25.83 22.69 -26.81
N CYS H 22 25.28 21.94 -25.88
CA CYS H 22 24.78 22.50 -24.64
C CYS H 22 25.31 21.56 -23.60
N ALA H 23 26.09 22.08 -22.65
CA ALA H 23 26.71 21.24 -21.62
C ALA H 23 26.03 21.45 -20.27
N ALA H 24 25.95 20.37 -19.49
CA ALA H 24 25.14 20.27 -18.28
C ALA H 24 26.02 20.05 -17.07
N SER H 25 25.80 20.80 -16.01
CA SER H 25 26.40 20.49 -14.72
C SER H 25 25.29 20.41 -13.67
N GLY H 26 25.54 19.77 -12.52
CA GLY H 26 24.62 19.94 -11.42
C GLY H 26 23.59 18.82 -11.29
N SER H 27 22.74 18.93 -10.26
CA SER H 27 21.77 17.88 -9.96
C SER H 27 20.66 18.40 -9.05
N ASN H 28 19.51 17.73 -9.11
CA ASN H 28 18.40 18.00 -8.21
C ASN H 28 18.44 17.04 -7.03
N PHE H 29 19.34 17.30 -6.09
CA PHE H 29 19.48 16.34 -4.99
C PHE H 29 18.15 16.02 -4.37
N SER H 30 17.37 17.04 -4.04
CA SER H 30 16.04 16.81 -3.46
C SER H 30 15.25 15.68 -4.10
N SER H 31 15.33 15.57 -5.46
CA SER H 31 14.50 14.66 -6.24
C SER H 31 15.29 13.60 -7.03
N GLY H 32 16.54 13.35 -6.64
CA GLY H 32 17.49 12.50 -7.34
C GLY H 32 17.70 12.61 -8.84
N ARG H 33 17.41 13.80 -9.35
CA ARG H 33 17.45 14.01 -10.80
C ARG H 33 18.72 14.71 -11.24
N THR H 34 19.32 14.24 -12.33
CA THR H 34 20.47 14.87 -12.95
C THR H 34 20.17 14.98 -14.43
N PHE H 35 21.17 15.45 -15.19
CA PHE H 35 21.02 15.53 -16.63
C PHE H 35 20.77 14.15 -17.25
N SER H 36 21.46 13.13 -16.77
CA SER H 36 21.32 11.81 -17.36
C SER H 36 19.96 11.19 -17.13
N THR H 37 19.06 11.87 -16.41
CA THR H 37 17.70 11.39 -16.23
C THR H 37 16.68 12.35 -16.79
N ASP H 38 17.10 13.46 -17.37
CA ASP H 38 16.13 14.48 -17.77
C ASP H 38 16.01 14.56 -19.28
N ALA H 39 14.79 14.70 -19.78
CA ALA H 39 14.62 14.99 -21.18
C ALA H 39 15.06 16.42 -21.48
N ILE H 40 15.47 16.65 -22.73
CA ILE H 40 16.01 17.95 -23.15
C ILE H 40 15.22 18.42 -24.36
N GLY H 41 14.80 19.69 -24.35
CA GLY H 41 14.18 20.30 -25.51
C GLY H 41 15.04 21.43 -26.06
N TRP H 42 14.95 21.65 -27.37
CA TRP H 42 15.56 22.77 -28.06
C TRP H 42 14.44 23.62 -28.59
N PHE H 43 14.52 24.92 -28.28
CA PHE H 43 13.58 25.95 -28.67
C PHE H 43 14.35 27.07 -29.35
N ARG H 44 13.67 27.82 -30.19
CA ARG H 44 14.28 28.98 -30.79
C ARG H 44 13.30 30.15 -30.69
N GLN H 45 13.86 31.36 -30.60
CA GLN H 45 13.10 32.60 -30.54
C GLN H 45 13.69 33.56 -31.56
N ALA H 46 12.93 33.87 -32.60
CA ALA H 46 13.33 34.86 -33.60
C ALA H 46 12.99 36.28 -33.13
N PRO H 47 13.67 37.31 -33.66
CA PRO H 47 13.42 38.68 -33.16
C PRO H 47 11.94 39.07 -33.27
N GLY H 48 11.36 39.49 -32.14
CA GLY H 48 9.99 39.95 -32.12
C GLY H 48 8.95 38.86 -31.91
N LYS H 49 9.35 37.60 -31.91
CA LYS H 49 8.40 36.48 -31.83
C LYS H 49 8.54 35.85 -30.46
N GLU H 50 7.68 34.87 -30.17
CA GLU H 50 7.86 34.13 -28.95
C GLU H 50 8.65 32.83 -29.18
N ARG H 51 8.74 32.01 -28.13
CA ARG H 51 9.69 30.93 -28.08
C ARG H 51 9.02 29.68 -28.61
N GLU H 52 9.54 29.15 -29.71
CA GLU H 52 8.87 28.04 -30.37
C GLU H 52 9.72 26.77 -30.26
N PHE H 53 9.04 25.63 -30.08
CA PHE H 53 9.72 24.34 -29.96
C PHE H 53 10.38 23.99 -31.29
N VAL H 54 11.60 23.46 -31.23
CA VAL H 54 12.33 23.01 -32.42
C VAL H 54 12.47 21.51 -32.42
N GLY H 55 12.86 20.95 -31.29
CA GLY H 55 13.06 19.53 -31.22
C GLY H 55 13.18 19.11 -29.78
N GLY H 56 13.04 17.81 -29.56
CA GLY H 56 13.10 17.27 -28.22
C GLY H 56 13.67 15.87 -28.24
N ILE H 57 14.26 15.48 -27.11
CA ILE H 57 14.91 14.20 -26.98
C ILE H 57 14.66 13.60 -25.60
N SER H 58 14.32 12.32 -25.57
CA SER H 58 14.05 11.62 -24.34
C SER H 58 15.34 11.46 -23.56
N TRP H 59 15.20 10.89 -22.36
CA TRP H 59 16.30 10.92 -21.39
C TRP H 59 17.54 10.19 -21.90
N ASN H 60 17.36 9.02 -22.49
CA ASN H 60 18.47 8.19 -22.92
C ASN H 60 18.66 8.26 -24.42
N GLY H 61 18.06 9.24 -25.06
CA GLY H 61 18.18 9.36 -26.47
C GLY H 61 17.29 8.45 -27.28
N GLY H 62 16.44 7.66 -26.64
CA GLY H 62 15.67 6.73 -27.44
C GLY H 62 14.48 7.31 -28.17
N ILE H 63 14.05 8.53 -27.87
CA ILE H 63 12.90 9.12 -28.52
C ILE H 63 13.25 10.54 -28.89
N THR H 64 12.92 10.94 -30.12
CA THR H 64 13.06 12.32 -30.55
C THR H 64 11.83 12.79 -31.28
N ASP H 65 11.67 14.11 -31.33
CA ASP H 65 10.65 14.70 -32.17
C ASP H 65 11.16 16.03 -32.75
N TYR H 66 10.58 16.42 -33.89
CA TYR H 66 10.99 17.62 -34.61
C TYR H 66 9.78 18.37 -35.15
N VAL H 67 9.89 19.72 -35.20
CA VAL H 67 8.92 20.51 -35.94
C VAL H 67 9.08 20.25 -37.42
N ASP H 68 7.96 20.28 -38.14
CA ASP H 68 8.02 19.94 -39.56
C ASP H 68 8.93 20.90 -40.31
N SER H 69 8.94 22.17 -39.92
CA SER H 69 9.76 23.11 -40.66
C SER H 69 11.22 22.65 -40.69
N VAL H 70 11.61 21.81 -39.72
CA VAL H 70 12.98 21.35 -39.61
C VAL H 70 13.10 19.84 -39.78
N LYS H 71 11.99 19.14 -39.98
CA LYS H 71 12.02 17.69 -40.03
C LYS H 71 12.89 17.25 -41.21
N GLY H 72 13.78 16.29 -40.95
CA GLY H 72 14.71 15.87 -41.97
C GLY H 72 15.94 16.76 -42.18
N ARG H 73 15.96 17.99 -41.65
CA ARG H 73 17.13 18.86 -41.75
C ARG H 73 17.95 18.91 -40.46
N PHE H 74 17.29 18.82 -39.30
CA PHE H 74 17.91 18.95 -37.98
C PHE H 74 17.99 17.58 -37.29
N THR H 75 18.96 17.43 -36.38
CA THR H 75 19.21 16.17 -35.69
C THR H 75 19.65 16.44 -34.26
N ILE H 76 18.88 15.95 -33.29
CA ILE H 76 19.19 16.12 -31.87
C ILE H 76 19.77 14.83 -31.37
N SER H 77 20.88 14.92 -30.64
CA SER H 77 21.52 13.73 -30.11
C SER H 77 22.13 14.03 -28.75
N ARG H 78 22.55 12.99 -28.04
CA ARG H 78 23.03 13.28 -26.70
C ARG H 78 24.01 12.21 -26.27
N ASP H 79 24.98 12.62 -25.46
CA ASP H 79 25.98 11.74 -24.84
C ASP H 79 25.94 11.96 -23.33
N ASN H 80 25.34 11.00 -22.61
CA ASN H 80 25.15 11.18 -21.19
C ASN H 80 26.45 11.02 -20.42
N ALA H 81 27.43 10.31 -20.98
CA ALA H 81 28.74 10.27 -20.34
C ALA H 81 29.42 11.63 -20.43
N LYS H 82 29.18 12.38 -21.51
CA LYS H 82 29.71 13.72 -21.62
C LYS H 82 28.81 14.78 -21.03
N ASN H 83 27.64 14.40 -20.53
CA ASN H 83 26.60 15.34 -20.12
C ASN H 83 26.39 16.38 -21.21
N THR H 84 26.23 15.92 -22.45
CA THR H 84 26.09 16.96 -23.45
C THR H 84 25.03 16.64 -24.49
N VAL H 85 24.30 17.69 -24.83
CA VAL H 85 23.22 17.65 -25.81
C VAL H 85 23.64 18.44 -27.03
N TYR H 86 23.26 17.94 -28.22
CA TYR H 86 23.63 18.51 -29.50
C TYR H 86 22.42 18.73 -30.41
N LEU H 87 22.49 19.80 -31.17
CA LEU H 87 21.60 20.04 -32.31
C LEU H 87 22.45 20.26 -33.56
N GLN H 88 22.41 19.32 -34.50
CA GLN H 88 23.08 19.47 -35.79
C GLN H 88 22.06 19.97 -36.83
N MET H 89 22.36 21.08 -37.49
CA MET H 89 21.45 21.65 -38.49
C MET H 89 22.14 21.76 -39.84
N ASN H 90 21.43 21.24 -40.83
CA ASN H 90 21.96 21.25 -42.20
C ASN H 90 21.01 22.05 -43.08
N SER H 91 21.43 22.35 -44.30
CA SER H 91 20.68 23.18 -45.25
C SER H 91 19.89 24.27 -44.53
N LEU H 92 20.60 25.06 -43.72
CA LEU H 92 19.91 26.11 -42.98
C LEU H 92 19.54 27.23 -43.91
N GLN H 93 18.36 27.79 -43.71
CA GLN H 93 17.89 28.90 -44.52
C GLN H 93 17.56 30.11 -43.65
N PRO H 94 17.48 31.31 -44.23
CA PRO H 94 17.33 32.54 -43.43
C PRO H 94 16.24 32.48 -42.38
N GLU H 95 15.21 31.66 -42.56
CA GLU H 95 14.16 31.65 -41.56
C GLU H 95 14.58 30.93 -40.29
N ASP H 96 15.72 30.24 -40.34
CA ASP H 96 16.20 29.49 -39.16
C ASP H 96 16.98 30.44 -38.25
N THR H 97 17.01 31.74 -38.58
CA THR H 97 17.83 32.67 -37.77
C THR H 97 17.08 33.01 -36.50
N ALA H 98 17.74 32.85 -35.34
CA ALA H 98 17.08 33.09 -34.05
C ALA H 98 18.04 32.73 -32.91
N VAL H 99 17.63 33.00 -31.67
CA VAL H 99 18.45 32.53 -30.57
C VAL H 99 17.92 31.16 -30.24
N TYR H 100 18.83 30.23 -30.00
CA TYR H 100 18.50 28.83 -29.82
C TYR H 100 18.86 28.50 -28.40
N TYR H 101 17.90 27.94 -27.68
CA TYR H 101 18.06 27.59 -26.29
C TYR H 101 17.87 26.09 -26.14
N CYS H 102 18.62 25.48 -25.24
CA CYS H 102 18.27 24.17 -24.71
C CYS H 102 17.63 24.34 -23.35
N ALA H 103 16.73 23.43 -23.00
CA ALA H 103 16.04 23.45 -21.72
C ALA H 103 15.85 22.03 -21.21
N GLY H 104 15.82 21.89 -19.88
CA GLY H 104 15.72 20.59 -19.27
C GLY H 104 14.50 20.40 -18.40
N ARG H 105 13.81 19.30 -18.60
CA ARG H 105 12.61 18.90 -17.87
C ARG H 105 12.95 17.96 -16.71
N ASP H 106 12.12 18.01 -15.67
CA ASP H 106 12.29 17.04 -14.57
C ASP H 106 11.52 15.79 -14.99
N SER H 107 11.75 15.28 -16.20
CA SER H 107 10.98 14.17 -16.71
C SER H 107 11.84 13.37 -17.65
N TRP H 108 11.47 12.09 -17.79
CA TRP H 108 12.14 11.29 -18.79
C TRP H 108 11.68 11.67 -20.19
N TYR H 109 10.47 12.22 -20.32
CA TYR H 109 9.93 12.58 -21.63
C TYR H 109 9.95 14.09 -21.80
N PHE H 110 10.04 14.53 -23.05
CA PHE H 110 10.12 15.95 -23.32
C PHE H 110 8.74 16.55 -23.56
N SER H 111 8.70 17.88 -23.62
CA SER H 111 7.50 18.65 -23.96
C SER H 111 7.79 19.56 -25.14
N LYS H 112 6.70 20.00 -25.80
CA LYS H 112 6.77 21.07 -26.78
C LYS H 112 6.44 22.42 -26.15
N VAL H 113 6.12 22.45 -24.86
CA VAL H 113 5.64 23.65 -24.18
C VAL H 113 6.80 24.29 -23.41
N PRO H 114 7.15 25.55 -23.66
CA PRO H 114 8.28 26.16 -22.94
C PRO H 114 8.10 26.22 -21.43
N ASP H 115 6.88 26.45 -20.95
CA ASP H 115 6.61 26.54 -19.51
C ASP H 115 6.73 25.20 -18.83
N GLU H 116 6.75 24.12 -19.60
CA GLU H 116 6.89 22.79 -19.06
C GLU H 116 8.34 22.44 -18.73
N TYR H 117 9.29 23.33 -18.95
CA TYR H 117 10.66 23.00 -18.57
C TYR H 117 11.04 23.65 -17.24
N ARG H 118 11.98 23.00 -16.56
CA ARG H 118 12.41 23.38 -15.23
C ARG H 118 13.70 24.23 -15.22
N TYR H 119 14.65 24.02 -16.14
CA TYR H 119 15.88 24.81 -16.20
C TYR H 119 16.31 25.04 -17.65
N TRP H 120 16.81 26.25 -17.92
CA TRP H 120 17.17 26.70 -19.27
C TRP H 120 18.61 27.18 -19.34
N GLY H 121 19.17 27.18 -20.53
CA GLY H 121 20.44 27.85 -20.73
C GLY H 121 20.27 29.32 -21.14
N GLN H 122 21.43 30.00 -21.22
CA GLN H 122 21.63 31.31 -21.83
C GLN H 122 21.20 31.48 -23.30
N GLY H 123 21.24 30.45 -24.14
CA GLY H 123 20.89 30.80 -25.50
C GLY H 123 22.08 31.16 -26.36
N THR H 124 22.03 30.77 -27.64
CA THR H 124 23.09 31.11 -28.58
C THR H 124 22.49 31.59 -29.90
N GLN H 125 23.06 32.64 -30.45
CA GLN H 125 22.55 33.30 -31.64
C GLN H 125 22.95 32.52 -32.88
N VAL H 126 22.00 32.21 -33.75
CA VAL H 126 22.33 31.61 -35.04
C VAL H 126 21.79 32.54 -36.13
N THR H 127 22.68 32.96 -37.04
CA THR H 127 22.30 33.87 -38.10
C THR H 127 22.61 33.25 -39.44
N VAL H 128 21.59 33.13 -40.26
CA VAL H 128 21.71 32.68 -41.64
C VAL H 128 21.42 33.88 -42.52
N SER H 129 22.40 34.32 -43.30
CA SER H 129 22.20 35.45 -44.23
C SER H 129 21.91 34.94 -45.62
N SER H 130 21.33 35.75 -46.49
CA SER H 130 21.06 35.28 -47.86
C SER H 130 22.21 35.45 -48.89
N GLN I 1 -33.79 21.74 44.08
CA GLN I 1 -34.84 21.76 43.09
C GLN I 1 -36.23 21.71 43.73
N VAL I 2 -36.98 20.64 43.51
CA VAL I 2 -38.25 20.41 44.17
C VAL I 2 -38.02 19.81 45.56
N GLN I 3 -38.76 20.28 46.56
CA GLN I 3 -38.67 19.79 47.93
C GLN I 3 -40.02 19.25 48.40
N LEU I 4 -39.98 18.28 49.33
CA LEU I 4 -41.17 17.62 49.85
C LEU I 4 -41.39 17.88 51.36
N GLN I 5 -42.67 17.84 51.77
CA GLN I 5 -43.10 18.11 53.14
C GLN I 5 -44.26 17.19 53.49
N GLU I 6 -44.24 16.59 54.68
CA GLU I 6 -44.80 15.29 55.00
C GLU I 6 -45.72 15.64 56.15
N SER I 7 -46.68 14.80 56.53
CA SER I 7 -47.41 15.09 57.78
C SER I 7 -48.38 13.98 58.16
N GLY I 8 -48.65 13.86 59.45
CA GLY I 8 -49.72 12.99 59.86
C GLY I 8 -49.30 11.65 60.42
N GLY I 9 -48.00 11.40 60.56
CA GLY I 9 -47.59 10.16 61.17
C GLY I 9 -47.84 10.20 62.66
N GLY I 10 -47.74 9.05 63.29
CA GLY I 10 -48.02 9.00 64.72
C GLY I 10 -48.32 7.59 65.18
N LEU I 11 -49.04 7.51 66.29
CA LEU I 11 -49.41 6.26 66.94
C LEU I 11 -50.87 5.92 66.70
N VAL I 12 -51.16 4.63 66.45
CA VAL I 12 -52.55 4.24 66.27
C VAL I 12 -52.81 2.78 66.64
N GLN I 13 -54.07 2.41 66.80
CA GLN I 13 -54.35 0.99 66.80
C GLN I 13 -54.13 0.14 65.60
N SER I 14 -53.78 -1.13 65.93
CA SER I 14 -53.93 -2.28 65.06
C SER I 14 -55.34 -2.31 64.49
N GLY I 15 -55.43 -2.14 63.17
CA GLY I 15 -56.69 -2.01 62.48
C GLY I 15 -57.23 -0.59 62.29
N GLY I 16 -56.63 0.44 62.90
CA GLY I 16 -57.12 1.82 62.83
C GLY I 16 -56.46 2.47 61.64
N SER I 17 -56.73 3.76 61.39
CA SER I 17 -56.52 4.42 60.11
C SER I 17 -55.73 5.70 60.31
N LEU I 18 -54.88 6.01 59.32
CA LEU I 18 -54.13 7.24 59.24
C LEU I 18 -54.17 7.70 57.79
N LYS I 19 -53.91 8.99 57.56
CA LYS I 19 -53.78 9.57 56.22
C LYS I 19 -52.51 10.45 56.32
N LEU I 20 -51.42 9.96 55.73
CA LEU I 20 -50.16 10.70 55.65
C LEU I 20 -50.17 11.63 54.46
N SER I 21 -49.60 12.80 54.66
CA SER I 21 -49.68 13.88 53.70
C SER I 21 -48.26 14.25 53.33
N CYS I 22 -48.01 14.51 52.05
CA CYS I 22 -46.69 14.89 51.58
C CYS I 22 -46.88 16.03 50.59
N ALA I 23 -46.48 17.24 50.96
CA ALA I 23 -46.71 18.44 50.17
C ALA I 23 -45.39 18.98 49.63
N ALA I 24 -45.41 19.49 48.39
CA ALA I 24 -44.19 19.78 47.65
C ALA I 24 -44.04 21.27 47.34
N SER I 25 -42.85 21.80 47.59
CA SER I 25 -42.64 23.27 47.49
C SER I 25 -42.26 24.16 46.30
N GLY I 26 -41.10 23.93 45.67
CA GLY I 26 -40.79 24.63 44.40
C GLY I 26 -40.59 23.78 43.17
N SER I 27 -39.62 24.16 42.32
CA SER I 27 -39.41 23.47 41.02
C SER I 27 -37.94 23.14 40.80
N ASN I 28 -37.61 22.55 39.64
CA ASN I 28 -36.20 22.23 39.33
C ASN I 28 -35.64 23.20 38.29
N PHE I 29 -36.44 23.58 37.30
CA PHE I 29 -36.01 24.59 36.30
C PHE I 29 -34.99 24.12 35.28
N SER I 30 -33.84 23.61 35.74
CA SER I 30 -32.81 23.13 34.78
C SER I 30 -33.45 22.14 33.80
N SER I 31 -34.46 21.40 34.25
CA SER I 31 -35.09 20.37 33.40
C SER I 31 -36.58 20.66 33.24
N GLY I 32 -37.02 21.85 33.64
CA GLY I 32 -38.45 22.22 33.53
C GLY I 32 -39.32 21.24 34.28
N ARG I 33 -38.84 20.74 35.42
CA ARG I 33 -39.59 19.70 36.17
C ARG I 33 -40.27 20.31 37.40
N THR I 34 -41.49 19.85 37.71
CA THR I 34 -42.23 20.34 38.89
C THR I 34 -43.09 19.19 39.42
N PHE I 35 -43.52 19.27 40.67
CA PHE I 35 -44.30 18.16 41.27
C PHE I 35 -45.29 17.57 40.27
N SER I 36 -46.05 18.41 39.56
CA SER I 36 -47.11 17.88 38.67
C SER I 36 -46.54 17.16 37.44
N THR I 37 -45.22 17.16 37.29
CA THR I 37 -44.56 16.52 36.12
C THR I 37 -43.69 15.39 36.64
N ASP I 38 -43.96 14.94 37.86
CA ASP I 38 -43.11 13.91 38.47
C ASP I 38 -43.96 12.80 39.05
N ALA I 39 -43.51 11.57 38.86
CA ALA I 39 -44.05 10.49 39.65
C ALA I 39 -43.52 10.58 41.06
N ILE I 40 -44.26 9.99 41.98
CA ILE I 40 -43.97 9.99 43.40
C ILE I 40 -44.03 8.55 43.88
N GLY I 41 -43.01 8.13 44.62
CA GLY I 41 -43.04 6.86 45.32
C GLY I 41 -43.10 7.08 46.83
N TRP I 42 -43.68 6.13 47.53
CA TRP I 42 -43.69 6.06 48.99
C TRP I 42 -42.90 4.83 49.38
N PHE I 43 -41.85 5.05 50.17
CA PHE I 43 -40.97 3.93 50.59
C PHE I 43 -40.93 3.93 52.13
N ARG I 44 -40.69 2.78 52.75
CA ARG I 44 -40.74 2.71 54.23
C ARG I 44 -39.41 2.18 54.78
N GLN I 45 -38.97 2.69 55.92
CA GLN I 45 -37.75 2.16 56.56
C GLN I 45 -38.15 1.60 57.93
N ALA I 46 -38.09 0.28 58.08
CA ALA I 46 -38.33 -0.29 59.42
C ALA I 46 -37.06 -0.01 60.22
N PRO I 47 -36.93 -0.44 61.49
CA PRO I 47 -35.66 -0.57 62.20
C PRO I 47 -34.75 -1.35 61.24
N GLY I 48 -33.64 -0.76 60.80
CA GLY I 48 -32.68 -1.46 59.95
C GLY I 48 -32.58 -0.81 58.58
N LYS I 49 -31.41 -0.90 57.92
CA LYS I 49 -31.19 -0.21 56.62
C LYS I 49 -31.85 -1.02 55.49
N GLU I 50 -33.18 -1.07 55.46
CA GLU I 50 -33.88 -1.88 54.44
C GLU I 50 -35.03 -1.07 53.85
N ARG I 51 -34.79 0.21 53.55
CA ARG I 51 -35.84 1.03 52.91
C ARG I 51 -36.33 0.02 51.87
N GLU I 52 -37.62 -0.31 51.88
CA GLU I 52 -38.24 -1.01 50.73
C GLU I 52 -39.38 -0.16 50.16
N PHE I 53 -39.85 -0.50 48.96
CA PHE I 53 -40.90 0.28 48.29
C PHE I 53 -42.24 0.00 48.96
N VAL I 54 -43.09 1.02 49.07
CA VAL I 54 -44.45 0.82 49.57
C VAL I 54 -45.47 1.00 48.47
N GLY I 55 -45.31 2.03 47.64
CA GLY I 55 -46.27 2.32 46.57
C GLY I 55 -45.76 3.41 45.65
N GLY I 56 -46.42 3.55 44.51
CA GLY I 56 -46.01 4.57 43.56
C GLY I 56 -47.21 5.05 42.77
N ILE I 57 -47.12 6.30 42.33
CA ILE I 57 -48.17 6.98 41.58
C ILE I 57 -47.53 7.86 40.53
N SER I 58 -48.05 7.81 39.31
CA SER I 58 -47.51 8.58 38.21
C SER I 58 -47.80 10.06 38.36
N TRP I 59 -47.31 10.81 37.40
CA TRP I 59 -47.35 12.26 37.48
C TRP I 59 -48.78 12.76 37.66
N ASN I 60 -49.74 12.20 36.90
CA ASN I 60 -51.11 12.71 36.95
C ASN I 60 -52.06 11.82 37.75
N GLY I 61 -51.55 10.86 38.51
CA GLY I 61 -52.37 10.00 39.33
C GLY I 61 -53.09 8.87 38.60
N GLY I 62 -52.92 8.78 37.30
CA GLY I 62 -53.64 7.79 36.53
C GLY I 62 -53.09 6.39 36.63
N ILE I 63 -51.95 6.23 37.31
CA ILE I 63 -51.32 4.88 37.41
C ILE I 63 -50.78 4.69 38.83
N THR I 64 -51.21 3.61 39.50
CA THR I 64 -50.72 3.30 40.83
C THR I 64 -50.23 1.86 40.90
N ASP I 65 -49.26 1.62 41.79
CA ASP I 65 -48.84 0.25 42.07
C ASP I 65 -48.40 0.15 43.51
N TYR I 66 -48.49 -1.06 44.05
CA TYR I 66 -48.23 -1.35 45.46
C TYR I 66 -47.44 -2.63 45.61
N VAL I 67 -46.64 -2.72 46.69
CA VAL I 67 -46.13 -4.03 47.09
C VAL I 67 -47.32 -4.83 47.58
N ASP I 68 -47.23 -6.14 47.40
CA ASP I 68 -48.37 -6.98 47.75
C ASP I 68 -48.64 -6.98 49.25
N SER I 69 -47.61 -6.82 50.08
CA SER I 69 -47.84 -6.79 51.53
C SER I 69 -48.87 -5.72 51.93
N VAL I 70 -49.08 -4.71 51.08
CA VAL I 70 -49.95 -3.58 51.42
C VAL I 70 -51.15 -3.46 50.49
N LYS I 71 -51.23 -4.30 49.46
CA LYS I 71 -52.25 -4.16 48.43
C LYS I 71 -53.64 -4.41 48.99
N GLY I 72 -54.59 -3.54 48.59
CA GLY I 72 -55.97 -3.55 49.05
C GLY I 72 -56.25 -2.84 50.36
N ARG I 73 -55.23 -2.47 51.13
CA ARG I 73 -55.42 -1.71 52.37
C ARG I 73 -55.10 -0.23 52.26
N PHE I 74 -54.12 0.09 51.42
CA PHE I 74 -53.50 1.38 51.22
C PHE I 74 -53.88 1.99 49.90
N THR I 75 -54.03 3.31 49.93
CA THR I 75 -54.51 4.06 48.78
C THR I 75 -53.63 5.29 48.67
N ILE I 76 -52.93 5.33 47.53
CA ILE I 76 -51.96 6.33 47.11
C ILE I 76 -52.74 7.36 46.33
N SER I 77 -52.65 8.64 46.67
CA SER I 77 -53.35 9.58 45.80
C SER I 77 -52.58 10.90 45.67
N ARG I 78 -53.07 11.77 44.78
CA ARG I 78 -52.33 13.03 44.55
C ARG I 78 -53.25 14.18 44.11
N ASP I 79 -53.04 15.36 44.67
CA ASP I 79 -53.74 16.58 44.31
C ASP I 79 -52.73 17.56 43.76
N ASN I 80 -52.80 17.77 42.44
CA ASN I 80 -51.85 18.64 41.77
C ASN I 80 -52.15 20.11 42.01
N ALA I 81 -53.42 20.47 42.24
CA ALA I 81 -53.69 21.86 42.51
C ALA I 81 -53.08 22.27 43.84
N LYS I 82 -53.00 21.36 44.80
CA LYS I 82 -52.40 21.66 46.09
C LYS I 82 -50.94 21.26 46.21
N ASN I 83 -50.35 20.66 45.17
CA ASN I 83 -49.00 20.11 45.25
C ASN I 83 -48.82 19.20 46.48
N THR I 84 -49.74 18.24 46.63
CA THR I 84 -49.60 17.30 47.74
C THR I 84 -50.02 15.92 47.27
N VAL I 85 -49.29 14.91 47.73
CA VAL I 85 -49.60 13.51 47.52
C VAL I 85 -49.91 12.89 48.87
N TYR I 86 -50.88 12.02 48.90
CA TYR I 86 -51.34 11.42 50.14
C TYR I 86 -51.10 9.93 50.07
N LEU I 87 -50.78 9.36 51.22
CA LEU I 87 -50.83 7.92 51.39
C LEU I 87 -51.85 7.72 52.47
N GLN I 88 -53.00 7.23 52.07
CA GLN I 88 -54.01 6.79 52.99
C GLN I 88 -53.59 5.41 53.48
N MET I 89 -53.68 5.15 54.77
CA MET I 89 -53.36 3.73 55.07
C MET I 89 -54.27 3.15 56.12
N ASN I 90 -55.51 2.77 55.77
CA ASN I 90 -56.09 2.11 56.90
C ASN I 90 -55.72 0.64 57.02
N SER I 91 -56.30 0.25 58.18
CA SER I 91 -56.57 -1.05 58.84
C SER I 91 -55.17 -1.65 58.91
N LEU I 92 -54.36 -0.87 59.66
CA LEU I 92 -52.92 -0.98 59.95
C LEU I 92 -52.56 -1.96 61.05
N GLN I 93 -51.44 -2.61 60.82
CA GLN I 93 -50.92 -3.68 61.66
C GLN I 93 -49.47 -3.47 62.11
N PRO I 94 -49.02 -4.23 63.16
CA PRO I 94 -47.63 -4.12 63.64
C PRO I 94 -46.52 -4.29 62.61
N GLU I 95 -46.77 -4.92 61.44
CA GLU I 95 -45.66 -5.15 60.51
C GLU I 95 -45.21 -3.85 59.90
N ASP I 96 -46.17 -2.95 59.70
CA ASP I 96 -46.07 -1.66 59.06
C ASP I 96 -45.67 -0.67 60.12
N THR I 97 -44.79 -1.12 61.02
CA THR I 97 -44.16 -0.27 62.00
C THR I 97 -42.97 0.38 61.24
N ALA I 98 -42.94 1.71 61.01
CA ALA I 98 -41.76 2.15 60.26
C ALA I 98 -41.71 3.66 60.10
N VAL I 99 -40.62 4.16 59.56
CA VAL I 99 -40.57 5.56 59.15
C VAL I 99 -40.90 5.62 57.66
N TYR I 100 -41.76 6.57 57.28
CA TYR I 100 -42.32 6.61 55.95
C TYR I 100 -41.81 7.83 55.21
N TYR I 101 -41.29 7.60 54.03
CA TYR I 101 -40.69 8.61 53.19
C TYR I 101 -41.46 8.72 51.89
N CYS I 102 -41.64 9.94 51.40
CA CYS I 102 -42.01 10.16 50.01
C CYS I 102 -40.80 10.63 49.21
N ALA I 103 -40.79 10.27 47.91
CA ALA I 103 -39.71 10.63 47.01
C ALA I 103 -40.25 10.89 45.62
N GLY I 104 -39.56 11.77 44.89
CA GLY I 104 -39.98 12.17 43.57
C GLY I 104 -38.96 11.88 42.49
N ARG I 105 -39.41 11.23 41.42
CA ARG I 105 -38.54 10.82 40.32
C ARG I 105 -38.32 12.09 39.51
N ASP I 106 -37.38 12.01 38.56
CA ASP I 106 -37.17 12.64 37.26
C ASP I 106 -38.34 12.58 36.29
N SER I 107 -39.25 11.61 36.41
CA SER I 107 -40.01 10.99 35.34
C SER I 107 -41.48 10.98 35.68
N TRP I 108 -42.27 10.80 34.62
CA TRP I 108 -43.70 10.60 34.76
C TRP I 108 -44.05 9.24 35.37
N TYR I 109 -43.19 8.24 35.23
CA TYR I 109 -43.46 6.92 35.80
C TYR I 109 -42.55 6.73 37.00
N PHE I 110 -43.02 5.94 37.96
CA PHE I 110 -42.30 5.67 39.18
C PHE I 110 -41.40 4.44 39.04
N SER I 111 -40.55 4.23 40.05
CA SER I 111 -39.71 3.05 40.15
C SER I 111 -39.93 2.39 41.50
N LYS I 112 -39.53 1.12 41.61
CA LYS I 112 -39.46 0.49 42.93
C LYS I 112 -38.08 0.64 43.55
N VAL I 113 -37.13 1.22 42.83
CA VAL I 113 -35.75 1.34 43.27
C VAL I 113 -35.58 2.71 43.91
N PRO I 114 -35.14 2.78 45.16
CA PRO I 114 -35.00 4.11 45.81
C PRO I 114 -33.95 5.00 45.14
N ASP I 115 -32.85 4.44 44.65
CA ASP I 115 -31.80 5.28 44.06
C ASP I 115 -32.25 5.92 42.77
N GLU I 116 -33.33 5.44 42.17
CA GLU I 116 -33.81 6.06 40.95
C GLU I 116 -34.66 7.32 41.20
N TYR I 117 -34.87 7.73 42.46
CA TYR I 117 -35.58 8.96 42.86
C TYR I 117 -34.62 10.09 43.25
N ARG I 118 -35.05 11.35 43.01
CA ARG I 118 -34.15 12.49 43.18
C ARG I 118 -34.36 13.34 44.42
N TYR I 119 -35.59 13.45 44.93
CA TYR I 119 -35.80 14.31 46.08
C TYR I 119 -36.65 13.55 47.07
N TRP I 120 -36.37 13.79 48.33
CA TRP I 120 -36.91 13.00 49.42
C TRP I 120 -37.48 13.89 50.51
N GLY I 121 -38.40 13.30 51.27
CA GLY I 121 -38.85 13.88 52.51
C GLY I 121 -37.96 13.39 53.62
N GLN I 122 -38.25 13.84 54.84
CA GLN I 122 -37.39 13.49 55.96
C GLN I 122 -37.63 12.06 56.43
N GLY I 123 -38.88 11.58 56.30
CA GLY I 123 -39.40 10.31 56.80
C GLY I 123 -40.09 10.57 58.13
N THR I 124 -41.37 10.20 58.26
CA THR I 124 -42.18 10.45 59.46
C THR I 124 -42.59 9.12 60.06
N GLN I 125 -42.58 9.08 61.38
CA GLN I 125 -42.72 7.81 62.08
C GLN I 125 -44.17 7.37 62.17
N VAL I 126 -44.43 6.11 61.85
CA VAL I 126 -45.73 5.45 62.04
C VAL I 126 -45.51 4.23 62.95
N THR I 127 -46.21 4.19 64.07
CA THR I 127 -46.14 3.03 64.98
C THR I 127 -47.55 2.56 65.32
N VAL I 128 -47.78 1.28 65.05
CA VAL I 128 -49.06 0.63 65.31
C VAL I 128 -48.90 -0.25 66.54
N SER I 129 -49.63 0.06 67.63
CA SER I 129 -49.46 -0.76 68.82
C SER I 129 -50.51 -1.87 68.84
N SER I 130 -50.13 -3.01 69.43
CA SER I 130 -50.97 -4.21 69.46
C SER I 130 -52.11 -4.09 70.46
N GLN J 1 -59.49 13.40 -14.72
CA GLN J 1 -58.91 14.41 -13.79
C GLN J 1 -59.85 15.62 -13.75
N VAL J 2 -59.32 16.79 -13.44
CA VAL J 2 -60.15 18.00 -13.47
C VAL J 2 -60.49 18.39 -14.90
N GLN J 3 -61.73 18.85 -15.11
CA GLN J 3 -62.16 19.37 -16.41
C GLN J 3 -62.51 20.83 -16.26
N LEU J 4 -62.19 21.62 -17.27
CA LEU J 4 -62.45 23.05 -17.29
C LEU J 4 -63.31 23.40 -18.51
N GLN J 5 -64.25 24.32 -18.30
CA GLN J 5 -65.15 24.78 -19.40
C GLN J 5 -65.24 26.31 -19.40
N GLU J 6 -64.76 26.96 -20.45
CA GLU J 6 -64.79 28.40 -20.61
C GLU J 6 -66.12 28.82 -21.21
N SER J 7 -66.42 30.09 -21.00
CA SER J 7 -67.59 30.71 -21.57
C SER J 7 -67.45 32.20 -21.40
N GLY J 8 -68.10 32.94 -22.28
CA GLY J 8 -68.14 34.38 -22.18
C GLY J 8 -67.36 35.12 -23.24
N GLY J 9 -66.74 34.42 -24.18
CA GLY J 9 -66.05 35.07 -25.27
C GLY J 9 -67.06 35.66 -26.22
N GLY J 10 -66.55 36.44 -27.18
CA GLY J 10 -67.42 37.06 -28.18
C GLY J 10 -66.73 38.25 -28.85
N LEU J 11 -67.57 39.18 -29.34
CA LEU J 11 -67.15 40.41 -30.03
C LEU J 11 -67.26 41.62 -29.14
N VAL J 12 -66.28 42.52 -29.23
CA VAL J 12 -66.41 43.79 -28.54
C VAL J 12 -65.68 44.87 -29.33
N GLN J 13 -66.04 46.12 -29.05
CA GLN J 13 -65.50 47.27 -29.77
C GLN J 13 -64.28 47.73 -28.98
N SER J 14 -63.30 48.29 -29.70
CA SER J 14 -62.09 48.79 -29.03
C SER J 14 -62.44 49.66 -27.83
N GLY J 15 -61.88 49.29 -26.67
CA GLY J 15 -62.19 49.94 -25.42
C GLY J 15 -63.29 49.29 -24.61
N GLY J 16 -63.95 48.26 -25.15
CA GLY J 16 -65.02 47.57 -24.47
C GLY J 16 -64.55 46.69 -23.34
N SER J 17 -65.34 45.69 -22.96
CA SER J 17 -64.92 44.89 -21.81
C SER J 17 -65.60 43.53 -21.87
N LEU J 18 -64.91 42.51 -21.35
CA LEU J 18 -65.47 41.18 -21.25
C LEU J 18 -65.18 40.53 -19.91
N LYS J 19 -65.93 39.47 -19.62
CA LYS J 19 -65.71 38.59 -18.49
C LYS J 19 -65.69 37.17 -19.04
N LEU J 20 -64.53 36.53 -18.95
CA LEU J 20 -64.40 35.12 -19.25
C LEU J 20 -64.63 34.34 -17.96
N SER J 21 -65.25 33.19 -18.09
CA SER J 21 -65.55 32.31 -16.99
C SER J 21 -65.00 30.94 -17.34
N CYS J 22 -64.48 30.28 -16.34
CA CYS J 22 -63.96 28.93 -16.49
C CYS J 22 -64.47 28.13 -15.30
N ALA J 23 -65.25 27.08 -15.57
CA ALA J 23 -65.89 26.23 -14.56
C ALA J 23 -65.21 24.87 -14.50
N ALA J 24 -64.98 24.41 -13.28
CA ALA J 24 -64.20 23.17 -13.11
C ALA J 24 -65.09 22.01 -12.68
N SER J 25 -64.55 20.82 -12.81
CA SER J 25 -65.29 19.61 -12.39
C SER J 25 -64.30 18.45 -12.30
N GLY J 26 -64.34 17.70 -11.20
CA GLY J 26 -63.48 16.49 -11.13
C GLY J 26 -62.35 16.63 -10.16
N SER J 27 -61.48 15.62 -10.12
CA SER J 27 -60.32 15.65 -9.21
C SER J 27 -59.23 14.70 -9.69
N ASN J 28 -57.99 14.95 -9.27
CA ASN J 28 -56.91 14.00 -9.58
C ASN J 28 -56.80 13.11 -8.35
N PHE J 29 -57.79 12.25 -8.15
CA PHE J 29 -57.83 11.39 -6.94
C PHE J 29 -56.44 10.81 -6.69
N SER J 30 -55.69 10.59 -7.77
CA SER J 30 -54.32 10.04 -7.65
C SER J 30 -53.48 10.95 -6.75
N SER J 31 -53.96 12.17 -6.51
CA SER J 31 -53.14 13.14 -5.74
C SER J 31 -54.00 13.96 -4.78
N GLY J 32 -55.25 14.23 -5.16
CA GLY J 32 -56.16 14.99 -4.27
C GLY J 32 -56.15 16.47 -4.60
N ARG J 33 -56.18 16.76 -5.89
CA ARG J 33 -56.24 18.15 -6.36
C ARG J 33 -57.69 18.37 -6.80
N THR J 34 -58.26 19.54 -6.53
CA THR J 34 -59.70 19.73 -6.82
C THR J 34 -59.16 21.12 -7.14
N PHE J 35 -59.86 21.89 -7.98
CA PHE J 35 -59.37 23.22 -8.39
C PHE J 35 -59.06 24.05 -7.14
N SER J 36 -59.78 23.79 -6.05
CA SER J 36 -59.57 24.54 -4.80
C SER J 36 -58.16 24.29 -4.26
N THR J 37 -57.38 23.45 -4.96
CA THR J 37 -56.02 23.10 -4.49
C THR J 37 -55.03 23.43 -5.59
N ASP J 38 -55.53 23.87 -6.74
CA ASP J 38 -54.69 24.09 -7.89
C ASP J 38 -54.69 25.56 -8.28
N ALA J 39 -53.52 26.06 -8.64
CA ALA J 39 -53.44 27.36 -9.23
C ALA J 39 -54.02 27.32 -10.64
N ILE J 40 -54.44 28.48 -11.13
CA ILE J 40 -55.05 28.58 -12.46
C ILE J 40 -54.33 29.68 -13.21
N GLY J 41 -53.92 29.37 -14.45
CA GLY J 41 -53.37 30.37 -15.34
C GLY J 41 -54.30 30.58 -16.53
N TRP J 42 -54.24 31.78 -17.08
CA TRP J 42 -54.93 32.17 -18.30
C TRP J 42 -53.89 32.43 -19.37
N PHE J 43 -54.14 31.85 -20.55
CA PHE J 43 -53.31 31.99 -21.74
C PHE J 43 -54.19 32.40 -22.91
N ARG J 44 -53.60 33.07 -23.87
CA ARG J 44 -54.30 33.38 -25.10
C ARG J 44 -53.34 33.04 -26.23
N GLN J 45 -53.90 32.73 -27.38
CA GLN J 45 -53.13 32.42 -28.56
C GLN J 45 -53.75 33.21 -29.70
N ALA J 46 -52.99 34.17 -30.25
CA ALA J 46 -53.46 34.96 -31.37
C ALA J 46 -53.30 34.17 -32.67
N PRO J 47 -54.09 34.46 -33.71
CA PRO J 47 -54.03 33.63 -34.91
C PRO J 47 -52.62 33.58 -35.46
N GLY J 48 -52.10 32.37 -35.66
CA GLY J 48 -50.79 32.27 -36.26
C GLY J 48 -49.66 32.37 -35.26
N LYS J 49 -49.96 32.67 -34.00
CA LYS J 49 -48.97 32.89 -32.96
C LYS J 49 -49.11 31.73 -32.00
N GLU J 50 -48.29 31.83 -30.95
CA GLU J 50 -48.31 30.74 -29.96
C GLU J 50 -49.07 31.18 -28.71
N ARG J 51 -49.16 30.29 -27.75
CA ARG J 51 -49.84 30.44 -26.47
C ARG J 51 -48.96 31.48 -25.72
N GLU J 52 -49.34 32.77 -25.68
CA GLU J 52 -49.35 33.77 -24.60
C GLU J 52 -49.82 33.42 -23.23
N PHE J 53 -48.91 33.52 -22.26
CA PHE J 53 -49.34 33.74 -20.86
C PHE J 53 -50.03 35.10 -20.69
N VAL J 54 -51.17 35.06 -20.01
CA VAL J 54 -51.94 36.27 -19.71
C VAL J 54 -51.89 36.60 -18.22
N GLY J 55 -52.13 35.59 -17.38
CA GLY J 55 -52.17 35.87 -15.96
C GLY J 55 -52.42 34.62 -15.16
N GLY J 56 -52.20 34.73 -13.87
CA GLY J 56 -52.37 33.58 -13.00
C GLY J 56 -52.85 33.97 -11.62
N ILE J 57 -53.46 33.01 -10.95
CA ILE J 57 -53.96 33.18 -9.60
C ILE J 57 -53.65 31.94 -8.78
N SER J 58 -53.21 32.15 -7.55
CA SER J 58 -52.86 31.07 -6.65
C SER J 58 -54.12 30.33 -6.24
N TRP J 59 -53.92 29.27 -5.47
CA TRP J 59 -55.02 28.35 -5.19
C TRP J 59 -56.19 29.06 -4.55
N ASN J 60 -55.92 29.93 -3.59
CA ASN J 60 -56.97 30.59 -2.82
C ASN J 60 -57.16 32.08 -3.17
N GLY J 61 -56.65 32.53 -4.31
CA GLY J 61 -56.79 33.91 -4.74
C GLY J 61 -55.90 34.94 -4.07
N GLY J 62 -55.05 34.55 -3.15
CA GLY J 62 -54.27 35.56 -2.49
C GLY J 62 -53.08 36.02 -3.27
N ILE J 63 -52.81 35.39 -4.41
CA ILE J 63 -51.69 35.79 -5.24
C ILE J 63 -52.13 35.79 -6.68
N THR J 64 -51.88 36.90 -7.39
CA THR J 64 -52.14 37.03 -8.82
C THR J 64 -50.93 37.64 -9.50
N ASP J 65 -50.83 37.41 -10.81
CA ASP J 65 -49.82 38.08 -11.61
C ASP J 65 -50.31 38.17 -13.06
N TYR J 66 -49.78 39.14 -13.80
CA TYR J 66 -50.22 39.40 -15.18
C TYR J 66 -49.02 39.76 -16.04
N VAL J 67 -49.10 39.44 -17.33
CA VAL J 67 -48.09 39.97 -18.26
C VAL J 67 -48.29 41.47 -18.41
N ASP J 68 -47.20 42.15 -18.73
CA ASP J 68 -47.25 43.60 -18.79
C ASP J 68 -48.28 44.08 -19.80
N SER J 69 -48.45 43.34 -20.91
CA SER J 69 -49.39 43.74 -21.95
C SER J 69 -50.79 43.99 -21.39
N VAL J 70 -51.14 43.33 -20.28
CA VAL J 70 -52.49 43.38 -19.74
C VAL J 70 -52.58 43.93 -18.33
N LYS J 71 -51.44 44.27 -17.73
CA LYS J 71 -51.43 44.79 -16.34
C LYS J 71 -52.33 46.02 -16.29
N GLY J 72 -53.05 46.19 -15.19
CA GLY J 72 -53.90 47.35 -15.04
C GLY J 72 -55.15 47.33 -15.87
N ARG J 73 -55.24 46.44 -16.87
CA ARG J 73 -56.46 46.31 -17.66
C ARG J 73 -57.26 45.07 -17.31
N PHE J 74 -56.58 43.98 -16.99
CA PHE J 74 -57.17 42.67 -16.75
C PHE J 74 -57.19 42.41 -15.26
N THR J 75 -58.11 41.55 -14.83
CA THR J 75 -58.26 41.17 -13.44
C THR J 75 -58.65 39.69 -13.35
N ILE J 76 -57.84 38.88 -12.67
CA ILE J 76 -58.19 37.48 -12.48
C ILE J 76 -58.74 37.31 -11.08
N SER J 77 -59.84 36.57 -10.96
CA SER J 77 -60.37 36.31 -9.64
C SER J 77 -60.90 34.89 -9.59
N ARG J 78 -61.22 34.42 -8.40
CA ARG J 78 -61.70 33.05 -8.43
C ARG J 78 -62.63 32.87 -7.23
N ASP J 79 -63.65 32.02 -7.41
CA ASP J 79 -64.56 31.65 -6.32
C ASP J 79 -64.60 30.12 -6.25
N ASN J 80 -63.96 29.57 -5.21
CA ASN J 80 -63.76 28.13 -5.13
C ASN J 80 -65.03 27.42 -4.79
N ALA J 81 -65.90 28.09 -4.01
CA ALA J 81 -67.20 27.53 -3.64
C ALA J 81 -68.09 27.36 -4.86
N LYS J 82 -67.98 28.23 -5.86
CA LYS J 82 -68.67 27.95 -7.10
C LYS J 82 -67.84 27.17 -8.11
N ASN J 83 -66.59 26.80 -7.78
CA ASN J 83 -65.66 26.17 -8.73
C ASN J 83 -65.55 26.97 -10.03
N THR J 84 -65.31 28.27 -9.90
CA THR J 84 -65.18 29.07 -11.11
C THR J 84 -64.03 30.04 -10.97
N VAL J 85 -63.28 30.16 -12.05
CA VAL J 85 -62.24 31.17 -12.12
C VAL J 85 -62.69 32.13 -13.23
N TYR J 86 -62.48 33.44 -12.99
CA TYR J 86 -62.94 34.48 -13.90
C TYR J 86 -61.78 35.35 -14.35
N LEU J 87 -61.86 35.83 -15.59
CA LEU J 87 -60.95 36.87 -16.06
C LEU J 87 -61.72 38.09 -16.61
N GLN J 88 -61.54 39.22 -15.97
CA GLN J 88 -62.11 40.49 -16.38
C GLN J 88 -61.15 41.27 -17.27
N MET J 89 -61.64 41.69 -18.43
CA MET J 89 -60.85 42.44 -19.40
C MET J 89 -61.48 43.81 -19.63
N ASN J 90 -60.74 44.87 -19.30
CA ASN J 90 -61.17 46.24 -19.55
C ASN J 90 -60.20 46.94 -20.49
N SER J 91 -60.67 48.03 -21.11
CA SER J 91 -59.93 48.74 -22.18
C SER J 91 -59.37 47.77 -23.21
N LEU J 92 -60.25 46.94 -23.75
CA LEU J 92 -59.78 45.91 -24.66
C LEU J 92 -59.39 46.57 -25.98
N GLN J 93 -58.24 46.17 -26.51
CA GLN J 93 -57.74 46.78 -27.73
C GLN J 93 -57.45 45.70 -28.77
N PRO J 94 -57.42 46.06 -30.04
CA PRO J 94 -57.38 45.04 -31.08
C PRO J 94 -56.30 43.98 -30.98
N GLU J 95 -55.09 44.24 -30.49
CA GLU J 95 -54.20 43.09 -30.51
C GLU J 95 -54.40 42.16 -29.31
N ASP J 96 -55.42 42.40 -28.47
CA ASP J 96 -55.78 41.38 -27.50
C ASP J 96 -56.67 40.32 -28.12
N THR J 97 -57.02 40.46 -29.38
CA THR J 97 -57.88 39.48 -30.02
C THR J 97 -57.16 38.16 -30.09
N ALA J 98 -57.83 37.11 -29.62
CA ALA J 98 -57.21 35.79 -29.58
C ALA J 98 -58.18 34.73 -29.09
N VAL J 99 -57.72 33.48 -29.08
CA VAL J 99 -58.43 32.42 -28.39
C VAL J 99 -57.85 32.31 -26.99
N TYR J 100 -58.72 32.19 -26.00
CA TYR J 100 -58.36 32.29 -24.59
C TYR J 100 -58.60 30.94 -23.92
N TYR J 101 -57.59 30.50 -23.18
CA TYR J 101 -57.60 29.25 -22.44
C TYR J 101 -57.41 29.52 -20.96
N CYS J 102 -58.14 28.78 -20.14
CA CYS J 102 -57.75 28.62 -18.76
C CYS J 102 -57.08 27.24 -18.63
N ALA J 103 -56.15 27.14 -17.69
CA ALA J 103 -55.44 25.90 -17.44
C ALA J 103 -55.14 25.78 -15.96
N GLY J 104 -55.05 24.53 -15.49
CA GLY J 104 -54.84 24.24 -14.08
C GLY J 104 -53.54 23.50 -13.79
N ARG J 105 -52.78 24.00 -12.82
CA ARG J 105 -51.53 23.38 -12.43
C ARG J 105 -51.72 22.52 -11.20
N ASP J 106 -51.02 21.37 -11.14
CA ASP J 106 -50.97 20.57 -9.91
C ASP J 106 -49.96 21.13 -8.88
N SER J 107 -50.22 22.37 -8.47
CA SER J 107 -49.46 23.13 -7.48
C SER J 107 -50.37 24.23 -6.95
N TRP J 108 -50.06 24.73 -5.76
CA TRP J 108 -50.80 25.88 -5.25
C TRP J 108 -50.43 27.16 -6.00
N TYR J 109 -49.24 27.24 -6.60
CA TYR J 109 -48.72 28.41 -7.31
C TYR J 109 -48.75 28.20 -8.82
N PHE J 110 -48.92 29.29 -9.56
CA PHE J 110 -49.05 29.23 -11.01
C PHE J 110 -47.68 29.32 -11.68
N SER J 111 -47.64 28.99 -12.95
CA SER J 111 -46.44 29.18 -13.76
C SER J 111 -46.85 30.00 -14.97
N LYS J 112 -45.85 30.64 -15.59
CA LYS J 112 -46.12 31.32 -16.84
C LYS J 112 -45.89 30.43 -18.06
N VAL J 113 -45.44 29.20 -17.85
CA VAL J 113 -45.07 28.30 -18.93
C VAL J 113 -46.22 27.34 -19.22
N PRO J 114 -46.71 27.27 -20.46
CA PRO J 114 -47.83 26.35 -20.75
C PRO J 114 -47.55 24.90 -20.43
N ASP J 115 -46.33 24.39 -20.61
CA ASP J 115 -46.09 22.98 -20.34
C ASP J 115 -46.20 22.61 -18.87
N GLU J 116 -46.07 23.57 -17.97
CA GLU J 116 -46.18 23.27 -16.55
C GLU J 116 -47.63 23.13 -16.10
N TYR J 117 -48.55 23.20 -17.04
CA TYR J 117 -49.95 23.01 -16.74
C TYR J 117 -50.39 21.59 -17.09
N ARG J 118 -51.33 21.08 -16.30
CA ARG J 118 -51.74 19.70 -16.38
C ARG J 118 -53.10 19.52 -17.07
N TYR J 119 -54.03 20.48 -16.95
CA TYR J 119 -55.34 20.38 -17.59
C TYR J 119 -55.78 21.73 -18.16
N TRP J 120 -56.46 21.67 -19.34
CA TRP J 120 -56.83 22.86 -20.10
C TRP J 120 -58.30 22.85 -20.46
N GLY J 121 -58.84 24.04 -20.65
CA GLY J 121 -60.16 24.19 -21.19
C GLY J 121 -60.10 24.20 -22.70
N GLN J 122 -61.27 24.29 -23.27
CA GLN J 122 -61.43 24.16 -24.70
C GLN J 122 -60.96 25.43 -25.42
N GLY J 123 -61.05 26.60 -24.76
CA GLY J 123 -60.72 27.88 -25.37
C GLY J 123 -61.90 28.61 -25.95
N THR J 124 -61.95 29.91 -25.74
CA THR J 124 -63.07 30.68 -26.23
C THR J 124 -62.54 31.85 -27.04
N GLN J 125 -63.24 32.19 -28.12
CA GLN J 125 -62.76 33.23 -29.03
C GLN J 125 -63.13 34.63 -28.55
N VAL J 126 -62.13 35.51 -28.50
CA VAL J 126 -62.32 36.92 -28.20
C VAL J 126 -61.86 37.72 -29.41
N THR J 127 -62.76 38.54 -29.93
CA THR J 127 -62.45 39.37 -31.09
C THR J 127 -62.74 40.83 -30.74
N VAL J 128 -61.68 41.65 -30.76
CA VAL J 128 -61.75 43.07 -30.47
C VAL J 128 -61.61 43.82 -31.79
N SER J 129 -62.64 44.57 -32.14
CA SER J 129 -62.67 45.35 -33.37
C SER J 129 -62.33 46.82 -33.11
N SER J 130 -61.85 47.49 -34.16
CA SER J 130 -61.49 48.90 -33.99
C SER J 130 -62.77 49.72 -33.77
N ALA J 131 -62.61 50.86 -33.12
CA ALA J 131 -63.72 51.71 -32.68
C ALA J 131 -64.36 51.15 -31.42
N GLN K 1 18.43 -23.59 -54.82
CA GLN K 1 19.59 -24.38 -54.43
C GLN K 1 20.79 -23.54 -54.22
N VAL K 2 21.84 -23.75 -55.10
CA VAL K 2 22.92 -22.78 -55.18
C VAL K 2 22.41 -21.63 -56.07
N GLN K 3 22.78 -20.44 -55.59
CA GLN K 3 22.09 -19.18 -55.81
C GLN K 3 23.13 -18.34 -56.53
N LEU K 4 22.88 -17.87 -57.75
CA LEU K 4 23.94 -17.13 -58.45
C LEU K 4 23.51 -15.71 -58.77
N GLN K 5 24.44 -14.76 -58.57
CA GLN K 5 24.20 -13.34 -58.81
C GLN K 5 25.49 -12.64 -59.23
N GLU K 6 25.62 -12.26 -60.51
CA GLU K 6 26.82 -11.55 -60.92
C GLU K 6 26.61 -10.04 -60.93
N SER K 7 27.73 -9.32 -61.02
CA SER K 7 27.73 -7.88 -60.93
C SER K 7 29.02 -7.33 -61.52
N GLY K 8 28.97 -6.06 -61.94
CA GLY K 8 30.15 -5.35 -62.41
C GLY K 8 30.21 -5.08 -63.90
N GLY K 9 29.18 -5.45 -64.66
CA GLY K 9 29.16 -5.14 -66.08
C GLY K 9 28.80 -3.69 -66.34
N GLY K 10 28.92 -3.31 -67.60
CA GLY K 10 28.61 -1.94 -67.96
C GLY K 10 29.25 -1.57 -69.29
N LEU K 11 29.48 -0.27 -69.44
CA LEU K 11 30.08 0.28 -70.64
C LEU K 11 31.51 0.70 -70.36
N VAL K 12 32.39 0.37 -71.30
CA VAL K 12 33.76 0.85 -71.34
C VAL K 12 34.06 0.87 -72.83
N GLN K 13 35.05 1.65 -73.24
CA GLN K 13 35.27 1.75 -74.67
C GLN K 13 36.30 0.71 -75.05
N SER K 14 36.20 0.25 -76.30
CA SER K 14 37.04 -0.80 -76.83
C SER K 14 38.49 -0.65 -76.38
N GLY K 15 39.05 -1.74 -75.82
CA GLY K 15 40.40 -1.75 -75.28
C GLY K 15 40.52 -1.56 -73.78
N GLY K 16 39.44 -1.27 -73.07
CA GLY K 16 39.45 -1.06 -71.63
C GLY K 16 39.61 -2.30 -70.77
N SER K 17 39.05 -2.28 -69.56
CA SER K 17 39.08 -3.43 -68.66
C SER K 17 37.97 -3.30 -67.63
N LEU K 18 37.26 -4.40 -67.39
CA LEU K 18 36.40 -4.48 -66.22
C LEU K 18 36.53 -5.89 -65.65
N LYS K 19 35.88 -6.11 -64.50
CA LYS K 19 35.90 -7.38 -63.80
C LYS K 19 34.49 -7.85 -63.43
N LEU K 20 34.00 -8.97 -64.00
CA LEU K 20 32.74 -9.48 -63.46
C LEU K 20 33.00 -10.45 -62.32
N SER K 21 32.10 -10.37 -61.34
CA SER K 21 32.11 -11.18 -60.14
C SER K 21 30.73 -11.81 -60.03
N CYS K 22 30.69 -13.06 -59.61
CA CYS K 22 29.47 -13.81 -59.48
C CYS K 22 29.57 -14.53 -58.14
N ALA K 23 28.64 -14.21 -57.22
CA ALA K 23 28.63 -14.72 -55.85
C ALA K 23 27.43 -15.62 -55.58
N ALA K 24 27.69 -16.67 -54.77
CA ALA K 24 26.77 -17.78 -54.58
C ALA K 24 26.43 -18.01 -53.10
N SER K 25 25.15 -18.20 -52.81
CA SER K 25 24.68 -18.69 -51.52
C SER K 25 24.07 -20.07 -51.71
N GLY K 26 23.77 -20.75 -50.61
CA GLY K 26 22.89 -21.90 -50.69
C GLY K 26 23.62 -23.22 -50.85
N SER K 27 22.81 -24.28 -50.88
CA SER K 27 23.30 -25.64 -51.04
C SER K 27 22.25 -26.46 -51.77
N ASN K 28 22.64 -27.62 -52.30
CA ASN K 28 21.66 -28.52 -52.95
C ASN K 28 21.12 -29.50 -51.91
N PHE K 29 21.94 -29.91 -50.95
CA PHE K 29 21.48 -30.79 -49.87
C PHE K 29 21.15 -32.21 -50.32
N SER K 30 20.45 -32.36 -51.45
CA SER K 30 20.21 -33.69 -51.96
C SER K 30 21.53 -34.42 -52.20
N SER K 31 22.56 -33.66 -52.57
CA SER K 31 23.85 -34.28 -52.97
C SER K 31 24.99 -33.86 -52.04
N GLY K 32 24.83 -32.74 -51.34
CA GLY K 32 25.91 -32.24 -50.48
C GLY K 32 26.79 -31.31 -51.26
N ARG K 33 26.29 -30.78 -52.37
CA ARG K 33 27.14 -29.95 -53.25
C ARG K 33 26.92 -28.46 -52.94
N THR K 34 28.01 -27.67 -52.99
CA THR K 34 27.86 -26.21 -52.80
C THR K 34 28.64 -25.57 -53.95
N PHE K 35 28.81 -24.25 -53.95
CA PHE K 35 29.66 -23.61 -55.00
C PHE K 35 31.09 -24.12 -54.86
N SER K 36 31.50 -24.47 -53.64
CA SER K 36 32.91 -24.88 -53.38
C SER K 36 33.15 -26.32 -53.82
N THR K 37 32.09 -27.06 -54.18
CA THR K 37 32.26 -28.49 -54.54
C THR K 37 31.98 -28.67 -56.02
N ASP K 38 31.41 -27.65 -56.66
CA ASP K 38 30.99 -27.80 -58.08
C ASP K 38 31.74 -26.82 -58.98
N ALA K 39 31.85 -27.15 -60.26
CA ALA K 39 32.56 -26.28 -61.22
C ALA K 39 31.66 -25.12 -61.63
N ILE K 40 32.24 -23.93 -61.79
CA ILE K 40 31.44 -22.77 -62.27
C ILE K 40 31.81 -22.53 -63.73
N GLY K 41 30.82 -22.22 -64.57
CA GLY K 41 31.07 -21.99 -66.00
C GLY K 41 30.78 -20.55 -66.40
N TRP K 42 31.54 -20.02 -67.36
CA TRP K 42 31.29 -18.64 -67.84
C TRP K 42 30.81 -18.68 -69.29
N PHE K 43 29.59 -18.21 -69.55
CA PHE K 43 28.99 -18.21 -70.88
C PHE K 43 28.51 -16.81 -71.22
N ARG K 44 28.51 -16.44 -72.49
CA ARG K 44 27.72 -15.26 -72.80
C ARG K 44 27.06 -15.28 -74.17
N GLN K 45 26.01 -14.46 -74.22
CA GLN K 45 24.94 -14.45 -75.21
C GLN K 45 24.87 -13.02 -75.74
N ALA K 46 25.25 -12.85 -77.01
CA ALA K 46 25.23 -11.59 -77.73
C ALA K 46 23.82 -11.30 -78.27
N PRO K 47 23.50 -10.04 -78.56
CA PRO K 47 22.14 -9.71 -79.03
C PRO K 47 21.76 -10.50 -80.27
N GLY K 48 20.61 -11.17 -80.19
CA GLY K 48 20.13 -11.94 -81.32
C GLY K 48 20.67 -13.35 -81.38
N LYS K 49 21.60 -13.74 -80.49
CA LYS K 49 22.29 -15.01 -80.65
C LYS K 49 22.08 -15.99 -79.51
N GLU K 50 22.68 -17.19 -79.78
CA GLU K 50 22.85 -18.42 -78.96
C GLU K 50 23.82 -18.02 -77.87
N ARG K 51 24.03 -19.07 -77.09
CA ARG K 51 24.19 -19.58 -75.77
C ARG K 51 25.63 -20.15 -75.69
N GLU K 52 26.67 -19.30 -75.79
CA GLU K 52 28.02 -19.80 -76.02
C GLU K 52 28.98 -19.63 -74.84
N PHE K 53 29.81 -20.67 -74.67
CA PHE K 53 30.81 -20.82 -73.62
C PHE K 53 31.94 -19.81 -73.79
N VAL K 54 32.38 -19.24 -72.68
CA VAL K 54 33.53 -18.35 -72.67
C VAL K 54 34.72 -19.02 -71.98
N GLY K 55 34.52 -19.55 -70.79
CA GLY K 55 35.63 -20.15 -70.06
C GLY K 55 35.14 -20.83 -68.80
N GLY K 56 36.00 -21.67 -68.25
CA GLY K 56 35.61 -22.45 -67.09
C GLY K 56 36.77 -22.70 -66.15
N ILE K 57 36.39 -23.00 -64.92
CA ILE K 57 37.30 -23.25 -63.82
C ILE K 57 36.76 -24.43 -63.03
N SER K 58 37.64 -25.37 -62.66
CA SER K 58 37.26 -26.55 -61.89
C SER K 58 36.96 -26.19 -60.44
N TRP K 59 36.57 -27.21 -59.67
CA TRP K 59 36.04 -27.00 -58.33
C TRP K 59 36.97 -26.23 -57.42
N ASN K 60 38.26 -26.54 -57.44
CA ASN K 60 39.22 -25.95 -56.51
C ASN K 60 40.04 -24.86 -57.16
N GLY K 61 39.68 -24.43 -58.35
CA GLY K 61 40.49 -23.43 -59.02
C GLY K 61 41.74 -23.95 -59.69
N GLY K 62 41.99 -25.27 -59.67
CA GLY K 62 43.20 -25.88 -60.20
C GLY K 62 43.24 -26.12 -61.70
N ILE K 63 42.12 -26.02 -62.41
CA ILE K 63 42.05 -26.25 -63.86
C ILE K 63 41.21 -25.15 -64.50
N THR K 64 41.73 -24.54 -65.58
CA THR K 64 40.98 -23.54 -66.33
C THR K 64 41.05 -23.85 -67.82
N ASP K 65 40.01 -23.41 -68.55
CA ASP K 65 39.98 -23.51 -70.02
C ASP K 65 39.15 -22.38 -70.60
N TYR K 66 39.44 -22.00 -71.85
CA TYR K 66 38.74 -20.92 -72.53
C TYR K 66 38.57 -21.24 -74.01
N VAL K 67 37.49 -20.71 -74.61
CA VAL K 67 37.37 -20.72 -76.07
C VAL K 67 38.40 -19.77 -76.67
N ASP K 68 38.79 -20.04 -77.91
CA ASP K 68 39.88 -19.28 -78.55
C ASP K 68 39.56 -17.79 -78.70
N SER K 69 38.30 -17.42 -78.94
CA SER K 69 37.95 -16.02 -79.20
C SER K 69 38.53 -15.12 -78.13
N VAL K 70 38.77 -15.69 -76.96
CA VAL K 70 39.04 -14.92 -75.76
C VAL K 70 40.36 -15.26 -75.09
N LYS K 71 41.06 -16.31 -75.53
CA LYS K 71 42.26 -16.75 -74.82
C LYS K 71 43.40 -15.74 -74.92
N GLY K 72 44.15 -15.61 -73.82
CA GLY K 72 45.20 -14.62 -73.71
C GLY K 72 44.70 -13.24 -73.32
N ARG K 73 43.41 -12.99 -73.42
CA ARG K 73 42.77 -11.75 -72.98
C ARG K 73 41.97 -11.89 -71.68
N PHE K 74 41.34 -13.04 -71.45
CA PHE K 74 40.41 -13.25 -70.33
C PHE K 74 41.05 -14.12 -69.26
N THR K 75 40.63 -13.94 -67.99
CA THR K 75 41.25 -14.66 -66.88
C THR K 75 40.21 -15.02 -65.82
N ILE K 76 40.04 -16.30 -65.55
CA ILE K 76 39.12 -16.80 -64.52
C ILE K 76 39.94 -17.36 -63.36
N SER K 77 39.60 -16.95 -62.14
CA SER K 77 39.56 -17.96 -61.09
C SER K 77 38.71 -17.37 -59.99
N ARG K 78 38.70 -18.16 -58.94
CA ARG K 78 37.68 -18.28 -57.94
C ARG K 78 38.28 -18.19 -56.55
N ASP K 79 37.44 -17.73 -55.65
CA ASP K 79 37.68 -17.67 -54.22
C ASP K 79 36.57 -18.43 -53.52
N ASN K 80 36.94 -19.57 -52.96
CA ASN K 80 35.99 -20.45 -52.28
C ASN K 80 35.61 -19.95 -50.89
N ALA K 81 36.47 -19.16 -50.24
CA ALA K 81 36.14 -18.55 -48.95
C ALA K 81 35.13 -17.41 -49.08
N LYS K 82 35.16 -16.65 -50.19
CA LYS K 82 34.24 -15.55 -50.41
C LYS K 82 33.01 -15.98 -51.16
N ASN K 83 32.90 -17.26 -51.47
CA ASN K 83 31.81 -17.82 -52.26
C ASN K 83 31.60 -17.01 -53.55
N THR K 84 32.77 -16.82 -54.22
CA THR K 84 32.77 -15.98 -55.43
C THR K 84 33.73 -16.41 -56.52
N VAL K 85 33.27 -16.47 -57.76
CA VAL K 85 33.91 -16.69 -59.04
C VAL K 85 34.03 -15.41 -59.86
N TYR K 86 35.23 -15.23 -60.43
CA TYR K 86 35.54 -13.98 -61.14
C TYR K 86 36.11 -14.16 -62.55
N LEU K 87 35.59 -13.43 -63.51
CA LEU K 87 36.01 -13.34 -64.91
C LEU K 87 36.60 -11.94 -65.19
N GLN K 88 37.89 -11.93 -65.57
CA GLN K 88 38.67 -10.76 -65.93
C GLN K 88 38.63 -10.58 -67.44
N MET K 89 38.28 -9.38 -67.87
CA MET K 89 37.99 -9.07 -69.27
C MET K 89 38.88 -8.13 -70.04
N ASN K 90 40.24 -8.28 -70.11
CA ASN K 90 41.09 -7.40 -70.98
C ASN K 90 41.80 -7.14 -72.33
N SER K 91 41.71 -5.93 -72.91
CA SER K 91 41.27 -5.65 -74.30
C SER K 91 39.90 -6.06 -74.74
N LEU K 92 38.88 -5.56 -74.08
CA LEU K 92 37.56 -5.94 -74.57
C LEU K 92 37.31 -5.27 -75.93
N GLN K 93 36.68 -5.99 -76.83
CA GLN K 93 36.45 -5.57 -78.20
C GLN K 93 34.95 -5.50 -78.45
N PRO K 94 34.47 -4.72 -79.47
CA PRO K 94 33.03 -4.69 -79.77
C PRO K 94 32.47 -6.10 -79.98
N GLU K 95 33.33 -7.06 -80.37
CA GLU K 95 32.87 -8.43 -80.63
C GLU K 95 32.58 -9.16 -79.32
N ASP K 96 33.03 -8.62 -78.18
CA ASP K 96 32.71 -9.12 -76.85
C ASP K 96 31.45 -8.51 -76.23
N THR K 97 30.69 -7.67 -76.95
CA THR K 97 29.45 -7.10 -76.43
C THR K 97 28.36 -8.17 -76.30
N ALA K 98 27.84 -8.34 -75.08
CA ALA K 98 26.81 -9.36 -74.80
C ALA K 98 26.35 -9.33 -73.36
N VAL K 99 25.37 -10.16 -73.00
CA VAL K 99 25.06 -10.46 -71.61
C VAL K 99 25.77 -11.76 -71.22
N TYR K 100 26.46 -11.76 -70.09
CA TYR K 100 27.30 -12.89 -69.66
C TYR K 100 26.74 -13.52 -68.41
N TYR K 101 26.46 -14.83 -68.46
CA TYR K 101 25.99 -15.56 -67.27
C TYR K 101 27.00 -16.60 -66.82
N CYS K 102 26.96 -16.82 -65.49
CA CYS K 102 27.62 -17.93 -64.83
C CYS K 102 26.65 -19.08 -64.55
N ALA K 103 27.22 -20.28 -64.51
CA ALA K 103 26.40 -21.45 -64.26
C ALA K 103 27.24 -22.44 -63.49
N GLY K 104 26.57 -23.32 -62.75
CA GLY K 104 27.32 -24.29 -61.98
C GLY K 104 26.99 -25.70 -62.41
N ARG K 105 28.04 -26.43 -62.73
CA ARG K 105 27.91 -27.83 -63.10
C ARG K 105 28.09 -28.56 -61.78
N ASP K 106 27.17 -29.47 -61.43
CA ASP K 106 27.35 -30.26 -60.21
C ASP K 106 28.29 -31.45 -60.46
N SER K 107 29.54 -31.09 -60.75
CA SER K 107 30.69 -31.95 -60.97
C SER K 107 31.88 -31.07 -60.66
N TRP K 108 32.99 -31.69 -60.31
CA TRP K 108 34.22 -30.95 -60.05
C TRP K 108 34.76 -30.26 -61.30
N TYR K 109 34.36 -30.79 -62.45
CA TYR K 109 34.88 -30.24 -63.73
C TYR K 109 33.77 -29.47 -64.44
N PHE K 110 34.15 -28.48 -65.23
CA PHE K 110 33.20 -27.67 -65.98
C PHE K 110 32.94 -28.27 -67.36
N SER K 111 31.88 -27.77 -68.00
CA SER K 111 31.56 -28.17 -69.36
C SER K 111 31.42 -26.94 -70.23
N LYS K 112 31.52 -27.18 -71.54
CA LYS K 112 31.19 -26.18 -72.55
C LYS K 112 29.73 -26.29 -73.03
N VAL K 113 28.98 -27.26 -72.52
CA VAL K 113 27.62 -27.51 -72.98
C VAL K 113 26.67 -26.77 -72.04
N PRO K 114 25.83 -25.85 -72.54
CA PRO K 114 24.98 -25.06 -71.62
C PRO K 114 24.00 -25.89 -70.80
N ASP K 115 23.36 -26.90 -71.38
CA ASP K 115 22.37 -27.67 -70.61
C ASP K 115 23.00 -28.49 -69.49
N GLU K 116 24.33 -28.70 -69.53
CA GLU K 116 25.02 -29.52 -68.55
C GLU K 116 25.26 -28.78 -67.24
N TYR K 117 24.82 -27.52 -67.13
CA TYR K 117 24.89 -26.78 -65.89
C TYR K 117 23.53 -26.83 -65.22
N ARG K 118 23.53 -26.78 -63.90
CA ARG K 118 22.30 -27.01 -63.16
C ARG K 118 21.62 -25.71 -62.71
N TYR K 119 22.37 -24.66 -62.38
CA TYR K 119 21.80 -23.39 -61.94
C TYR K 119 22.53 -22.23 -62.58
N TRP K 120 21.80 -21.17 -62.86
CA TRP K 120 22.32 -20.03 -63.61
C TRP K 120 22.06 -18.75 -62.83
N GLY K 121 22.87 -17.72 -63.08
CA GLY K 121 22.58 -16.40 -62.53
C GLY K 121 21.72 -15.55 -63.45
N GLN K 122 21.33 -14.38 -62.93
CA GLN K 122 20.52 -13.44 -63.69
C GLN K 122 21.34 -12.77 -64.78
N GLY K 123 22.64 -12.61 -64.51
CA GLY K 123 23.71 -12.21 -65.40
C GLY K 123 23.76 -10.78 -65.83
N THR K 124 24.90 -10.41 -66.39
CA THR K 124 25.23 -9.00 -66.47
C THR K 124 25.55 -8.52 -67.88
N GLN K 125 25.10 -7.30 -68.19
CA GLN K 125 25.30 -6.75 -69.53
C GLN K 125 26.69 -6.13 -69.65
N VAL K 126 27.41 -6.47 -70.71
CA VAL K 126 28.69 -5.87 -71.04
C VAL K 126 28.58 -5.30 -72.45
N THR K 127 28.90 -4.01 -72.60
CA THR K 127 28.89 -3.33 -73.90
C THR K 127 30.23 -2.68 -74.21
N VAL K 128 30.83 -3.08 -75.32
CA VAL K 128 32.03 -2.45 -75.83
C VAL K 128 31.62 -1.73 -77.11
N SER K 129 31.73 -0.42 -77.08
CA SER K 129 31.45 0.41 -78.25
C SER K 129 32.78 0.73 -78.94
N SER K 130 32.73 0.96 -80.24
CA SER K 130 33.96 1.16 -81.02
C SER K 130 34.60 2.52 -80.76
N GLN L 1 77.77 16.76 42.91
CA GLN L 1 79.10 16.09 43.03
C GLN L 1 79.34 15.71 44.49
N VAL L 2 80.54 15.21 44.79
CA VAL L 2 80.82 14.73 46.18
C VAL L 2 80.89 15.94 47.11
N GLN L 3 80.79 15.69 48.42
CA GLN L 3 80.87 16.79 49.41
C GLN L 3 82.10 16.53 50.29
N LEU L 4 82.71 17.59 50.83
CA LEU L 4 83.94 17.43 51.62
C LEU L 4 83.81 18.16 52.95
N GLN L 5 84.48 17.61 53.98
CA GLN L 5 84.39 18.13 55.34
C GLN L 5 85.75 17.99 56.04
N GLU L 6 86.04 18.93 56.91
CA GLU L 6 87.36 19.35 57.32
C GLU L 6 87.64 18.40 58.46
N SER L 7 88.84 18.40 58.99
CA SER L 7 88.98 18.24 60.44
C SER L 7 90.45 18.42 60.70
N GLY L 8 90.79 18.50 61.98
CA GLY L 8 92.11 18.26 62.51
C GLY L 8 93.04 19.45 62.59
N GLY L 9 92.63 20.66 62.21
CA GLY L 9 93.49 21.81 62.38
C GLY L 9 93.52 22.37 63.80
N GLY L 10 94.44 23.31 63.99
CA GLY L 10 94.60 23.94 65.29
C GLY L 10 95.94 24.64 65.38
N LEU L 11 96.36 24.84 66.63
CA LEU L 11 97.59 25.53 66.96
C LEU L 11 98.77 24.88 67.68
N VAL L 12 99.86 24.74 66.96
CA VAL L 12 100.92 23.82 67.29
C VAL L 12 102.28 24.51 67.17
N GLN L 13 103.28 23.74 67.55
CA GLN L 13 104.62 24.01 68.02
C GLN L 13 105.47 24.10 66.79
N SER L 14 106.48 24.95 66.80
CA SER L 14 107.37 24.96 65.66
C SER L 14 108.07 23.63 65.61
N GLY L 15 107.86 22.87 64.55
CA GLY L 15 108.37 21.50 64.51
C GLY L 15 107.41 20.40 64.96
N GLY L 16 106.19 20.72 65.42
CA GLY L 16 105.27 19.70 65.90
C GLY L 16 104.66 18.81 64.84
N SER L 17 103.50 18.18 65.11
CA SER L 17 102.93 17.29 64.11
C SER L 17 101.43 17.11 64.33
N LEU L 18 100.67 17.06 63.22
CA LEU L 18 99.23 16.79 63.26
C LEU L 18 98.84 16.17 61.92
N LYS L 19 97.65 15.57 61.85
CA LYS L 19 97.19 14.92 60.64
C LYS L 19 95.83 15.47 60.23
N LEU L 20 95.79 16.12 59.06
CA LEU L 20 94.55 16.68 58.55
C LEU L 20 93.71 15.59 57.92
N SER L 21 92.42 15.65 58.18
CA SER L 21 91.48 14.62 57.75
C SER L 21 90.41 15.30 56.91
N CYS L 22 90.02 14.66 55.81
CA CYS L 22 89.01 15.22 54.91
C CYS L 22 88.09 14.08 54.47
N ALA L 23 86.81 14.18 54.83
CA ALA L 23 85.85 13.11 54.57
C ALA L 23 84.81 13.51 53.52
N ALA L 24 84.41 12.52 52.70
CA ALA L 24 83.60 12.71 51.50
C ALA L 24 82.27 11.94 51.58
N SER L 25 81.19 12.56 51.10
CA SER L 25 79.90 11.87 50.93
C SER L 25 79.25 12.26 49.62
N GLY L 26 78.47 11.33 49.03
CA GLY L 26 77.65 11.71 47.88
C GLY L 26 78.41 11.44 46.60
N SER L 27 77.79 11.77 45.46
CA SER L 27 78.49 11.62 44.19
C SER L 27 77.72 12.35 43.09
N ASN L 28 78.11 12.09 41.82
CA ASN L 28 77.42 12.64 40.67
C ASN L 28 76.19 11.76 40.46
N PHE L 29 76.40 10.50 40.11
CA PHE L 29 75.33 9.64 39.52
C PHE L 29 75.09 10.10 38.08
N SER L 30 75.71 11.21 37.69
CA SER L 30 75.54 11.75 36.32
C SER L 30 76.85 11.41 35.63
N SER L 31 77.96 11.48 36.36
CA SER L 31 79.27 11.08 35.79
C SER L 31 79.66 9.72 36.37
N GLY L 32 78.91 9.24 37.37
CA GLY L 32 79.17 7.92 37.97
C GLY L 32 80.40 7.92 38.86
N ARG L 33 80.77 9.08 39.41
CA ARG L 33 82.04 9.17 40.18
C ARG L 33 81.73 9.10 41.67
N THR L 34 82.76 8.98 42.51
CA THR L 34 82.58 8.93 43.99
C THR L 34 83.78 9.57 44.66
N PHE L 35 84.00 9.31 45.96
CA PHE L 35 85.24 9.81 46.59
C PHE L 35 86.34 9.09 45.83
N SER L 36 86.16 7.78 45.67
CA SER L 36 87.12 7.04 44.80
C SER L 36 86.86 7.56 43.39
N THR L 37 87.65 7.13 42.40
CA THR L 37 87.35 7.55 41.02
C THR L 37 87.53 9.07 40.91
N ASP L 38 87.80 9.74 42.02
CA ASP L 38 88.04 11.20 41.99
C ASP L 38 89.28 11.50 42.84
N ALA L 39 90.40 11.82 42.18
CA ALA L 39 91.65 12.14 42.90
C ALA L 39 91.40 13.33 43.82
N ILE L 40 92.33 13.57 44.75
CA ILE L 40 92.14 14.68 45.72
C ILE L 40 93.44 15.48 45.85
N GLY L 41 93.36 16.79 45.69
CA GLY L 41 94.49 17.67 45.92
C GLY L 41 94.33 18.39 47.24
N TRP L 42 95.44 18.79 47.82
CA TRP L 42 95.51 19.58 49.03
C TRP L 42 96.09 20.94 48.67
N PHE L 43 95.39 21.99 49.09
CA PHE L 43 95.72 23.39 48.83
C PHE L 43 95.77 24.12 50.17
N ARG L 44 96.54 25.21 50.21
CA ARG L 44 96.56 26.08 51.37
C ARG L 44 96.44 27.54 50.91
N GLN L 45 95.84 28.36 51.78
CA GLN L 45 95.70 29.81 51.57
C GLN L 45 96.23 30.47 52.83
N ALA L 46 97.41 31.12 52.72
CA ALA L 46 98.00 31.88 53.79
C ALA L 46 97.36 33.27 53.83
N PRO L 47 97.38 33.94 54.98
CA PRO L 47 96.62 35.20 55.09
C PRO L 47 96.97 36.23 54.02
N GLY L 48 95.92 36.69 53.29
CA GLY L 48 96.00 37.77 52.31
C GLY L 48 96.29 37.34 50.89
N LYS L 49 96.60 36.07 50.67
CA LYS L 49 96.95 35.65 49.32
C LYS L 49 95.96 34.58 48.83
N GLU L 50 96.18 34.23 47.57
CA GLU L 50 95.71 33.15 46.69
C GLU L 50 95.86 31.69 47.09
N ARG L 51 95.11 30.81 46.45
CA ARG L 51 94.98 29.44 46.90
C ARG L 51 96.11 28.64 46.26
N GLU L 52 96.90 27.94 47.11
CA GLU L 52 98.26 27.44 46.79
C GLU L 52 98.29 25.91 46.75
N PHE L 53 98.94 25.29 45.73
CA PHE L 53 99.01 23.82 45.67
C PHE L 53 100.03 23.29 46.68
N VAL L 54 99.63 22.29 47.46
CA VAL L 54 100.50 21.63 48.44
C VAL L 54 100.82 20.21 48.02
N GLY L 55 99.80 19.46 47.59
CA GLY L 55 100.05 18.07 47.26
C GLY L 55 98.84 17.43 46.62
N GLY L 56 99.04 16.24 46.06
CA GLY L 56 97.97 15.54 45.39
C GLY L 56 98.13 14.04 45.48
N ILE L 57 96.99 13.35 45.37
CA ILE L 57 96.90 11.89 45.46
C ILE L 57 95.90 11.39 44.43
N SER L 58 96.30 10.37 43.67
CA SER L 58 95.46 9.81 42.63
C SER L 58 94.30 9.02 43.22
N TRP L 59 93.42 8.56 42.32
CA TRP L 59 92.17 7.92 42.72
C TRP L 59 92.41 6.66 43.55
N ASN L 60 93.40 5.84 43.17
CA ASN L 60 93.62 4.55 43.83
C ASN L 60 94.74 4.61 44.86
N GLY L 61 95.25 5.81 45.17
CA GLY L 61 96.33 5.93 46.11
C GLY L 61 97.71 5.62 45.57
N GLY L 62 97.84 5.33 44.28
CA GLY L 62 99.10 4.87 43.74
C GLY L 62 100.12 5.94 43.39
N ILE L 63 99.73 7.19 43.23
CA ILE L 63 100.68 8.24 42.90
C ILE L 63 100.35 9.51 43.68
N THR L 64 101.38 10.10 44.28
CA THR L 64 101.30 11.37 44.99
C THR L 64 102.35 12.33 44.46
N ASP L 65 102.09 13.62 44.67
CA ASP L 65 103.03 14.69 44.34
C ASP L 65 102.86 15.84 45.33
N TYR L 66 103.92 16.62 45.49
CA TYR L 66 103.91 17.73 46.44
C TYR L 66 104.67 18.91 45.85
N VAL L 67 104.28 20.12 46.26
CA VAL L 67 105.09 21.29 45.98
C VAL L 67 106.42 21.18 46.73
N ASP L 68 107.46 21.83 46.21
CA ASP L 68 108.78 21.72 46.82
C ASP L 68 108.79 22.25 48.25
N SER L 69 107.99 23.27 48.55
CA SER L 69 107.93 23.85 49.88
C SER L 69 107.64 22.82 50.97
N VAL L 70 107.04 21.68 50.62
CA VAL L 70 106.55 20.67 51.54
C VAL L 70 107.24 19.31 51.31
N LYS L 71 108.24 19.25 50.44
CA LYS L 71 108.90 18.00 50.04
C LYS L 71 109.62 17.28 51.18
N GLY L 72 109.46 15.95 51.23
CA GLY L 72 110.03 15.11 52.26
C GLY L 72 109.34 15.23 53.59
N ARG L 73 108.49 16.23 53.74
CA ARG L 73 108.03 16.70 55.04
C ARG L 73 106.58 16.35 55.34
N PHE L 74 105.68 16.42 54.36
CA PHE L 74 104.28 16.02 54.50
C PHE L 74 104.02 14.71 53.77
N THR L 75 102.95 14.02 54.15
CA THR L 75 102.64 12.72 53.52
C THR L 75 101.14 12.64 53.29
N ILE L 76 100.73 12.50 52.03
CA ILE L 76 99.32 12.38 51.69
C ILE L 76 99.03 10.92 51.41
N SER L 77 98.02 10.38 52.09
CA SER L 77 97.57 9.04 51.77
C SER L 77 96.06 9.06 51.85
N ARG L 78 95.45 7.93 51.51
CA ARG L 78 94.01 7.92 51.33
C ARG L 78 93.43 6.53 51.56
N ASP L 79 92.23 6.50 52.13
CA ASP L 79 91.52 5.25 52.38
C ASP L 79 90.15 5.37 51.72
N ASN L 80 89.96 4.64 50.62
CA ASN L 80 88.73 4.73 49.84
C ASN L 80 87.56 3.95 50.44
N ALA L 81 87.81 2.91 51.23
CA ALA L 81 86.71 2.20 51.88
C ALA L 81 86.04 3.09 52.94
N LYS L 82 86.83 3.95 53.60
CA LYS L 82 86.33 4.89 54.59
C LYS L 82 85.97 6.23 53.98
N ASN L 83 86.13 6.39 52.67
CA ASN L 83 85.88 7.65 51.97
C ASN L 83 86.59 8.83 52.64
N THR L 84 87.89 8.68 52.89
CA THR L 84 88.63 9.74 53.58
C THR L 84 90.06 9.90 53.07
N VAL L 85 90.51 11.15 53.00
CA VAL L 85 91.89 11.48 52.61
C VAL L 85 92.61 12.16 53.78
N TYR L 86 93.90 11.87 53.93
CA TYR L 86 94.69 12.43 55.02
C TYR L 86 95.94 13.10 54.48
N LEU L 87 96.33 14.19 55.15
CA LEU L 87 97.61 14.85 54.96
C LEU L 87 98.33 14.84 56.32
N GLN L 88 99.41 14.08 56.43
CA GLN L 88 100.22 14.02 57.64
C GLN L 88 101.23 15.15 57.63
N MET L 89 101.32 15.86 58.75
CA MET L 89 101.91 17.17 58.95
C MET L 89 103.08 17.07 59.95
N ASN L 90 104.33 16.98 59.46
CA ASN L 90 105.49 16.89 60.35
C ASN L 90 106.65 17.83 60.08
N SER L 91 107.32 18.18 61.19
CA SER L 91 108.29 19.27 61.41
C SER L 91 107.98 20.66 60.87
N LEU L 92 106.82 21.12 61.31
CA LEU L 92 106.06 22.28 60.91
C LEU L 92 106.86 23.57 60.96
N GLN L 93 106.44 24.51 60.13
CA GLN L 93 107.10 25.80 60.02
C GLN L 93 106.11 26.90 60.40
N PRO L 94 106.59 28.07 60.87
CA PRO L 94 105.72 29.25 60.94
C PRO L 94 105.15 29.53 59.54
N GLU L 95 105.83 29.00 58.51
CA GLU L 95 105.54 29.22 57.11
C GLU L 95 104.36 28.41 56.58
N ASP L 96 103.99 27.34 57.28
CA ASP L 96 102.85 26.48 56.96
C ASP L 96 101.55 27.05 57.47
N THR L 97 101.58 28.33 57.82
CA THR L 97 100.45 28.99 58.43
C THR L 97 99.34 29.11 57.36
N ALA L 98 98.15 28.52 57.55
CA ALA L 98 97.17 28.77 56.47
C ALA L 98 95.84 28.12 56.81
N VAL L 99 94.85 28.45 56.00
CA VAL L 99 93.63 27.69 55.98
C VAL L 99 93.79 26.68 54.85
N TYR L 100 93.50 25.42 55.13
CA TYR L 100 93.84 24.33 54.24
C TYR L 100 92.58 23.63 53.73
N TYR L 101 92.54 23.44 52.42
CA TYR L 101 91.40 22.85 51.73
C TYR L 101 91.82 21.56 51.05
N CYS L 102 90.92 20.60 51.02
CA CYS L 102 91.01 19.50 50.09
C CYS L 102 90.11 19.82 48.92
N ALA L 103 90.45 19.30 47.77
CA ALA L 103 89.63 19.54 46.60
C ALA L 103 89.59 18.26 45.78
N GLY L 104 88.48 18.08 45.07
CA GLY L 104 88.25 16.89 44.28
C GLY L 104 88.10 17.18 42.80
N ARG L 105 88.87 16.50 41.95
CA ARG L 105 88.88 16.70 40.53
C ARG L 105 87.93 15.74 39.84
N ASP L 106 87.38 16.19 38.71
CA ASP L 106 86.70 15.25 37.84
C ASP L 106 87.66 14.43 36.94
N SER L 107 88.57 13.72 37.57
CA SER L 107 89.56 12.93 36.85
C SER L 107 90.16 12.00 37.87
N TRP L 108 90.70 10.89 37.38
CA TRP L 108 91.41 10.00 38.24
C TRP L 108 92.67 10.67 38.73
N TYR L 109 93.20 11.63 37.96
CA TYR L 109 94.47 12.30 38.22
C TYR L 109 94.20 13.70 38.74
N PHE L 110 95.14 14.19 39.55
CA PHE L 110 95.05 15.46 40.26
C PHE L 110 95.64 16.60 39.44
N SER L 111 95.40 17.80 39.92
CA SER L 111 95.98 18.95 39.29
C SER L 111 96.64 19.89 40.30
N LYS L 112 97.49 20.77 39.80
CA LYS L 112 98.04 21.87 40.59
C LYS L 112 97.32 23.20 40.41
N VAL L 113 96.35 23.31 39.51
CA VAL L 113 95.58 24.54 39.29
C VAL L 113 94.25 24.41 40.02
N PRO L 114 93.87 25.38 40.86
CA PRO L 114 92.61 25.22 41.62
C PRO L 114 91.31 25.18 40.79
N ASP L 115 91.21 25.92 39.69
CA ASP L 115 89.98 25.99 38.89
C ASP L 115 89.63 24.67 38.23
N GLU L 116 90.63 23.79 38.11
CA GLU L 116 90.82 22.54 37.42
C GLU L 116 90.18 21.42 38.22
N TYR L 117 89.69 21.78 39.41
CA TYR L 117 88.91 21.02 40.39
C TYR L 117 87.43 21.38 40.33
N ARG L 118 86.58 20.41 40.72
CA ARG L 118 85.14 20.54 40.64
C ARG L 118 84.44 20.77 41.99
N TYR L 119 84.93 20.20 43.11
CA TYR L 119 84.25 20.36 44.41
C TYR L 119 85.23 20.50 45.58
N TRP L 120 84.95 21.43 46.51
CA TRP L 120 85.80 21.58 47.69
C TRP L 120 84.99 21.86 48.96
N GLY L 121 85.66 21.57 50.10
CA GLY L 121 85.17 21.98 51.40
C GLY L 121 85.68 23.36 51.81
N GLN L 122 85.24 23.79 53.00
CA GLN L 122 85.53 25.14 53.48
C GLN L 122 86.99 25.32 53.91
N GLY L 123 87.65 24.27 54.38
CA GLY L 123 89.00 24.48 54.84
C GLY L 123 89.12 24.67 56.34
N THR L 124 90.23 24.18 56.90
CA THR L 124 90.50 24.22 58.34
C THR L 124 91.86 24.85 58.61
N GLN L 125 91.92 25.64 59.69
CA GLN L 125 93.09 26.46 60.01
C GLN L 125 94.20 25.68 60.70
N VAL L 126 95.42 25.84 60.20
CA VAL L 126 96.64 25.35 60.83
C VAL L 126 97.55 26.54 61.12
N THR L 127 97.88 26.74 62.40
CA THR L 127 98.85 27.76 62.85
C THR L 127 99.95 27.07 63.64
N VAL L 128 101.17 27.28 63.19
CA VAL L 128 102.36 26.84 63.88
C VAL L 128 102.94 28.11 64.47
N SER L 129 102.95 28.23 65.79
CA SER L 129 103.47 29.42 66.44
C SER L 129 104.92 29.21 66.86
N SER L 130 105.68 30.28 66.84
CA SER L 130 107.10 30.19 67.12
C SER L 130 107.32 29.98 68.62
C1 GOL M . 8.06 -9.39 -30.06
O1 GOL M . 7.09 -9.70 -31.02
C2 GOL M . 7.72 -8.00 -29.34
O2 GOL M . 7.65 -8.16 -27.88
C3 GOL M . 8.74 -6.79 -29.93
O3 GOL M . 8.00 -5.58 -30.45
C1 GOL N . -9.03 12.75 5.17
O1 GOL N . -9.61 11.46 5.27
C2 GOL N . -9.19 13.29 3.68
O2 GOL N . -9.60 12.26 2.76
C3 GOL N . -10.16 14.55 3.75
O3 GOL N . -10.57 14.77 5.16
C1 GOL O . 7.74 1.16 23.89
O1 GOL O . 6.73 0.30 23.39
C2 GOL O . 9.01 0.28 24.24
O2 GOL O . 9.34 0.29 25.61
C3 GOL O . 10.12 0.87 23.39
O3 GOL O . 9.79 2.22 23.20
C1 GOL P . 24.47 -10.48 10.43
O1 GOL P . 24.37 -9.10 10.46
C2 GOL P . 23.04 -11.05 10.59
O2 GOL P . 22.39 -11.09 9.36
C3 GOL P . 23.23 -12.47 11.21
O3 GOL P . 21.94 -13.02 11.48
C1 GOL Q . -45.79 -14.81 14.56
O1 GOL Q . -47.15 -15.23 14.39
C2 GOL Q . -45.21 -14.14 13.19
O2 GOL Q . -45.27 -14.93 12.02
C3 GOL Q . -45.95 -12.88 12.99
O3 GOL Q . -45.98 -12.45 14.27
C1 GOL R . -60.33 2.12 22.22
O1 GOL R . -60.31 2.15 23.63
C2 GOL R . -61.84 1.84 21.75
O2 GOL R . -62.44 0.63 22.26
C3 GOL R . -61.80 1.97 20.16
O3 GOL R . -62.09 0.67 19.63
C1 GOL S . -18.88 11.55 14.77
O1 GOL S . -19.26 11.65 13.42
C2 GOL S . -17.37 11.22 14.74
O2 GOL S . -17.15 9.95 14.21
C3 GOL S . -16.70 12.37 13.85
O3 GOL S . -15.28 12.25 13.89
C1 GOL T . -22.70 38.07 7.32
O1 GOL T . -23.11 38.27 8.67
C2 GOL T . -23.93 38.49 6.44
O2 GOL T . -24.81 37.40 6.23
C3 GOL T . -24.61 39.69 7.15
O3 GOL T . -23.59 40.60 7.45
C1 GOL U . 30.97 -46.43 -26.72
O1 GOL U . 32.27 -46.75 -27.27
C2 GOL U . 31.15 -45.60 -25.45
O2 GOL U . 32.31 -44.81 -25.48
C3 GOL U . 31.05 -46.60 -24.25
O3 GOL U . 32.34 -46.96 -23.82
C1 GOL V . 66.56 -15.44 30.34
O1 GOL V . 67.18 -16.14 31.41
C2 GOL V . 65.58 -16.42 29.53
O2 GOL V . 64.71 -15.68 28.68
C3 GOL V . 66.48 -17.45 28.74
O3 GOL V . 66.51 -17.04 27.39
#